data_8A5K
#
_entry.id   8A5K
#
_cell.length_a   116.819
_cell.length_b   137.065
_cell.length_c   231.445
_cell.angle_alpha   90.000
_cell.angle_beta   90.000
_cell.angle_gamma   90.000
#
_symmetry.space_group_name_H-M   'P 21 21 21'
#
loop_
_entity.id
_entity.type
_entity.pdbx_description
1 polymer '1-deoxy-D-xylulose-5-phosphate synthase'
2 non-polymer 'THIAMINE DIPHOSPHATE'
3 non-polymer 'MAGNESIUM ION'
4 non-polymer 'CALCIUM ION'
5 non-polymer GLYCEROL
6 water water
#
_entity_poly.entity_id   1
_entity_poly.type   'polypeptide(L)'
_entity_poly.pdbx_seq_one_letter_code
;MGSSHHHHHHSSGLVPRGSMENLYFQSHMPKTLHEIPRERPATPLLDRASSPAELRRLGEADLETLADELRQYLLYTVGQ
TGGHFGAGLGVVELTIALHYVFDTPDDRLVWDVGHQAYPHKILTERRELMGTLRQKNGLAAFPRRAESEYDTFGVGHSST
SISAALGMAIAARLQGKERKSVAVIGDGALTAGMAFEALNHASEVDADMLVILNDNDMSISHNVGGLSNYLAKIGGGGGG
PGTLFEELGWNYIGPIDGHDLPTLVATLRNMRDMKGPQFLHVVTKKGKGFAPAELDPIGYHAITKLEAPGSAPKKTGGPK
YSSVFGQWLCDMAAQDARLLGITPAMKEGSDLVAFSERYPERYFDVAIAEQHAVTLAAGMACEGMKPVVAIYSTFLQRAY
DQLIHDVAVQHLDVLFAIDRAGLVGEDGPTHAGSFDISYLRCIPGMLVMTPSDEDELRKLLTTGYLFDGPAAVRYPRGSG
PNHPIDPDLQPVEIGKGVVRRRGGRVALLVFGVQLAEAMKVAESLDATVVDMRFVKPLDEALVRELAGSHELLVTIEENA
VMGGAGSAVGEFLASEGLEVPLLQLGLPDYYVEHAKPSEMLAECGLDAAGIEKAVRQRLDRQ
;
_entity_poly.pdbx_strand_id   A,B,C,D,E,F
#
loop_
_chem_comp.id
_chem_comp.type
_chem_comp.name
_chem_comp.formula
CA non-polymer 'CALCIUM ION' 'Ca 2'
GOL non-polymer GLYCEROL 'C3 H8 O3'
MG non-polymer 'MAGNESIUM ION' 'Mg 2'
TPP non-polymer 'THIAMINE DIPHOSPHATE' 'C12 H19 N4 O7 P2 S 1'
#
# COMPACT_ATOMS: atom_id res chain seq x y z
N LEU A 33 -7.51 20.61 8.32
CA LEU A 33 -6.06 20.75 8.50
C LEU A 33 -5.19 19.92 7.56
N HIS A 34 -4.02 20.47 7.20
CA HIS A 34 -3.11 19.86 6.24
C HIS A 34 -1.68 19.68 6.73
N GLU A 35 -1.22 20.44 7.72
CA GLU A 35 0.15 20.34 8.21
C GLU A 35 0.14 20.11 9.71
N ILE A 36 1.20 19.48 10.20
CA ILE A 36 1.41 19.40 11.64
C ILE A 36 2.07 20.71 12.05
N PRO A 37 1.46 21.47 12.96
CA PRO A 37 2.11 22.68 13.46
C PRO A 37 3.46 22.38 14.09
N ARG A 38 4.44 23.22 13.77
CA ARG A 38 5.77 23.11 14.37
C ARG A 38 5.94 23.97 15.61
N GLU A 39 5.06 24.95 15.82
CA GLU A 39 5.09 25.77 17.03
C GLU A 39 3.78 25.62 17.80
N ARG A 40 3.87 25.64 19.12
CA ARG A 40 2.70 25.48 19.97
C ARG A 40 1.57 26.39 19.51
N PRO A 41 0.39 25.85 19.21
CA PRO A 41 -0.73 26.69 18.76
C PRO A 41 -1.34 27.50 19.89
N ALA A 42 -2.18 28.44 19.49
CA ALA A 42 -2.94 29.26 20.43
C ALA A 42 -4.19 28.49 20.82
N THR A 43 -4.26 28.07 22.08
CA THR A 43 -5.38 27.27 22.56
C THR A 43 -5.95 27.93 23.83
N PRO A 44 -6.59 29.09 23.68
CA PRO A 44 -7.09 29.81 24.88
C PRO A 44 -8.16 29.04 25.63
N LEU A 45 -9.10 28.42 24.92
CA LEU A 45 -10.14 27.65 25.58
C LEU A 45 -9.60 26.33 26.14
N LEU A 46 -8.78 25.63 25.35
CA LEU A 46 -8.14 24.43 25.85
C LEU A 46 -7.36 24.71 27.12
N ASP A 47 -6.66 25.85 27.18
CA ASP A 47 -5.91 26.21 28.38
C ASP A 47 -6.83 26.46 29.57
N ARG A 48 -8.12 26.72 29.32
CA ARG A 48 -9.11 26.89 30.37
C ARG A 48 -9.83 25.60 30.71
N ALA A 49 -9.45 24.49 30.08
CA ALA A 49 -10.04 23.17 30.32
C ALA A 49 -8.92 22.18 30.63
N SER A 50 -8.16 22.50 31.67
CA SER A 50 -7.02 21.68 32.07
C SER A 50 -7.46 20.40 32.76
N SER A 51 -8.65 20.38 33.33
CA SER A 51 -9.22 19.19 33.95
C SER A 51 -10.70 19.12 33.61
N PRO A 52 -11.34 17.97 33.82
CA PRO A 52 -12.79 17.90 33.56
C PRO A 52 -13.60 18.91 34.36
N ALA A 53 -13.23 19.13 35.64
CA ALA A 53 -14.00 20.07 36.47
C ALA A 53 -14.14 21.43 35.78
N GLU A 54 -13.03 21.98 35.30
CA GLU A 54 -13.12 23.27 34.62
C GLU A 54 -13.67 23.14 33.21
N LEU A 55 -13.48 21.98 32.56
CA LEU A 55 -14.12 21.76 31.27
C LEU A 55 -15.64 21.84 31.41
N ARG A 56 -16.18 21.33 32.52
CA ARG A 56 -17.62 21.31 32.74
C ARG A 56 -18.18 22.68 33.06
N ARG A 57 -17.33 23.66 33.35
CA ARG A 57 -17.79 25.02 33.60
C ARG A 57 -17.90 25.84 32.31
N LEU A 58 -17.33 25.38 31.21
CA LEU A 58 -17.60 25.99 29.91
C LEU A 58 -19.04 25.70 29.48
N GLY A 59 -19.45 26.38 28.42
CA GLY A 59 -20.80 26.26 27.90
C GLY A 59 -20.84 25.52 26.58
N GLU A 60 -21.95 24.86 26.32
CA GLU A 60 -22.16 24.10 25.11
C GLU A 60 -21.67 24.89 23.90
N ALA A 61 -21.91 26.21 23.89
CA ALA A 61 -21.51 27.02 22.75
C ALA A 61 -19.99 27.06 22.55
N ASP A 62 -19.21 26.56 23.52
CA ASP A 62 -17.76 26.63 23.44
C ASP A 62 -17.11 25.32 23.03
N LEU A 63 -17.84 24.20 23.14
CA LEU A 63 -17.21 22.89 22.99
C LEU A 63 -16.68 22.67 21.59
N GLU A 64 -17.36 23.20 20.57
CA GLU A 64 -16.89 22.99 19.21
C GLU A 64 -15.60 23.77 18.93
N THR A 65 -15.43 24.95 19.54
CA THR A 65 -14.14 25.64 19.45
C THR A 65 -13.08 24.94 20.29
N LEU A 66 -13.48 24.37 21.43
CA LEU A 66 -12.58 23.52 22.19
C LEU A 66 -12.09 22.34 21.36
N ALA A 67 -13.00 21.65 20.66
CA ALA A 67 -12.60 20.52 19.84
C ALA A 67 -11.55 20.93 18.81
N ASP A 68 -11.76 22.05 18.13
CA ASP A 68 -10.79 22.51 17.14
C ASP A 68 -9.44 22.77 17.78
N GLU A 69 -9.44 23.38 18.97
CA GLU A 69 -8.18 23.68 19.66
C GLU A 69 -7.52 22.39 20.16
N LEU A 70 -8.31 21.50 20.78
CA LEU A 70 -7.80 20.19 21.18
C LEU A 70 -7.12 19.49 20.00
N ARG A 71 -7.81 19.48 18.85
CA ARG A 71 -7.27 18.79 17.68
C ARG A 71 -5.93 19.39 17.27
N GLN A 72 -5.81 20.73 17.34
CA GLN A 72 -4.56 21.39 16.95
C GLN A 72 -3.45 21.06 17.94
N TYR A 73 -3.76 21.15 19.23
CA TYR A 73 -2.74 20.82 20.20
C TYR A 73 -2.30 19.38 20.02
N LEU A 74 -3.26 18.48 19.82
CA LEU A 74 -2.93 17.08 19.59
C LEU A 74 -1.93 16.91 18.45
N LEU A 75 -2.22 17.48 17.28
CA LEU A 75 -1.29 17.36 16.16
C LEU A 75 0.09 17.90 16.55
N TYR A 76 0.13 19.11 17.09
CA TYR A 76 1.38 19.74 17.50
C TYR A 76 2.23 18.80 18.36
N THR A 77 1.67 18.33 19.47
CA THR A 77 2.47 17.59 20.45
C THR A 77 2.82 16.19 19.95
N VAL A 78 1.91 15.51 19.27
CA VAL A 78 2.28 14.19 18.74
C VAL A 78 3.36 14.33 17.68
N GLY A 79 3.39 15.45 16.96
CA GLY A 79 4.50 15.70 16.06
C GLY A 79 5.79 16.04 16.76
N GLN A 80 5.70 16.42 18.04
CA GLN A 80 6.91 16.69 18.81
C GLN A 80 7.54 15.41 19.35
N THR A 81 6.73 14.44 19.75
CA THR A 81 7.24 13.30 20.49
C THR A 81 7.15 11.98 19.74
N GLY A 82 6.37 11.93 18.67
CA GLY A 82 5.90 10.67 18.16
C GLY A 82 4.74 10.17 18.99
N GLY A 83 4.02 9.19 18.45
CA GLY A 83 2.97 8.58 19.22
C GLY A 83 1.88 8.04 18.31
N HIS A 84 0.86 7.50 18.96
CA HIS A 84 -0.34 7.12 18.24
C HIS A 84 -1.06 8.39 17.80
N PHE A 85 -1.61 8.36 16.58
CA PHE A 85 -2.06 9.56 15.88
C PHE A 85 -3.53 9.46 15.49
N GLY A 86 -3.88 8.61 14.53
CA GLY A 86 -5.20 8.67 13.94
C GLY A 86 -6.35 8.33 14.87
N ALA A 87 -6.14 7.44 15.82
CA ALA A 87 -7.27 7.03 16.64
C ALA A 87 -7.71 8.13 17.59
N GLY A 88 -6.78 8.96 18.07
CA GLY A 88 -7.15 10.05 18.96
C GLY A 88 -7.93 11.14 18.24
N LEU A 89 -7.43 11.54 17.07
CA LEU A 89 -8.12 12.43 16.14
C LEU A 89 -9.58 12.06 15.99
N GLY A 90 -9.89 10.77 15.96
CA GLY A 90 -11.27 10.39 15.79
C GLY A 90 -12.10 10.41 17.05
N VAL A 91 -11.49 10.50 18.22
CA VAL A 91 -12.28 10.49 19.46
C VAL A 91 -12.19 11.84 20.17
N VAL A 92 -11.76 12.87 19.43
CA VAL A 92 -11.63 14.20 20.03
C VAL A 92 -12.99 14.71 20.49
N GLU A 93 -14.00 14.61 19.63
CA GLU A 93 -15.32 15.06 20.05
C GLU A 93 -15.89 14.13 21.12
N LEU A 94 -15.70 12.82 20.95
CA LEU A 94 -16.23 11.88 21.94
C LEU A 94 -15.65 12.12 23.33
N THR A 95 -14.34 12.40 23.42
CA THR A 95 -13.71 12.59 24.72
C THR A 95 -14.19 13.88 25.39
N ILE A 96 -14.35 14.94 24.60
CA ILE A 96 -14.87 16.20 25.12
C ILE A 96 -16.25 15.97 25.74
N ALA A 97 -17.17 15.40 24.96
CA ALA A 97 -18.52 15.11 25.44
C ALA A 97 -18.51 14.29 26.73
N LEU A 98 -17.74 13.21 26.75
CA LEU A 98 -17.74 12.31 27.92
C LEU A 98 -17.40 13.05 29.20
N HIS A 99 -16.29 13.79 29.19
CA HIS A 99 -15.89 14.48 30.41
C HIS A 99 -16.80 15.66 30.69
N TYR A 100 -17.60 16.09 29.70
CA TYR A 100 -18.54 17.16 29.94
C TYR A 100 -19.82 16.64 30.58
N VAL A 101 -20.28 15.45 30.19
CA VAL A 101 -21.55 14.92 30.68
C VAL A 101 -21.40 14.03 31.91
N PHE A 102 -20.23 13.43 32.12
CA PHE A 102 -20.03 12.51 33.22
C PHE A 102 -19.15 13.14 34.29
N ASP A 103 -19.43 12.77 35.54
CA ASP A 103 -18.78 13.34 36.71
C ASP A 103 -17.47 12.58 36.99
N THR A 104 -16.50 12.82 36.12
CA THR A 104 -15.17 12.22 36.23
C THR A 104 -14.28 13.11 37.11
N PRO A 105 -13.41 12.59 37.95
CA PRO A 105 -13.01 11.18 38.12
C PRO A 105 -13.94 10.31 38.97
N ASP A 106 -15.06 10.81 39.52
CA ASP A 106 -15.90 9.94 40.34
C ASP A 106 -16.62 8.90 39.49
N ASP A 107 -17.23 9.33 38.39
CA ASP A 107 -17.74 8.40 37.39
C ASP A 107 -16.56 7.74 36.66
N ARG A 108 -16.70 6.44 36.40
CA ARG A 108 -15.59 5.65 35.89
C ARG A 108 -15.62 5.58 34.37
N LEU A 109 -14.59 6.16 33.75
CA LEU A 109 -14.38 6.06 32.30
C LEU A 109 -13.21 5.12 32.04
N VAL A 110 -13.45 4.12 31.19
CA VAL A 110 -12.43 3.12 30.85
C VAL A 110 -12.26 3.11 29.33
N TRP A 111 -11.04 3.37 28.88
CA TRP A 111 -10.70 3.44 27.47
C TRP A 111 -10.11 2.11 27.06
N ASP A 112 -10.64 1.53 25.98
CA ASP A 112 -10.15 0.24 25.50
C ASP A 112 -8.88 0.41 24.69
N VAL A 113 -7.85 -0.37 25.05
CA VAL A 113 -6.53 -0.37 24.41
C VAL A 113 -5.74 0.84 24.90
N GLY A 114 -6.34 2.02 24.75
CA GLY A 114 -5.82 3.28 25.27
C GLY A 114 -4.98 4.10 24.30
N HIS A 115 -4.71 3.60 23.11
CA HIS A 115 -3.93 4.38 22.15
C HIS A 115 -4.67 5.63 21.66
N GLN A 116 -6.00 5.68 21.81
CA GLN A 116 -6.82 6.80 21.40
C GLN A 116 -7.02 7.82 22.53
N ALA A 117 -6.31 7.66 23.64
CA ALA A 117 -6.60 8.41 24.85
C ALA A 117 -5.69 9.62 25.07
N TYR A 118 -4.92 10.06 24.08
CA TYR A 118 -4.18 11.30 24.27
C TYR A 118 -5.11 12.47 24.57
N PRO A 119 -6.20 12.70 23.82
CA PRO A 119 -7.09 13.80 24.19
C PRO A 119 -7.60 13.68 25.62
N HIS A 120 -7.93 12.45 26.03
CA HIS A 120 -8.27 12.17 27.42
C HIS A 120 -7.17 12.65 28.37
N LYS A 121 -5.90 12.41 28.02
CA LYS A 121 -4.82 12.89 28.87
C LYS A 121 -4.70 14.41 28.81
N ILE A 122 -4.88 14.99 27.61
CA ILE A 122 -4.81 16.44 27.47
C ILE A 122 -5.84 17.12 28.36
N LEU A 123 -7.01 16.53 28.52
CA LEU A 123 -8.09 17.12 29.33
C LEU A 123 -8.02 16.69 30.80
N THR A 124 -7.06 15.85 31.18
CA THR A 124 -7.05 15.40 32.58
C THR A 124 -5.72 15.76 33.22
N GLU A 125 -5.48 17.07 33.36
CA GLU A 125 -4.32 17.64 34.07
C GLU A 125 -2.98 17.20 33.48
N ARG A 126 -2.92 16.75 32.23
CA ARG A 126 -1.64 16.33 31.67
C ARG A 126 -1.26 17.03 30.37
N ARG A 127 -2.02 18.03 29.91
CA ARG A 127 -1.70 18.64 28.63
C ARG A 127 -0.25 19.14 28.60
N GLU A 128 0.17 19.85 29.64
CA GLU A 128 1.50 20.42 29.69
C GLU A 128 2.57 19.38 30.01
N LEU A 129 2.19 18.14 30.29
CA LEU A 129 3.13 17.04 30.40
C LEU A 129 3.22 16.20 29.11
N MET A 130 2.37 16.50 28.11
CA MET A 130 2.40 15.73 26.86
C MET A 130 3.74 15.80 26.16
N GLY A 131 4.57 16.81 26.45
CA GLY A 131 5.87 16.87 25.81
C GLY A 131 6.82 15.78 26.29
N THR A 132 6.56 15.22 27.47
CA THR A 132 7.32 14.08 27.95
C THR A 132 6.78 12.76 27.41
N LEU A 133 5.69 12.78 26.63
CA LEU A 133 4.98 11.55 26.35
C LEU A 133 5.87 10.51 25.68
N ARG A 134 5.82 9.28 26.19
CA ARG A 134 6.53 8.14 25.62
C ARG A 134 8.04 8.27 25.77
N GLN A 135 8.50 9.15 26.64
CA GLN A 135 9.91 9.28 26.93
C GLN A 135 10.20 8.66 28.29
N LYS A 136 11.48 8.40 28.53
CA LYS A 136 11.90 7.94 29.85
C LYS A 136 11.50 8.95 30.91
N ASN A 137 10.75 8.48 31.91
CA ASN A 137 10.26 9.27 33.03
C ASN A 137 9.07 10.14 32.66
N GLY A 138 8.59 10.13 31.42
CA GLY A 138 7.44 10.90 31.04
C GLY A 138 6.16 10.09 31.04
N LEU A 139 5.09 10.72 30.56
CA LEU A 139 3.79 10.06 30.48
C LEU A 139 3.91 8.76 29.69
N ALA A 140 3.18 7.75 30.13
CA ALA A 140 3.20 6.45 29.44
C ALA A 140 2.37 6.50 28.16
N ALA A 141 2.44 5.41 27.38
CA ALA A 141 1.77 5.33 26.08
C ALA A 141 0.25 5.18 26.19
N PHE A 142 -0.24 4.64 27.30
CA PHE A 142 -1.64 4.29 27.49
C PHE A 142 -2.10 4.82 28.83
N PRO A 143 -3.41 4.86 29.06
CA PRO A 143 -3.88 5.19 30.40
C PRO A 143 -3.32 4.18 31.39
N ARG A 144 -2.94 4.67 32.58
CA ARG A 144 -2.30 3.84 33.60
C ARG A 144 -2.64 4.39 34.97
N ARG A 145 -3.18 3.53 35.85
CA ARG A 145 -3.77 4.00 37.10
C ARG A 145 -2.78 4.78 37.94
N ALA A 146 -1.55 4.28 38.05
CA ALA A 146 -0.55 4.97 38.87
C ALA A 146 -0.13 6.32 38.30
N GLU A 147 -0.53 6.64 37.06
CA GLU A 147 -0.21 7.92 36.45
C GLU A 147 -1.24 8.99 36.75
N SER A 148 -2.50 8.61 36.95
CA SER A 148 -3.52 9.63 37.17
C SER A 148 -4.79 8.99 37.70
N GLU A 149 -5.42 9.64 38.66
CA GLU A 149 -6.72 9.17 39.12
C GLU A 149 -7.76 9.21 38.01
N TYR A 150 -7.47 9.89 36.90
CA TYR A 150 -8.39 9.93 35.77
C TYR A 150 -8.26 8.71 34.87
N ASP A 151 -7.30 7.83 35.13
CA ASP A 151 -7.13 6.60 34.36
C ASP A 151 -7.62 5.46 35.25
N THR A 152 -8.85 4.98 35.02
CA THR A 152 -9.40 3.97 35.92
C THR A 152 -8.77 2.59 35.72
N PHE A 153 -8.13 2.34 34.58
CA PHE A 153 -7.69 0.99 34.25
C PHE A 153 -6.55 1.05 33.24
N GLY A 154 -5.39 0.52 33.62
CA GLY A 154 -4.27 0.43 32.71
C GLY A 154 -4.57 -0.56 31.59
N VAL A 155 -4.40 -0.12 30.35
CA VAL A 155 -4.68 -0.93 29.18
C VAL A 155 -3.48 -0.87 28.22
N GLY A 156 -3.59 -1.62 27.14
CA GLY A 156 -2.54 -1.71 26.13
C GLY A 156 -2.91 -2.85 25.21
N HIS A 157 -3.02 -4.02 25.82
CA HIS A 157 -3.82 -5.07 25.21
C HIS A 157 -5.26 -4.57 25.10
N SER A 158 -5.98 -5.12 24.13
CA SER A 158 -7.32 -4.70 23.78
C SER A 158 -8.41 -5.52 24.49
N SER A 159 -9.63 -5.00 24.44
CA SER A 159 -10.87 -5.69 24.75
C SER A 159 -11.09 -5.94 26.24
N THR A 160 -10.35 -5.25 27.10
CA THR A 160 -10.51 -5.42 28.53
C THR A 160 -11.52 -4.45 29.14
N SER A 161 -11.92 -3.42 28.39
CA SER A 161 -12.64 -2.28 28.98
C SER A 161 -14.02 -2.68 29.49
N ILE A 162 -14.78 -3.46 28.71
CA ILE A 162 -16.09 -3.89 29.17
C ILE A 162 -15.97 -4.67 30.47
N SER A 163 -15.02 -5.61 30.51
CA SER A 163 -14.81 -6.38 31.74
C SER A 163 -14.47 -5.47 32.92
N ALA A 164 -13.50 -4.58 32.75
CA ALA A 164 -13.06 -3.77 33.86
C ALA A 164 -14.18 -2.83 34.30
N ALA A 165 -14.92 -2.28 33.33
CA ALA A 165 -16.05 -1.41 33.66
C ALA A 165 -17.13 -2.17 34.41
N LEU A 166 -17.51 -3.35 33.89
CA LEU A 166 -18.50 -4.17 34.58
C LEU A 166 -18.04 -4.53 35.98
N GLY A 167 -16.74 -4.77 36.14
CA GLY A 167 -16.21 -5.03 37.48
C GLY A 167 -16.40 -3.86 38.42
N MET A 168 -16.16 -2.62 37.93
CA MET A 168 -16.30 -1.44 38.79
C MET A 168 -17.76 -1.18 39.11
N ALA A 169 -18.66 -1.41 38.16
CA ALA A 169 -20.08 -1.17 38.43
C ALA A 169 -20.62 -2.14 39.46
N ILE A 170 -20.23 -3.41 39.38
CA ILE A 170 -20.67 -4.37 40.37
C ILE A 170 -20.25 -3.93 41.77
N ALA A 171 -19.00 -3.49 41.91
CA ALA A 171 -18.49 -3.08 43.22
C ALA A 171 -19.26 -1.86 43.72
N ALA A 172 -19.36 -0.82 42.89
CA ALA A 172 -20.06 0.39 43.26
C ALA A 172 -21.44 0.09 43.82
N ARG A 173 -22.20 -0.76 43.14
CA ARG A 173 -23.54 -1.09 43.60
C ARG A 173 -23.53 -1.83 44.93
N LEU A 174 -22.50 -2.63 45.19
CA LEU A 174 -22.44 -3.34 46.46
C LEU A 174 -21.96 -2.44 47.59
N GLN A 175 -21.20 -1.41 47.28
CA GLN A 175 -20.81 -0.42 48.29
C GLN A 175 -21.83 0.70 48.42
N GLY A 176 -22.98 0.57 47.77
CA GLY A 176 -24.00 1.61 47.78
C GLY A 176 -23.55 2.97 47.27
N LYS A 177 -22.62 3.01 46.33
CA LYS A 177 -22.16 4.27 45.75
C LYS A 177 -22.85 4.49 44.42
N GLU A 178 -23.32 5.71 44.20
CA GLU A 178 -23.97 6.02 42.93
C GLU A 178 -22.93 6.62 41.99
N ARG A 179 -22.13 5.76 41.37
CA ARG A 179 -21.23 6.18 40.31
C ARG A 179 -21.63 5.52 39.00
N LYS A 180 -21.34 6.22 37.93
CA LYS A 180 -21.54 5.67 36.60
C LYS A 180 -20.28 4.92 36.15
N SER A 181 -20.48 3.95 35.26
CA SER A 181 -19.40 3.18 34.67
C SER A 181 -19.56 3.19 33.16
N VAL A 182 -18.46 3.44 32.44
CA VAL A 182 -18.48 3.60 30.99
C VAL A 182 -17.21 2.95 30.41
N ALA A 183 -17.40 2.10 29.40
CA ALA A 183 -16.30 1.59 28.59
C ALA A 183 -16.46 2.05 27.14
N VAL A 184 -15.36 2.53 26.54
CA VAL A 184 -15.32 3.03 25.17
C VAL A 184 -14.51 2.03 24.36
N ILE A 185 -15.16 1.19 23.55
CA ILE A 185 -14.48 0.11 22.83
C ILE A 185 -14.61 0.30 21.33
N GLY A 186 -13.47 0.20 20.63
CA GLY A 186 -13.48 0.27 19.18
C GLY A 186 -14.00 -1.00 18.51
N ASP A 187 -14.41 -0.85 17.26
CA ASP A 187 -14.97 -1.99 16.53
C ASP A 187 -13.93 -3.09 16.37
N GLY A 188 -12.64 -2.72 16.30
CA GLY A 188 -11.59 -3.72 16.30
C GLY A 188 -11.53 -4.47 17.63
N ALA A 189 -11.52 -3.73 18.74
CA ALA A 189 -11.42 -4.39 20.04
C ALA A 189 -12.57 -5.37 20.26
N LEU A 190 -13.75 -5.08 19.69
CA LEU A 190 -14.96 -5.87 19.93
C LEU A 190 -14.94 -7.22 19.24
N THR A 191 -13.94 -7.49 18.39
CA THR A 191 -13.82 -8.80 17.76
C THR A 191 -13.22 -9.85 18.68
N ALA A 192 -12.64 -9.43 19.80
CA ALA A 192 -12.03 -10.33 20.77
C ALA A 192 -13.07 -11.13 21.56
N GLY A 193 -12.70 -12.36 21.89
CA GLY A 193 -13.64 -13.22 22.60
C GLY A 193 -14.00 -12.71 23.99
N MET A 194 -13.04 -12.14 24.72
CA MET A 194 -13.39 -11.74 26.08
C MET A 194 -14.44 -10.64 26.08
N ALA A 195 -14.45 -9.78 25.05
CA ALA A 195 -15.45 -8.72 25.01
C ALA A 195 -16.87 -9.29 24.93
N PHE A 196 -17.02 -10.36 24.14
CA PHE A 196 -18.28 -11.11 24.11
C PHE A 196 -18.59 -11.75 25.47
N GLU A 197 -17.59 -12.34 26.14
CA GLU A 197 -17.85 -12.92 27.45
C GLU A 197 -18.33 -11.85 28.42
N ALA A 198 -17.81 -10.63 28.28
CA ALA A 198 -18.19 -9.55 29.18
C ALA A 198 -19.60 -9.06 28.88
N LEU A 199 -19.93 -8.83 27.60
CA LEU A 199 -21.30 -8.40 27.28
C LEU A 199 -22.32 -9.43 27.76
N ASN A 200 -22.03 -10.72 27.60
CA ASN A 200 -22.98 -11.72 28.08
C ASN A 200 -23.17 -11.64 29.59
N HIS A 201 -22.10 -11.38 30.33
CA HIS A 201 -22.23 -11.36 31.78
C HIS A 201 -22.89 -10.08 32.27
N ALA A 202 -22.53 -8.93 31.67
CA ALA A 202 -23.11 -7.66 32.13
C ALA A 202 -24.62 -7.69 32.03
N SER A 203 -25.14 -8.23 30.92
CA SER A 203 -26.57 -8.36 30.72
C SER A 203 -27.20 -9.31 31.73
N GLU A 204 -26.41 -10.27 32.23
CA GLU A 204 -26.95 -11.25 33.17
C GLU A 204 -27.04 -10.67 34.57
N VAL A 205 -26.07 -9.85 35.00
CA VAL A 205 -26.16 -9.18 36.29
C VAL A 205 -27.00 -7.90 36.22
N ASP A 206 -27.56 -7.58 35.06
CA ASP A 206 -28.32 -6.34 34.86
C ASP A 206 -27.53 -5.13 35.37
N ALA A 207 -26.26 -5.07 35.00
CA ALA A 207 -25.34 -4.04 35.50
C ALA A 207 -25.71 -2.65 34.98
N ASP A 208 -25.44 -1.63 35.81
CA ASP A 208 -25.67 -0.23 35.44
C ASP A 208 -24.40 0.36 34.83
N MET A 209 -24.26 0.20 33.51
CA MET A 209 -23.07 0.65 32.83
C MET A 209 -23.39 1.01 31.38
N LEU A 210 -22.56 1.89 30.85
CA LEU A 210 -22.65 2.33 29.47
C LEU A 210 -21.47 1.79 28.68
N VAL A 211 -21.75 1.04 27.61
CA VAL A 211 -20.73 0.66 26.65
C VAL A 211 -20.91 1.54 25.41
N ILE A 212 -19.83 2.16 24.96
CA ILE A 212 -19.83 3.00 23.78
C ILE A 212 -19.00 2.30 22.72
N LEU A 213 -19.63 1.99 21.59
CA LEU A 213 -18.96 1.41 20.43
C LEU A 213 -18.45 2.57 19.57
N ASN A 214 -17.15 2.82 19.65
CA ASN A 214 -16.51 3.77 18.73
C ASN A 214 -16.18 3.02 17.45
N ASP A 215 -17.03 3.17 16.45
CA ASP A 215 -16.96 2.38 15.22
C ASP A 215 -16.46 3.28 14.10
N ASN A 216 -15.25 3.00 13.62
CA ASN A 216 -14.68 3.74 12.49
C ASN A 216 -14.36 2.81 11.32
N ASP A 217 -14.88 1.58 11.35
CA ASP A 217 -14.75 0.63 10.26
C ASP A 217 -13.30 0.19 10.06
N MET A 218 -12.52 0.14 11.14
CA MET A 218 -11.08 0.06 11.07
C MET A 218 -10.49 -0.61 12.31
N SER A 219 -9.49 -1.46 12.09
CA SER A 219 -8.64 -1.99 13.15
C SER A 219 -7.31 -1.26 13.08
N ILE A 220 -6.21 -1.97 12.81
CA ILE A 220 -4.99 -1.31 12.34
C ILE A 220 -5.04 -1.44 10.82
N SER A 221 -5.06 -2.66 10.32
CA SER A 221 -5.58 -2.90 8.98
C SER A 221 -7.08 -2.61 8.98
N HIS A 222 -7.70 -2.67 7.81
CA HIS A 222 -9.16 -2.64 7.78
C HIS A 222 -9.70 -3.76 8.65
N ASN A 223 -10.83 -3.48 9.31
CA ASN A 223 -11.44 -4.49 10.17
C ASN A 223 -12.03 -5.59 9.29
N VAL A 224 -11.38 -6.75 9.29
CA VAL A 224 -11.83 -7.93 8.60
C VAL A 224 -12.47 -8.84 9.64
N GLY A 225 -13.77 -9.13 9.48
CA GLY A 225 -14.48 -10.03 10.36
C GLY A 225 -15.98 -10.11 10.11
N GLY A 226 -16.61 -11.22 10.54
CA GLY A 226 -18.06 -11.30 10.45
C GLY A 226 -18.76 -10.22 11.25
N LEU A 227 -18.19 -9.85 12.41
CA LEU A 227 -18.75 -8.76 13.19
C LEU A 227 -18.65 -7.43 12.43
N SER A 228 -17.53 -7.21 11.72
CA SER A 228 -17.40 -6.02 10.87
C SER A 228 -18.58 -5.89 9.93
N ASN A 229 -18.85 -6.94 9.16
CA ASN A 229 -20.04 -6.98 8.32
C ASN A 229 -21.27 -7.08 9.23
N TYR A 230 -21.60 -5.97 9.89
CA TYR A 230 -22.79 -5.90 10.72
C TYR A 230 -22.89 -4.55 11.43
N GLU A 247 -30.61 -7.40 22.67
CA GLU A 247 -30.78 -8.75 22.10
C GLU A 247 -30.05 -9.78 22.97
N LEU A 248 -28.77 -9.52 23.20
CA LEU A 248 -28.05 -10.14 24.30
C LEU A 248 -28.43 -9.54 25.65
N GLY A 249 -29.38 -8.61 25.69
CA GLY A 249 -29.82 -8.00 26.93
C GLY A 249 -29.47 -6.52 27.11
N TRP A 250 -28.91 -5.87 26.10
CA TRP A 250 -28.55 -4.45 26.16
C TRP A 250 -29.59 -3.58 25.49
N ASN A 251 -29.62 -2.33 25.89
CA ASN A 251 -30.44 -1.32 25.22
C ASN A 251 -29.53 -0.58 24.24
N TYR A 252 -29.82 -0.75 22.95
CA TYR A 252 -28.98 -0.24 21.86
C TYR A 252 -29.54 1.08 21.35
N ILE A 253 -28.69 2.10 21.28
CA ILE A 253 -29.02 3.39 20.70
C ILE A 253 -28.09 3.62 19.52
N GLY A 254 -28.64 4.11 18.40
CA GLY A 254 -27.82 4.65 17.35
C GLY A 254 -28.02 3.99 16.00
N PRO A 255 -27.00 4.10 15.15
CA PRO A 255 -25.73 4.81 15.38
C PRO A 255 -25.95 6.32 15.38
N ILE A 256 -25.01 7.09 15.94
CA ILE A 256 -25.07 8.55 15.95
C ILE A 256 -23.74 9.07 15.43
N ASP A 257 -23.74 10.32 15.02
CA ASP A 257 -22.52 10.95 14.50
C ASP A 257 -21.58 11.24 15.66
N GLY A 258 -20.47 10.50 15.72
CA GLY A 258 -19.44 10.68 16.73
C GLY A 258 -18.66 11.98 16.65
N HIS A 259 -18.94 12.84 15.67
CA HIS A 259 -18.24 14.12 15.57
C HIS A 259 -19.18 15.31 15.70
N ASP A 260 -20.44 15.07 16.04
CA ASP A 260 -21.41 16.15 16.23
C ASP A 260 -21.56 16.35 17.73
N LEU A 261 -20.84 17.32 18.27
CA LEU A 261 -20.82 17.51 19.72
C LEU A 261 -22.22 17.65 20.31
N PRO A 262 -23.18 18.33 19.66
CA PRO A 262 -24.49 18.50 20.30
C PRO A 262 -25.27 17.20 20.44
N THR A 263 -25.27 16.35 19.41
CA THR A 263 -25.91 15.04 19.53
C THR A 263 -25.23 14.20 20.60
N LEU A 264 -23.90 14.27 20.67
CA LEU A 264 -23.17 13.49 21.65
C LEU A 264 -23.56 13.88 23.07
N VAL A 265 -23.43 15.16 23.39
CA VAL A 265 -23.80 15.65 24.72
C VAL A 265 -25.26 15.33 25.03
N ALA A 266 -26.15 15.61 24.09
CA ALA A 266 -27.57 15.30 24.30
C ALA A 266 -27.76 13.80 24.59
N THR A 267 -27.28 12.94 23.70
CA THR A 267 -27.48 11.50 23.88
C THR A 267 -26.79 11.01 25.14
N LEU A 268 -25.53 11.42 25.36
CA LEU A 268 -24.79 10.98 26.54
C LEU A 268 -25.53 11.35 27.82
N ARG A 269 -25.98 12.60 27.93
CA ARG A 269 -26.81 13.00 29.07
C ARG A 269 -27.98 12.06 29.25
N ASN A 270 -28.69 11.77 28.15
CA ASN A 270 -29.82 10.86 28.20
C ASN A 270 -29.42 9.53 28.80
N MET A 271 -28.35 8.93 28.28
CA MET A 271 -27.99 7.59 28.69
C MET A 271 -27.28 7.58 30.04
N ARG A 272 -26.72 8.71 30.47
CA ARG A 272 -26.07 8.73 31.78
C ARG A 272 -27.05 8.31 32.86
N ASP A 273 -28.33 8.61 32.67
CA ASP A 273 -29.32 8.41 33.71
C ASP A 273 -30.20 7.20 33.49
N MET A 274 -30.02 6.46 32.38
CA MET A 274 -30.80 5.25 32.22
C MET A 274 -30.15 4.08 32.97
N LYS A 275 -30.97 3.10 33.31
CA LYS A 275 -30.56 1.97 34.11
C LYS A 275 -30.30 0.74 33.24
N GLY A 276 -29.49 -0.17 33.77
CA GLY A 276 -29.18 -1.43 33.13
C GLY A 276 -28.11 -1.32 32.07
N PRO A 277 -27.85 -2.44 31.38
CA PRO A 277 -26.90 -2.43 30.26
C PRO A 277 -27.28 -1.46 29.16
N GLN A 278 -26.49 -0.41 28.99
CA GLN A 278 -26.69 0.58 27.95
C GLN A 278 -25.58 0.49 26.92
N PHE A 279 -25.95 0.64 25.64
CA PHE A 279 -25.01 0.43 24.53
C PHE A 279 -25.25 1.53 23.49
N LEU A 280 -24.26 2.42 23.32
CA LEU A 280 -24.32 3.50 22.35
C LEU A 280 -23.45 3.19 21.14
N HIS A 281 -24.04 3.23 19.94
CA HIS A 281 -23.31 3.05 18.70
C HIS A 281 -22.95 4.43 18.15
N VAL A 282 -21.67 4.74 18.17
CA VAL A 282 -21.14 6.02 17.70
C VAL A 282 -20.27 5.71 16.49
N VAL A 283 -20.30 6.59 15.50
CA VAL A 283 -19.56 6.39 14.26
C VAL A 283 -18.55 7.52 14.14
N THR A 284 -17.28 7.17 13.98
CA THR A 284 -16.23 8.17 13.85
C THR A 284 -15.41 7.85 12.61
N LYS A 285 -14.52 8.78 12.27
CA LYS A 285 -13.59 8.59 11.17
C LYS A 285 -12.18 8.59 11.74
N LYS A 286 -11.41 7.56 11.42
CA LYS A 286 -10.02 7.57 11.85
C LYS A 286 -9.30 8.72 11.14
N GLY A 287 -8.62 9.54 11.93
CA GLY A 287 -7.93 10.70 11.40
C GLY A 287 -8.76 11.95 11.22
N LYS A 288 -10.02 11.95 11.66
CA LYS A 288 -10.91 13.09 11.53
C LYS A 288 -10.17 14.41 11.69
N GLY A 289 -10.24 15.26 10.67
CA GLY A 289 -9.68 16.59 10.76
C GLY A 289 -8.22 16.73 10.37
N PHE A 290 -7.54 15.63 10.07
CA PHE A 290 -6.22 15.72 9.46
C PHE A 290 -6.26 14.97 8.13
N ALA A 291 -6.47 15.73 7.05
CA ALA A 291 -6.64 15.23 5.70
C ALA A 291 -5.69 14.08 5.40
N PRO A 292 -4.38 14.29 5.50
CA PRO A 292 -3.45 13.19 5.16
C PRO A 292 -3.73 11.92 5.94
N ALA A 293 -4.26 12.02 7.16
CA ALA A 293 -4.52 10.82 7.95
C ALA A 293 -5.83 10.15 7.58
N GLU A 294 -6.83 10.93 7.17
CA GLU A 294 -8.05 10.30 6.66
C GLU A 294 -7.81 9.66 5.31
N LEU A 295 -6.78 10.10 4.59
CA LEU A 295 -6.47 9.56 3.28
C LEU A 295 -5.59 8.34 3.38
N ASP A 296 -4.97 8.11 4.53
CA ASP A 296 -4.08 6.97 4.75
C ASP A 296 -4.19 6.58 6.22
N PRO A 297 -5.31 5.96 6.59
CA PRO A 297 -5.54 5.58 8.00
C PRO A 297 -4.49 4.63 8.56
N ILE A 298 -3.97 3.72 7.73
CA ILE A 298 -2.97 2.78 8.20
C ILE A 298 -1.66 3.50 8.49
N GLY A 299 -1.19 4.30 7.53
CA GLY A 299 0.08 4.99 7.67
C GLY A 299 0.11 6.03 8.78
N TYR A 300 -1.05 6.52 9.21
CA TYR A 300 -1.11 7.50 10.29
C TYR A 300 -1.65 6.92 11.60
N HIS A 301 -1.79 5.59 11.68
CA HIS A 301 -2.12 4.95 12.95
C HIS A 301 -1.17 5.44 14.02
N ALA A 302 0.11 5.52 13.69
CA ALA A 302 1.14 6.10 14.56
C ALA A 302 2.19 6.76 13.70
N ILE A 303 2.85 7.78 14.25
CA ILE A 303 3.88 8.53 13.53
C ILE A 303 5.13 8.69 14.39
N THR A 304 6.23 8.99 13.71
CA THR A 304 7.48 9.38 14.34
C THR A 304 7.50 10.88 14.59
N LYS A 305 8.37 11.32 15.50
CA LYS A 305 8.48 12.75 15.77
C LYS A 305 8.99 13.49 14.54
N LEU A 306 8.67 14.78 14.45
CA LEU A 306 9.18 15.60 13.37
C LEU A 306 10.50 16.24 13.77
N THR A 316 18.96 3.11 6.13
CA THR A 316 19.90 3.59 7.15
C THR A 316 20.55 2.42 7.87
N GLY A 317 19.81 1.31 7.99
CA GLY A 317 20.30 0.11 8.63
C GLY A 317 19.84 -1.16 7.93
N GLY A 318 19.85 -2.29 8.64
CA GLY A 318 19.43 -3.54 8.04
C GLY A 318 17.93 -3.72 8.09
N PRO A 319 17.47 -4.83 7.52
CA PRO A 319 16.03 -5.10 7.51
C PRO A 319 15.52 -5.40 8.91
N LYS A 320 14.28 -4.99 9.16
CA LYS A 320 13.59 -5.36 10.39
C LYS A 320 13.44 -6.87 10.49
N TYR A 321 13.52 -7.40 11.71
CA TYR A 321 13.33 -8.84 11.89
C TYR A 321 12.00 -9.30 11.30
N SER A 322 10.93 -8.51 11.50
CA SER A 322 9.64 -8.88 10.93
C SER A 322 9.68 -8.90 9.42
N SER A 323 10.47 -8.00 8.84
CA SER A 323 10.66 -8.00 7.39
C SER A 323 11.37 -9.26 6.93
N VAL A 324 12.41 -9.68 7.68
CA VAL A 324 13.03 -10.98 7.41
C VAL A 324 12.01 -12.10 7.50
N PHE A 325 11.14 -12.07 8.52
CA PHE A 325 10.10 -13.09 8.59
C PHE A 325 9.21 -13.01 7.37
N GLY A 326 8.73 -11.81 7.05
CA GLY A 326 7.87 -11.63 5.88
C GLY A 326 8.48 -12.22 4.62
N GLN A 327 9.76 -11.94 4.38
CA GLN A 327 10.46 -12.53 3.25
C GLN A 327 10.56 -14.04 3.38
N TRP A 328 10.90 -14.55 4.58
CA TRP A 328 10.92 -16.00 4.76
C TRP A 328 9.57 -16.60 4.44
N LEU A 329 8.49 -16.01 4.97
CA LEU A 329 7.16 -16.57 4.75
C LEU A 329 6.83 -16.64 3.26
N CYS A 330 7.22 -15.62 2.49
CA CYS A 330 6.94 -15.60 1.06
C CYS A 330 7.74 -16.67 0.32
N ASP A 331 9.05 -16.71 0.57
CA ASP A 331 9.90 -17.69 -0.09
C ASP A 331 9.43 -19.11 0.22
N MET A 332 9.14 -19.41 1.48
CA MET A 332 8.71 -20.77 1.80
C MET A 332 7.33 -21.05 1.22
N ALA A 333 6.47 -20.04 1.10
CA ALA A 333 5.18 -20.27 0.45
C ALA A 333 5.33 -20.49 -1.06
N ALA A 334 6.37 -19.92 -1.68
CA ALA A 334 6.59 -20.14 -3.10
C ALA A 334 6.98 -21.57 -3.42
N GLN A 335 7.55 -22.30 -2.45
CA GLN A 335 8.04 -23.66 -2.68
C GLN A 335 7.21 -24.74 -1.98
N ASP A 336 6.24 -24.39 -1.16
CA ASP A 336 5.39 -25.37 -0.47
C ASP A 336 3.98 -24.84 -0.57
N ALA A 337 3.12 -25.57 -1.27
CA ALA A 337 1.76 -25.11 -1.44
C ALA A 337 0.91 -25.37 -0.22
N ARG A 338 1.43 -26.06 0.79
CA ARG A 338 0.66 -26.35 1.99
C ARG A 338 0.70 -25.21 3.01
N LEU A 339 1.60 -24.26 2.85
CA LEU A 339 1.83 -23.26 3.89
C LEU A 339 0.67 -22.29 3.94
N LEU A 340 0.21 -22.02 5.17
CA LEU A 340 -0.85 -21.06 5.45
C LEU A 340 -0.35 -20.07 6.50
N GLY A 341 -0.64 -18.79 6.29
CA GLY A 341 -0.20 -17.74 7.19
C GLY A 341 -1.39 -17.14 7.95
N ILE A 342 -1.25 -17.05 9.27
CA ILE A 342 -2.29 -16.54 10.15
C ILE A 342 -1.73 -15.38 10.95
N THR A 343 -2.51 -14.29 11.04
CA THR A 343 -2.23 -13.22 11.99
C THR A 343 -3.54 -12.81 12.66
N PRO A 344 -3.51 -12.45 13.96
CA PRO A 344 -4.70 -11.84 14.60
C PRO A 344 -4.61 -10.31 14.53
N ALA A 345 -4.97 -9.80 13.35
CA ALA A 345 -5.10 -8.38 13.00
C ALA A 345 -3.77 -7.63 13.00
N MET A 346 -2.66 -8.30 12.78
CA MET A 346 -1.35 -7.68 12.89
C MET A 346 -0.55 -7.84 11.62
N LYS A 347 -1.25 -7.74 10.48
CA LYS A 347 -0.60 -7.95 9.19
C LYS A 347 0.59 -7.02 9.00
N GLU A 348 0.43 -5.74 9.35
CA GLU A 348 1.51 -4.76 9.23
C GLU A 348 2.61 -5.03 10.23
N GLY A 349 2.25 -5.13 11.51
CA GLY A 349 3.28 -5.29 12.54
C GLY A 349 4.13 -6.52 12.30
N SER A 350 3.47 -7.67 12.11
CA SER A 350 4.17 -8.93 11.85
C SER A 350 4.67 -9.02 10.42
N ASP A 351 4.14 -8.16 9.54
CA ASP A 351 4.68 -7.94 8.21
C ASP A 351 4.33 -9.10 7.28
N LEU A 352 3.05 -9.46 7.23
CA LEU A 352 2.53 -10.39 6.25
C LEU A 352 2.01 -9.66 5.00
N VAL A 353 2.51 -8.44 4.76
CA VAL A 353 1.97 -7.59 3.71
C VAL A 353 2.14 -8.26 2.34
N ALA A 354 3.40 -8.50 1.96
CA ALA A 354 3.67 -9.08 0.66
C ALA A 354 3.02 -10.45 0.53
N PHE A 355 3.18 -11.30 1.55
CA PHE A 355 2.53 -12.61 1.56
C PHE A 355 1.03 -12.49 1.31
N SER A 356 0.38 -11.52 1.96
CA SER A 356 -1.07 -11.45 1.85
C SER A 356 -1.49 -11.02 0.45
N GLU A 357 -0.61 -10.30 -0.26
CA GLU A 357 -0.93 -9.88 -1.61
C GLU A 357 -0.69 -10.99 -2.62
N ARG A 358 0.39 -11.75 -2.44
CA ARG A 358 0.76 -12.80 -3.38
C ARG A 358 -0.06 -14.06 -3.18
N TYR A 359 -0.39 -14.40 -1.93
CA TYR A 359 -1.06 -15.66 -1.60
C TYR A 359 -2.35 -15.37 -0.83
N PRO A 360 -3.24 -14.56 -1.42
CA PRO A 360 -4.45 -14.17 -0.68
C PRO A 360 -5.25 -15.36 -0.18
N GLU A 361 -5.27 -16.45 -0.92
CA GLU A 361 -6.09 -17.61 -0.59
C GLU A 361 -5.48 -18.47 0.51
N ARG A 362 -4.27 -18.13 0.99
CA ARG A 362 -3.59 -18.86 2.05
C ARG A 362 -3.19 -17.91 3.18
N TYR A 363 -3.80 -16.75 3.23
CA TYR A 363 -3.57 -15.75 4.27
C TYR A 363 -4.86 -15.63 5.06
N PHE A 364 -4.76 -15.70 6.37
CA PHE A 364 -5.92 -15.61 7.23
C PHE A 364 -5.66 -14.62 8.33
N ASP A 365 -6.43 -13.52 8.32
CA ASP A 365 -6.48 -12.54 9.38
C ASP A 365 -7.74 -12.79 10.18
N VAL A 366 -7.59 -13.19 11.45
CA VAL A 366 -8.74 -13.60 12.25
C VAL A 366 -9.25 -12.45 13.14
N ALA A 367 -8.87 -11.20 12.84
CA ALA A 367 -9.20 -10.06 13.71
C ALA A 367 -8.48 -10.20 15.06
N ILE A 368 -8.95 -9.53 16.12
CA ILE A 368 -8.19 -9.57 17.36
C ILE A 368 -8.64 -10.78 18.17
N ALA A 369 -8.25 -11.96 17.71
CA ALA A 369 -8.78 -13.24 18.16
C ALA A 369 -7.60 -14.21 18.22
N GLU A 370 -6.69 -13.94 19.16
CA GLU A 370 -5.51 -14.78 19.32
C GLU A 370 -5.89 -16.23 19.56
N GLN A 371 -6.98 -16.46 20.30
CA GLN A 371 -7.33 -17.81 20.70
C GLN A 371 -7.76 -18.63 19.49
N HIS A 372 -8.72 -18.10 18.72
CA HIS A 372 -9.13 -18.77 17.48
C HIS A 372 -7.96 -18.96 16.54
N ALA A 373 -7.05 -18.00 16.47
CA ALA A 373 -5.90 -18.11 15.59
C ALA A 373 -5.14 -19.42 15.83
N VAL A 374 -4.86 -19.74 17.10
CA VAL A 374 -4.06 -20.94 17.36
C VAL A 374 -4.87 -22.21 17.12
N THR A 375 -6.13 -22.24 17.59
CA THR A 375 -6.93 -23.45 17.40
C THR A 375 -7.32 -23.62 15.94
N LEU A 376 -7.45 -22.53 15.18
CA LEU A 376 -7.63 -22.68 13.74
C LEU A 376 -6.46 -23.44 13.15
N ALA A 377 -5.24 -23.05 13.53
CA ALA A 377 -4.04 -23.69 12.99
C ALA A 377 -4.04 -25.18 13.30
N ALA A 378 -4.34 -25.54 14.54
CA ALA A 378 -4.49 -26.94 14.91
C ALA A 378 -5.34 -27.69 13.90
N GLY A 379 -6.51 -27.15 13.57
CA GLY A 379 -7.40 -27.85 12.65
C GLY A 379 -6.84 -27.91 11.24
N MET A 380 -6.17 -26.84 10.81
CA MET A 380 -5.52 -26.86 9.50
C MET A 380 -4.51 -27.99 9.42
N ALA A 381 -3.72 -28.18 10.48
CA ALA A 381 -2.69 -29.21 10.52
C ALA A 381 -3.27 -30.62 10.60
N CYS A 382 -4.49 -30.77 11.10
CA CYS A 382 -5.13 -32.08 11.09
C CYS A 382 -5.35 -32.57 9.68
N GLU A 383 -5.56 -31.66 8.72
CA GLU A 383 -5.79 -32.03 7.32
C GLU A 383 -4.52 -31.99 6.48
N GLY A 384 -3.34 -31.98 7.11
CA GLY A 384 -2.10 -31.98 6.37
C GLY A 384 -1.61 -30.64 5.84
N MET A 385 -2.31 -29.53 6.12
CA MET A 385 -1.72 -28.24 5.76
C MET A 385 -0.72 -27.81 6.82
N LYS A 386 0.00 -26.71 6.54
CA LYS A 386 1.16 -26.30 7.35
C LYS A 386 0.98 -24.87 7.80
N PRO A 387 0.20 -24.64 8.86
CA PRO A 387 -0.04 -23.27 9.31
C PRO A 387 1.18 -22.65 9.99
N VAL A 388 1.38 -21.35 9.75
CA VAL A 388 2.34 -20.52 10.48
C VAL A 388 1.56 -19.43 11.20
N VAL A 389 1.61 -19.43 12.52
CA VAL A 389 0.93 -18.40 13.30
C VAL A 389 1.93 -17.28 13.62
N ALA A 390 1.72 -16.10 13.04
CA ALA A 390 2.51 -14.91 13.38
C ALA A 390 1.83 -14.21 14.55
N ILE A 391 2.55 -14.04 15.65
CA ILE A 391 1.94 -13.56 16.89
C ILE A 391 3.03 -12.95 17.75
N TYR A 392 2.73 -11.79 18.36
CA TYR A 392 3.67 -11.17 19.27
C TYR A 392 3.71 -11.95 20.59
N SER A 393 4.91 -12.04 21.17
CA SER A 393 5.08 -12.67 22.48
C SER A 393 4.03 -12.22 23.48
N THR A 394 3.92 -10.91 23.71
CA THR A 394 2.91 -10.39 24.64
C THR A 394 1.49 -10.84 24.26
N PHE A 395 1.17 -10.94 22.97
CA PHE A 395 -0.18 -11.37 22.60
C PHE A 395 -0.35 -12.90 22.63
N LEU A 396 0.72 -13.66 22.41
CA LEU A 396 0.60 -15.10 22.58
C LEU A 396 0.19 -15.47 24.00
N GLN A 397 0.34 -14.55 24.97
CA GLN A 397 -0.13 -14.85 26.32
C GLN A 397 -1.63 -15.14 26.34
N ARG A 398 -2.38 -14.60 25.37
CA ARG A 398 -3.82 -14.77 25.36
C ARG A 398 -4.27 -16.09 24.74
N ALA A 399 -3.41 -16.76 23.98
CA ALA A 399 -3.72 -18.05 23.38
C ALA A 399 -2.94 -19.19 24.02
N TYR A 400 -2.46 -18.99 25.25
CA TYR A 400 -1.67 -20.02 25.93
C TYR A 400 -2.41 -21.36 25.97
N ASP A 401 -3.68 -21.33 26.35
CA ASP A 401 -4.42 -22.57 26.51
C ASP A 401 -4.60 -23.29 25.17
N GLN A 402 -4.74 -22.53 24.09
CA GLN A 402 -4.95 -23.17 22.80
C GLN A 402 -3.64 -23.80 22.31
N LEU A 403 -2.50 -23.11 22.52
CA LEU A 403 -1.20 -23.71 22.23
C LEU A 403 -1.01 -25.02 23.00
N ILE A 404 -1.30 -25.00 24.30
CA ILE A 404 -1.03 -26.18 25.13
C ILE A 404 -1.98 -27.32 24.75
N HIS A 405 -3.29 -27.06 24.87
CA HIS A 405 -4.29 -28.12 24.83
C HIS A 405 -4.62 -28.53 23.39
N ASP A 406 -4.65 -27.59 22.46
CA ASP A 406 -5.04 -28.00 21.12
C ASP A 406 -3.85 -28.34 20.23
N VAL A 407 -2.70 -27.72 20.48
CA VAL A 407 -1.51 -27.90 19.65
C VAL A 407 -0.49 -28.82 20.32
N ALA A 408 -0.01 -28.45 21.52
CA ALA A 408 1.08 -29.20 22.12
C ALA A 408 0.62 -30.59 22.54
N VAL A 409 -0.56 -30.70 23.17
CA VAL A 409 -1.02 -32.01 23.65
C VAL A 409 -1.22 -32.98 22.50
N GLN A 410 -1.59 -32.49 21.31
CA GLN A 410 -1.80 -33.36 20.15
C GLN A 410 -0.57 -33.44 19.25
N HIS A 411 0.50 -32.74 19.59
CA HIS A 411 1.74 -32.75 18.81
C HIS A 411 1.47 -32.38 17.35
N LEU A 412 0.64 -31.37 17.14
CA LEU A 412 0.29 -30.96 15.79
C LEU A 412 1.37 -30.07 15.19
N ASP A 413 1.46 -30.08 13.85
CA ASP A 413 2.55 -29.43 13.11
C ASP A 413 2.14 -27.99 12.84
N VAL A 414 2.51 -27.11 13.78
CA VAL A 414 2.16 -25.70 13.77
C VAL A 414 3.41 -24.89 14.12
N LEU A 415 3.75 -23.92 13.29
CA LEU A 415 4.90 -23.05 13.54
C LEU A 415 4.43 -21.70 14.08
N PHE A 416 5.05 -21.27 15.18
CA PHE A 416 4.73 -20.00 15.83
C PHE A 416 5.92 -19.06 15.65
N ALA A 417 5.70 -17.97 14.93
CA ALA A 417 6.74 -16.96 14.72
C ALA A 417 6.45 -15.83 15.69
N ILE A 418 7.25 -15.76 16.76
CA ILE A 418 6.97 -14.95 17.94
C ILE A 418 7.79 -13.66 17.82
N ASP A 419 7.12 -12.61 17.36
CA ASP A 419 7.74 -11.31 17.18
C ASP A 419 7.62 -10.51 18.47
N ARG A 420 8.38 -9.42 18.53
CA ARG A 420 8.34 -8.52 19.67
C ARG A 420 8.74 -9.27 20.95
N ALA A 421 9.70 -10.19 20.80
CA ALA A 421 10.29 -10.91 21.90
C ALA A 421 11.31 -10.02 22.60
N GLY A 422 11.15 -9.85 23.89
CA GLY A 422 12.02 -8.94 24.63
C GLY A 422 11.36 -7.59 24.87
N LEU A 423 12.19 -6.63 25.24
CA LEU A 423 11.70 -5.29 25.51
C LEU A 423 11.32 -4.61 24.20
N VAL A 424 10.21 -3.87 24.22
CA VAL A 424 9.67 -3.31 22.99
C VAL A 424 9.70 -1.79 22.96
N GLY A 425 10.28 -1.14 23.96
CA GLY A 425 10.44 0.30 23.93
C GLY A 425 9.30 1.12 24.49
N GLU A 426 8.98 2.22 23.79
CA GLU A 426 8.07 3.24 24.30
C GLU A 426 6.66 2.72 24.59
N ASP A 427 6.27 1.60 23.97
CA ASP A 427 4.98 1.00 24.34
C ASP A 427 5.00 0.46 25.77
N GLY A 428 6.16 0.23 26.36
CA GLY A 428 6.27 -0.05 27.77
C GLY A 428 5.81 -1.43 28.17
N PRO A 429 5.62 -1.65 29.48
CA PRO A 429 5.47 -3.03 30.02
C PRO A 429 4.22 -3.77 29.56
N THR A 430 3.17 -3.10 29.07
CA THR A 430 1.97 -3.85 28.70
C THR A 430 2.17 -4.69 27.45
N HIS A 431 3.23 -4.43 26.68
CA HIS A 431 3.51 -5.11 25.42
C HIS A 431 4.85 -5.82 25.42
N ALA A 432 5.58 -5.81 26.53
CA ALA A 432 6.90 -6.42 26.58
C ALA A 432 6.78 -7.92 26.28
N GLY A 433 7.67 -8.44 25.44
CA GLY A 433 7.69 -9.88 25.26
C GLY A 433 8.61 -10.57 26.26
N SER A 434 8.29 -10.47 27.55
CA SER A 434 9.26 -10.85 28.59
C SER A 434 9.24 -12.33 28.95
N PHE A 435 8.19 -13.05 28.62
CA PHE A 435 7.96 -14.33 29.27
C PHE A 435 7.90 -15.56 28.36
N ASP A 436 7.95 -15.40 27.02
CA ASP A 436 7.56 -16.51 26.16
C ASP A 436 8.50 -17.71 26.30
N ILE A 437 9.79 -17.48 26.55
CA ILE A 437 10.68 -18.60 26.79
C ILE A 437 10.24 -19.34 28.04
N SER A 438 9.89 -18.60 29.09
CA SER A 438 9.45 -19.21 30.34
C SER A 438 8.16 -19.99 30.16
N TYR A 439 7.17 -19.41 29.50
CA TYR A 439 5.90 -20.13 29.53
C TYR A 439 5.81 -21.22 28.47
N LEU A 440 6.75 -21.30 27.53
CA LEU A 440 6.70 -22.32 26.47
C LEU A 440 7.64 -23.50 26.72
N ARG A 441 8.80 -23.26 27.31
CA ARG A 441 9.76 -24.34 27.50
C ARG A 441 9.29 -25.36 28.53
N CYS A 442 8.36 -24.98 29.40
CA CYS A 442 7.82 -25.94 30.34
C CYS A 442 6.78 -26.85 29.70
N ILE A 443 6.37 -26.58 28.47
CA ILE A 443 5.30 -27.31 27.81
C ILE A 443 5.91 -28.47 27.02
N PRO A 444 5.52 -29.72 27.28
CA PRO A 444 6.10 -30.86 26.55
C PRO A 444 5.84 -30.78 25.06
N GLY A 445 6.85 -31.16 24.27
CA GLY A 445 6.72 -31.24 22.84
C GLY A 445 7.04 -29.96 22.09
N MET A 446 7.32 -28.86 22.80
CA MET A 446 7.60 -27.59 22.17
C MET A 446 9.05 -27.55 21.72
N LEU A 447 9.27 -27.19 20.47
CA LEU A 447 10.61 -26.80 20.02
C LEU A 447 10.71 -25.29 20.16
N VAL A 448 11.69 -24.81 20.93
CA VAL A 448 11.77 -23.40 21.29
C VAL A 448 13.11 -22.84 20.85
N MET A 449 13.09 -21.82 19.99
CA MET A 449 14.29 -21.37 19.29
C MET A 449 14.47 -19.86 19.40
N THR A 450 15.74 -19.43 19.46
CA THR A 450 16.09 -18.03 19.68
C THR A 450 17.20 -17.56 18.74
N PRO A 451 16.86 -17.05 17.56
CA PRO A 451 17.89 -16.62 16.61
C PRO A 451 18.67 -15.40 17.10
N SER A 452 19.95 -15.37 16.73
CA SER A 452 20.88 -14.31 17.10
C SER A 452 21.00 -13.18 16.06
N ASP A 453 20.57 -13.39 14.81
CA ASP A 453 20.67 -12.36 13.78
C ASP A 453 19.72 -12.73 12.64
N GLU A 454 19.75 -11.95 11.56
CA GLU A 454 18.77 -12.13 10.48
C GLU A 454 18.92 -13.48 9.79
N ASP A 455 20.14 -13.89 9.51
CA ASP A 455 20.36 -15.18 8.86
C ASP A 455 20.00 -16.34 9.78
N GLU A 456 20.32 -16.22 11.07
CA GLU A 456 19.82 -17.19 12.05
C GLU A 456 18.30 -17.22 12.07
N LEU A 457 17.64 -16.05 12.00
CA LEU A 457 16.19 -16.04 12.00
C LEU A 457 15.65 -16.85 10.83
N ARG A 458 16.20 -16.60 9.64
CA ARG A 458 15.76 -17.35 8.45
C ARG A 458 15.97 -18.84 8.64
N LYS A 459 17.13 -19.22 9.17
CA LYS A 459 17.47 -20.64 9.26
C LYS A 459 16.59 -21.35 10.27
N LEU A 460 16.26 -20.66 11.38
CA LEU A 460 15.47 -21.29 12.44
C LEU A 460 13.98 -21.30 12.11
N LEU A 461 13.47 -20.31 11.39
CA LEU A 461 12.16 -20.46 10.79
C LEU A 461 12.08 -21.71 9.93
N THR A 462 13.10 -21.95 9.09
CA THR A 462 13.07 -23.12 8.21
C THR A 462 13.13 -24.40 9.05
N THR A 463 14.05 -24.45 10.01
CA THR A 463 14.13 -25.58 10.93
C THR A 463 12.80 -25.84 11.63
N GLY A 464 12.17 -24.80 12.18
CA GLY A 464 10.90 -25.00 12.87
C GLY A 464 9.79 -25.47 11.95
N TYR A 465 9.76 -24.93 10.72
CA TYR A 465 8.73 -25.31 9.76
C TYR A 465 8.89 -26.77 9.35
N LEU A 466 10.11 -27.15 8.97
CA LEU A 466 10.34 -28.52 8.49
C LEU A 466 10.19 -29.53 9.60
N PHE A 467 10.33 -29.11 10.85
CA PHE A 467 10.09 -29.99 11.98
C PHE A 467 8.61 -30.35 12.03
N ASP A 468 8.33 -31.61 12.29
CA ASP A 468 6.95 -32.10 12.31
C ASP A 468 6.46 -32.07 13.75
N GLY A 469 5.83 -30.96 14.13
CA GLY A 469 5.36 -30.77 15.47
C GLY A 469 5.38 -29.30 15.82
N PRO A 470 5.01 -28.97 17.06
CA PRO A 470 4.92 -27.57 17.45
C PRO A 470 6.30 -26.95 17.61
N ALA A 471 6.53 -25.84 16.92
CA ALA A 471 7.81 -25.14 16.97
C ALA A 471 7.59 -23.66 17.19
N ALA A 472 8.56 -23.01 17.82
CA ALA A 472 8.46 -21.59 18.13
C ALA A 472 9.79 -20.91 17.86
N VAL A 473 9.75 -19.79 17.14
CA VAL A 473 10.94 -19.00 16.85
C VAL A 473 10.67 -17.57 17.31
N ARG A 474 11.47 -17.07 18.27
CA ARG A 474 11.23 -15.75 18.86
C ARG A 474 12.28 -14.73 18.40
N TYR A 475 11.85 -13.47 18.23
CA TYR A 475 12.75 -12.43 17.71
C TYR A 475 12.23 -11.05 18.09
N PRO A 476 13.13 -10.07 18.26
CA PRO A 476 12.72 -8.76 18.77
C PRO A 476 12.16 -7.87 17.66
N ARG A 477 11.47 -6.83 18.10
CA ARG A 477 11.15 -5.75 17.17
C ARG A 477 12.42 -5.00 16.78
N GLY A 478 12.35 -4.30 15.67
CA GLY A 478 13.49 -3.53 15.20
C GLY A 478 14.37 -4.33 14.27
N SER A 479 15.59 -3.83 14.10
CA SER A 479 16.60 -4.39 13.21
C SER A 479 17.73 -5.04 14.00
N GLY A 480 18.52 -5.86 13.29
CA GLY A 480 19.59 -6.60 13.89
C GLY A 480 20.95 -6.02 13.55
N PRO A 481 21.99 -6.85 13.66
CA PRO A 481 23.36 -6.38 13.37
C PRO A 481 23.69 -6.29 11.89
N ASN A 482 22.77 -6.66 11.00
CA ASN A 482 22.88 -6.47 9.54
C ASN A 482 23.93 -7.37 8.92
N HIS A 483 23.85 -8.68 9.23
CA HIS A 483 24.75 -9.70 8.69
C HIS A 483 24.19 -10.30 7.41
N PRO A 484 25.04 -10.87 6.56
CA PRO A 484 24.56 -11.47 5.32
C PRO A 484 23.52 -12.54 5.59
N ILE A 485 22.52 -12.60 4.73
CA ILE A 485 21.43 -13.56 4.83
C ILE A 485 21.60 -14.52 3.67
N ASP A 486 21.75 -15.80 3.99
CA ASP A 486 21.78 -16.86 3.01
C ASP A 486 20.45 -16.91 2.28
N PRO A 487 20.41 -16.68 0.97
CA PRO A 487 19.14 -16.76 0.24
C PRO A 487 18.56 -18.16 0.22
N ASP A 488 19.35 -19.21 0.45
CA ASP A 488 18.80 -20.55 0.45
C ASP A 488 17.76 -20.71 1.56
N LEU A 489 17.05 -21.83 1.51
CA LEU A 489 16.07 -22.26 2.50
C LEU A 489 16.54 -23.61 3.03
N GLN A 490 17.50 -23.58 3.94
CA GLN A 490 18.03 -24.78 4.56
C GLN A 490 17.87 -24.70 6.06
N PRO A 491 17.52 -25.81 6.71
CA PRO A 491 17.44 -25.85 8.18
C PRO A 491 18.79 -26.16 8.79
N VAL A 492 18.85 -26.06 10.12
CA VAL A 492 20.02 -26.50 10.87
C VAL A 492 19.64 -27.67 11.78
N GLU A 493 20.66 -28.35 12.29
CA GLU A 493 20.43 -29.49 13.17
C GLU A 493 19.80 -29.03 14.48
N ILE A 494 18.70 -29.68 14.86
CA ILE A 494 17.95 -29.32 16.06
C ILE A 494 18.77 -29.63 17.31
N GLY A 495 18.74 -28.73 18.29
CA GLY A 495 19.37 -29.00 19.56
C GLY A 495 20.87 -28.80 19.61
N LYS A 496 21.43 -28.10 18.62
CA LYS A 496 22.87 -27.91 18.55
C LYS A 496 23.20 -26.43 18.47
N GLY A 497 24.09 -25.99 19.37
CA GLY A 497 24.58 -24.63 19.33
C GLY A 497 25.80 -24.49 18.43
N VAL A 498 26.25 -23.25 18.27
CA VAL A 498 27.38 -22.97 17.40
C VAL A 498 28.41 -22.20 18.22
N VAL A 499 29.61 -22.75 18.33
CA VAL A 499 30.70 -22.05 18.99
C VAL A 499 31.11 -20.88 18.09
N ARG A 500 30.89 -19.66 18.55
CA ARG A 500 31.29 -18.51 17.77
C ARG A 500 32.60 -17.89 18.24
N ARG A 501 33.16 -18.36 19.36
CA ARG A 501 34.45 -17.90 19.82
C ARG A 501 35.00 -18.91 20.83
N ARG A 502 36.29 -19.21 20.71
CA ARG A 502 36.99 -20.07 21.66
C ARG A 502 37.89 -19.19 22.51
N GLY A 503 37.58 -19.13 23.79
CA GLY A 503 38.38 -18.36 24.74
C GLY A 503 38.76 -19.28 25.87
N GLY A 504 38.81 -18.72 27.08
CA GLY A 504 39.04 -19.49 28.27
C GLY A 504 38.41 -18.83 29.48
N ARG A 505 38.35 -19.61 30.56
CA ARG A 505 37.91 -19.15 31.89
C ARG A 505 36.40 -18.91 31.96
N VAL A 506 35.86 -18.11 31.05
CA VAL A 506 34.43 -17.78 31.03
C VAL A 506 33.82 -18.28 29.73
N ALA A 507 32.62 -18.84 29.81
CA ALA A 507 31.84 -19.18 28.61
C ALA A 507 30.49 -18.46 28.64
N LEU A 508 30.20 -17.70 27.58
CA LEU A 508 28.91 -17.03 27.43
C LEU A 508 27.97 -17.90 26.61
N LEU A 509 26.87 -18.35 27.21
CA LEU A 509 25.87 -19.17 26.52
C LEU A 509 24.70 -18.24 26.16
N VAL A 510 24.66 -17.80 24.89
CA VAL A 510 23.76 -16.74 24.45
C VAL A 510 22.57 -17.37 23.71
N PHE A 511 21.37 -16.98 24.14
CA PHE A 511 20.09 -17.38 23.55
C PHE A 511 19.50 -16.11 22.94
N GLY A 512 19.78 -15.89 21.66
CA GLY A 512 19.20 -14.76 20.95
C GLY A 512 20.09 -13.56 20.64
N VAL A 513 19.48 -12.37 20.57
CA VAL A 513 20.09 -11.24 19.86
C VAL A 513 21.12 -10.47 20.67
N GLN A 514 21.38 -10.85 21.92
CA GLN A 514 22.51 -10.24 22.62
C GLN A 514 23.86 -10.82 22.19
N LEU A 515 23.89 -11.70 21.18
CA LEU A 515 25.15 -12.34 20.79
C LEU A 515 26.21 -11.32 20.46
N ALA A 516 25.84 -10.30 19.67
CA ALA A 516 26.80 -9.28 19.26
C ALA A 516 27.39 -8.58 20.48
N GLU A 517 26.54 -8.18 21.44
CA GLU A 517 27.09 -7.55 22.64
C GLU A 517 27.98 -8.51 23.39
N ALA A 518 27.58 -9.79 23.45
CA ALA A 518 28.38 -10.78 24.17
C ALA A 518 29.72 -10.99 23.47
N MET A 519 29.74 -10.91 22.13
CA MET A 519 30.99 -11.10 21.42
C MET A 519 31.96 -9.97 21.73
N LYS A 520 31.44 -8.78 22.01
CA LYS A 520 32.31 -7.66 22.39
C LYS A 520 32.94 -7.90 23.77
N VAL A 521 32.12 -8.33 24.75
CA VAL A 521 32.65 -8.66 26.07
C VAL A 521 33.64 -9.83 25.99
N ALA A 522 33.35 -10.81 25.14
CA ALA A 522 34.20 -12.00 25.02
C ALA A 522 35.57 -11.67 24.47
N GLU A 523 35.63 -10.79 23.46
CA GLU A 523 36.92 -10.37 22.94
C GLU A 523 37.70 -9.56 23.97
N SER A 524 37.01 -8.78 24.78
CA SER A 524 37.70 -8.01 25.82
C SER A 524 38.26 -8.94 26.89
N LEU A 525 37.48 -9.94 27.31
CA LEU A 525 37.85 -10.88 28.36
C LEU A 525 38.57 -12.12 27.85
N ASP A 526 38.65 -12.33 26.54
CA ASP A 526 39.15 -13.57 25.94
C ASP A 526 38.34 -14.77 26.43
N ALA A 527 37.03 -14.66 26.21
CA ALA A 527 36.07 -15.65 26.68
C ALA A 527 35.59 -16.50 25.51
N THR A 528 34.96 -17.61 25.86
CA THR A 528 34.27 -18.46 24.92
C THR A 528 32.83 -17.99 24.76
N VAL A 529 32.32 -18.03 23.54
CA VAL A 529 30.96 -17.61 23.24
C VAL A 529 30.25 -18.72 22.49
N VAL A 530 29.05 -19.06 22.94
CA VAL A 530 28.21 -20.01 22.23
C VAL A 530 26.93 -19.30 21.77
N ASP A 531 26.53 -19.58 20.53
CA ASP A 531 25.23 -19.15 19.99
C ASP A 531 24.31 -20.36 20.16
N MET A 532 23.45 -20.31 21.19
CA MET A 532 22.79 -21.54 21.62
C MET A 532 21.72 -22.03 20.64
N ARG A 533 21.02 -21.10 19.97
CA ARG A 533 20.01 -21.42 18.97
C ARG A 533 18.76 -22.09 19.56
N PHE A 534 18.94 -23.06 20.47
CA PHE A 534 17.82 -23.88 20.92
C PHE A 534 17.71 -23.81 22.44
N VAL A 535 16.53 -23.43 22.94
CA VAL A 535 16.26 -23.54 24.37
C VAL A 535 15.81 -24.95 24.73
N LYS A 536 14.82 -25.50 24.02
CA LYS A 536 14.10 -26.56 24.72
C LYS A 536 14.68 -27.94 24.47
N PRO A 537 14.90 -28.34 23.22
CA PRO A 537 15.88 -29.40 23.01
C PRO A 537 17.22 -28.71 23.16
N LEU A 538 17.69 -28.61 24.40
CA LEU A 538 18.93 -27.90 24.70
C LEU A 538 20.16 -28.71 24.32
N ASP A 539 21.23 -28.02 23.91
CA ASP A 539 22.47 -28.72 23.57
C ASP A 539 23.16 -29.21 24.83
N GLU A 540 22.81 -30.41 25.27
CA GLU A 540 23.26 -30.83 26.59
C GLU A 540 24.74 -31.14 26.58
N ALA A 541 25.22 -31.76 25.48
CA ALA A 541 26.61 -32.17 25.37
C ALA A 541 27.57 -30.99 25.39
N LEU A 542 27.19 -29.88 24.72
CA LEU A 542 28.05 -28.69 24.69
C LEU A 542 28.10 -28.01 26.04
N VAL A 543 26.95 -27.87 26.69
CA VAL A 543 26.93 -27.29 28.03
C VAL A 543 27.82 -28.10 28.94
N ARG A 544 27.73 -29.43 28.85
CA ARG A 544 28.50 -30.27 29.77
C ARG A 544 29.98 -30.11 29.50
N GLU A 545 30.37 -30.05 28.22
CA GLU A 545 31.77 -29.83 27.86
C GLU A 545 32.29 -28.51 28.40
N LEU A 546 31.52 -27.44 28.23
CA LEU A 546 31.96 -26.13 28.72
C LEU A 546 31.98 -26.08 30.24
N ALA A 547 31.10 -26.85 30.90
CA ALA A 547 31.07 -26.84 32.36
C ALA A 547 32.34 -27.45 32.95
N GLY A 548 32.94 -28.44 32.27
CA GLY A 548 34.18 -28.99 32.77
C GLY A 548 35.39 -28.16 32.39
N SER A 549 35.29 -27.41 31.28
CA SER A 549 36.38 -26.64 30.70
C SER A 549 36.52 -25.24 31.26
N HIS A 550 35.45 -24.64 31.75
CA HIS A 550 35.49 -23.25 32.15
C HIS A 550 35.16 -23.11 33.62
N GLU A 551 35.52 -21.95 34.18
CA GLU A 551 35.30 -21.67 35.59
C GLU A 551 33.93 -21.03 35.85
N LEU A 552 33.28 -20.54 34.82
CA LEU A 552 32.03 -19.80 34.98
C LEU A 552 31.27 -19.87 33.67
N LEU A 553 30.03 -20.36 33.72
CA LEU A 553 29.10 -20.24 32.62
C LEU A 553 28.20 -19.03 32.86
N VAL A 554 27.96 -18.27 31.80
CA VAL A 554 27.08 -17.10 31.82
C VAL A 554 25.98 -17.32 30.79
N THR A 555 24.71 -17.24 31.22
CA THR A 555 23.59 -17.34 30.29
C THR A 555 23.01 -15.95 30.03
N ILE A 556 22.69 -15.68 28.77
CA ILE A 556 22.20 -14.38 28.34
C ILE A 556 20.99 -14.61 27.43
N GLU A 557 19.88 -13.93 27.74
CA GLU A 557 18.62 -14.09 27.03
C GLU A 557 17.78 -12.85 27.27
N GLU A 558 16.94 -12.49 26.30
CA GLU A 558 16.05 -11.33 26.44
C GLU A 558 14.64 -11.77 26.85
N ASN A 559 14.59 -12.35 28.04
CA ASN A 559 13.43 -13.01 28.63
C ASN A 559 13.66 -12.99 30.12
N ALA A 560 12.60 -13.14 30.90
CA ALA A 560 12.75 -13.19 32.36
C ALA A 560 13.78 -14.22 32.76
N VAL A 561 14.67 -13.86 33.70
CA VAL A 561 15.57 -14.87 34.27
C VAL A 561 14.75 -15.98 34.94
N MET A 562 13.70 -15.61 35.66
CA MET A 562 12.89 -16.60 36.31
C MET A 562 12.24 -17.52 35.28
N GLY A 563 12.60 -18.80 35.30
CA GLY A 563 12.08 -19.76 34.34
C GLY A 563 12.70 -19.74 32.95
N GLY A 564 13.69 -18.88 32.71
CA GLY A 564 14.16 -18.62 31.36
C GLY A 564 15.09 -19.69 30.81
N ALA A 565 15.69 -19.38 29.66
CA ALA A 565 16.66 -20.29 29.06
C ALA A 565 17.82 -20.58 30.01
N GLY A 566 18.28 -19.57 30.73
CA GLY A 566 19.35 -19.82 31.69
C GLY A 566 18.98 -20.88 32.71
N SER A 567 17.71 -20.92 33.12
CA SER A 567 17.33 -21.92 34.10
C SER A 567 17.21 -23.29 33.46
N ALA A 568 16.98 -23.35 32.14
CA ALA A 568 17.08 -24.62 31.46
C ALA A 568 18.51 -25.15 31.55
N VAL A 569 19.49 -24.28 31.36
CA VAL A 569 20.88 -24.67 31.58
C VAL A 569 21.07 -25.13 33.04
N GLY A 570 20.57 -24.35 33.99
CA GLY A 570 20.71 -24.72 35.40
C GLY A 570 20.03 -26.03 35.73
N GLU A 571 18.81 -26.24 35.22
CA GLU A 571 18.18 -27.55 35.43
C GLU A 571 19.11 -28.67 34.95
N PHE A 572 19.73 -28.48 33.79
CA PHE A 572 20.58 -29.53 33.25
C PHE A 572 21.82 -29.75 34.11
N LEU A 573 22.47 -28.67 34.56
CA LEU A 573 23.65 -28.84 35.40
C LEU A 573 23.30 -29.58 36.67
N ALA A 574 22.16 -29.24 37.29
CA ALA A 574 21.79 -29.83 38.56
C ALA A 574 21.50 -31.32 38.42
N SER A 575 20.80 -31.71 37.33
CA SER A 575 20.39 -33.10 37.17
C SER A 575 21.59 -34.01 36.92
N GLU A 576 22.66 -33.49 36.34
CA GLU A 576 23.87 -34.27 36.16
C GLU A 576 24.90 -33.97 37.25
N GLY A 577 24.51 -33.17 38.25
CA GLY A 577 25.40 -32.91 39.36
C GLY A 577 26.66 -32.18 38.94
N LEU A 578 26.63 -31.46 37.83
CA LEU A 578 27.74 -30.60 37.47
C LEU A 578 27.70 -29.37 38.37
N GLU A 579 28.79 -29.10 39.07
CA GLU A 579 28.86 -27.99 40.02
C GLU A 579 29.84 -26.96 39.45
N VAL A 580 29.35 -26.16 38.53
CA VAL A 580 30.11 -25.07 37.95
C VAL A 580 29.37 -23.78 38.30
N PRO A 581 30.06 -22.71 38.66
CA PRO A 581 29.37 -21.43 38.87
C PRO A 581 28.57 -21.04 37.64
N LEU A 582 27.35 -20.56 37.87
CA LEU A 582 26.43 -20.20 36.80
C LEU A 582 25.86 -18.83 37.09
N LEU A 583 26.10 -17.89 36.17
CA LEU A 583 25.56 -16.53 36.27
C LEU A 583 24.53 -16.34 35.18
N GLN A 584 23.28 -16.04 35.57
CA GLN A 584 22.15 -15.93 34.65
C GLN A 584 21.85 -14.46 34.41
N LEU A 585 22.08 -13.98 33.19
CA LEU A 585 21.71 -12.63 32.77
C LEU A 585 20.43 -12.68 31.94
N GLY A 586 19.52 -11.77 32.23
CA GLY A 586 18.25 -11.71 31.54
C GLY A 586 17.43 -10.53 32.03
N LEU A 587 16.12 -10.63 31.97
CA LEU A 587 15.22 -9.56 32.39
C LEU A 587 14.87 -9.72 33.86
N PRO A 588 14.81 -8.61 34.58
CA PRO A 588 14.62 -8.66 36.03
C PRO A 588 13.16 -8.94 36.39
N ASP A 589 12.93 -9.21 37.68
CA ASP A 589 11.57 -9.56 38.13
C ASP A 589 10.75 -8.34 38.50
N TYR A 590 10.66 -7.36 37.60
CA TYR A 590 9.71 -6.25 37.74
C TYR A 590 9.38 -5.74 36.34
N TYR A 591 8.48 -4.74 36.27
CA TYR A 591 8.04 -4.23 34.98
C TYR A 591 8.91 -3.06 34.56
N VAL A 592 9.64 -3.21 33.45
CA VAL A 592 10.60 -2.20 33.03
C VAL A 592 9.84 -1.00 32.47
N GLU A 593 10.10 0.18 33.02
CA GLU A 593 9.38 1.38 32.62
C GLU A 593 9.79 1.79 31.21
N HIS A 594 8.84 2.39 30.49
CA HIS A 594 9.04 2.72 29.08
C HIS A 594 10.21 3.68 28.88
N ALA A 595 10.98 3.43 27.83
CA ALA A 595 12.12 4.25 27.44
C ALA A 595 12.48 3.88 26.00
N LYS A 596 13.57 4.40 25.50
CA LYS A 596 14.11 3.84 24.28
C LYS A 596 14.57 2.41 24.53
N PRO A 597 14.43 1.51 23.54
CA PRO A 597 14.92 0.14 23.72
C PRO A 597 16.35 0.10 24.25
N SER A 598 17.26 0.86 23.64
CA SER A 598 18.62 0.90 24.16
C SER A 598 18.64 1.26 25.66
N GLU A 599 17.80 2.21 26.08
CA GLU A 599 17.79 2.60 27.49
C GLU A 599 17.24 1.48 28.37
N MET A 600 16.24 0.74 27.89
CA MET A 600 15.68 -0.34 28.69
C MET A 600 16.66 -1.49 28.81
N LEU A 601 17.32 -1.84 27.70
CA LEU A 601 18.31 -2.92 27.68
C LEU A 601 19.50 -2.61 28.58
N ALA A 602 19.90 -1.34 28.64
CA ALA A 602 21.00 -0.97 29.53
C ALA A 602 20.55 -1.00 30.99
N GLU A 603 19.30 -0.64 31.26
CA GLU A 603 18.83 -0.73 32.63
C GLU A 603 18.88 -2.16 33.13
N CYS A 604 18.54 -3.12 32.27
CA CYS A 604 18.53 -4.52 32.60
C CYS A 604 19.91 -5.18 32.52
N GLY A 605 20.97 -4.42 32.27
CA GLY A 605 22.29 -5.01 32.19
C GLY A 605 22.61 -5.83 30.95
N LEU A 606 21.86 -5.64 29.85
CA LEU A 606 21.93 -6.51 28.67
C LEU A 606 22.63 -5.86 27.47
N ASP A 607 23.35 -4.76 27.66
CA ASP A 607 24.30 -4.29 26.66
C ASP A 607 25.70 -4.79 27.02
N ALA A 608 26.68 -4.47 26.16
CA ALA A 608 28.04 -4.98 26.38
C ALA A 608 28.58 -4.57 27.74
N ALA A 609 28.31 -3.32 28.17
CA ALA A 609 28.88 -2.83 29.42
C ALA A 609 28.25 -3.52 30.63
N GLY A 610 26.94 -3.73 30.61
CA GLY A 610 26.29 -4.38 31.73
C GLY A 610 26.69 -5.84 31.86
N ILE A 611 26.76 -6.54 30.72
CA ILE A 611 27.26 -7.91 30.72
C ILE A 611 28.65 -7.97 31.33
N GLU A 612 29.57 -7.17 30.79
CA GLU A 612 30.95 -7.23 31.26
C GLU A 612 31.02 -6.96 32.76
N LYS A 613 30.30 -5.94 33.22
CA LYS A 613 30.28 -5.62 34.64
C LYS A 613 29.83 -6.81 35.48
N ALA A 614 28.73 -7.47 35.07
CA ALA A 614 28.21 -8.59 35.85
C ALA A 614 29.20 -9.74 35.87
N VAL A 615 29.74 -10.09 34.71
CA VAL A 615 30.71 -11.18 34.62
C VAL A 615 31.93 -10.86 35.48
N ARG A 616 32.63 -9.78 35.15
CA ARG A 616 33.84 -9.44 35.89
C ARG A 616 33.56 -9.35 37.38
N GLN A 617 32.36 -8.91 37.76
CA GLN A 617 32.03 -8.81 39.19
C GLN A 617 31.86 -10.18 39.82
N ARG A 618 31.31 -11.16 39.10
CA ARG A 618 31.24 -12.51 39.64
C ARG A 618 32.63 -13.15 39.77
N LEU A 619 33.55 -12.84 38.85
CA LEU A 619 34.85 -13.51 38.81
C LEU A 619 35.74 -13.19 40.03
N HIS B 34 -39.76 47.74 -1.02
CA HIS B 34 -39.72 46.50 -0.24
C HIS B 34 -40.77 45.49 -0.70
N GLU B 35 -41.76 45.93 -1.46
CA GLU B 35 -42.72 45.02 -2.03
C GLU B 35 -42.83 45.26 -3.52
N ILE B 36 -43.07 44.20 -4.27
CA ILE B 36 -43.16 44.31 -5.73
C ILE B 36 -44.54 44.91 -6.08
N PRO B 37 -44.59 45.97 -6.89
CA PRO B 37 -45.90 46.51 -7.33
C PRO B 37 -46.72 45.45 -8.05
N ARG B 38 -47.93 45.20 -7.54
CA ARG B 38 -48.84 44.26 -8.17
C ARG B 38 -49.65 44.88 -9.30
N GLU B 39 -49.61 46.20 -9.46
CA GLU B 39 -50.32 46.88 -10.54
C GLU B 39 -49.42 47.91 -11.19
N ARG B 40 -49.66 48.15 -12.48
CA ARG B 40 -48.83 49.00 -13.31
C ARG B 40 -48.61 50.34 -12.63
N PRO B 41 -47.37 50.75 -12.41
CA PRO B 41 -47.10 52.06 -11.82
C PRO B 41 -47.17 53.20 -12.82
N ALA B 42 -47.39 54.38 -12.29
CA ALA B 42 -47.36 55.59 -13.08
C ALA B 42 -45.92 55.92 -13.42
N THR B 43 -45.56 55.75 -14.68
CA THR B 43 -44.22 56.05 -15.19
C THR B 43 -44.31 57.07 -16.34
N PRO B 44 -44.81 58.27 -16.07
CA PRO B 44 -45.01 59.24 -17.16
C PRO B 44 -43.74 59.58 -17.91
N LEU B 45 -42.59 59.66 -17.22
CA LEU B 45 -41.34 59.94 -17.90
C LEU B 45 -40.90 58.75 -18.73
N LEU B 46 -40.93 57.55 -18.14
CA LEU B 46 -40.52 56.35 -18.87
C LEU B 46 -41.32 56.18 -20.17
N ASP B 47 -42.64 56.40 -20.11
CA ASP B 47 -43.47 56.26 -21.32
C ASP B 47 -43.04 57.22 -22.42
N ARG B 48 -42.36 58.31 -22.08
CA ARG B 48 -41.79 59.23 -23.06
C ARG B 48 -40.42 58.81 -23.54
N ALA B 49 -39.92 57.68 -23.07
CA ALA B 49 -38.60 57.17 -23.39
C ALA B 49 -38.70 55.77 -23.95
N SER B 50 -39.58 55.58 -24.94
CA SER B 50 -39.83 54.25 -25.47
C SER B 50 -38.69 53.72 -26.32
N SER B 51 -37.68 54.54 -26.60
CA SER B 51 -36.60 54.16 -27.48
C SER B 51 -35.44 55.09 -27.22
N PRO B 52 -34.23 54.72 -27.61
CA PRO B 52 -33.08 55.57 -27.26
C PRO B 52 -33.14 56.96 -27.87
N ALA B 53 -33.67 57.12 -29.09
CA ALA B 53 -33.79 58.47 -29.65
C ALA B 53 -34.71 59.35 -28.79
N GLU B 54 -35.83 58.80 -28.31
CA GLU B 54 -36.69 59.57 -27.40
C GLU B 54 -36.00 59.83 -26.07
N LEU B 55 -35.27 58.84 -25.54
CA LEU B 55 -34.59 59.06 -24.25
C LEU B 55 -33.62 60.23 -24.33
N ARG B 56 -32.90 60.34 -25.44
CA ARG B 56 -31.92 61.40 -25.62
C ARG B 56 -32.57 62.77 -25.86
N ARG B 57 -33.89 62.88 -25.89
CA ARG B 57 -34.53 64.18 -25.89
C ARG B 57 -34.95 64.62 -24.50
N LEU B 58 -34.81 63.77 -23.49
CA LEU B 58 -35.00 64.23 -22.12
C LEU B 58 -33.76 65.00 -21.66
N GLY B 59 -33.95 65.79 -20.60
CA GLY B 59 -32.84 66.50 -20.01
C GLY B 59 -32.19 65.71 -18.90
N GLU B 60 -30.92 66.03 -18.63
CA GLU B 60 -30.22 65.33 -17.56
C GLU B 60 -30.95 65.47 -16.23
N ALA B 61 -31.66 66.58 -16.02
CA ALA B 61 -32.38 66.77 -14.76
C ALA B 61 -33.50 65.76 -14.57
N ASP B 62 -34.03 65.19 -15.66
CA ASP B 62 -35.08 64.19 -15.56
C ASP B 62 -34.55 62.77 -15.34
N LEU B 63 -33.27 62.52 -15.57
CA LEU B 63 -32.81 61.12 -15.71
C LEU B 63 -32.99 60.34 -14.42
N GLU B 64 -32.68 60.96 -13.27
CA GLU B 64 -32.84 60.28 -11.98
C GLU B 64 -34.28 59.89 -11.74
N THR B 65 -35.22 60.72 -12.20
CA THR B 65 -36.64 60.40 -12.06
C THR B 65 -37.00 59.24 -12.96
N LEU B 66 -36.43 59.21 -14.17
CA LEU B 66 -36.60 58.07 -15.06
C LEU B 66 -36.08 56.79 -14.42
N ALA B 67 -34.88 56.86 -13.83
CA ALA B 67 -34.33 55.71 -13.11
C ALA B 67 -35.35 55.13 -12.14
N ASP B 68 -35.87 55.97 -11.22
CA ASP B 68 -36.85 55.47 -10.26
C ASP B 68 -38.06 54.88 -10.97
N GLU B 69 -38.48 55.48 -12.07
CA GLU B 69 -39.62 54.98 -12.83
C GLU B 69 -39.28 53.66 -13.49
N LEU B 70 -38.08 53.53 -14.05
CA LEU B 70 -37.67 52.27 -14.64
C LEU B 70 -37.60 51.17 -13.59
N ARG B 71 -37.01 51.47 -12.44
CA ARG B 71 -36.87 50.46 -11.40
C ARG B 71 -38.24 49.94 -10.96
N GLN B 72 -39.23 50.85 -10.87
CA GLN B 72 -40.59 50.45 -10.53
C GLN B 72 -41.18 49.56 -11.62
N TYR B 73 -41.02 49.95 -12.88
CA TYR B 73 -41.56 49.12 -13.96
C TYR B 73 -40.87 47.76 -14.01
N LEU B 74 -39.53 47.76 -13.89
CA LEU B 74 -38.79 46.50 -13.85
C LEU B 74 -39.40 45.55 -12.83
N LEU B 75 -39.47 46.01 -11.57
CA LEU B 75 -40.05 45.23 -10.47
C LEU B 75 -41.47 44.78 -10.80
N TYR B 76 -42.32 45.71 -11.23
CA TYR B 76 -43.68 45.32 -11.58
C TYR B 76 -43.69 44.19 -12.60
N THR B 77 -42.99 44.38 -13.73
CA THR B 77 -43.16 43.46 -14.84
C THR B 77 -42.48 42.12 -14.58
N VAL B 78 -41.31 42.12 -13.95
CA VAL B 78 -40.71 40.83 -13.64
C VAL B 78 -41.54 40.09 -12.61
N GLY B 79 -42.23 40.83 -11.73
CA GLY B 79 -43.16 40.17 -10.82
C GLY B 79 -44.29 39.46 -11.55
N GLN B 80 -44.65 39.92 -12.75
CA GLN B 80 -45.71 39.29 -13.51
C GLN B 80 -45.25 38.03 -14.24
N THR B 81 -44.00 38.02 -14.73
CA THR B 81 -43.57 36.92 -15.58
C THR B 81 -42.59 35.96 -14.94
N GLY B 82 -41.84 36.42 -13.93
CA GLY B 82 -40.65 35.73 -13.51
C GLY B 82 -39.47 36.12 -14.38
N GLY B 83 -38.29 35.74 -13.94
CA GLY B 83 -37.10 35.95 -14.73
C GLY B 83 -35.97 36.44 -13.87
N HIS B 84 -34.93 36.95 -14.52
CA HIS B 84 -33.77 37.42 -13.81
C HIS B 84 -34.08 38.77 -13.21
N PHE B 85 -33.60 39.01 -11.98
CA PHE B 85 -34.07 40.10 -11.13
C PHE B 85 -32.89 40.96 -10.71
N GLY B 86 -32.08 40.46 -9.76
CA GLY B 86 -31.06 41.28 -9.13
C GLY B 86 -30.13 41.99 -10.11
N ALA B 87 -29.69 41.29 -11.15
CA ALA B 87 -28.62 41.87 -11.98
C ALA B 87 -29.12 43.07 -12.77
N GLY B 88 -30.38 43.07 -13.20
CA GLY B 88 -30.91 44.21 -13.95
C GLY B 88 -31.16 45.42 -13.07
N LEU B 89 -31.63 45.18 -11.84
CA LEU B 89 -31.77 46.27 -10.88
C LEU B 89 -30.46 47.03 -10.74
N GLY B 90 -29.33 46.32 -10.72
CA GLY B 90 -28.00 46.90 -10.59
C GLY B 90 -27.53 47.71 -11.78
N VAL B 91 -28.14 47.56 -12.96
CA VAL B 91 -27.70 48.31 -14.13
C VAL B 91 -28.76 49.31 -14.60
N VAL B 92 -29.73 49.66 -13.74
CA VAL B 92 -30.77 50.60 -14.16
C VAL B 92 -30.15 51.94 -14.57
N GLU B 93 -29.29 52.50 -13.72
CA GLU B 93 -28.65 53.78 -14.03
C GLU B 93 -27.62 53.66 -15.15
N LEU B 94 -26.78 52.62 -15.09
CA LEU B 94 -25.82 52.38 -16.17
C LEU B 94 -26.51 52.26 -17.53
N THR B 95 -27.67 51.59 -17.60
CA THR B 95 -28.34 51.42 -18.89
C THR B 95 -28.83 52.77 -19.43
N ILE B 96 -29.49 53.54 -18.56
CA ILE B 96 -29.97 54.87 -18.95
C ILE B 96 -28.83 55.71 -19.50
N ALA B 97 -27.71 55.74 -18.77
CA ALA B 97 -26.56 56.55 -19.18
C ALA B 97 -26.01 56.08 -20.51
N LEU B 98 -25.93 54.77 -20.72
CA LEU B 98 -25.37 54.26 -21.98
C LEU B 98 -26.22 54.71 -23.17
N HIS B 99 -27.52 54.42 -23.14
CA HIS B 99 -28.38 54.81 -24.25
C HIS B 99 -28.50 56.32 -24.35
N TYR B 100 -28.33 57.04 -23.24
CA TYR B 100 -28.42 58.49 -23.28
C TYR B 100 -27.18 59.11 -23.90
N VAL B 101 -25.99 58.63 -23.52
CA VAL B 101 -24.76 59.19 -24.08
C VAL B 101 -24.45 58.65 -25.46
N PHE B 102 -24.78 57.40 -25.75
CA PHE B 102 -24.34 56.74 -26.97
C PHE B 102 -25.44 56.76 -28.03
N ASP B 103 -25.01 56.86 -29.29
CA ASP B 103 -25.95 56.96 -30.42
C ASP B 103 -26.43 55.57 -30.87
N THR B 104 -27.13 54.89 -29.95
CA THR B 104 -27.71 53.58 -30.24
C THR B 104 -28.94 53.75 -31.12
N PRO B 105 -29.20 52.85 -32.09
CA PRO B 105 -28.48 51.61 -32.44
C PRO B 105 -27.25 51.71 -33.35
N ASP B 106 -26.85 52.86 -33.91
CA ASP B 106 -25.66 52.87 -34.75
C ASP B 106 -24.42 52.52 -33.93
N ASP B 107 -24.24 53.22 -32.81
CA ASP B 107 -23.23 52.79 -31.84
C ASP B 107 -23.61 51.42 -31.30
N ARG B 108 -22.62 50.51 -31.27
CA ARG B 108 -22.83 49.10 -30.95
C ARG B 108 -22.61 48.84 -29.45
N LEU B 109 -23.66 48.38 -28.76
CA LEU B 109 -23.59 48.08 -27.34
C LEU B 109 -23.79 46.58 -27.16
N VAL B 110 -22.91 45.94 -26.40
CA VAL B 110 -22.94 44.49 -26.21
C VAL B 110 -23.07 44.19 -24.72
N TRP B 111 -24.14 43.50 -24.35
CA TRP B 111 -24.36 43.07 -22.98
C TRP B 111 -23.83 41.65 -22.78
N ASP B 112 -22.93 41.48 -21.80
CA ASP B 112 -22.39 40.16 -21.48
C ASP B 112 -23.42 39.34 -20.71
N VAL B 113 -23.56 38.07 -21.10
CA VAL B 113 -24.54 37.12 -20.55
C VAL B 113 -25.92 37.58 -20.93
N GLY B 114 -26.25 38.82 -20.57
CA GLY B 114 -27.52 39.41 -20.97
C GLY B 114 -28.65 39.22 -19.99
N HIS B 115 -28.42 38.51 -18.89
CA HIS B 115 -29.48 38.41 -17.90
C HIS B 115 -29.81 39.75 -17.26
N GLN B 116 -28.98 40.77 -17.49
CA GLN B 116 -29.11 42.08 -16.86
C GLN B 116 -29.67 43.12 -17.84
N ALA B 117 -30.21 42.69 -18.97
CA ALA B 117 -30.61 43.57 -20.04
C ALA B 117 -32.09 43.86 -20.08
N TYR B 118 -32.86 43.53 -19.05
CA TYR B 118 -34.26 43.93 -19.06
C TYR B 118 -34.41 45.44 -19.17
N PRO B 119 -33.70 46.26 -18.39
CA PRO B 119 -33.75 47.71 -18.62
C PRO B 119 -33.37 48.07 -20.04
N HIS B 120 -32.36 47.40 -20.59
CA HIS B 120 -32.02 47.60 -21.99
C HIS B 120 -33.23 47.36 -22.89
N LYS B 121 -33.98 46.28 -22.64
CA LYS B 121 -35.14 46.00 -23.47
C LYS B 121 -36.24 47.03 -23.27
N ILE B 122 -36.48 47.43 -22.02
CA ILE B 122 -37.54 48.40 -21.72
C ILE B 122 -37.30 49.74 -22.45
N LEU B 123 -36.04 50.14 -22.59
CA LEU B 123 -35.70 51.38 -23.29
C LEU B 123 -35.49 51.19 -24.79
N THR B 124 -35.69 49.99 -25.34
CA THR B 124 -35.40 49.74 -26.77
C THR B 124 -36.65 49.18 -27.46
N GLU B 125 -37.72 49.98 -27.44
CA GLU B 125 -38.98 49.70 -28.12
C GLU B 125 -39.65 48.44 -27.63
N ARG B 126 -39.32 47.94 -26.44
CA ARG B 126 -39.92 46.69 -26.01
C ARG B 126 -40.66 46.79 -24.68
N ARG B 127 -40.82 47.99 -24.10
CA ARG B 127 -41.38 48.10 -22.75
C ARG B 127 -42.76 47.46 -22.67
N GLU B 128 -43.62 47.75 -23.65
CA GLU B 128 -44.97 47.21 -23.61
C GLU B 128 -45.04 45.75 -24.06
N LEU B 129 -43.89 45.15 -24.41
CA LEU B 129 -43.81 43.74 -24.72
C LEU B 129 -43.31 42.91 -23.55
N MET B 130 -42.81 43.54 -22.49
CA MET B 130 -42.26 42.76 -21.38
C MET B 130 -43.27 41.84 -20.74
N GLY B 131 -44.57 42.04 -21.03
CA GLY B 131 -45.60 41.15 -20.51
C GLY B 131 -45.53 39.74 -21.08
N THR B 132 -44.94 39.58 -22.27
CA THR B 132 -44.69 38.28 -22.85
C THR B 132 -43.37 37.68 -22.39
N LEU B 133 -42.54 38.44 -21.68
CA LEU B 133 -41.15 38.03 -21.47
C LEU B 133 -41.07 36.59 -21.01
N ARG B 134 -40.21 35.81 -21.67
CA ARG B 134 -39.97 34.41 -21.36
C ARG B 134 -41.19 33.52 -21.60
N GLN B 135 -42.24 34.05 -22.22
CA GLN B 135 -43.39 33.23 -22.64
C GLN B 135 -43.20 32.73 -24.06
N LYS B 136 -43.82 31.57 -24.33
CA LYS B 136 -43.87 31.08 -25.69
C LYS B 136 -44.27 32.21 -26.62
N ASN B 137 -43.47 32.42 -27.67
CA ASN B 137 -43.68 33.45 -28.68
C ASN B 137 -43.43 34.86 -28.15
N GLY B 138 -43.12 35.01 -26.86
CA GLY B 138 -42.79 36.31 -26.30
C GLY B 138 -41.31 36.63 -26.34
N LEU B 139 -40.95 37.75 -25.72
CA LEU B 139 -39.56 38.16 -25.73
C LEU B 139 -38.69 37.10 -25.10
N ALA B 140 -37.48 36.96 -25.63
CA ALA B 140 -36.55 35.94 -25.18
C ALA B 140 -35.83 36.39 -23.91
N ALA B 141 -35.26 35.41 -23.21
CA ALA B 141 -34.63 35.65 -21.92
C ALA B 141 -33.43 36.57 -22.01
N PHE B 142 -32.85 36.74 -23.19
CA PHE B 142 -31.59 37.45 -23.35
C PHE B 142 -31.67 38.35 -24.56
N PRO B 143 -30.74 39.31 -24.69
CA PRO B 143 -30.64 40.04 -25.96
C PRO B 143 -30.42 39.07 -27.12
N ARG B 144 -31.09 39.33 -28.24
CA ARG B 144 -31.08 38.41 -29.35
C ARG B 144 -31.20 39.17 -30.64
N ARG B 145 -30.24 38.96 -31.55
CA ARG B 145 -30.19 39.76 -32.78
C ARG B 145 -31.49 39.67 -33.57
N ALA B 146 -32.08 38.48 -33.65
CA ALA B 146 -33.31 38.33 -34.41
C ALA B 146 -34.48 39.11 -33.80
N GLU B 147 -34.36 39.59 -32.55
CA GLU B 147 -35.48 40.18 -31.85
C GLU B 147 -35.61 41.68 -32.09
N SER B 148 -34.49 42.38 -32.29
CA SER B 148 -34.49 43.83 -32.31
C SER B 148 -33.18 44.31 -32.90
N GLU B 149 -33.25 45.41 -33.64
CA GLU B 149 -32.05 46.07 -34.12
C GLU B 149 -31.18 46.59 -32.98
N TYR B 150 -31.72 46.73 -31.77
CA TYR B 150 -30.97 47.27 -30.64
C TYR B 150 -30.11 46.22 -29.95
N ASP B 151 -30.21 44.96 -30.35
CA ASP B 151 -29.44 43.86 -29.77
C ASP B 151 -28.36 43.44 -30.76
N THR B 152 -27.14 43.88 -30.52
CA THR B 152 -26.05 43.63 -31.45
C THR B 152 -25.54 42.19 -31.38
N PHE B 153 -25.78 41.47 -30.27
CA PHE B 153 -25.19 40.14 -30.11
C PHE B 153 -26.03 39.28 -29.18
N GLY B 154 -26.46 38.13 -29.68
CA GLY B 154 -27.21 37.20 -28.86
C GLY B 154 -26.30 36.56 -27.85
N VAL B 155 -26.65 36.64 -26.57
CA VAL B 155 -25.80 36.18 -25.49
C VAL B 155 -26.61 35.25 -24.59
N GLY B 156 -25.91 34.61 -23.64
CA GLY B 156 -26.50 33.63 -22.75
C GLY B 156 -25.37 32.99 -21.97
N HIS B 157 -24.54 32.24 -22.67
CA HIS B 157 -23.22 31.97 -22.14
C HIS B 157 -22.50 33.28 -21.87
N SER B 158 -21.58 33.28 -20.92
CA SER B 158 -20.92 34.48 -20.46
C SER B 158 -19.62 34.76 -21.20
N SER B 159 -19.08 35.96 -21.00
CA SER B 159 -17.71 36.31 -21.31
C SER B 159 -17.44 36.49 -22.80
N THR B 160 -18.47 36.50 -23.64
CA THR B 160 -18.34 36.71 -25.07
C THR B 160 -18.41 38.17 -25.49
N SER B 161 -18.70 39.09 -24.56
CA SER B 161 -19.06 40.44 -24.99
C SER B 161 -17.86 41.18 -25.58
N ILE B 162 -16.68 41.06 -24.95
CA ILE B 162 -15.55 41.85 -25.39
C ILE B 162 -15.08 41.37 -26.76
N SER B 163 -15.03 40.05 -26.95
CA SER B 163 -14.69 39.51 -28.26
C SER B 163 -15.61 40.07 -29.33
N ALA B 164 -16.92 40.04 -29.08
CA ALA B 164 -17.87 40.39 -30.13
C ALA B 164 -17.76 41.88 -30.45
N ALA B 165 -17.60 42.70 -29.42
CA ALA B 165 -17.47 44.14 -29.60
C ALA B 165 -16.17 44.47 -30.33
N LEU B 166 -15.09 43.74 -30.05
CA LEU B 166 -13.86 44.01 -30.77
C LEU B 166 -14.02 43.70 -32.25
N GLY B 167 -14.68 42.59 -32.56
CA GLY B 167 -14.95 42.26 -33.95
C GLY B 167 -15.76 43.32 -34.66
N MET B 168 -16.80 43.84 -33.99
CA MET B 168 -17.55 44.91 -34.64
C MET B 168 -16.67 46.15 -34.81
N ALA B 169 -15.82 46.45 -33.82
CA ALA B 169 -14.97 47.64 -33.91
C ALA B 169 -13.99 47.54 -35.07
N ILE B 170 -13.38 46.37 -35.26
CA ILE B 170 -12.46 46.18 -36.38
C ILE B 170 -13.21 46.28 -37.70
N ALA B 171 -14.40 45.69 -37.77
CA ALA B 171 -15.20 45.72 -38.99
C ALA B 171 -15.53 47.16 -39.36
N ALA B 172 -16.04 47.92 -38.40
CA ALA B 172 -16.42 49.30 -38.62
C ALA B 172 -15.24 50.13 -39.10
N ARG B 173 -14.07 49.94 -38.48
CA ARG B 173 -12.87 50.65 -38.96
C ARG B 173 -12.58 50.30 -40.41
N LEU B 174 -12.53 49.01 -40.73
CA LEU B 174 -12.20 48.58 -42.09
C LEU B 174 -13.18 49.15 -43.11
N GLN B 175 -14.48 49.15 -42.81
CA GLN B 175 -15.42 49.73 -43.74
C GLN B 175 -15.54 51.25 -43.60
N GLY B 176 -14.63 51.88 -42.84
CA GLY B 176 -14.60 53.32 -42.74
C GLY B 176 -15.81 53.93 -42.07
N LYS B 177 -16.60 53.13 -41.36
CA LYS B 177 -17.73 53.68 -40.63
C LYS B 177 -17.24 54.26 -39.30
N GLU B 178 -17.99 55.21 -38.78
CA GLU B 178 -17.69 55.74 -37.46
C GLU B 178 -18.80 55.26 -36.52
N ARG B 179 -18.56 54.11 -35.91
CA ARG B 179 -19.42 53.54 -34.88
C ARG B 179 -18.61 53.43 -33.59
N LYS B 180 -19.31 53.50 -32.48
CA LYS B 180 -18.72 53.13 -31.20
C LYS B 180 -19.05 51.67 -30.89
N SER B 181 -18.12 51.01 -30.21
CA SER B 181 -18.31 49.65 -29.72
C SER B 181 -18.08 49.63 -28.22
N VAL B 182 -19.06 49.13 -27.48
CA VAL B 182 -19.11 49.15 -26.02
C VAL B 182 -19.54 47.78 -25.53
N ALA B 183 -18.79 47.21 -24.60
CA ALA B 183 -19.10 45.92 -23.99
C ALA B 183 -19.27 46.12 -22.49
N VAL B 184 -20.38 45.63 -21.94
CA VAL B 184 -20.61 45.65 -20.49
C VAL B 184 -20.44 44.22 -20.00
N ILE B 185 -19.46 44.00 -19.14
CA ILE B 185 -19.19 42.67 -18.63
C ILE B 185 -19.12 42.74 -17.10
N GLY B 186 -19.79 41.80 -16.45
CA GLY B 186 -19.72 41.70 -15.00
C GLY B 186 -18.40 41.15 -14.46
N ASP B 187 -18.19 41.37 -13.16
CA ASP B 187 -16.97 40.91 -12.51
C ASP B 187 -16.85 39.38 -12.53
N GLY B 188 -17.95 38.65 -12.50
CA GLY B 188 -17.87 37.19 -12.66
C GLY B 188 -17.55 36.76 -14.09
N ALA B 189 -18.25 37.32 -15.08
CA ALA B 189 -17.98 36.94 -16.46
C ALA B 189 -16.52 37.21 -16.83
N LEU B 190 -15.85 38.15 -16.15
CA LEU B 190 -14.47 38.47 -16.46
C LEU B 190 -13.49 37.45 -15.94
N THR B 191 -13.96 36.44 -15.21
CA THR B 191 -13.05 35.37 -14.79
C THR B 191 -12.80 34.35 -15.90
N ALA B 192 -13.56 34.37 -17.00
CA ALA B 192 -13.37 33.36 -18.03
C ALA B 192 -12.18 33.71 -18.91
N GLY B 193 -11.40 32.69 -19.27
CA GLY B 193 -10.22 32.92 -20.08
C GLY B 193 -10.50 33.63 -21.40
N MET B 194 -11.65 33.37 -22.03
CA MET B 194 -11.89 34.02 -23.31
C MET B 194 -11.98 35.54 -23.16
N ALA B 195 -12.40 36.03 -22.01
CA ALA B 195 -12.40 37.48 -21.81
C ALA B 195 -10.98 38.01 -21.75
N PHE B 196 -10.06 37.21 -21.24
CA PHE B 196 -8.66 37.62 -21.15
C PHE B 196 -8.01 37.57 -22.54
N GLU B 197 -8.25 36.49 -23.29
CA GLU B 197 -7.86 36.45 -24.69
C GLU B 197 -8.28 37.72 -25.43
N ALA B 198 -9.54 38.14 -25.27
CA ALA B 198 -10.05 39.29 -26.00
C ALA B 198 -9.42 40.59 -25.52
N LEU B 199 -9.21 40.74 -24.20
CA LEU B 199 -8.54 41.94 -23.72
C LEU B 199 -7.14 42.04 -24.30
N ASN B 200 -6.41 40.93 -24.34
CA ASN B 200 -5.06 40.99 -24.90
C ASN B 200 -5.10 41.35 -26.40
N HIS B 201 -6.04 40.81 -27.15
CA HIS B 201 -6.05 41.07 -28.58
C HIS B 201 -6.42 42.52 -28.87
N ALA B 202 -7.42 43.05 -28.16
CA ALA B 202 -7.83 44.43 -28.36
C ALA B 202 -6.66 45.40 -28.24
N SER B 203 -5.83 45.23 -27.19
CA SER B 203 -4.62 46.03 -27.05
C SER B 203 -3.73 45.90 -28.28
N GLU B 204 -3.54 44.65 -28.75
CA GLU B 204 -2.66 44.44 -29.89
C GLU B 204 -3.09 45.27 -31.10
N VAL B 205 -4.38 45.21 -31.47
CA VAL B 205 -4.85 45.97 -32.63
C VAL B 205 -5.20 47.41 -32.30
N ASP B 206 -4.96 47.87 -31.07
CA ASP B 206 -5.28 49.23 -30.65
C ASP B 206 -6.68 49.63 -31.11
N ALA B 207 -7.65 48.81 -30.74
CA ALA B 207 -9.03 49.04 -31.19
C ALA B 207 -9.67 50.21 -30.46
N ASP B 208 -10.56 50.91 -31.17
CA ASP B 208 -11.37 51.97 -30.55
C ASP B 208 -12.62 51.33 -29.98
N MET B 209 -12.55 50.94 -28.71
CA MET B 209 -13.70 50.35 -28.05
C MET B 209 -13.66 50.64 -26.56
N LEU B 210 -14.81 50.51 -25.93
CA LEU B 210 -14.97 50.78 -24.51
C LEU B 210 -15.44 49.52 -23.82
N VAL B 211 -14.68 49.07 -22.82
CA VAL B 211 -15.09 47.96 -21.96
C VAL B 211 -15.51 48.54 -20.63
N ILE B 212 -16.73 48.23 -20.22
CA ILE B 212 -17.26 48.64 -18.93
C ILE B 212 -17.36 47.40 -18.08
N LEU B 213 -16.55 47.35 -17.01
CA LEU B 213 -16.63 46.31 -16.00
C LEU B 213 -17.76 46.67 -15.05
N ASN B 214 -18.80 45.85 -15.02
CA ASN B 214 -19.93 46.04 -14.11
C ASN B 214 -19.62 45.23 -12.86
N ASP B 215 -19.02 45.89 -11.88
CA ASP B 215 -18.44 45.23 -10.72
C ASP B 215 -19.37 45.40 -9.52
N ASN B 216 -20.04 44.32 -9.13
CA ASN B 216 -20.84 44.30 -7.92
C ASN B 216 -20.32 43.25 -6.94
N ASP B 217 -19.12 42.74 -7.17
CA ASP B 217 -18.44 41.79 -6.28
C ASP B 217 -19.15 40.44 -6.21
N MET B 218 -20.02 40.15 -7.16
CA MET B 218 -20.88 38.98 -7.10
C MET B 218 -20.89 38.26 -8.44
N SER B 219 -21.28 36.98 -8.38
CA SER B 219 -21.57 36.13 -9.54
C SER B 219 -23.03 35.74 -9.42
N ILE B 220 -23.34 34.44 -9.34
CA ILE B 220 -24.62 33.98 -8.83
C ILE B 220 -24.37 33.78 -7.34
N SER B 221 -23.43 32.88 -7.04
CA SER B 221 -22.82 32.86 -5.73
C SER B 221 -21.92 34.08 -5.59
N HIS B 222 -21.28 34.23 -4.44
CA HIS B 222 -20.20 35.21 -4.35
C HIS B 222 -19.09 34.86 -5.34
N ASN B 223 -18.43 35.89 -5.87
CA ASN B 223 -17.37 35.67 -6.84
C ASN B 223 -16.08 35.28 -6.14
N VAL B 224 -15.38 34.29 -6.70
CA VAL B 224 -14.15 33.78 -6.14
C VAL B 224 -13.01 33.99 -7.15
N GLY B 225 -11.78 33.84 -6.67
CA GLY B 225 -10.63 33.88 -7.54
C GLY B 225 -9.67 35.01 -7.26
N GLY B 226 -8.45 34.90 -7.80
CA GLY B 226 -7.50 35.99 -7.64
C GLY B 226 -8.04 37.28 -8.21
N LEU B 227 -8.83 37.17 -9.28
CA LEU B 227 -9.34 38.35 -9.96
C LEU B 227 -10.28 39.15 -9.07
N SER B 228 -11.29 38.49 -8.51
CA SER B 228 -12.22 39.21 -7.64
C SER B 228 -11.48 39.86 -6.49
N ASN B 229 -10.47 39.18 -5.95
CA ASN B 229 -9.73 39.71 -4.81
C ASN B 229 -8.96 40.97 -5.21
N TYR B 230 -8.42 41.01 -6.43
CA TYR B 230 -7.74 42.20 -6.92
C TYR B 230 -8.73 43.34 -7.21
N LEU B 231 -9.94 43.01 -7.67
CA LEU B 231 -10.94 44.04 -7.95
C LEU B 231 -11.46 44.73 -6.69
N ALA B 232 -11.21 44.14 -5.52
CA ALA B 232 -11.61 44.71 -4.23
C ALA B 232 -10.73 45.90 -3.83
N GLU B 247 -1.74 48.89 -18.95
CA GLU B 247 -0.93 47.80 -18.39
C GLU B 247 -0.89 46.66 -19.39
N LEU B 248 -2.04 46.00 -19.52
CA LEU B 248 -2.33 45.17 -20.66
C LEU B 248 -2.69 46.04 -21.86
N GLY B 249 -2.31 47.32 -21.82
CA GLY B 249 -2.59 48.25 -22.90
C GLY B 249 -3.92 48.99 -22.88
N TRP B 250 -4.56 49.13 -21.71
CA TRP B 250 -5.90 49.70 -21.61
C TRP B 250 -5.91 50.98 -20.79
N ASN B 251 -6.70 51.98 -21.20
CA ASN B 251 -6.78 53.24 -20.46
C ASN B 251 -7.87 53.10 -19.40
N TYR B 252 -7.46 52.90 -18.16
CA TYR B 252 -8.37 52.58 -17.07
C TYR B 252 -8.85 53.86 -16.38
N ILE B 253 -10.17 53.99 -16.25
CA ILE B 253 -10.81 55.06 -15.48
C ILE B 253 -11.67 54.42 -14.41
N GLY B 254 -11.71 55.04 -13.23
CA GLY B 254 -12.56 54.57 -12.16
C GLY B 254 -11.75 54.14 -10.95
N PRO B 255 -12.38 53.39 -10.05
CA PRO B 255 -13.77 52.95 -10.08
C PRO B 255 -14.72 54.13 -9.90
N ILE B 256 -15.93 54.06 -10.44
CA ILE B 256 -16.91 55.11 -10.25
C ILE B 256 -18.17 54.45 -9.73
N ASP B 257 -19.01 55.27 -9.11
CA ASP B 257 -20.25 54.80 -8.51
C ASP B 257 -21.28 54.60 -9.62
N GLY B 258 -21.55 53.34 -9.97
CA GLY B 258 -22.47 53.01 -11.05
C GLY B 258 -23.91 53.33 -10.78
N HIS B 259 -24.24 53.93 -9.65
CA HIS B 259 -25.61 54.37 -9.42
C HIS B 259 -25.76 55.88 -9.43
N ASP B 260 -24.69 56.62 -9.72
CA ASP B 260 -24.74 58.09 -9.74
C ASP B 260 -24.87 58.58 -11.17
N LEU B 261 -26.11 58.83 -11.60
CA LEU B 261 -26.35 59.17 -12.99
C LEU B 261 -25.55 60.37 -13.48
N PRO B 262 -25.40 61.45 -12.72
CA PRO B 262 -24.59 62.58 -13.24
C PRO B 262 -23.14 62.21 -13.48
N THR B 263 -22.52 61.49 -12.54
CA THR B 263 -21.16 61.02 -12.77
C THR B 263 -21.09 60.01 -13.91
N LEU B 264 -22.10 59.16 -14.07
CA LEU B 264 -22.06 58.19 -15.16
C LEU B 264 -22.08 58.89 -16.50
N VAL B 265 -23.08 59.77 -16.70
CA VAL B 265 -23.26 60.49 -17.96
C VAL B 265 -21.99 61.27 -18.32
N ALA B 266 -21.37 61.90 -17.34
CA ALA B 266 -20.21 62.73 -17.67
C ALA B 266 -19.00 61.86 -18.00
N THR B 267 -18.78 60.78 -17.23
CA THR B 267 -17.64 59.91 -17.50
C THR B 267 -17.78 59.23 -18.86
N LEU B 268 -18.99 58.73 -19.19
CA LEU B 268 -19.18 58.09 -20.48
C LEU B 268 -19.03 59.10 -21.63
N ARG B 269 -19.39 60.36 -21.39
CA ARG B 269 -19.25 61.38 -22.42
C ARG B 269 -17.78 61.62 -22.76
N ASN B 270 -16.95 61.80 -21.74
CA ASN B 270 -15.53 62.01 -21.98
C ASN B 270 -14.90 60.78 -22.63
N MET B 271 -15.30 59.59 -22.20
CA MET B 271 -14.66 58.39 -22.74
C MET B 271 -15.14 58.05 -24.13
N ARG B 272 -16.37 58.42 -24.48
CA ARG B 272 -16.90 58.00 -25.76
C ARG B 272 -16.05 58.48 -26.94
N ASP B 273 -15.44 59.66 -26.82
CA ASP B 273 -14.63 60.26 -27.88
C ASP B 273 -13.14 59.97 -27.75
N MET B 274 -12.72 59.24 -26.72
CA MET B 274 -11.31 58.90 -26.62
C MET B 274 -10.97 57.77 -27.59
N LYS B 275 -9.69 57.69 -27.95
CA LYS B 275 -9.18 56.69 -28.88
C LYS B 275 -8.53 55.53 -28.13
N GLY B 276 -8.51 54.36 -28.77
CA GLY B 276 -7.82 53.20 -28.24
C GLY B 276 -8.65 52.36 -27.28
N PRO B 277 -8.03 51.32 -26.71
CA PRO B 277 -8.73 50.51 -25.69
C PRO B 277 -9.01 51.31 -24.43
N GLN B 278 -10.30 51.48 -24.13
CA GLN B 278 -10.80 52.25 -22.99
C GLN B 278 -11.51 51.32 -22.01
N PHE B 279 -11.22 51.48 -20.72
CA PHE B 279 -11.68 50.55 -19.68
C PHE B 279 -12.27 51.33 -18.50
N LEU B 280 -13.60 51.35 -18.40
CA LEU B 280 -14.28 52.03 -17.31
C LEU B 280 -14.67 51.04 -16.22
N HIS B 281 -14.17 51.24 -15.02
CA HIS B 281 -14.51 50.42 -13.86
C HIS B 281 -15.72 51.07 -13.18
N VAL B 282 -16.86 50.37 -13.20
CA VAL B 282 -18.07 50.83 -12.53
C VAL B 282 -18.37 49.89 -11.37
N VAL B 283 -18.83 50.44 -10.25
CA VAL B 283 -19.24 49.63 -9.11
C VAL B 283 -20.74 49.82 -8.90
N THR B 284 -21.46 48.70 -8.81
CA THR B 284 -22.90 48.70 -8.64
C THR B 284 -23.24 47.75 -7.49
N LYS B 285 -24.51 47.76 -7.10
CA LYS B 285 -24.99 46.85 -6.06
C LYS B 285 -26.01 45.92 -6.69
N LYS B 286 -25.74 44.61 -6.65
CA LYS B 286 -26.71 43.68 -7.18
C LYS B 286 -28.05 43.88 -6.47
N GLY B 287 -29.13 43.95 -7.23
CA GLY B 287 -30.45 44.16 -6.64
C GLY B 287 -30.70 45.56 -6.12
N LYS B 288 -29.86 46.53 -6.49
CA LYS B 288 -29.99 47.92 -6.09
C LYS B 288 -31.44 48.40 -6.08
N GLY B 289 -31.86 48.95 -4.96
CA GLY B 289 -33.17 49.56 -4.88
C GLY B 289 -34.29 48.62 -4.52
N PHE B 290 -34.01 47.36 -4.23
CA PHE B 290 -35.00 46.43 -3.71
C PHE B 290 -34.43 45.78 -2.45
N ALA B 291 -34.87 46.25 -1.27
CA ALA B 291 -34.31 45.76 -0.02
C ALA B 291 -34.23 44.25 0.03
N PRO B 292 -35.28 43.49 -0.29
CA PRO B 292 -35.15 42.03 -0.26
C PRO B 292 -34.01 41.52 -1.12
N ALA B 293 -33.83 42.08 -2.32
CA ALA B 293 -32.75 41.58 -3.19
C ALA B 293 -31.39 42.02 -2.68
N GLU B 294 -31.30 43.24 -2.14
CA GLU B 294 -30.02 43.66 -1.59
C GLU B 294 -29.63 42.81 -0.38
N LEU B 295 -30.60 42.25 0.34
CA LEU B 295 -30.28 41.47 1.52
C LEU B 295 -30.01 40.01 1.20
N ASP B 296 -30.55 39.52 0.07
CA ASP B 296 -30.34 38.14 -0.42
C ASP B 296 -30.03 38.21 -1.92
N PRO B 297 -28.81 38.59 -2.30
CA PRO B 297 -28.49 38.69 -3.73
C PRO B 297 -28.45 37.34 -4.44
N ILE B 298 -28.06 36.27 -3.75
CA ILE B 298 -28.14 34.95 -4.36
C ILE B 298 -29.59 34.59 -4.67
N GLY B 299 -30.43 34.55 -3.62
CA GLY B 299 -31.81 34.15 -3.83
C GLY B 299 -32.59 35.01 -4.81
N TYR B 300 -32.15 36.25 -5.06
CA TYR B 300 -32.86 37.13 -5.98
C TYR B 300 -32.12 37.32 -7.31
N HIS B 301 -31.06 36.54 -7.56
CA HIS B 301 -30.54 36.44 -8.91
C HIS B 301 -31.68 36.24 -9.90
N ALA B 302 -32.58 35.31 -9.58
CA ALA B 302 -33.75 35.01 -10.39
C ALA B 302 -34.97 34.77 -9.50
N ILE B 303 -36.17 35.13 -9.98
CA ILE B 303 -37.40 34.88 -9.24
C ILE B 303 -38.47 34.32 -10.16
N THR B 304 -39.45 33.65 -9.56
CA THR B 304 -40.65 33.24 -10.27
C THR B 304 -41.75 34.26 -10.02
N LYS B 305 -42.79 34.20 -10.85
CA LYS B 305 -43.86 35.18 -10.80
C LYS B 305 -44.62 35.09 -9.46
N LEU B 306 -45.43 36.12 -9.20
CA LEU B 306 -46.19 36.25 -7.95
C LEU B 306 -47.47 35.43 -7.93
N GLU B 307 -48.42 35.82 -7.07
CA GLU B 307 -49.66 35.08 -6.80
C GLU B 307 -49.45 33.57 -6.90
N GLY B 317 -44.05 17.82 -6.08
CA GLY B 317 -43.10 16.94 -6.76
C GLY B 317 -42.03 16.34 -5.86
N GLY B 318 -41.11 15.57 -6.44
CA GLY B 318 -40.01 14.99 -5.72
C GLY B 318 -38.76 15.85 -5.82
N PRO B 319 -37.63 15.33 -5.34
CA PRO B 319 -36.38 16.13 -5.37
C PRO B 319 -35.95 16.43 -6.80
N LYS B 320 -35.37 17.62 -6.98
CA LYS B 320 -34.76 17.94 -8.26
C LYS B 320 -33.53 17.07 -8.48
N TYR B 321 -33.23 16.77 -9.74
CA TYR B 321 -32.11 15.90 -10.03
C TYR B 321 -30.79 16.48 -9.50
N SER B 322 -30.60 17.79 -9.63
CA SER B 322 -29.43 18.42 -9.03
C SER B 322 -29.36 18.14 -7.54
N SER B 323 -30.51 18.11 -6.89
CA SER B 323 -30.54 17.85 -5.44
C SER B 323 -30.25 16.38 -5.14
N VAL B 324 -30.65 15.47 -6.05
CA VAL B 324 -30.25 14.07 -5.93
C VAL B 324 -28.75 13.91 -6.12
N PHE B 325 -28.18 14.62 -7.11
CA PHE B 325 -26.73 14.60 -7.27
C PHE B 325 -26.04 15.09 -5.99
N GLY B 326 -26.56 16.16 -5.40
CA GLY B 326 -25.90 16.74 -4.24
C GLY B 326 -25.92 15.80 -3.05
N GLN B 327 -27.06 15.15 -2.81
CA GLN B 327 -27.11 14.11 -1.79
C GLN B 327 -26.13 12.99 -2.11
N TRP B 328 -26.12 12.53 -3.37
CA TRP B 328 -25.12 11.55 -3.76
C TRP B 328 -23.72 12.05 -3.44
N LEU B 329 -23.43 13.32 -3.74
CA LEU B 329 -22.06 13.82 -3.60
C LEU B 329 -21.63 13.85 -2.14
N CYS B 330 -22.54 14.24 -1.23
CA CYS B 330 -22.18 14.20 0.19
C CYS B 330 -21.97 12.77 0.69
N ASP B 331 -22.92 11.87 0.38
CA ASP B 331 -22.79 10.48 0.81
C ASP B 331 -21.47 9.86 0.35
N MET B 332 -21.19 9.91 -0.97
CA MET B 332 -19.92 9.35 -1.45
C MET B 332 -18.74 9.98 -0.73
N ALA B 333 -18.81 11.30 -0.49
CA ALA B 333 -17.74 12.01 0.19
C ALA B 333 -17.53 11.48 1.61
N ALA B 334 -18.62 11.11 2.28
CA ALA B 334 -18.49 10.56 3.63
C ALA B 334 -17.75 9.23 3.62
N GLN B 335 -17.88 8.48 2.53
CA GLN B 335 -17.32 7.15 2.46
C GLN B 335 -15.91 7.14 1.88
N ASP B 336 -15.58 8.11 1.02
CA ASP B 336 -14.30 8.11 0.32
C ASP B 336 -13.63 9.45 0.53
N ALA B 337 -12.50 9.46 1.24
CA ALA B 337 -11.84 10.71 1.53
C ALA B 337 -11.15 11.32 0.32
N ARG B 338 -11.05 10.58 -0.80
CA ARG B 338 -10.39 11.08 -2.01
C ARG B 338 -11.31 11.92 -2.88
N LEU B 339 -12.61 11.98 -2.58
CA LEU B 339 -13.53 12.66 -3.48
C LEU B 339 -13.33 14.17 -3.41
N LEU B 340 -13.28 14.82 -4.58
CA LEU B 340 -13.11 16.27 -4.66
C LEU B 340 -14.15 16.85 -5.61
N GLY B 341 -14.83 17.91 -5.15
CA GLY B 341 -15.95 18.47 -5.85
C GLY B 341 -15.61 19.78 -6.53
N ILE B 342 -15.84 19.84 -7.85
CA ILE B 342 -15.50 20.98 -8.70
C ILE B 342 -16.77 21.50 -9.36
N THR B 343 -16.95 22.81 -9.32
CA THR B 343 -18.00 23.50 -10.07
C THR B 343 -17.40 24.75 -10.69
N PRO B 344 -17.81 25.13 -11.91
CA PRO B 344 -17.39 26.44 -12.44
C PRO B 344 -18.49 27.46 -12.11
N ALA B 345 -18.47 27.94 -10.86
CA ALA B 345 -19.34 29.02 -10.37
C ALA B 345 -20.83 28.63 -10.31
N MET B 346 -21.16 27.35 -10.20
CA MET B 346 -22.58 27.02 -10.17
C MET B 346 -22.89 26.13 -8.96
N LYS B 347 -22.28 26.47 -7.82
CA LYS B 347 -22.63 25.83 -6.56
C LYS B 347 -24.14 25.71 -6.38
N GLU B 348 -24.90 26.78 -6.70
CA GLU B 348 -26.33 26.76 -6.41
C GLU B 348 -27.10 25.95 -7.44
N GLY B 349 -26.86 26.19 -8.74
CA GLY B 349 -27.62 25.48 -9.76
C GLY B 349 -27.36 23.99 -9.78
N SER B 350 -26.08 23.60 -9.70
CA SER B 350 -25.65 22.20 -9.64
C SER B 350 -25.83 21.60 -8.26
N ASP B 351 -26.07 22.44 -7.24
CA ASP B 351 -26.38 22.00 -5.88
C ASP B 351 -25.20 21.31 -5.21
N LEU B 352 -24.08 22.02 -5.06
CA LEU B 352 -22.99 21.57 -4.22
C LEU B 352 -23.02 22.27 -2.85
N VAL B 353 -24.19 22.76 -2.43
CA VAL B 353 -24.30 23.64 -1.27
C VAL B 353 -23.94 22.88 0.00
N ALA B 354 -24.74 21.87 0.35
CA ALA B 354 -24.41 21.03 1.50
C ALA B 354 -22.97 20.58 1.43
N PHE B 355 -22.59 19.94 0.32
CA PHE B 355 -21.23 19.46 0.12
C PHE B 355 -20.20 20.53 0.43
N SER B 356 -20.44 21.77 -0.03
CA SER B 356 -19.51 22.87 0.19
C SER B 356 -19.48 23.34 1.64
N GLU B 357 -20.53 23.05 2.40
CA GLU B 357 -20.50 23.32 3.83
C GLU B 357 -19.79 22.21 4.61
N ARG B 358 -20.01 20.94 4.26
CA ARG B 358 -19.46 19.86 5.05
C ARG B 358 -18.02 19.47 4.67
N TYR B 359 -17.58 19.75 3.46
CA TYR B 359 -16.25 19.35 2.99
C TYR B 359 -15.52 20.51 2.32
N PRO B 360 -15.38 21.64 3.02
CA PRO B 360 -14.82 22.84 2.37
C PRO B 360 -13.41 22.64 1.83
N GLU B 361 -12.63 21.74 2.43
CA GLU B 361 -11.26 21.48 1.97
C GLU B 361 -11.23 20.61 0.72
N ARG B 362 -12.37 20.07 0.31
CA ARG B 362 -12.48 19.23 -0.88
C ARG B 362 -13.44 19.84 -1.91
N TYR B 363 -13.77 21.12 -1.77
CA TYR B 363 -14.74 21.78 -2.64
C TYR B 363 -14.02 22.89 -3.40
N PHE B 364 -14.18 22.91 -4.72
CA PHE B 364 -13.47 23.86 -5.57
C PHE B 364 -14.44 24.52 -6.55
N ASP B 365 -14.68 25.81 -6.33
CA ASP B 365 -15.39 26.69 -7.27
C ASP B 365 -14.32 27.52 -7.98
N VAL B 366 -14.15 27.27 -9.29
CA VAL B 366 -13.04 27.87 -10.04
C VAL B 366 -13.46 29.16 -10.73
N ALA B 367 -14.57 29.75 -10.31
CA ALA B 367 -15.17 30.88 -11.03
C ALA B 367 -15.67 30.38 -12.38
N ILE B 368 -15.91 31.30 -13.33
CA ILE B 368 -16.59 30.93 -14.60
C ILE B 368 -15.49 30.46 -15.55
N ALA B 369 -15.04 29.22 -15.33
CA ALA B 369 -13.82 28.74 -15.95
C ALA B 369 -13.96 27.23 -16.20
N GLU B 370 -14.88 26.88 -17.10
CA GLU B 370 -15.10 25.47 -17.40
C GLU B 370 -13.81 24.76 -17.83
N GLN B 371 -12.93 25.43 -18.57
CA GLN B 371 -11.77 24.73 -19.14
C GLN B 371 -10.78 24.33 -18.05
N HIS B 372 -10.45 25.27 -17.15
CA HIS B 372 -9.57 24.95 -16.04
C HIS B 372 -10.21 23.93 -15.10
N ALA B 373 -11.54 23.94 -14.99
CA ALA B 373 -12.19 23.00 -14.07
C ALA B 373 -11.83 21.57 -14.43
N VAL B 374 -11.83 21.25 -15.72
CA VAL B 374 -11.66 19.88 -16.18
C VAL B 374 -10.20 19.48 -16.11
N THR B 375 -9.29 20.36 -16.55
CA THR B 375 -7.87 20.06 -16.48
C THR B 375 -7.35 20.07 -15.04
N LEU B 376 -7.93 20.91 -14.18
CA LEU B 376 -7.63 20.80 -12.76
C LEU B 376 -8.02 19.42 -12.25
N ALA B 377 -9.17 18.91 -12.71
CA ALA B 377 -9.58 17.56 -12.35
C ALA B 377 -8.58 16.51 -12.84
N ALA B 378 -8.05 16.70 -14.05
CA ALA B 378 -7.07 15.73 -14.55
C ALA B 378 -5.84 15.66 -13.67
N GLY B 379 -5.36 16.82 -13.20
CA GLY B 379 -4.18 16.84 -12.35
C GLY B 379 -4.44 16.23 -10.98
N MET B 380 -5.60 16.50 -10.39
CA MET B 380 -5.94 15.81 -9.16
C MET B 380 -6.00 14.31 -9.38
N ALA B 381 -6.53 13.86 -10.54
CA ALA B 381 -6.59 12.42 -10.81
C ALA B 381 -5.20 11.82 -10.95
N CYS B 382 -4.24 12.59 -11.45
CA CYS B 382 -2.88 12.09 -11.58
C CYS B 382 -2.27 11.68 -10.24
N GLU B 383 -2.64 12.34 -9.13
CA GLU B 383 -2.12 12.00 -7.81
C GLU B 383 -3.02 11.07 -7.04
N GLY B 384 -4.04 10.51 -7.67
CA GLY B 384 -4.86 9.49 -7.04
C GLY B 384 -6.07 9.98 -6.28
N MET B 385 -6.36 11.30 -6.32
CA MET B 385 -7.63 11.81 -5.82
C MET B 385 -8.71 11.53 -6.86
N LYS B 386 -9.98 11.60 -6.43
CA LYS B 386 -11.11 11.21 -7.29
C LYS B 386 -12.01 12.41 -7.55
N PRO B 387 -11.66 13.26 -8.52
CA PRO B 387 -12.44 14.48 -8.75
C PRO B 387 -13.77 14.23 -9.46
N VAL B 388 -14.78 14.99 -9.04
CA VAL B 388 -16.11 15.03 -9.65
C VAL B 388 -16.36 16.42 -10.22
N VAL B 389 -16.54 16.52 -11.53
CA VAL B 389 -16.78 17.80 -12.20
C VAL B 389 -18.26 17.93 -12.47
N ALA B 390 -18.89 18.86 -11.74
CA ALA B 390 -20.30 19.16 -11.91
C ALA B 390 -20.39 20.27 -12.97
N ILE B 391 -21.11 20.01 -14.05
CA ILE B 391 -21.13 20.96 -15.15
C ILE B 391 -22.39 20.75 -15.97
N TYR B 392 -22.94 21.85 -16.49
CA TYR B 392 -24.12 21.80 -17.35
C TYR B 392 -23.72 21.34 -18.75
N SER B 393 -24.64 20.63 -19.40
CA SER B 393 -24.35 20.13 -20.74
C SER B 393 -23.93 21.27 -21.65
N THR B 394 -24.71 22.35 -21.68
CA THR B 394 -24.38 23.50 -22.51
C THR B 394 -23.01 24.10 -22.14
N PHE B 395 -22.70 24.16 -20.84
CA PHE B 395 -21.44 24.77 -20.43
C PHE B 395 -20.25 23.85 -20.64
N LEU B 396 -20.44 22.53 -20.59
CA LEU B 396 -19.35 21.62 -20.91
C LEU B 396 -18.85 21.77 -22.34
N GLN B 397 -19.68 22.32 -23.26
CA GLN B 397 -19.25 22.52 -24.64
C GLN B 397 -17.98 23.35 -24.68
N ARG B 398 -17.78 24.20 -23.66
CA ARG B 398 -16.64 25.11 -23.61
C ARG B 398 -15.41 24.47 -22.97
N ALA B 399 -15.53 23.29 -22.40
CA ALA B 399 -14.37 22.58 -21.87
C ALA B 399 -14.09 21.28 -22.63
N TYR B 400 -14.64 21.14 -23.84
CA TYR B 400 -14.53 19.92 -24.65
C TYR B 400 -13.08 19.50 -24.89
N ASP B 401 -12.24 20.47 -25.22
CA ASP B 401 -10.84 20.15 -25.48
C ASP B 401 -10.16 19.60 -24.24
N GLN B 402 -10.46 20.16 -23.07
CA GLN B 402 -9.84 19.66 -21.85
C GLN B 402 -10.31 18.23 -21.57
N LEU B 403 -11.59 17.95 -21.82
CA LEU B 403 -12.13 16.60 -21.61
C LEU B 403 -11.43 15.59 -22.52
N ILE B 404 -11.36 15.90 -23.82
CA ILE B 404 -10.73 14.99 -24.80
C ILE B 404 -9.24 14.86 -24.52
N HIS B 405 -8.52 15.98 -24.56
CA HIS B 405 -7.07 15.98 -24.60
C HIS B 405 -6.45 15.69 -23.24
N ASP B 406 -6.99 16.28 -22.16
CA ASP B 406 -6.40 16.13 -20.84
C ASP B 406 -6.98 14.97 -20.04
N VAL B 407 -8.23 14.61 -20.30
CA VAL B 407 -8.89 13.53 -19.56
C VAL B 407 -8.91 12.24 -20.35
N ALA B 408 -9.59 12.23 -21.50
CA ALA B 408 -9.86 10.98 -22.21
C ALA B 408 -8.60 10.39 -22.82
N VAL B 409 -7.81 11.21 -23.52
CA VAL B 409 -6.60 10.72 -24.17
C VAL B 409 -5.68 10.07 -23.13
N GLN B 410 -5.61 10.64 -21.93
CA GLN B 410 -4.87 10.03 -20.82
C GLN B 410 -5.70 9.01 -20.03
N HIS B 411 -6.96 8.78 -20.39
CA HIS B 411 -7.86 7.92 -19.61
C HIS B 411 -7.75 8.16 -18.10
N LEU B 412 -7.68 9.41 -17.67
CA LEU B 412 -7.67 9.73 -16.26
C LEU B 412 -9.06 9.49 -15.64
N ASP B 413 -9.08 9.35 -14.33
CA ASP B 413 -10.27 8.91 -13.62
C ASP B 413 -11.02 10.13 -13.10
N VAL B 414 -11.83 10.71 -13.98
CA VAL B 414 -12.64 11.89 -13.66
C VAL B 414 -14.10 11.59 -14.02
N LEU B 415 -15.02 11.86 -13.09
CA LEU B 415 -16.45 11.74 -13.30
C LEU B 415 -17.08 13.10 -13.61
N PHE B 416 -18.00 13.12 -14.57
CA PHE B 416 -18.69 14.34 -15.03
C PHE B 416 -20.17 14.23 -14.71
N ALA B 417 -20.66 15.08 -13.80
CA ALA B 417 -22.09 15.14 -13.51
C ALA B 417 -22.70 16.24 -14.37
N ILE B 418 -23.36 15.83 -15.46
CA ILE B 418 -23.79 16.73 -16.53
C ILE B 418 -25.26 17.09 -16.28
N ASP B 419 -25.49 18.24 -15.64
CA ASP B 419 -26.83 18.70 -15.33
C ASP B 419 -27.38 19.52 -16.50
N ARG B 420 -28.68 19.79 -16.46
CA ARG B 420 -29.33 20.57 -17.50
C ARG B 420 -29.19 19.89 -18.87
N ALA B 421 -29.16 18.56 -18.87
CA ALA B 421 -29.10 17.77 -20.09
C ALA B 421 -30.49 17.71 -20.72
N GLY B 422 -30.59 18.04 -22.00
CA GLY B 422 -31.87 18.16 -22.68
C GLY B 422 -32.36 19.60 -22.75
N LEU B 423 -33.66 19.76 -22.94
CA LEU B 423 -34.23 21.10 -23.07
C LEU B 423 -34.37 21.75 -21.69
N VAL B 424 -34.21 23.06 -21.62
CA VAL B 424 -34.11 23.74 -20.33
C VAL B 424 -35.19 24.77 -20.11
N GLY B 425 -35.95 25.15 -21.12
CA GLY B 425 -37.14 25.96 -20.92
C GLY B 425 -36.91 27.41 -21.30
N GLU B 426 -37.23 28.32 -20.38
CA GLU B 426 -37.37 29.71 -20.79
C GLU B 426 -36.03 30.37 -21.07
N ASP B 427 -34.96 29.85 -20.47
CA ASP B 427 -33.62 30.33 -20.83
C ASP B 427 -33.35 30.16 -22.32
N GLY B 428 -33.99 29.17 -22.97
CA GLY B 428 -33.99 29.06 -24.41
C GLY B 428 -32.82 28.27 -25.01
N PRO B 429 -32.60 28.44 -26.32
CA PRO B 429 -31.59 27.61 -27.01
C PRO B 429 -30.15 27.90 -26.63
N THR B 430 -29.80 29.13 -26.20
CA THR B 430 -28.41 29.30 -25.74
C THR B 430 -28.02 28.31 -24.63
N HIS B 431 -28.99 27.80 -23.87
CA HIS B 431 -28.68 26.99 -22.70
C HIS B 431 -29.14 25.54 -22.83
N ALA B 432 -29.75 25.17 -23.95
CA ALA B 432 -30.16 23.79 -24.19
C ALA B 432 -28.98 22.86 -23.98
N GLY B 433 -29.25 21.71 -23.38
CA GLY B 433 -28.24 20.68 -23.23
C GLY B 433 -28.45 19.62 -24.29
N SER B 434 -28.32 20.01 -25.56
CA SER B 434 -28.85 19.24 -26.69
C SER B 434 -27.86 18.25 -27.29
N PHE B 435 -26.57 18.33 -26.95
CA PHE B 435 -25.55 17.67 -27.75
C PHE B 435 -24.59 16.77 -26.98
N ASP B 436 -24.63 16.76 -25.64
CA ASP B 436 -23.57 16.07 -24.92
C ASP B 436 -23.49 14.58 -25.25
N ILE B 437 -24.60 13.93 -25.59
CA ILE B 437 -24.51 12.53 -26.02
C ILE B 437 -23.70 12.42 -27.32
N SER B 438 -24.02 13.28 -28.30
CA SER B 438 -23.34 13.23 -29.59
C SER B 438 -21.88 13.60 -29.46
N TYR B 439 -21.55 14.63 -28.67
CA TYR B 439 -20.15 15.03 -28.67
C TYR B 439 -19.29 14.22 -27.70
N LEU B 440 -19.88 13.50 -26.74
CA LEU B 440 -19.06 12.65 -25.86
C LEU B 440 -18.88 11.21 -26.38
N ARG B 441 -19.93 10.58 -26.93
CA ARG B 441 -19.85 9.17 -27.28
C ARG B 441 -18.85 8.88 -28.38
N CYS B 442 -18.45 9.88 -29.17
CA CYS B 442 -17.42 9.69 -30.19
C CYS B 442 -16.02 9.75 -29.61
N ILE B 443 -15.88 10.12 -28.34
CA ILE B 443 -14.58 10.21 -27.68
C ILE B 443 -14.20 8.82 -27.15
N PRO B 444 -13.12 8.22 -27.63
CA PRO B 444 -12.71 6.94 -27.06
C PRO B 444 -12.48 7.08 -25.57
N GLY B 445 -12.89 6.05 -24.84
CA GLY B 445 -12.58 5.94 -23.44
C GLY B 445 -13.69 6.39 -22.53
N MET B 446 -14.68 7.08 -23.06
CA MET B 446 -15.75 7.64 -22.25
C MET B 446 -16.81 6.60 -21.92
N LEU B 447 -17.13 6.49 -20.64
CA LEU B 447 -18.33 5.81 -20.17
C LEU B 447 -19.47 6.83 -20.18
N VAL B 448 -20.55 6.55 -20.93
CA VAL B 448 -21.61 7.56 -21.15
C VAL B 448 -22.95 7.00 -20.66
N MET B 449 -23.56 7.68 -19.69
CA MET B 449 -24.69 7.15 -18.94
C MET B 449 -25.90 8.10 -18.95
N THR B 450 -27.10 7.53 -19.01
CA THR B 450 -28.35 8.29 -19.11
C THR B 450 -29.40 7.77 -18.12
N PRO B 451 -29.33 8.20 -16.86
CA PRO B 451 -30.32 7.74 -15.87
C PRO B 451 -31.74 8.15 -16.23
N SER B 452 -32.69 7.26 -15.91
CA SER B 452 -34.10 7.51 -16.21
C SER B 452 -34.91 8.04 -15.03
N ASP B 453 -34.35 8.04 -13.83
CA ASP B 453 -35.08 8.57 -12.67
C ASP B 453 -34.08 8.77 -11.53
N GLU B 454 -34.60 9.20 -10.39
CA GLU B 454 -33.73 9.56 -9.27
C GLU B 454 -32.85 8.39 -8.85
N ASP B 455 -33.47 7.24 -8.60
CA ASP B 455 -32.70 6.08 -8.16
C ASP B 455 -31.64 5.71 -9.17
N GLU B 456 -32.03 5.65 -10.45
CA GLU B 456 -31.05 5.39 -11.50
C GLU B 456 -29.91 6.41 -11.47
N LEU B 457 -30.23 7.71 -11.28
CA LEU B 457 -29.20 8.72 -11.21
C LEU B 457 -28.16 8.36 -10.15
N ARG B 458 -28.63 8.16 -8.91
CA ARG B 458 -27.70 7.80 -7.84
C ARG B 458 -26.90 6.55 -8.19
N LYS B 459 -27.54 5.55 -8.80
CA LYS B 459 -26.84 4.30 -9.07
C LYS B 459 -25.77 4.47 -10.14
N LEU B 460 -26.08 5.23 -11.20
CA LEU B 460 -25.12 5.41 -12.30
C LEU B 460 -23.99 6.37 -11.91
N LEU B 461 -24.27 7.33 -11.02
CA LEU B 461 -23.20 8.16 -10.47
C LEU B 461 -22.20 7.29 -9.72
N THR B 462 -22.70 6.39 -8.85
CA THR B 462 -21.81 5.43 -8.20
C THR B 462 -21.11 4.58 -9.25
N THR B 463 -21.88 4.03 -10.19
CA THR B 463 -21.27 3.26 -11.27
C THR B 463 -20.10 4.03 -11.90
N GLY B 464 -20.36 5.28 -12.35
CA GLY B 464 -19.31 6.08 -12.97
C GLY B 464 -18.18 6.45 -12.03
N TYR B 465 -18.49 6.67 -10.76
CA TYR B 465 -17.44 6.96 -9.79
C TYR B 465 -16.56 5.74 -9.56
N LEU B 466 -17.17 4.56 -9.40
CA LEU B 466 -16.36 3.38 -9.10
C LEU B 466 -15.54 2.96 -10.32
N PHE B 467 -16.10 3.13 -11.53
CA PHE B 467 -15.34 2.92 -12.76
C PHE B 467 -14.05 3.74 -12.72
N ASP B 468 -12.94 3.10 -13.08
CA ASP B 468 -11.65 3.76 -13.16
C ASP B 468 -11.44 4.28 -14.57
N GLY B 469 -11.53 5.59 -14.74
CA GLY B 469 -11.45 6.21 -16.04
C GLY B 469 -12.56 7.21 -16.20
N PRO B 470 -12.62 7.82 -17.38
CA PRO B 470 -13.53 8.97 -17.60
C PRO B 470 -14.97 8.51 -17.74
N ALA B 471 -15.86 9.15 -16.99
CA ALA B 471 -17.26 8.77 -16.96
C ALA B 471 -18.15 10.01 -16.92
N ALA B 472 -19.35 9.88 -17.49
CA ALA B 472 -20.31 10.97 -17.57
C ALA B 472 -21.69 10.45 -17.21
N VAL B 473 -22.48 11.32 -16.59
CA VAL B 473 -23.86 11.04 -16.22
C VAL B 473 -24.66 12.29 -16.51
N ARG B 474 -25.64 12.20 -17.40
CA ARG B 474 -26.43 13.36 -17.79
C ARG B 474 -27.86 13.23 -17.26
N TYR B 475 -28.39 14.35 -16.78
CA TYR B 475 -29.74 14.40 -16.20
C TYR B 475 -30.30 15.79 -16.41
N PRO B 476 -31.62 15.92 -16.48
CA PRO B 476 -32.23 17.21 -16.86
C PRO B 476 -32.35 18.15 -15.69
N ARG B 477 -32.65 19.41 -16.04
CA ARG B 477 -33.16 20.39 -15.09
C ARG B 477 -34.48 19.89 -14.48
N GLY B 478 -34.92 20.53 -13.39
CA GLY B 478 -36.20 20.20 -12.77
C GLY B 478 -36.20 18.86 -12.04
N SER B 479 -37.40 18.30 -11.90
CA SER B 479 -37.62 17.07 -11.14
C SER B 479 -38.05 15.92 -12.03
N GLY B 480 -38.04 14.72 -11.47
CA GLY B 480 -38.39 13.50 -12.18
C GLY B 480 -39.66 12.85 -11.64
N PRO B 481 -39.87 11.57 -11.98
CA PRO B 481 -41.11 10.90 -11.55
C PRO B 481 -41.21 10.64 -10.03
N ASN B 482 -40.23 11.05 -9.24
CA ASN B 482 -40.28 10.87 -7.79
C ASN B 482 -40.43 9.40 -7.38
N HIS B 483 -39.67 8.51 -8.03
CA HIS B 483 -39.63 7.12 -7.59
C HIS B 483 -38.78 6.98 -6.34
N PRO B 484 -39.01 5.93 -5.55
CA PRO B 484 -38.21 5.74 -4.33
C PRO B 484 -36.73 5.58 -4.65
N ILE B 485 -35.89 6.15 -3.79
CA ILE B 485 -34.43 6.15 -3.94
C ILE B 485 -33.85 5.20 -2.92
N ASP B 486 -33.12 4.21 -3.37
CA ASP B 486 -32.44 3.31 -2.45
C ASP B 486 -31.26 4.05 -1.83
N PRO B 487 -31.18 4.16 -0.51
CA PRO B 487 -30.12 4.96 0.11
C PRO B 487 -28.75 4.31 0.06
N ASP B 488 -28.61 3.15 -0.59
CA ASP B 488 -27.31 2.51 -0.64
C ASP B 488 -26.42 3.16 -1.70
N LEU B 489 -25.12 2.93 -1.56
CA LEU B 489 -24.15 3.34 -2.57
C LEU B 489 -23.56 2.10 -3.23
N GLN B 490 -24.39 1.42 -4.03
CA GLN B 490 -23.96 0.29 -4.84
C GLN B 490 -24.10 0.63 -6.33
N PRO B 491 -23.20 0.13 -7.16
CA PRO B 491 -23.32 0.39 -8.60
C PRO B 491 -24.20 -0.62 -9.33
N VAL B 492 -24.40 -0.42 -10.64
CA VAL B 492 -24.97 -1.45 -11.50
C VAL B 492 -23.88 -1.88 -12.48
N GLU B 493 -24.15 -2.94 -13.24
CA GLU B 493 -23.08 -3.46 -14.09
C GLU B 493 -23.04 -2.68 -15.40
N ILE B 494 -21.82 -2.44 -15.87
CA ILE B 494 -21.60 -1.53 -16.97
C ILE B 494 -22.06 -2.16 -18.28
N GLY B 495 -22.75 -1.37 -19.08
CA GLY B 495 -23.16 -1.80 -20.41
C GLY B 495 -24.35 -2.70 -20.47
N LYS B 496 -25.13 -2.79 -19.38
CA LYS B 496 -26.33 -3.62 -19.37
C LYS B 496 -27.56 -2.76 -19.14
N GLY B 497 -28.56 -2.92 -20.02
CA GLY B 497 -29.85 -2.29 -19.86
C GLY B 497 -30.78 -3.09 -18.97
N VAL B 498 -31.96 -2.52 -18.73
CA VAL B 498 -32.97 -3.14 -17.90
C VAL B 498 -34.28 -3.17 -18.69
N VAL B 499 -34.76 -4.36 -18.99
CA VAL B 499 -36.09 -4.53 -19.56
C VAL B 499 -37.10 -4.12 -18.50
N ARG B 500 -37.96 -3.16 -18.84
CA ARG B 500 -38.96 -2.66 -17.89
C ARG B 500 -40.36 -3.09 -18.25
N ARG B 501 -40.53 -3.83 -19.34
CA ARG B 501 -41.82 -4.26 -19.83
C ARG B 501 -41.58 -5.17 -21.01
N ARG B 502 -42.30 -6.29 -21.06
CA ARG B 502 -42.22 -7.22 -22.18
C ARG B 502 -43.49 -7.11 -23.00
N GLY B 503 -43.34 -6.90 -24.31
CA GLY B 503 -44.46 -6.85 -25.22
C GLY B 503 -44.11 -7.50 -26.53
N GLY B 504 -44.80 -7.13 -27.59
CA GLY B 504 -44.46 -7.62 -28.92
C GLY B 504 -44.56 -6.50 -29.93
N ARG B 505 -44.11 -6.82 -31.14
CA ARG B 505 -44.23 -5.91 -32.28
C ARG B 505 -43.18 -4.80 -32.20
N VAL B 506 -43.17 -4.03 -31.13
CA VAL B 506 -42.30 -2.86 -31.00
C VAL B 506 -41.42 -2.98 -29.77
N ALA B 507 -40.22 -2.41 -29.86
CA ALA B 507 -39.35 -2.24 -28.70
C ALA B 507 -38.97 -0.77 -28.58
N LEU B 508 -39.25 -0.18 -27.41
CA LEU B 508 -38.82 1.18 -27.09
C LEU B 508 -37.50 1.10 -26.31
N LEU B 509 -36.42 1.61 -26.90
CA LEU B 509 -35.10 1.60 -26.27
C LEU B 509 -34.84 3.02 -25.77
N VAL B 510 -35.09 3.23 -24.48
CA VAL B 510 -35.10 4.56 -23.89
C VAL B 510 -33.74 4.83 -23.28
N PHE B 511 -33.13 5.94 -23.68
CA PHE B 511 -31.92 6.47 -23.06
C PHE B 511 -32.34 7.71 -22.26
N GLY B 512 -32.62 7.51 -20.98
CA GLY B 512 -32.86 8.62 -20.09
C GLY B 512 -34.29 8.78 -19.63
N VAL B 513 -34.70 10.03 -19.38
CA VAL B 513 -35.87 10.32 -18.57
C VAL B 513 -37.18 10.33 -19.35
N GLN B 514 -37.15 9.98 -20.64
CA GLN B 514 -38.43 9.79 -21.31
C GLN B 514 -39.06 8.46 -20.97
N LEU B 515 -38.45 7.69 -20.05
CA LEU B 515 -38.90 6.33 -19.78
C LEU B 515 -40.36 6.28 -19.35
N ALA B 516 -40.76 7.17 -18.44
CA ALA B 516 -42.14 7.13 -17.96
C ALA B 516 -43.12 7.46 -19.07
N GLU B 517 -42.77 8.40 -19.96
CA GLU B 517 -43.64 8.69 -21.10
C GLU B 517 -43.75 7.47 -22.01
N ALA B 518 -42.63 6.78 -22.25
CA ALA B 518 -42.64 5.57 -23.05
C ALA B 518 -43.42 4.44 -22.36
N MET B 519 -43.28 4.33 -21.03
CA MET B 519 -44.08 3.35 -20.31
C MET B 519 -45.57 3.60 -20.54
N LYS B 520 -45.98 4.88 -20.56
CA LYS B 520 -47.38 5.22 -20.82
C LYS B 520 -47.84 4.65 -22.16
N VAL B 521 -47.14 4.96 -23.24
CA VAL B 521 -47.57 4.52 -24.57
C VAL B 521 -47.36 3.02 -24.79
N ALA B 522 -46.53 2.36 -23.98
CA ALA B 522 -46.20 0.95 -24.20
C ALA B 522 -47.40 0.04 -23.95
N GLU B 523 -48.25 0.38 -22.98
CA GLU B 523 -49.47 -0.38 -22.80
C GLU B 523 -50.39 -0.24 -24.00
N SER B 524 -50.51 0.98 -24.54
CA SER B 524 -51.38 1.21 -25.70
C SER B 524 -50.92 0.43 -26.93
N LEU B 525 -49.65 0.01 -26.98
CA LEU B 525 -49.12 -0.74 -28.11
C LEU B 525 -48.68 -2.14 -27.72
N ASP B 526 -48.84 -2.53 -26.46
CA ASP B 526 -48.25 -3.76 -25.94
C ASP B 526 -46.84 -3.88 -26.47
N ALA B 527 -45.96 -3.02 -25.99
CA ALA B 527 -44.59 -2.90 -26.44
C ALA B 527 -43.63 -3.37 -25.36
N THR B 528 -42.45 -3.79 -25.80
CA THR B 528 -41.31 -3.94 -24.92
C THR B 528 -40.72 -2.57 -24.64
N VAL B 529 -40.24 -2.36 -23.41
CA VAL B 529 -39.64 -1.09 -23.02
C VAL B 529 -38.35 -1.39 -22.29
N VAL B 530 -37.22 -0.97 -22.85
CA VAL B 530 -35.91 -1.18 -22.25
C VAL B 530 -35.34 0.15 -21.77
N ASP B 531 -34.84 0.16 -20.53
CA ASP B 531 -34.13 1.29 -19.93
C ASP B 531 -32.64 1.07 -20.19
N MET B 532 -32.16 1.55 -21.36
CA MET B 532 -30.77 1.40 -21.76
C MET B 532 -29.88 2.25 -20.89
N ARG B 533 -29.36 1.74 -19.79
CA ARG B 533 -28.70 2.68 -18.88
C ARG B 533 -27.49 3.36 -19.53
N PHE B 534 -26.95 2.80 -20.62
CA PHE B 534 -25.67 3.20 -21.19
C PHE B 534 -25.77 3.42 -22.69
N VAL B 535 -25.09 4.46 -23.19
CA VAL B 535 -24.89 4.66 -24.63
C VAL B 535 -23.56 4.09 -25.07
N LYS B 536 -22.55 4.26 -24.25
CA LYS B 536 -21.23 3.73 -24.51
C LYS B 536 -20.62 3.26 -23.18
N PRO B 537 -20.33 1.94 -23.05
CA PRO B 537 -20.60 0.87 -24.01
C PRO B 537 -22.08 0.50 -24.06
N LEU B 538 -22.55 0.23 -25.28
CA LEU B 538 -23.95 -0.10 -25.51
C LEU B 538 -24.20 -1.57 -25.21
N ASP B 539 -25.43 -1.88 -24.81
CA ASP B 539 -25.83 -3.26 -24.52
C ASP B 539 -26.09 -3.98 -25.85
N GLU B 540 -25.01 -4.38 -26.51
CA GLU B 540 -25.13 -4.93 -27.86
C GLU B 540 -25.94 -6.22 -27.85
N ALA B 541 -25.64 -7.13 -26.92
CA ALA B 541 -26.37 -8.40 -26.81
C ALA B 541 -27.87 -8.18 -26.70
N LEU B 542 -28.29 -7.26 -25.81
CA LEU B 542 -29.72 -7.02 -25.67
C LEU B 542 -30.32 -6.42 -26.95
N VAL B 543 -29.56 -5.60 -27.67
CA VAL B 543 -30.10 -5.01 -28.90
C VAL B 543 -30.23 -6.08 -30.00
N ARG B 544 -29.21 -6.92 -30.15
CA ARG B 544 -29.25 -7.99 -31.15
C ARG B 544 -30.43 -8.95 -30.90
N GLU B 545 -30.79 -9.19 -29.64
CA GLU B 545 -31.98 -9.98 -29.32
C GLU B 545 -33.26 -9.21 -29.62
N LEU B 546 -33.36 -7.97 -29.14
CA LEU B 546 -34.54 -7.18 -29.44
C LEU B 546 -34.74 -7.02 -30.94
N ALA B 547 -33.64 -6.91 -31.70
CA ALA B 547 -33.74 -6.72 -33.15
C ALA B 547 -34.28 -7.95 -33.86
N GLY B 548 -34.07 -9.15 -33.30
CA GLY B 548 -34.67 -10.32 -33.90
C GLY B 548 -36.10 -10.59 -33.49
N SER B 549 -36.61 -9.90 -32.48
CA SER B 549 -37.87 -10.25 -31.81
C SER B 549 -38.99 -9.25 -32.06
N HIS B 550 -38.75 -8.20 -32.84
CA HIS B 550 -39.76 -7.18 -33.03
C HIS B 550 -39.72 -6.71 -34.48
N GLU B 551 -40.84 -6.13 -34.92
CA GLU B 551 -40.92 -5.51 -36.23
C GLU B 551 -40.24 -4.14 -36.29
N LEU B 552 -39.97 -3.52 -35.14
CA LEU B 552 -39.55 -2.13 -35.09
C LEU B 552 -38.80 -1.85 -33.80
N LEU B 553 -37.59 -1.30 -33.92
CA LEU B 553 -36.86 -0.73 -32.80
C LEU B 553 -37.04 0.79 -32.83
N VAL B 554 -37.47 1.36 -31.71
CA VAL B 554 -37.62 2.81 -31.55
C VAL B 554 -36.67 3.27 -30.46
N THR B 555 -35.84 4.26 -30.76
CA THR B 555 -34.94 4.84 -29.77
C THR B 555 -35.45 6.22 -29.36
N ILE B 556 -35.28 6.54 -28.07
CA ILE B 556 -35.78 7.76 -27.45
C ILE B 556 -34.68 8.35 -26.59
N GLU B 557 -34.41 9.64 -26.78
CA GLU B 557 -33.36 10.34 -26.06
C GLU B 557 -33.66 11.83 -26.06
N GLU B 558 -33.31 12.51 -24.97
CA GLU B 558 -33.42 13.97 -24.93
C GLU B 558 -32.06 14.56 -25.32
N ASN B 559 -31.77 14.47 -26.61
CA ASN B 559 -30.51 14.83 -27.26
C ASN B 559 -30.80 14.90 -28.74
N ALA B 560 -29.93 15.59 -29.49
CA ALA B 560 -29.98 15.57 -30.95
C ALA B 560 -30.07 14.16 -31.50
N VAL B 561 -30.97 13.98 -32.48
CA VAL B 561 -31.00 12.72 -33.22
C VAL B 561 -29.68 12.51 -33.96
N MET B 562 -29.16 13.54 -34.63
CA MET B 562 -27.91 13.37 -35.34
C MET B 562 -26.79 13.15 -34.35
N GLY B 563 -26.14 12.00 -34.44
CA GLY B 563 -25.04 11.64 -33.59
C GLY B 563 -25.42 11.03 -32.26
N GLY B 564 -26.71 10.91 -31.96
CA GLY B 564 -27.16 10.63 -30.62
C GLY B 564 -27.06 9.17 -30.18
N ALA B 565 -27.83 8.85 -29.14
CA ALA B 565 -27.81 7.49 -28.63
C ALA B 565 -28.44 6.53 -29.63
N GLY B 566 -29.57 6.94 -30.22
CA GLY B 566 -30.21 6.11 -31.23
C GLY B 566 -29.30 5.80 -32.40
N SER B 567 -28.37 6.72 -32.73
CA SER B 567 -27.45 6.43 -33.82
C SER B 567 -26.36 5.48 -33.42
N ALA B 568 -26.04 5.40 -32.11
CA ALA B 568 -25.17 4.33 -31.65
C ALA B 568 -25.85 2.97 -31.81
N VAL B 569 -27.17 2.92 -31.61
CA VAL B 569 -27.94 1.72 -31.98
C VAL B 569 -27.82 1.45 -33.49
N GLY B 570 -28.10 2.46 -34.31
CA GLY B 570 -28.02 2.28 -35.75
C GLY B 570 -26.66 1.79 -36.21
N GLU B 571 -25.59 2.43 -35.75
CA GLU B 571 -24.25 1.96 -36.11
C GLU B 571 -24.06 0.49 -35.76
N PHE B 572 -24.62 0.06 -34.61
CA PHE B 572 -24.46 -1.33 -34.19
C PHE B 572 -25.25 -2.27 -35.09
N LEU B 573 -26.50 -1.91 -35.38
CA LEU B 573 -27.26 -2.69 -36.35
C LEU B 573 -26.51 -2.78 -37.67
N ALA B 574 -25.99 -1.65 -38.15
CA ALA B 574 -25.33 -1.64 -39.45
C ALA B 574 -24.09 -2.52 -39.46
N SER B 575 -23.32 -2.51 -38.38
CA SER B 575 -22.05 -3.21 -38.43
C SER B 575 -22.25 -4.71 -38.43
N GLU B 576 -23.36 -5.19 -37.87
CA GLU B 576 -23.63 -6.62 -37.77
C GLU B 576 -24.66 -7.09 -38.78
N GLY B 577 -25.05 -6.25 -39.73
CA GLY B 577 -25.99 -6.68 -40.74
C GLY B 577 -27.38 -6.93 -40.23
N LEU B 578 -27.67 -6.52 -38.99
CA LEU B 578 -29.03 -6.62 -38.50
C LEU B 578 -29.89 -5.61 -39.26
N GLU B 579 -30.99 -6.07 -39.83
CA GLU B 579 -31.80 -5.20 -40.67
C GLU B 579 -33.23 -5.09 -40.15
N VAL B 580 -33.41 -4.58 -38.95
CA VAL B 580 -34.75 -4.30 -38.44
C VAL B 580 -35.02 -2.82 -38.66
N PRO B 581 -36.27 -2.43 -38.92
CA PRO B 581 -36.59 -1.00 -39.02
C PRO B 581 -36.26 -0.28 -37.71
N LEU B 582 -35.84 0.97 -37.85
CA LEU B 582 -35.39 1.78 -36.72
C LEU B 582 -35.99 3.17 -36.83
N LEU B 583 -36.72 3.59 -35.79
CA LEU B 583 -37.23 4.94 -35.67
C LEU B 583 -36.54 5.64 -34.51
N GLN B 584 -35.96 6.81 -34.79
CA GLN B 584 -35.12 7.53 -33.84
C GLN B 584 -35.86 8.78 -33.40
N LEU B 585 -36.21 8.82 -32.11
CA LEU B 585 -36.89 9.96 -31.52
C LEU B 585 -35.89 10.73 -30.68
N GLY B 586 -35.82 12.04 -30.90
CA GLY B 586 -34.98 12.89 -30.10
C GLY B 586 -35.12 14.35 -30.43
N LEU B 587 -34.02 15.08 -30.32
CA LEU B 587 -34.25 16.50 -30.58
C LEU B 587 -34.01 16.80 -32.05
N PRO B 588 -34.83 17.64 -32.65
CA PRO B 588 -34.71 17.94 -34.09
C PRO B 588 -33.53 18.87 -34.38
N ASP B 589 -33.23 19.02 -35.68
CA ASP B 589 -32.03 19.75 -36.09
C ASP B 589 -32.33 21.23 -36.31
N TYR B 590 -32.83 21.87 -35.26
CA TYR B 590 -32.98 23.31 -35.20
C TYR B 590 -32.95 23.75 -33.73
N TYR B 591 -32.95 25.05 -33.50
CA TYR B 591 -32.94 25.56 -32.14
C TYR B 591 -34.37 25.79 -31.68
N VAL B 592 -34.78 25.08 -30.62
CA VAL B 592 -36.16 25.17 -30.13
C VAL B 592 -36.34 26.48 -29.39
N GLU B 593 -37.34 27.25 -29.79
CA GLU B 593 -37.60 28.54 -29.16
C GLU B 593 -38.01 28.35 -27.70
N HIS B 594 -37.76 29.37 -26.90
CA HIS B 594 -38.04 29.29 -25.46
C HIS B 594 -39.53 29.09 -25.21
N ALA B 595 -39.82 28.30 -24.17
CA ALA B 595 -41.19 28.09 -23.68
C ALA B 595 -41.12 27.27 -22.39
N LYS B 596 -42.26 26.93 -21.81
CA LYS B 596 -42.23 25.99 -20.70
C LYS B 596 -41.55 24.69 -21.14
N PRO B 597 -40.83 24.03 -20.26
CA PRO B 597 -40.23 22.74 -20.63
C PRO B 597 -41.24 21.77 -21.22
N SER B 598 -42.44 21.68 -20.63
CA SER B 598 -43.46 20.76 -21.16
C SER B 598 -43.83 21.10 -22.60
N GLU B 599 -43.88 22.39 -22.94
CA GLU B 599 -44.24 22.76 -24.31
C GLU B 599 -43.11 22.42 -25.27
N MET B 600 -41.87 22.78 -24.90
CA MET B 600 -40.75 22.48 -25.79
C MET B 600 -40.67 20.99 -26.10
N LEU B 601 -40.90 20.13 -25.08
CA LEU B 601 -40.88 18.69 -25.29
C LEU B 601 -42.02 18.25 -26.19
N ALA B 602 -43.20 18.85 -26.03
CA ALA B 602 -44.32 18.57 -26.93
C ALA B 602 -43.97 18.93 -28.37
N GLU B 603 -43.38 20.11 -28.57
CA GLU B 603 -42.93 20.49 -29.90
C GLU B 603 -42.03 19.41 -30.49
N CYS B 604 -41.13 18.85 -29.68
CA CYS B 604 -40.17 17.89 -30.23
C CYS B 604 -40.73 16.49 -30.36
N GLY B 605 -41.95 16.24 -29.88
CA GLY B 605 -42.54 14.91 -29.97
C GLY B 605 -42.08 13.94 -28.89
N LEU B 606 -41.52 14.43 -27.78
CA LEU B 606 -40.93 13.57 -26.76
C LEU B 606 -41.84 13.38 -25.53
N ASP B 607 -43.07 13.86 -25.59
CA ASP B 607 -44.06 13.48 -24.58
C ASP B 607 -44.74 12.20 -25.05
N ALA B 608 -45.54 11.60 -24.16
CA ALA B 608 -46.18 10.32 -24.48
C ALA B 608 -47.01 10.44 -25.76
N ALA B 609 -47.77 11.53 -25.89
CA ALA B 609 -48.63 11.65 -27.07
C ALA B 609 -47.81 11.65 -28.36
N GLY B 610 -46.69 12.38 -28.36
CA GLY B 610 -45.87 12.47 -29.57
C GLY B 610 -45.11 11.19 -29.85
N ILE B 611 -44.72 10.46 -28.81
CA ILE B 611 -44.06 9.18 -29.03
C ILE B 611 -45.02 8.20 -29.69
N GLU B 612 -46.27 8.17 -29.22
CA GLU B 612 -47.24 7.24 -29.81
C GLU B 612 -47.58 7.66 -31.23
N LYS B 613 -47.81 8.95 -31.48
CA LYS B 613 -48.08 9.41 -32.83
C LYS B 613 -46.99 8.92 -33.78
N ALA B 614 -45.73 9.03 -33.37
CA ALA B 614 -44.61 8.74 -34.26
C ALA B 614 -44.46 7.25 -34.51
N VAL B 615 -44.66 6.42 -33.47
CA VAL B 615 -44.54 4.97 -33.64
C VAL B 615 -45.67 4.46 -34.53
N ARG B 616 -46.91 4.83 -34.22
CA ARG B 616 -48.03 4.39 -35.04
C ARG B 616 -47.85 4.81 -36.50
N GLN B 617 -47.23 5.97 -36.75
CA GLN B 617 -46.96 6.38 -38.13
C GLN B 617 -46.10 5.35 -38.86
N ARG B 618 -44.91 5.07 -38.30
CA ARG B 618 -44.02 4.14 -38.97
C ARG B 618 -44.65 2.75 -39.14
N LEU B 619 -45.56 2.37 -38.27
CA LEU B 619 -46.11 1.00 -38.32
C LEU B 619 -47.27 0.86 -39.32
N HIS C 34 -10.26 -23.09 -4.21
CA HIS C 34 -10.48 -22.99 -5.67
C HIS C 34 -11.46 -24.07 -6.14
N GLU C 35 -12.37 -23.69 -7.02
CA GLU C 35 -13.42 -24.58 -7.51
C GLU C 35 -13.47 -24.51 -9.02
N ILE C 36 -13.75 -25.63 -9.67
CA ILE C 36 -13.95 -25.60 -11.12
C ILE C 36 -15.26 -24.88 -11.43
N PRO C 37 -15.23 -23.75 -12.14
CA PRO C 37 -16.48 -23.13 -12.57
C PRO C 37 -17.33 -24.08 -13.42
N ARG C 38 -18.63 -24.12 -13.12
CA ARG C 38 -19.58 -24.90 -13.91
C ARG C 38 -20.21 -24.10 -15.04
N GLU C 39 -19.96 -22.79 -15.12
CA GLU C 39 -20.54 -21.96 -16.18
C GLU C 39 -19.45 -21.13 -16.86
N ARG C 40 -19.67 -20.87 -18.14
CA ARG C 40 -18.73 -20.13 -18.97
C ARG C 40 -18.34 -18.82 -18.30
N PRO C 41 -17.10 -18.71 -17.81
CA PRO C 41 -16.63 -17.42 -17.31
C PRO C 41 -16.64 -16.36 -18.40
N ALA C 42 -16.92 -15.13 -17.97
CA ALA C 42 -16.81 -14.01 -18.89
C ALA C 42 -15.35 -13.73 -19.14
N THR C 43 -14.97 -13.65 -20.42
CA THR C 43 -13.58 -13.42 -20.80
C THR C 43 -13.54 -12.49 -22.01
N PRO C 44 -13.80 -11.20 -21.79
CA PRO C 44 -13.80 -10.24 -22.90
C PRO C 44 -12.45 -10.10 -23.59
N LEU C 45 -11.33 -10.22 -22.85
CA LEU C 45 -10.02 -10.11 -23.49
C LEU C 45 -9.72 -11.38 -24.29
N LEU C 46 -9.76 -12.54 -23.61
CA LEU C 46 -9.54 -13.81 -24.29
C LEU C 46 -10.36 -13.92 -25.58
N ASP C 47 -11.63 -13.47 -25.55
CA ASP C 47 -12.51 -13.64 -26.69
C ASP C 47 -12.08 -12.81 -27.91
N ARG C 48 -11.28 -11.76 -27.72
CA ARG C 48 -10.69 -11.06 -28.85
C ARG C 48 -9.27 -11.53 -29.16
N ALA C 49 -8.75 -12.47 -28.37
CA ALA C 49 -7.52 -13.19 -28.71
C ALA C 49 -7.86 -14.58 -29.25
N SER C 50 -8.65 -14.60 -30.33
CA SER C 50 -9.06 -15.89 -30.90
C SER C 50 -7.95 -16.57 -31.68
N SER C 51 -6.92 -15.84 -32.07
CA SER C 51 -5.83 -16.35 -32.88
C SER C 51 -4.58 -15.57 -32.55
N PRO C 52 -3.39 -16.12 -32.84
CA PRO C 52 -2.16 -15.38 -32.45
C PRO C 52 -2.10 -13.98 -33.04
N ALA C 53 -2.56 -13.78 -34.29
CA ALA C 53 -2.46 -12.45 -34.89
C ALA C 53 -3.30 -11.43 -34.14
N GLU C 54 -4.45 -11.84 -33.58
CA GLU C 54 -5.24 -10.91 -32.77
C GLU C 54 -4.64 -10.73 -31.39
N LEU C 55 -4.09 -11.80 -30.82
CA LEU C 55 -3.34 -11.68 -29.58
C LEU C 55 -2.25 -10.62 -29.71
N ARG C 56 -1.54 -10.62 -30.85
CA ARG C 56 -0.37 -9.77 -30.98
C ARG C 56 -0.72 -8.28 -31.10
N ARG C 57 -1.98 -7.93 -31.40
CA ARG C 57 -2.29 -6.51 -31.39
C ARG C 57 -2.78 -6.01 -30.04
N LEU C 58 -2.93 -6.89 -29.05
CA LEU C 58 -3.19 -6.44 -27.69
C LEU C 58 -1.91 -5.88 -27.08
N GLY C 59 -2.09 -4.99 -26.09
CA GLY C 59 -0.94 -4.38 -25.44
C GLY C 59 -0.38 -5.25 -24.33
N GLU C 60 0.93 -5.11 -24.09
CA GLU C 60 1.57 -5.91 -23.06
C GLU C 60 0.94 -5.65 -21.70
N ALA C 61 0.31 -4.48 -21.50
CA ALA C 61 -0.36 -4.17 -20.25
C ALA C 61 -1.66 -4.93 -20.09
N ASP C 62 -2.04 -5.76 -21.08
CA ASP C 62 -3.25 -6.57 -20.99
C ASP C 62 -2.97 -8.06 -20.89
N LEU C 63 -1.73 -8.50 -21.09
CA LEU C 63 -1.43 -9.93 -21.13
C LEU C 63 -1.70 -10.58 -19.77
N GLU C 64 -1.39 -9.87 -18.69
CA GLU C 64 -1.65 -10.40 -17.35
C GLU C 64 -3.13 -10.74 -17.16
N THR C 65 -4.01 -9.83 -17.56
CA THR C 65 -5.44 -10.10 -17.41
C THR C 65 -5.90 -11.16 -18.39
N LEU C 66 -5.27 -11.23 -19.56
CA LEU C 66 -5.58 -12.30 -20.50
C LEU C 66 -5.24 -13.66 -19.90
N ALA C 67 -4.09 -13.76 -19.23
CA ALA C 67 -3.70 -15.02 -18.59
C ALA C 67 -4.73 -15.48 -17.56
N ASP C 68 -5.27 -14.57 -16.75
CA ASP C 68 -6.29 -14.99 -15.79
C ASP C 68 -7.54 -15.49 -16.51
N GLU C 69 -8.00 -14.74 -17.52
CA GLU C 69 -9.15 -15.18 -18.30
C GLU C 69 -8.91 -16.55 -18.91
N LEU C 70 -7.76 -16.72 -19.58
CA LEU C 70 -7.43 -18.01 -20.20
C LEU C 70 -7.41 -19.13 -19.16
N ARG C 71 -6.73 -18.91 -18.03
CA ARG C 71 -6.73 -19.91 -16.96
C ARG C 71 -8.15 -20.25 -16.53
N GLN C 72 -9.02 -19.23 -16.50
CA GLN C 72 -10.41 -19.44 -16.10
C GLN C 72 -11.14 -20.33 -17.09
N TYR C 73 -11.08 -19.98 -18.38
CA TYR C 73 -11.71 -20.79 -19.42
C TYR C 73 -11.16 -22.22 -19.42
N LEU C 74 -9.83 -22.36 -19.33
CA LEU C 74 -9.24 -23.70 -19.32
C LEU C 74 -9.87 -24.57 -18.23
N LEU C 75 -9.95 -24.05 -17.00
CA LEU C 75 -10.53 -24.82 -15.90
C LEU C 75 -11.97 -25.17 -16.20
N TYR C 76 -12.73 -24.22 -16.74
CA TYR C 76 -14.10 -24.50 -17.11
C TYR C 76 -14.18 -25.60 -18.16
N THR C 77 -13.42 -25.47 -19.26
CA THR C 77 -13.60 -26.42 -20.35
C THR C 77 -13.16 -27.83 -19.96
N VAL C 78 -12.00 -27.97 -19.30
CA VAL C 78 -11.59 -29.32 -18.90
C VAL C 78 -12.57 -29.88 -17.88
N GLY C 79 -13.17 -29.02 -17.05
CA GLY C 79 -14.27 -29.47 -16.22
C GLY C 79 -15.43 -30.04 -17.03
N GLN C 80 -15.68 -29.48 -18.22
CA GLN C 80 -16.79 -29.97 -19.02
C GLN C 80 -16.46 -31.32 -19.68
N THR C 81 -15.23 -31.46 -20.19
CA THR C 81 -14.91 -32.56 -21.10
C THR C 81 -13.99 -33.62 -20.52
N GLY C 82 -13.33 -33.35 -19.41
CA GLY C 82 -12.24 -34.19 -18.97
C GLY C 82 -11.02 -34.03 -19.86
N GLY C 83 -9.89 -34.40 -19.31
CA GLY C 83 -8.65 -34.35 -20.06
C GLY C 83 -7.48 -34.06 -19.15
N HIS C 84 -6.37 -33.65 -19.76
CA HIS C 84 -5.18 -33.31 -19.01
C HIS C 84 -5.36 -31.93 -18.39
N PHE C 85 -4.87 -31.78 -17.15
CA PHE C 85 -5.23 -30.65 -16.32
C PHE C 85 -3.98 -29.87 -15.90
N GLY C 86 -3.17 -30.39 -14.99
CA GLY C 86 -2.15 -29.57 -14.35
C GLY C 86 -1.13 -28.99 -15.32
N ALA C 87 -0.74 -29.74 -16.35
CA ALA C 87 0.40 -29.32 -17.16
C ALA C 87 0.09 -28.04 -17.91
N GLY C 88 -1.15 -27.89 -18.38
CA GLY C 88 -1.52 -26.72 -19.17
C GLY C 88 -1.68 -25.49 -18.31
N LEU C 89 -2.33 -25.64 -17.14
CA LEU C 89 -2.34 -24.58 -16.14
C LEU C 89 -0.94 -24.01 -15.95
N GLY C 90 0.07 -24.87 -16.00
CA GLY C 90 1.45 -24.45 -15.80
C GLY C 90 2.09 -23.74 -16.98
N VAL C 91 1.50 -23.77 -18.17
CA VAL C 91 2.08 -23.06 -19.30
C VAL C 91 1.15 -21.97 -19.84
N VAL C 92 0.19 -21.50 -19.03
CA VAL C 92 -0.71 -20.46 -19.51
C VAL C 92 0.08 -19.22 -19.94
N GLU C 93 1.03 -18.80 -19.10
CA GLU C 93 1.83 -17.62 -19.41
C GLU C 93 2.84 -17.89 -20.52
N LEU C 94 3.52 -19.03 -20.47
CA LEU C 94 4.49 -19.36 -21.51
C LEU C 94 3.82 -19.38 -22.88
N THR C 95 2.62 -19.94 -22.96
CA THR C 95 1.89 -20.01 -24.23
C THR C 95 1.54 -18.63 -24.76
N ILE C 96 1.10 -17.73 -23.87
CA ILE C 96 0.73 -16.39 -24.31
C ILE C 96 1.94 -15.67 -24.87
N ALA C 97 3.06 -15.73 -24.15
CA ALA C 97 4.24 -14.98 -24.59
C ALA C 97 4.79 -15.52 -25.90
N LEU C 98 4.78 -16.84 -26.07
CA LEU C 98 5.27 -17.45 -27.31
C LEU C 98 4.47 -16.94 -28.50
N HIS C 99 3.14 -17.01 -28.43
CA HIS C 99 2.33 -16.54 -29.54
C HIS C 99 2.37 -15.01 -29.63
N TYR C 100 2.58 -14.33 -28.51
CA TYR C 100 2.82 -12.90 -28.55
C TYR C 100 4.11 -12.59 -29.29
N VAL C 101 5.22 -13.16 -28.83
CA VAL C 101 6.53 -12.76 -29.36
C VAL C 101 6.85 -13.37 -30.74
N PHE C 102 6.33 -14.55 -31.09
CA PHE C 102 6.71 -15.20 -32.34
C PHE C 102 5.62 -15.05 -33.42
N ASP C 103 6.05 -15.08 -34.69
CA ASP C 103 5.11 -14.91 -35.80
C ASP C 103 4.48 -16.25 -36.21
N THR C 104 3.81 -16.87 -35.25
CA THR C 104 3.06 -18.08 -35.55
C THR C 104 1.88 -17.74 -36.46
N PRO C 105 1.54 -18.61 -37.44
CA PRO C 105 2.04 -19.97 -37.69
C PRO C 105 3.20 -20.05 -38.67
N ASP C 106 3.83 -18.92 -39.00
CA ASP C 106 4.96 -18.96 -39.91
C ASP C 106 6.21 -19.40 -39.18
N ASP C 107 6.44 -18.82 -38.00
CA ASP C 107 7.38 -19.41 -37.06
C ASP C 107 6.80 -20.70 -36.51
N ARG C 108 7.63 -21.73 -36.46
CA ARG C 108 7.21 -23.06 -36.07
C ARG C 108 7.33 -23.25 -34.56
N LEU C 109 6.22 -23.56 -33.92
CA LEU C 109 6.18 -23.90 -32.52
C LEU C 109 5.83 -25.38 -32.37
N VAL C 110 6.65 -26.12 -31.62
CA VAL C 110 6.48 -27.56 -31.43
C VAL C 110 6.33 -27.81 -29.94
N TRP C 111 5.19 -28.39 -29.55
CA TRP C 111 4.90 -28.77 -28.18
C TRP C 111 5.24 -30.25 -27.97
N ASP C 112 6.06 -30.53 -26.95
CA ASP C 112 6.44 -31.89 -26.63
C ASP C 112 5.34 -32.58 -25.85
N VAL C 113 5.06 -33.84 -26.22
CA VAL C 113 3.96 -34.63 -25.70
C VAL C 113 2.63 -34.02 -26.17
N GLY C 114 2.44 -32.73 -25.91
CA GLY C 114 1.22 -32.04 -26.28
C GLY C 114 0.09 -32.09 -25.26
N HIS C 115 0.25 -32.83 -24.17
CA HIS C 115 -0.81 -32.80 -23.17
C HIS C 115 -0.91 -31.44 -22.48
N GLN C 116 0.05 -30.55 -22.68
CA GLN C 116 0.02 -29.23 -22.07
C GLN C 116 -0.43 -28.15 -23.07
N ALA C 117 -1.03 -28.54 -24.20
CA ALA C 117 -1.27 -27.64 -25.32
C ALA C 117 -2.72 -27.15 -25.43
N TYR C 118 -3.53 -27.32 -24.38
CA TYR C 118 -4.88 -26.77 -24.41
C TYR C 118 -4.88 -25.25 -24.50
N PRO C 119 -4.09 -24.52 -23.72
CA PRO C 119 -4.03 -23.07 -23.94
C PRO C 119 -3.63 -22.76 -25.38
N HIS C 120 -2.63 -23.48 -25.89
CA HIS C 120 -2.26 -23.32 -27.29
C HIS C 120 -3.49 -23.46 -28.19
N LYS C 121 -4.27 -24.52 -28.00
CA LYS C 121 -5.46 -24.70 -28.84
C LYS C 121 -6.44 -23.55 -28.61
N ILE C 122 -6.58 -23.10 -27.36
CA ILE C 122 -7.53 -22.03 -27.05
C ILE C 122 -7.18 -20.75 -27.80
N LEU C 123 -5.89 -20.47 -27.98
CA LEU C 123 -5.42 -19.27 -28.65
C LEU C 123 -5.21 -19.45 -30.14
N THR C 124 -5.59 -20.59 -30.71
CA THR C 124 -5.37 -20.89 -32.12
C THR C 124 -6.65 -21.36 -32.76
N GLU C 125 -7.71 -20.55 -32.59
CA GLU C 125 -8.96 -20.61 -33.33
C GLU C 125 -9.82 -21.79 -32.91
N ARG C 126 -9.49 -22.44 -31.80
CA ARG C 126 -10.23 -23.60 -31.37
C ARG C 126 -10.89 -23.43 -30.02
N ARG C 127 -10.78 -22.26 -29.40
CA ARG C 127 -11.38 -22.01 -28.08
C ARG C 127 -12.85 -22.43 -28.03
N GLU C 128 -13.64 -21.99 -29.01
CA GLU C 128 -15.07 -22.32 -28.99
C GLU C 128 -15.33 -23.78 -29.35
N LEU C 129 -14.30 -24.52 -29.75
CA LEU C 129 -14.46 -25.94 -30.00
C LEU C 129 -13.95 -26.81 -28.86
N MET C 130 -13.36 -26.21 -27.81
CA MET C 130 -12.88 -27.00 -26.68
C MET C 130 -13.95 -27.89 -26.10
N GLY C 131 -15.22 -27.52 -26.28
CA GLY C 131 -16.31 -28.34 -25.79
C GLY C 131 -16.45 -29.67 -26.49
N THR C 132 -15.81 -29.85 -27.65
CA THR C 132 -15.78 -31.15 -28.32
C THR C 132 -14.53 -31.95 -27.97
N LEU C 133 -13.65 -31.42 -27.12
CA LEU C 133 -12.35 -32.04 -26.90
C LEU C 133 -12.46 -33.49 -26.45
N ARG C 134 -11.66 -34.37 -27.08
CA ARG C 134 -11.56 -35.78 -26.71
C ARG C 134 -12.89 -36.50 -26.84
N GLN C 135 -13.75 -35.99 -27.70
CA GLN C 135 -15.02 -36.63 -28.02
C GLN C 135 -14.98 -37.10 -29.46
N LYS C 136 -15.68 -38.20 -29.72
CA LYS C 136 -15.89 -38.66 -31.09
C LYS C 136 -16.19 -37.49 -32.00
N ASN C 137 -15.30 -37.24 -32.95
CA ASN C 137 -15.40 -36.23 -33.99
C ASN C 137 -15.04 -34.82 -33.54
N GLY C 138 -14.59 -34.63 -32.29
CA GLY C 138 -14.09 -33.34 -31.85
C GLY C 138 -12.57 -33.26 -31.85
N LEU C 139 -12.06 -32.23 -31.20
CA LEU C 139 -10.61 -32.00 -31.17
C LEU C 139 -9.91 -33.20 -30.54
N ALA C 140 -8.75 -33.53 -31.10
CA ALA C 140 -7.91 -34.61 -30.62
C ALA C 140 -7.26 -34.25 -29.28
N ALA C 141 -6.75 -35.27 -28.59
CA ALA C 141 -6.16 -35.06 -27.27
C ALA C 141 -4.88 -34.23 -27.34
N PHE C 142 -4.22 -34.18 -28.50
CA PHE C 142 -2.92 -33.51 -28.59
C PHE C 142 -2.87 -32.64 -29.84
N PRO C 143 -1.90 -31.72 -29.94
CA PRO C 143 -1.72 -31.02 -31.23
C PRO C 143 -1.58 -32.05 -32.36
N ARG C 144 -2.02 -31.67 -33.56
CA ARG C 144 -2.09 -32.60 -34.67
C ARG C 144 -2.18 -31.86 -36.01
N ARG C 145 -1.29 -32.21 -36.95
CA ARG C 145 -1.11 -31.43 -38.17
C ARG C 145 -2.41 -31.26 -38.94
N ALA C 146 -3.21 -32.33 -39.03
CA ALA C 146 -4.47 -32.25 -39.76
C ALA C 146 -5.54 -31.43 -39.03
N GLU C 147 -5.31 -31.03 -37.79
CA GLU C 147 -6.37 -30.35 -37.06
C GLU C 147 -6.31 -28.86 -37.27
N SER C 148 -5.11 -28.30 -37.37
CA SER C 148 -4.93 -26.85 -37.43
C SER C 148 -3.60 -26.55 -38.08
N GLU C 149 -3.58 -25.50 -38.89
CA GLU C 149 -2.33 -24.95 -39.40
C GLU C 149 -1.39 -24.53 -38.27
N TYR C 150 -1.90 -24.36 -37.06
CA TYR C 150 -1.08 -23.92 -35.93
C TYR C 150 -0.36 -25.09 -35.23
N ASP C 151 -0.73 -26.33 -35.51
CA ASP C 151 -0.05 -27.50 -34.96
C ASP C 151 0.99 -27.97 -35.95
N THR C 152 2.26 -27.74 -35.64
CA THR C 152 3.29 -28.11 -36.60
C THR C 152 3.67 -29.59 -36.54
N PHE C 153 3.30 -30.31 -35.48
CA PHE C 153 3.79 -31.67 -35.31
C PHE C 153 2.83 -32.44 -34.41
N GLY C 154 2.35 -33.59 -34.89
CA GLY C 154 1.49 -34.43 -34.09
C GLY C 154 2.29 -35.12 -33.01
N VAL C 155 1.86 -34.96 -31.77
CA VAL C 155 2.59 -35.49 -30.63
C VAL C 155 1.66 -36.34 -29.78
N GLY C 156 2.27 -37.06 -28.85
CA GLY C 156 1.58 -37.95 -27.93
C GLY C 156 2.64 -38.72 -27.17
N HIS C 157 3.44 -39.50 -27.89
CA HIS C 157 4.68 -39.91 -27.29
C HIS C 157 5.51 -38.67 -27.05
N SER C 158 6.35 -38.74 -26.03
CA SER C 158 7.17 -37.63 -25.56
C SER C 158 8.50 -37.55 -26.31
N SER C 159 9.15 -36.40 -26.15
CA SER C 159 10.55 -36.19 -26.49
C SER C 159 10.82 -36.12 -27.99
N THR C 160 9.78 -35.93 -28.80
CA THR C 160 10.00 -35.81 -30.23
C THR C 160 10.22 -34.38 -30.69
N SER C 161 10.05 -33.38 -29.80
CA SER C 161 9.90 -32.00 -30.23
C SER C 161 11.21 -31.41 -30.77
N ILE C 162 12.33 -31.66 -30.09
CA ILE C 162 13.59 -31.10 -30.53
C ILE C 162 13.95 -31.64 -31.92
N SER C 163 13.84 -32.95 -32.09
CA SER C 163 14.07 -33.55 -33.40
C SER C 163 13.21 -32.89 -34.46
N ALA C 164 11.91 -32.74 -34.18
CA ALA C 164 11.00 -32.19 -35.18
C ALA C 164 11.35 -30.75 -35.51
N ALA C 165 11.63 -29.95 -34.48
CA ALA C 165 11.93 -28.54 -34.67
C ALA C 165 13.23 -28.36 -35.45
N LEU C 166 14.25 -29.16 -35.13
CA LEU C 166 15.50 -29.12 -35.88
C LEU C 166 15.26 -29.45 -37.36
N GLY C 167 14.53 -30.54 -37.62
CA GLY C 167 14.20 -30.88 -38.99
C GLY C 167 13.54 -29.73 -39.75
N MET C 168 12.58 -29.04 -39.12
CA MET C 168 11.95 -27.90 -39.78
C MET C 168 12.95 -26.75 -39.97
N ALA C 169 13.83 -26.53 -38.99
CA ALA C 169 14.83 -25.48 -39.16
C ALA C 169 15.78 -25.80 -40.31
N ILE C 170 16.25 -27.04 -40.41
CA ILE C 170 17.21 -27.38 -41.45
C ILE C 170 16.57 -27.17 -42.82
N ALA C 171 15.32 -27.60 -42.98
CA ALA C 171 14.65 -27.48 -44.25
C ALA C 171 14.38 -26.02 -44.59
N ALA C 172 13.91 -25.24 -43.61
CA ALA C 172 13.60 -23.84 -43.90
C ALA C 172 14.82 -23.09 -44.44
N ARG C 173 16.00 -23.34 -43.86
CA ARG C 173 17.20 -22.64 -44.30
C ARG C 173 17.66 -23.14 -45.66
N LEU C 174 17.60 -24.46 -45.89
CA LEU C 174 17.85 -24.97 -47.24
C LEU C 174 16.89 -24.36 -48.25
N GLN C 175 15.72 -23.89 -47.80
CA GLN C 175 14.74 -23.28 -48.69
C GLN C 175 14.88 -21.78 -48.82
N GLY C 176 15.88 -21.19 -48.17
CA GLY C 176 16.03 -19.74 -48.17
C GLY C 176 14.98 -18.97 -47.38
N LYS C 177 14.07 -19.66 -46.70
CA LYS C 177 13.02 -18.99 -45.95
C LYS C 177 13.49 -18.69 -44.53
N GLU C 178 13.20 -17.48 -44.06
CA GLU C 178 13.60 -17.05 -42.72
C GLU C 178 12.42 -17.29 -41.78
N ARG C 179 12.45 -18.42 -41.07
CA ARG C 179 11.44 -18.70 -40.05
C ARG C 179 12.13 -19.13 -38.76
N LYS C 180 11.50 -18.80 -37.66
CA LYS C 180 11.99 -19.28 -36.37
C LYS C 180 11.37 -20.64 -36.04
N SER C 181 12.05 -21.39 -35.19
CA SER C 181 11.64 -22.75 -34.89
C SER C 181 11.89 -23.03 -33.41
N VAL C 182 10.82 -23.35 -32.68
CA VAL C 182 10.86 -23.44 -31.23
C VAL C 182 10.32 -24.79 -30.78
N ALA C 183 11.07 -25.46 -29.90
CA ALA C 183 10.57 -26.66 -29.23
C ALA C 183 10.38 -26.35 -27.75
N VAL C 184 9.20 -26.69 -27.21
CA VAL C 184 8.89 -26.56 -25.80
C VAL C 184 8.87 -27.96 -25.19
N ILE C 185 9.88 -28.28 -24.40
CA ILE C 185 10.01 -29.63 -23.87
C ILE C 185 10.03 -29.58 -22.35
N GLY C 186 9.26 -30.50 -21.72
CA GLY C 186 9.26 -30.61 -20.27
C GLY C 186 10.48 -31.33 -19.73
N ASP C 187 10.72 -31.16 -18.43
CA ASP C 187 11.90 -31.76 -17.83
C ASP C 187 11.78 -33.28 -17.76
N GLY C 188 10.57 -33.83 -17.67
CA GLY C 188 10.43 -35.27 -17.84
C GLY C 188 10.76 -35.72 -19.26
N ALA C 189 10.18 -35.04 -20.26
CA ALA C 189 10.39 -35.47 -21.63
C ALA C 189 11.87 -35.41 -22.00
N LEU C 190 12.63 -34.56 -21.33
CA LEU C 190 14.05 -34.39 -21.63
C LEU C 190 14.89 -35.53 -21.09
N THR C 191 14.31 -36.45 -20.31
CA THR C 191 15.03 -37.63 -19.87
C THR C 191 15.15 -38.69 -20.97
N ALA C 192 14.47 -38.54 -22.10
CA ALA C 192 14.52 -39.56 -23.13
C ALA C 192 15.79 -39.44 -23.96
N GLY C 193 16.38 -40.60 -24.30
CA GLY C 193 17.53 -40.63 -25.18
C GLY C 193 17.36 -39.80 -26.46
N MET C 194 16.19 -39.86 -27.11
CA MET C 194 16.09 -39.23 -28.42
C MET C 194 16.24 -37.71 -28.31
N ALA C 195 15.83 -37.12 -27.19
CA ALA C 195 16.07 -35.68 -27.02
C ALA C 195 17.56 -35.38 -26.89
N PHE C 196 18.31 -36.26 -26.24
CA PHE C 196 19.76 -36.09 -26.22
C PHE C 196 20.35 -36.20 -27.63
N GLU C 197 19.95 -37.23 -28.38
CA GLU C 197 20.41 -37.30 -29.76
C GLU C 197 20.13 -36.00 -30.48
N ALA C 198 18.97 -35.40 -30.24
CA ALA C 198 18.61 -34.23 -31.01
C ALA C 198 19.47 -33.03 -30.62
N LEU C 199 19.68 -32.81 -29.33
CA LEU C 199 20.48 -31.68 -28.88
C LEU C 199 21.90 -31.75 -29.42
N ASN C 200 22.47 -32.95 -29.50
CA ASN C 200 23.82 -33.09 -30.02
C ASN C 200 23.87 -32.89 -31.52
N HIS C 201 22.84 -33.34 -32.24
CA HIS C 201 22.87 -33.13 -33.69
C HIS C 201 22.57 -31.67 -34.04
N ALA C 202 21.65 -31.01 -33.33
CA ALA C 202 21.41 -29.59 -33.59
C ALA C 202 22.69 -28.79 -33.41
N SER C 203 23.44 -29.10 -32.37
CA SER C 203 24.68 -28.39 -32.11
C SER C 203 25.63 -28.51 -33.29
N GLU C 204 25.84 -29.74 -33.78
CA GLU C 204 26.76 -29.96 -34.88
C GLU C 204 26.34 -29.21 -36.14
N VAL C 205 25.04 -29.24 -36.48
CA VAL C 205 24.57 -28.55 -37.68
C VAL C 205 24.41 -27.05 -37.49
N ASP C 206 24.62 -26.54 -36.27
CA ASP C 206 24.52 -25.10 -36.02
C ASP C 206 23.18 -24.54 -36.48
N ALA C 207 22.11 -25.30 -36.28
CA ALA C 207 20.78 -24.87 -36.68
C ALA C 207 20.32 -23.68 -35.86
N ASP C 208 19.47 -22.85 -36.47
CA ASP C 208 18.91 -21.69 -35.80
C ASP C 208 17.57 -22.13 -35.23
N MET C 209 17.57 -22.44 -33.93
CA MET C 209 16.39 -22.97 -33.27
C MET C 209 16.50 -22.72 -31.77
N LEU C 210 15.34 -22.61 -31.14
CA LEU C 210 15.26 -22.35 -29.72
C LEU C 210 14.56 -23.53 -29.07
N VAL C 211 15.23 -24.16 -28.11
CA VAL C 211 14.62 -25.17 -27.27
C VAL C 211 14.29 -24.52 -25.92
N ILE C 212 13.01 -24.54 -25.55
CA ILE C 212 12.54 -24.00 -24.28
C ILE C 212 12.26 -25.18 -23.36
N LEU C 213 13.02 -25.30 -22.28
CA LEU C 213 12.80 -26.31 -21.25
C LEU C 213 11.77 -25.80 -20.23
N ASN C 214 10.62 -26.47 -20.17
CA ASN C 214 9.55 -26.16 -19.23
C ASN C 214 9.76 -27.04 -18.00
N ASP C 215 10.42 -26.47 -16.98
CA ASP C 215 10.88 -27.22 -15.81
C ASP C 215 9.93 -26.99 -14.65
N ASN C 216 9.19 -28.03 -14.25
CA ASN C 216 8.33 -27.92 -13.09
C ASN C 216 8.63 -29.01 -12.06
N ASP C 217 9.78 -29.68 -12.19
CA ASP C 217 10.21 -30.73 -11.25
C ASP C 217 9.26 -31.92 -11.23
N MET C 218 8.53 -32.15 -12.31
CA MET C 218 7.51 -33.20 -12.35
C MET C 218 7.53 -33.96 -13.66
N SER C 219 7.26 -35.26 -13.56
CA SER C 219 6.80 -36.09 -14.66
C SER C 219 5.27 -36.24 -14.52
N ILE C 220 4.71 -37.45 -14.55
CA ILE C 220 3.39 -37.68 -13.97
C ILE C 220 3.53 -37.85 -12.46
N SER C 221 4.32 -38.84 -12.04
CA SER C 221 4.95 -38.84 -10.73
C SER C 221 5.95 -37.69 -10.68
N HIS C 222 6.75 -37.65 -9.61
CA HIS C 222 7.89 -36.76 -9.61
C HIS C 222 8.95 -37.25 -10.59
N ASN C 223 9.74 -36.30 -11.10
CA ASN C 223 10.81 -36.63 -12.03
C ASN C 223 12.00 -37.17 -11.23
N VAL C 224 12.25 -38.47 -11.35
CA VAL C 224 13.31 -39.14 -10.63
C VAL C 224 14.39 -39.55 -11.63
N GLY C 225 15.56 -38.95 -11.50
CA GLY C 225 16.67 -39.29 -12.38
C GLY C 225 17.83 -38.36 -12.15
N GLY C 226 18.98 -38.74 -12.71
CA GLY C 226 20.17 -37.94 -12.55
C GLY C 226 20.09 -36.59 -13.22
N LEU C 227 19.26 -36.47 -14.26
CA LEU C 227 19.08 -35.17 -14.89
C LEU C 227 18.11 -34.31 -14.08
N SER C 228 17.07 -34.91 -13.50
CA SER C 228 16.23 -34.14 -12.58
C SER C 228 17.09 -33.47 -11.53
N ASN C 229 18.11 -34.18 -11.06
CA ASN C 229 19.11 -33.66 -10.14
C ASN C 229 20.09 -32.73 -10.86
N GLU C 247 25.45 -25.83 -22.56
CA GLU C 247 26.76 -25.25 -22.81
C GLU C 247 27.52 -25.99 -23.90
N LEU C 248 27.07 -27.21 -24.17
CA LEU C 248 27.76 -28.07 -25.14
C LEU C 248 27.14 -27.92 -26.53
N GLY C 249 27.36 -26.73 -27.07
CA GLY C 249 26.81 -26.30 -28.33
C GLY C 249 25.63 -25.38 -28.20
N TRP C 250 25.09 -25.20 -27.01
CA TRP C 250 23.84 -24.48 -26.79
C TRP C 250 24.08 -23.22 -25.99
N ASN C 251 23.54 -22.10 -26.46
CA ASN C 251 23.54 -20.83 -25.75
C ASN C 251 22.47 -20.88 -24.66
N TYR C 252 22.89 -20.97 -23.39
CA TYR C 252 21.98 -21.22 -22.28
C TYR C 252 21.63 -19.92 -21.57
N ILE C 253 20.34 -19.68 -21.39
CA ILE C 253 19.81 -18.53 -20.67
C ILE C 253 18.80 -19.06 -19.67
N GLY C 254 18.91 -18.61 -18.42
CA GLY C 254 17.96 -19.01 -17.42
C GLY C 254 18.64 -19.38 -16.12
N PRO C 255 17.85 -19.85 -15.14
CA PRO C 255 16.39 -20.02 -15.20
C PRO C 255 15.63 -18.71 -15.04
N ILE C 256 14.45 -18.58 -15.64
CA ILE C 256 13.57 -17.43 -15.47
C ILE C 256 12.22 -17.94 -15.01
N ASP C 257 11.44 -17.07 -14.40
CA ASP C 257 10.15 -17.45 -13.83
C ASP C 257 9.12 -17.56 -14.96
N GLY C 258 8.60 -18.76 -15.16
CA GLY C 258 7.70 -18.99 -16.26
C GLY C 258 6.28 -18.50 -16.03
N HIS C 259 6.05 -17.74 -14.97
CA HIS C 259 4.76 -17.12 -14.74
C HIS C 259 4.89 -15.60 -14.65
N ASP C 260 6.09 -15.06 -14.87
CA ASP C 260 6.31 -13.63 -14.99
C ASP C 260 6.23 -13.24 -16.46
N LEU C 261 5.05 -12.83 -16.90
CA LEU C 261 4.85 -12.49 -18.30
C LEU C 261 5.87 -11.46 -18.79
N PRO C 262 6.04 -10.31 -18.14
CA PRO C 262 6.99 -9.31 -18.67
C PRO C 262 8.40 -9.84 -18.83
N THR C 263 8.89 -10.68 -17.91
CA THR C 263 10.18 -11.30 -18.10
C THR C 263 10.16 -12.31 -19.25
N LEU C 264 9.05 -13.06 -19.37
CA LEU C 264 8.92 -14.01 -20.46
C LEU C 264 9.00 -13.28 -21.79
N VAL C 265 8.16 -12.27 -21.99
CA VAL C 265 8.14 -11.54 -23.25
C VAL C 265 9.51 -10.91 -23.54
N ALA C 266 10.13 -10.33 -22.52
CA ALA C 266 11.41 -9.66 -22.74
C ALA C 266 12.51 -10.66 -23.08
N THR C 267 12.57 -11.79 -22.37
CA THR C 267 13.55 -12.79 -22.70
C THR C 267 13.27 -13.40 -24.08
N LEU C 268 12.02 -13.73 -24.37
CA LEU C 268 11.71 -14.33 -25.66
C LEU C 268 12.07 -13.37 -26.80
N ARG C 269 11.69 -12.10 -26.66
CA ARG C 269 12.01 -11.11 -27.69
C ARG C 269 13.52 -10.98 -27.88
N ASN C 270 14.28 -10.98 -26.79
CA ASN C 270 15.74 -10.95 -26.94
C ASN C 270 16.24 -12.20 -27.67
N MET C 271 15.77 -13.38 -27.24
CA MET C 271 16.33 -14.60 -27.80
C MET C 271 15.86 -14.81 -29.24
N ARG C 272 14.69 -14.28 -29.59
CA ARG C 272 14.22 -14.41 -30.95
C ARG C 272 15.20 -13.77 -31.93
N ASP C 273 15.89 -12.71 -31.51
CA ASP C 273 16.89 -12.01 -32.33
C ASP C 273 18.27 -12.63 -32.26
N MET C 274 18.42 -13.82 -31.65
CA MET C 274 19.70 -14.50 -31.53
C MET C 274 19.63 -15.77 -32.36
N LYS C 275 20.76 -16.14 -32.95
CA LYS C 275 20.84 -17.24 -33.91
C LYS C 275 21.55 -18.45 -33.30
N GLY C 276 21.47 -19.58 -34.02
CA GLY C 276 22.12 -20.79 -33.60
C GLY C 276 21.39 -21.47 -32.45
N PRO C 277 21.92 -22.57 -31.97
CA PRO C 277 21.21 -23.33 -30.92
C PRO C 277 21.06 -22.50 -29.65
N GLN C 278 19.83 -22.06 -29.37
CA GLN C 278 19.50 -21.30 -28.17
C GLN C 278 18.67 -22.15 -27.22
N PHE C 279 18.93 -22.03 -25.93
CA PHE C 279 18.33 -22.90 -24.94
C PHE C 279 17.87 -22.06 -23.75
N LEU C 280 16.55 -21.90 -23.58
CA LEU C 280 15.95 -21.09 -22.53
C LEU C 280 15.37 -21.98 -21.43
N HIS C 281 15.89 -21.83 -20.22
CA HIS C 281 15.44 -22.65 -19.08
C HIS C 281 14.34 -21.90 -18.33
N VAL C 282 13.13 -22.41 -18.39
CA VAL C 282 11.97 -21.78 -17.74
C VAL C 282 11.55 -22.64 -16.55
N VAL C 283 11.02 -21.97 -15.53
CA VAL C 283 10.51 -22.64 -14.33
C VAL C 283 9.05 -22.28 -14.17
N THR C 284 8.19 -23.30 -14.12
CA THR C 284 6.76 -23.14 -13.95
C THR C 284 6.33 -24.01 -12.78
N LYS C 285 5.07 -23.87 -12.37
CA LYS C 285 4.51 -24.71 -11.33
C LYS C 285 3.32 -25.46 -11.90
N LYS C 286 3.39 -26.79 -11.82
CA LYS C 286 2.33 -27.62 -12.37
C LYS C 286 1.01 -27.34 -11.65
N GLY C 287 -0.05 -27.16 -12.43
CA GLY C 287 -1.32 -26.78 -11.85
C GLY C 287 -1.39 -25.37 -11.30
N LYS C 288 -0.45 -24.50 -11.69
CA LYS C 288 -0.44 -23.10 -11.26
C LYS C 288 -1.84 -22.49 -11.31
N GLY C 289 -2.23 -21.86 -10.20
CA GLY C 289 -3.47 -21.12 -10.12
C GLY C 289 -4.69 -21.92 -9.75
N PHE C 290 -4.56 -23.21 -9.49
CA PHE C 290 -5.66 -24.01 -8.96
C PHE C 290 -5.14 -24.74 -7.73
N ALA C 291 -5.50 -24.23 -6.55
CA ALA C 291 -4.94 -24.75 -5.30
C ALA C 291 -4.98 -26.26 -5.22
N PRO C 292 -6.11 -26.94 -5.46
CA PRO C 292 -6.11 -28.40 -5.28
C PRO C 292 -5.08 -29.11 -6.14
N ALA C 293 -4.82 -28.60 -7.36
CA ALA C 293 -3.80 -29.18 -8.23
C ALA C 293 -2.39 -28.78 -7.80
N GLU C 294 -2.22 -27.60 -7.23
CA GLU C 294 -0.89 -27.27 -6.71
C GLU C 294 -0.53 -28.21 -5.56
N LEU C 295 -1.50 -28.67 -4.79
CA LEU C 295 -1.27 -29.55 -3.66
C LEU C 295 -1.26 -31.03 -4.03
N ASP C 296 -1.75 -31.40 -5.21
CA ASP C 296 -1.76 -32.80 -5.66
C ASP C 296 -1.47 -32.82 -7.16
N PRO C 297 -0.24 -32.50 -7.55
CA PRO C 297 0.08 -32.48 -8.98
C PRO C 297 -0.02 -33.85 -9.65
N ILE C 298 0.17 -34.93 -8.90
CA ILE C 298 -0.04 -36.27 -9.46
C ILE C 298 -1.52 -36.50 -9.74
N GLY C 299 -2.36 -36.44 -8.71
CA GLY C 299 -3.78 -36.67 -8.91
C GLY C 299 -4.45 -35.73 -9.92
N TYR C 300 -3.84 -34.57 -10.20
CA TYR C 300 -4.44 -33.61 -11.11
C TYR C 300 -3.69 -33.52 -12.45
N HIS C 301 -2.80 -34.46 -12.71
CA HIS C 301 -2.23 -34.58 -14.05
C HIS C 301 -3.35 -34.60 -15.09
N ALA C 302 -4.41 -35.36 -14.83
CA ALA C 302 -5.61 -35.37 -15.64
C ALA C 302 -6.80 -35.64 -14.74
N ILE C 303 -8.00 -35.32 -15.26
CA ILE C 303 -9.22 -35.37 -14.47
C ILE C 303 -10.36 -35.82 -15.39
N THR C 304 -11.42 -36.32 -14.77
CA THR C 304 -12.63 -36.69 -15.49
C THR C 304 -13.64 -35.55 -15.43
N LYS C 305 -14.58 -35.55 -16.36
CA LYS C 305 -15.52 -34.44 -16.45
C LYS C 305 -16.41 -34.44 -15.20
N LEU C 306 -16.89 -33.26 -14.84
CA LEU C 306 -17.68 -33.13 -13.62
C LEU C 306 -19.06 -33.74 -13.79
N GLU C 307 -19.70 -34.03 -12.67
CA GLU C 307 -21.04 -34.61 -12.61
C GLU C 307 -21.99 -33.64 -11.92
N ALA C 308 -23.26 -34.05 -11.82
CA ALA C 308 -24.27 -33.25 -11.16
C ALA C 308 -23.85 -32.87 -9.74
N THR C 316 -19.11 -49.97 -8.60
CA THR C 316 -19.60 -49.99 -9.97
C THR C 316 -19.26 -51.31 -10.69
N GLY C 317 -17.99 -51.48 -11.05
CA GLY C 317 -17.52 -52.66 -11.75
C GLY C 317 -16.35 -53.31 -11.02
N GLY C 318 -15.49 -54.03 -11.75
CA GLY C 318 -14.39 -54.76 -11.14
C GLY C 318 -13.08 -54.00 -11.15
N PRO C 319 -12.00 -54.68 -10.73
CA PRO C 319 -10.69 -54.02 -10.70
C PRO C 319 -10.14 -53.78 -12.10
N LYS C 320 -9.30 -52.75 -12.21
CA LYS C 320 -8.59 -52.47 -13.46
C LYS C 320 -7.46 -53.48 -13.65
N TYR C 321 -7.29 -53.93 -14.90
CA TYR C 321 -6.25 -54.90 -15.18
C TYR C 321 -4.89 -54.45 -14.64
N SER C 322 -4.64 -53.14 -14.61
CA SER C 322 -3.36 -52.66 -14.10
C SER C 322 -3.26 -52.88 -12.59
N SER C 323 -4.38 -52.81 -11.89
CA SER C 323 -4.37 -53.12 -10.48
C SER C 323 -4.38 -54.63 -10.24
N VAL C 324 -4.91 -55.42 -11.19
CA VAL C 324 -4.68 -56.85 -11.09
C VAL C 324 -3.20 -57.17 -11.29
N PHE C 325 -2.53 -56.44 -12.18
CA PHE C 325 -1.09 -56.65 -12.33
C PHE C 325 -0.37 -56.22 -11.08
N GLY C 326 -0.74 -55.04 -10.55
CA GLY C 326 -0.09 -54.55 -9.34
C GLY C 326 -0.21 -55.52 -8.19
N GLN C 327 -1.41 -56.05 -7.96
CA GLN C 327 -1.59 -57.02 -6.90
C GLN C 327 -0.74 -58.26 -7.14
N TRP C 328 -0.71 -58.76 -8.38
CA TRP C 328 0.13 -59.90 -8.70
C TRP C 328 1.59 -59.61 -8.40
N LEU C 329 2.06 -58.44 -8.83
CA LEU C 329 3.46 -58.10 -8.65
C LEU C 329 3.83 -58.11 -7.17
N CYS C 330 2.95 -57.58 -6.32
CA CYS C 330 3.18 -57.58 -4.87
C CYS C 330 3.22 -59.00 -4.32
N ASP C 331 2.20 -59.81 -4.62
CA ASP C 331 2.16 -61.17 -4.08
C ASP C 331 3.38 -61.97 -4.52
N MET C 332 3.73 -61.90 -5.80
CA MET C 332 4.89 -62.66 -6.25
C MET C 332 6.18 -62.09 -5.67
N ALA C 333 6.21 -60.78 -5.41
CA ALA C 333 7.35 -60.18 -4.73
C ALA C 333 7.48 -60.70 -3.31
N ALA C 334 6.35 -60.99 -2.65
CA ALA C 334 6.37 -61.55 -1.31
C ALA C 334 6.88 -62.98 -1.31
N GLN C 335 6.69 -63.70 -2.41
CA GLN C 335 7.08 -65.10 -2.51
C GLN C 335 8.51 -65.29 -3.02
N ASP C 336 9.07 -64.29 -3.71
CA ASP C 336 10.32 -64.42 -4.46
C ASP C 336 11.11 -63.13 -4.29
N ALA C 337 12.20 -63.21 -3.53
CA ALA C 337 13.03 -62.05 -3.26
C ALA C 337 13.79 -61.57 -4.48
N ARG C 338 13.83 -62.36 -5.56
CA ARG C 338 14.58 -61.99 -6.76
C ARG C 338 13.81 -61.05 -7.69
N LEU C 339 12.52 -60.84 -7.44
CA LEU C 339 11.70 -60.05 -8.36
C LEU C 339 12.09 -58.58 -8.29
N LEU C 340 12.24 -57.96 -9.46
CA LEU C 340 12.42 -56.52 -9.57
C LEU C 340 11.37 -55.94 -10.51
N GLY C 341 10.74 -54.84 -10.08
CA GLY C 341 9.76 -54.14 -10.90
C GLY C 341 10.39 -52.92 -11.56
N ILE C 342 10.21 -52.82 -12.88
CA ILE C 342 10.71 -51.68 -13.65
C ILE C 342 9.58 -50.98 -14.39
N THR C 343 9.58 -49.65 -14.32
CA THR C 343 8.70 -48.85 -15.15
C THR C 343 9.46 -47.67 -15.75
N PRO C 344 9.11 -47.24 -16.98
CA PRO C 344 9.65 -45.98 -17.52
C PRO C 344 8.68 -44.84 -17.25
N ALA C 345 8.73 -44.40 -15.98
CA ALA C 345 8.02 -43.22 -15.47
C ALA C 345 6.50 -43.37 -15.47
N MET C 346 5.97 -44.59 -15.35
CA MET C 346 4.52 -44.80 -15.33
C MET C 346 4.10 -45.66 -14.15
N LYS C 347 4.63 -45.29 -12.98
CA LYS C 347 4.22 -45.91 -11.73
C LYS C 347 2.71 -45.87 -11.53
N GLU C 348 2.08 -44.75 -11.84
CA GLU C 348 0.64 -44.60 -11.62
C GLU C 348 -0.20 -45.36 -12.64
N GLY C 349 0.08 -45.19 -13.93
CA GLY C 349 -0.72 -45.85 -14.94
C GLY C 349 -0.57 -47.37 -14.91
N SER C 350 0.66 -47.86 -14.83
CA SER C 350 0.89 -49.30 -14.78
C SER C 350 0.55 -49.89 -13.42
N ASP C 351 0.43 -49.06 -12.39
CA ASP C 351 0.09 -49.44 -11.03
C ASP C 351 1.19 -50.24 -10.32
N LEU C 352 2.37 -49.65 -10.18
CA LEU C 352 3.39 -50.17 -9.28
C LEU C 352 3.39 -49.44 -7.92
N VAL C 353 2.29 -48.79 -7.57
CA VAL C 353 2.30 -47.90 -6.41
C VAL C 353 2.54 -48.69 -5.13
N ALA C 354 1.67 -49.66 -4.86
CA ALA C 354 1.84 -50.47 -3.66
C ALA C 354 3.19 -51.19 -3.68
N PHE C 355 3.53 -51.81 -4.81
CA PHE C 355 4.83 -52.49 -4.93
C PHE C 355 5.98 -51.55 -4.58
N SER C 356 5.93 -50.30 -5.05
CA SER C 356 7.01 -49.34 -4.78
C SER C 356 7.04 -48.87 -3.33
N GLU C 357 5.89 -48.89 -2.64
CA GLU C 357 5.90 -48.61 -1.22
C GLU C 357 6.45 -49.78 -0.42
N ARG C 358 6.01 -50.99 -0.75
CA ARG C 358 6.40 -52.17 0.01
C ARG C 358 7.85 -52.58 -0.27
N TYR C 359 8.29 -52.54 -1.53
CA TYR C 359 9.62 -53.02 -1.93
C TYR C 359 10.41 -51.91 -2.62
N PRO C 360 10.68 -50.83 -1.91
CA PRO C 360 11.33 -49.65 -2.52
C PRO C 360 12.65 -49.94 -3.19
N GLU C 361 13.41 -50.89 -2.66
CA GLU C 361 14.76 -51.20 -3.10
C GLU C 361 14.79 -52.21 -4.22
N ARG C 362 13.63 -52.77 -4.58
CA ARG C 362 13.48 -53.62 -5.77
C ARG C 362 12.60 -52.95 -6.83
N TYR C 363 12.38 -51.64 -6.71
CA TYR C 363 11.53 -50.89 -7.62
C TYR C 363 12.39 -49.87 -8.35
N PHE C 364 12.24 -49.81 -9.67
CA PHE C 364 13.11 -48.99 -10.50
C PHE C 364 12.30 -48.19 -11.52
N ASP C 365 12.29 -46.88 -11.34
CA ASP C 365 11.70 -45.93 -12.28
C ASP C 365 12.85 -45.27 -13.02
N VAL C 366 12.97 -45.57 -14.32
CA VAL C 366 14.16 -45.18 -15.07
C VAL C 366 13.95 -43.83 -15.74
N ALA C 367 12.87 -43.15 -15.37
CA ALA C 367 12.42 -41.94 -16.07
C ALA C 367 11.92 -42.34 -17.47
N ILE C 368 11.76 -41.38 -18.38
CA ILE C 368 11.10 -41.73 -19.64
C ILE C 368 12.13 -42.29 -20.59
N ALA C 369 12.51 -43.55 -20.36
CA ALA C 369 13.66 -44.15 -21.03
C ALA C 369 13.32 -45.62 -21.27
N GLU C 370 12.41 -45.86 -22.20
CA GLU C 370 11.94 -47.22 -22.44
C GLU C 370 13.09 -48.13 -22.86
N GLN C 371 14.04 -47.60 -23.63
CA GLN C 371 15.16 -48.44 -24.11
C GLN C 371 16.01 -48.93 -22.96
N HIS C 372 16.46 -48.01 -22.11
CA HIS C 372 17.26 -48.41 -20.96
C HIS C 372 16.49 -49.37 -20.07
N ALA C 373 15.19 -49.11 -19.87
CA ALA C 373 14.40 -49.98 -19.00
C ALA C 373 14.59 -51.44 -19.39
N VAL C 374 14.48 -51.75 -20.68
CA VAL C 374 14.50 -53.14 -21.11
C VAL C 374 15.89 -53.72 -21.02
N THR C 375 16.91 -52.96 -21.44
CA THR C 375 18.29 -53.43 -21.40
C THR C 375 18.78 -53.58 -19.96
N LEU C 376 18.34 -52.72 -19.05
CA LEU C 376 18.68 -52.88 -17.63
C LEU C 376 18.12 -54.19 -17.11
N ALA C 377 16.90 -54.52 -17.50
CA ALA C 377 16.34 -55.79 -17.12
C ALA C 377 17.21 -56.93 -17.60
N ALA C 378 17.74 -56.84 -18.83
CA ALA C 378 18.55 -57.94 -19.33
C ALA C 378 19.80 -58.13 -18.48
N GLY C 379 20.45 -57.03 -18.09
CA GLY C 379 21.59 -57.13 -17.20
C GLY C 379 21.24 -57.73 -15.85
N MET C 380 20.16 -57.26 -15.22
CA MET C 380 19.67 -57.87 -13.98
C MET C 380 19.45 -59.36 -14.17
N ALA C 381 18.87 -59.75 -15.31
CA ALA C 381 18.67 -61.16 -15.61
C ALA C 381 19.99 -61.89 -15.68
N CYS C 382 21.03 -61.23 -16.15
CA CYS C 382 22.33 -61.88 -16.25
C CYS C 382 22.85 -62.32 -14.90
N GLU C 383 22.39 -61.71 -13.80
CA GLU C 383 22.85 -62.07 -12.46
C GLU C 383 21.85 -62.94 -11.71
N GLY C 384 20.82 -63.45 -12.37
CA GLY C 384 19.84 -64.27 -11.70
C GLY C 384 18.71 -63.54 -11.01
N MET C 385 18.63 -62.21 -11.08
CA MET C 385 17.41 -61.58 -10.61
C MET C 385 16.30 -61.78 -11.65
N LYS C 386 15.06 -61.50 -11.26
CA LYS C 386 13.91 -61.66 -12.14
C LYS C 386 13.21 -60.33 -12.39
N PRO C 387 13.66 -59.54 -13.38
CA PRO C 387 13.00 -58.27 -13.65
C PRO C 387 11.65 -58.43 -14.35
N VAL C 388 10.74 -57.52 -14.02
CA VAL C 388 9.43 -57.40 -14.67
C VAL C 388 9.36 -55.99 -15.24
N VAL C 389 9.28 -55.88 -16.57
CA VAL C 389 9.19 -54.58 -17.23
C VAL C 389 7.70 -54.32 -17.46
N ALA C 390 7.16 -53.38 -16.71
CA ALA C 390 5.80 -52.89 -16.92
C ALA C 390 5.89 -51.77 -17.94
N ILE C 391 5.16 -51.90 -19.05
CA ILE C 391 5.31 -50.95 -20.15
C ILE C 391 4.07 -51.04 -21.03
N TYR C 392 3.60 -49.87 -21.47
CA TYR C 392 2.44 -49.83 -22.36
C TYR C 392 2.82 -50.38 -23.73
N SER C 393 1.85 -51.04 -24.38
CA SER C 393 2.09 -51.57 -25.73
C SER C 393 2.62 -50.49 -26.67
N THR C 394 1.99 -49.30 -26.65
CA THR C 394 2.43 -48.24 -27.56
C THR C 394 3.84 -47.73 -27.24
N PHE C 395 4.26 -47.77 -25.98
CA PHE C 395 5.60 -47.34 -25.60
C PHE C 395 6.64 -48.44 -25.77
N LEU C 396 6.24 -49.72 -25.69
CA LEU C 396 7.20 -50.77 -25.98
C LEU C 396 7.73 -50.68 -27.41
N GLN C 397 7.04 -49.95 -28.29
CA GLN C 397 7.56 -49.72 -29.63
C GLN C 397 8.93 -49.05 -29.60
N ARG C 398 9.17 -48.20 -28.59
CA ARG C 398 10.42 -47.46 -28.52
C ARG C 398 11.56 -48.29 -27.96
N ALA C 399 11.28 -49.46 -27.38
CA ALA C 399 12.31 -50.35 -26.85
C ALA C 399 12.40 -51.65 -27.65
N TYR C 400 11.91 -51.66 -28.87
CA TYR C 400 11.83 -52.90 -29.64
C TYR C 400 13.22 -53.48 -29.89
N ASP C 401 14.21 -52.63 -30.16
CA ASP C 401 15.56 -53.12 -30.41
C ASP C 401 16.16 -53.75 -29.15
N GLN C 402 15.99 -53.10 -28.01
CA GLN C 402 16.49 -53.70 -26.77
C GLN C 402 15.79 -55.04 -26.48
N LEU C 403 14.47 -55.12 -26.69
CA LEU C 403 13.80 -56.42 -26.52
C LEU C 403 14.37 -57.49 -27.47
N ILE C 404 14.49 -57.20 -28.77
CA ILE C 404 15.02 -58.21 -29.68
C ILE C 404 16.48 -58.54 -29.35
N HIS C 405 17.34 -57.53 -29.41
CA HIS C 405 18.79 -57.75 -29.42
C HIS C 405 19.32 -58.09 -28.03
N ASP C 406 18.87 -57.40 -27.00
CA ASP C 406 19.45 -57.59 -25.69
C ASP C 406 18.74 -58.69 -24.92
N VAL C 407 17.43 -58.86 -25.14
CA VAL C 407 16.65 -59.83 -24.40
C VAL C 407 16.43 -61.13 -25.20
N ALA C 408 15.74 -61.07 -26.36
CA ALA C 408 15.33 -62.31 -27.03
C ALA C 408 16.52 -63.05 -27.64
N VAL C 409 17.44 -62.33 -28.28
CA VAL C 409 18.58 -62.98 -28.92
C VAL C 409 19.37 -63.80 -27.90
N GLN C 410 19.41 -63.35 -26.64
CA GLN C 410 20.13 -64.05 -25.59
C GLN C 410 19.22 -64.94 -24.74
N HIS C 411 17.91 -64.95 -25.01
CA HIS C 411 16.94 -65.74 -24.23
C HIS C 411 17.06 -65.46 -22.73
N LEU C 412 17.25 -64.20 -22.36
CA LEU C 412 17.29 -63.85 -20.94
C LEU C 412 15.89 -63.92 -20.32
N ASP C 413 15.84 -64.14 -19.02
CA ASP C 413 14.59 -64.31 -18.29
C ASP C 413 14.05 -62.94 -17.89
N VAL C 414 13.29 -62.33 -18.80
CA VAL C 414 12.62 -61.06 -18.54
C VAL C 414 11.15 -61.22 -18.83
N LEU C 415 10.29 -60.85 -17.87
CA LEU C 415 8.87 -60.76 -18.12
C LEU C 415 8.47 -59.33 -18.52
N PHE C 416 7.61 -59.22 -19.51
CA PHE C 416 7.03 -57.96 -19.96
C PHE C 416 5.55 -57.95 -19.64
N ALA C 417 5.11 -56.94 -18.90
CA ALA C 417 3.69 -56.75 -18.57
C ALA C 417 3.19 -55.61 -19.46
N ILE C 418 2.58 -55.98 -20.58
CA ILE C 418 2.21 -55.03 -21.63
C ILE C 418 0.81 -54.50 -21.31
N ASP C 419 0.75 -53.30 -20.75
CA ASP C 419 -0.50 -52.64 -20.43
C ASP C 419 -0.97 -51.81 -21.64
N ARG C 420 -2.23 -51.42 -21.60
CA ARG C 420 -2.84 -50.62 -22.66
C ARG C 420 -2.80 -51.33 -24.01
N ALA C 421 -2.85 -52.66 -24.00
CA ALA C 421 -2.94 -53.41 -25.24
C ALA C 421 -4.29 -53.14 -25.88
N GLY C 422 -4.29 -52.86 -27.18
CA GLY C 422 -5.51 -52.59 -27.87
C GLY C 422 -5.79 -51.11 -28.00
N LEU C 423 -7.07 -50.81 -28.25
CA LEU C 423 -7.51 -49.43 -28.32
C LEU C 423 -7.60 -48.82 -26.92
N VAL C 424 -7.15 -47.58 -26.78
CA VAL C 424 -7.03 -46.99 -25.45
C VAL C 424 -7.99 -45.83 -25.23
N GLY C 425 -8.78 -45.46 -26.22
CA GLY C 425 -9.87 -44.51 -26.04
C GLY C 425 -9.50 -43.10 -26.45
N GLU C 426 -9.81 -42.12 -25.59
CA GLU C 426 -9.75 -40.70 -25.95
C GLU C 426 -8.34 -40.21 -26.28
N ASP C 427 -7.28 -40.86 -25.76
CA ASP C 427 -5.93 -40.43 -26.10
C ASP C 427 -5.63 -40.60 -27.60
N GLY C 428 -6.29 -41.54 -28.28
CA GLY C 428 -6.20 -41.67 -29.74
C GLY C 428 -5.14 -42.61 -30.29
N PRO C 429 -4.96 -42.57 -31.62
CA PRO C 429 -4.02 -43.52 -32.26
C PRO C 429 -2.57 -43.39 -31.80
N THR C 430 -2.11 -42.21 -31.36
CA THR C 430 -0.74 -42.11 -30.89
C THR C 430 -0.45 -43.06 -29.73
N HIS C 431 -1.49 -43.57 -29.06
CA HIS C 431 -1.35 -44.35 -27.84
C HIS C 431 -2.00 -45.72 -27.96
N ALA C 432 -2.44 -46.09 -29.16
CA ALA C 432 -3.08 -47.39 -29.36
C ALA C 432 -2.05 -48.48 -29.24
N GLY C 433 -2.34 -49.49 -28.43
CA GLY C 433 -1.50 -50.67 -28.34
C GLY C 433 -1.93 -51.69 -29.39
N SER C 434 -1.75 -51.33 -30.67
CA SER C 434 -2.34 -52.03 -31.79
C SER C 434 -1.45 -53.09 -32.40
N PHE C 435 -0.14 -53.12 -32.11
CA PHE C 435 0.76 -53.99 -32.84
C PHE C 435 1.62 -54.96 -32.04
N ASP C 436 1.50 -55.02 -30.71
CA ASP C 436 2.46 -55.83 -29.96
C ASP C 436 2.38 -57.33 -30.31
N ILE C 437 1.21 -57.86 -30.65
CA ILE C 437 1.17 -59.26 -31.07
C ILE C 437 1.94 -59.44 -32.37
N SER C 438 1.71 -58.56 -33.34
CA SER C 438 2.40 -58.69 -34.61
C SER C 438 3.90 -58.52 -34.42
N TYR C 439 4.31 -57.51 -33.65
CA TYR C 439 5.73 -57.23 -33.67
C TYR C 439 6.51 -58.12 -32.72
N LEU C 440 5.84 -58.78 -31.76
CA LEU C 440 6.47 -59.68 -30.80
C LEU C 440 6.50 -61.15 -31.26
N ARG C 441 5.45 -61.63 -31.92
CA ARG C 441 5.36 -63.05 -32.25
C ARG C 441 6.31 -63.47 -33.36
N CYS C 442 6.72 -62.56 -34.23
CA CYS C 442 7.75 -62.87 -35.20
C CYS C 442 9.15 -62.96 -34.58
N ILE C 443 9.30 -62.74 -33.28
CA ILE C 443 10.61 -62.71 -32.63
C ILE C 443 10.85 -64.07 -31.98
N PRO C 444 11.86 -64.84 -32.41
CA PRO C 444 12.13 -66.14 -31.79
C PRO C 444 12.39 -66.04 -30.30
N GLY C 445 11.82 -66.98 -29.54
CA GLY C 445 12.03 -67.10 -28.13
C GLY C 445 10.95 -66.42 -27.31
N MET C 446 10.21 -65.51 -27.92
CA MET C 446 9.15 -64.81 -27.23
C MET C 446 8.06 -65.81 -26.86
N LEU C 447 7.62 -65.75 -25.63
CA LEU C 447 6.39 -66.38 -25.20
C LEU C 447 5.36 -65.27 -25.11
N VAL C 448 4.24 -65.40 -25.80
CA VAL C 448 3.33 -64.28 -26.04
C VAL C 448 1.92 -64.69 -25.63
N MET C 449 1.34 -64.01 -24.64
CA MET C 449 0.13 -64.49 -23.97
C MET C 449 -0.93 -63.39 -23.99
N THR C 450 -2.20 -63.80 -24.01
CA THR C 450 -3.32 -62.87 -24.16
C THR C 450 -4.47 -63.22 -23.23
N PRO C 451 -4.35 -62.89 -21.94
CA PRO C 451 -5.42 -63.21 -20.97
C PRO C 451 -6.76 -62.60 -21.34
N SER C 452 -7.84 -63.34 -21.01
CA SER C 452 -9.21 -62.97 -21.38
C SER C 452 -10.02 -62.33 -20.27
N ASP C 453 -9.61 -62.46 -19.01
CA ASP C 453 -10.26 -61.78 -17.88
C ASP C 453 -9.21 -61.59 -16.77
N GLU C 454 -9.68 -61.18 -15.58
CA GLU C 454 -8.77 -60.86 -14.48
C GLU C 454 -8.06 -62.09 -13.95
N ASP C 455 -8.82 -63.17 -13.69
CA ASP C 455 -8.17 -64.42 -13.27
C ASP C 455 -7.12 -64.83 -14.29
N GLU C 456 -7.45 -64.76 -15.58
CA GLU C 456 -6.50 -65.17 -16.60
C GLU C 456 -5.21 -64.38 -16.50
N LEU C 457 -5.32 -63.06 -16.31
CA LEU C 457 -4.13 -62.20 -16.27
C LEU C 457 -3.17 -62.64 -15.17
N ARG C 458 -3.69 -62.89 -13.96
CA ARG C 458 -2.83 -63.32 -12.86
C ARG C 458 -2.18 -64.66 -13.20
N LYS C 459 -2.98 -65.59 -13.70
CA LYS C 459 -2.46 -66.90 -14.06
C LYS C 459 -1.37 -66.82 -15.13
N LEU C 460 -1.61 -66.02 -16.18
CA LEU C 460 -0.62 -65.95 -17.25
C LEU C 460 0.61 -65.15 -16.82
N LEU C 461 0.42 -64.11 -15.99
CA LEU C 461 1.57 -63.43 -15.41
C LEU C 461 2.45 -64.42 -14.67
N THR C 462 1.83 -65.33 -13.91
CA THR C 462 2.60 -66.33 -13.19
C THR C 462 3.28 -67.29 -14.15
N THR C 463 2.54 -67.79 -15.13
CA THR C 463 3.10 -68.63 -16.17
C THR C 463 4.34 -67.99 -16.79
N GLY C 464 4.22 -66.73 -17.23
CA GLY C 464 5.35 -66.07 -17.86
C GLY C 464 6.52 -65.81 -16.92
N TYR C 465 6.24 -65.53 -15.65
CA TYR C 465 7.30 -65.30 -14.69
C TYR C 465 8.09 -66.58 -14.44
N LEU C 466 7.39 -67.69 -14.15
CA LEU C 466 8.05 -68.97 -13.88
C LEU C 466 8.77 -69.48 -15.11
N PHE C 467 8.22 -69.23 -16.29
CA PHE C 467 8.96 -69.53 -17.51
C PHE C 467 10.35 -68.90 -17.43
N ASP C 468 11.34 -69.62 -17.91
CA ASP C 468 12.70 -69.15 -17.91
C ASP C 468 13.05 -68.75 -19.34
N GLY C 469 12.90 -67.47 -19.63
CA GLY C 469 13.08 -66.93 -20.95
C GLY C 469 12.18 -65.73 -21.09
N PRO C 470 12.24 -65.05 -22.23
CA PRO C 470 11.42 -63.84 -22.41
C PRO C 470 9.96 -64.20 -22.56
N ALA C 471 9.11 -63.47 -21.86
CA ALA C 471 7.68 -63.71 -21.91
C ALA C 471 6.94 -62.38 -21.88
N ALA C 472 5.76 -62.37 -22.50
CA ALA C 472 4.96 -61.18 -22.66
C ALA C 472 3.51 -61.50 -22.37
N VAL C 473 2.86 -60.64 -21.58
CA VAL C 473 1.43 -60.70 -21.30
C VAL C 473 0.82 -59.35 -21.63
N ARG C 474 -0.12 -59.30 -22.58
CA ARG C 474 -0.75 -58.03 -22.94
C ARG C 474 -2.16 -57.92 -22.37
N TYR C 475 -2.53 -56.73 -21.91
CA TYR C 475 -3.87 -56.51 -21.40
C TYR C 475 -4.31 -55.08 -21.67
N PRO C 476 -5.61 -54.84 -21.72
CA PRO C 476 -6.12 -53.50 -22.05
C PRO C 476 -6.23 -52.59 -20.85
N ARG C 477 -6.36 -51.30 -21.14
CA ARG C 477 -6.78 -50.33 -20.12
C ARG C 477 -8.19 -50.64 -19.62
N GLY C 478 -8.52 -50.08 -18.45
CA GLY C 478 -9.80 -50.30 -17.80
C GLY C 478 -9.89 -51.69 -17.16
N SER C 479 -11.12 -52.08 -16.88
CA SER C 479 -11.42 -53.33 -16.19
C SER C 479 -12.12 -54.31 -17.13
N GLY C 480 -12.41 -55.50 -16.60
CA GLY C 480 -12.86 -56.61 -17.39
C GLY C 480 -14.26 -57.06 -17.04
N PRO C 481 -14.57 -58.34 -17.30
CA PRO C 481 -15.89 -58.86 -16.95
C PRO C 481 -16.12 -59.03 -15.47
N ASN C 482 -15.11 -58.76 -14.62
CA ASN C 482 -15.23 -58.84 -13.15
C ASN C 482 -15.52 -60.27 -12.70
N HIS C 483 -14.74 -61.21 -13.22
CA HIS C 483 -14.85 -62.59 -12.78
C HIS C 483 -14.01 -62.83 -11.52
N PRO C 484 -14.26 -63.95 -10.82
CA PRO C 484 -13.49 -64.24 -9.61
C PRO C 484 -12.02 -64.48 -9.94
N ILE C 485 -11.15 -64.12 -9.01
CA ILE C 485 -9.71 -64.29 -9.16
C ILE C 485 -9.22 -65.28 -8.12
N ASP C 486 -8.66 -66.40 -8.58
CA ASP C 486 -8.04 -67.36 -7.68
C ASP C 486 -6.88 -66.68 -6.96
N PRO C 487 -6.89 -66.62 -5.62
CA PRO C 487 -5.81 -65.92 -4.91
C PRO C 487 -4.49 -66.66 -4.94
N ASP C 488 -4.47 -67.92 -5.37
CA ASP C 488 -3.23 -68.67 -5.51
C ASP C 488 -2.32 -68.06 -6.58
N LEU C 489 -1.07 -68.51 -6.57
CA LEU C 489 -0.08 -68.13 -7.58
C LEU C 489 0.39 -69.40 -8.32
N GLN C 490 -0.53 -70.04 -9.08
CA GLN C 490 -0.10 -71.18 -9.89
C GLN C 490 -0.11 -70.87 -11.39
N PRO C 491 0.82 -71.41 -12.15
CA PRO C 491 0.81 -71.21 -13.61
C PRO C 491 -0.16 -72.17 -14.28
N VAL C 492 -0.35 -71.98 -15.58
CA VAL C 492 -1.08 -72.92 -16.40
C VAL C 492 -0.14 -73.46 -17.47
N GLU C 493 -0.60 -74.48 -18.17
CA GLU C 493 0.26 -75.16 -19.14
C GLU C 493 0.52 -74.26 -20.35
N ILE C 494 1.79 -74.16 -20.74
CA ILE C 494 2.19 -73.32 -21.86
C ILE C 494 1.73 -73.92 -23.19
N GLY C 495 1.20 -73.06 -24.07
CA GLY C 495 0.79 -73.51 -25.39
C GLY C 495 -0.52 -74.25 -25.44
N LYS C 496 -1.38 -74.07 -24.43
CA LYS C 496 -2.64 -74.78 -24.33
C LYS C 496 -3.77 -73.79 -24.19
N GLY C 497 -4.80 -73.94 -24.99
CA GLY C 497 -6.02 -73.17 -24.82
C GLY C 497 -7.05 -73.93 -24.00
N VAL C 498 -8.16 -73.25 -23.70
CA VAL C 498 -9.26 -73.80 -22.92
C VAL C 498 -10.53 -73.69 -23.74
N VAL C 499 -11.22 -74.81 -23.93
CA VAL C 499 -12.52 -74.79 -24.59
C VAL C 499 -13.56 -74.28 -23.59
N ARG C 500 -14.19 -73.15 -23.91
CA ARG C 500 -15.16 -72.51 -23.02
C ARG C 500 -16.60 -72.80 -23.43
N ARG C 501 -16.80 -73.45 -24.58
CA ARG C 501 -18.11 -73.78 -25.10
C ARG C 501 -17.92 -74.68 -26.32
N ARG C 502 -18.65 -75.79 -26.37
CA ARG C 502 -18.59 -76.72 -27.50
C ARG C 502 -19.81 -76.45 -28.37
N GLY C 503 -19.57 -76.18 -29.64
CA GLY C 503 -20.65 -75.80 -30.53
C GLY C 503 -20.72 -76.65 -31.76
N GLY C 504 -21.25 -76.11 -32.85
CA GLY C 504 -21.55 -76.92 -34.02
C GLY C 504 -20.78 -76.61 -35.27
N ARG C 505 -21.07 -75.48 -35.92
CA ARG C 505 -20.54 -75.21 -37.24
C ARG C 505 -19.44 -74.16 -37.28
N VAL C 506 -19.47 -73.19 -36.36
CA VAL C 506 -18.48 -72.13 -36.29
C VAL C 506 -17.63 -72.38 -35.06
N ALA C 507 -16.34 -72.09 -35.16
CA ALA C 507 -15.47 -72.06 -33.98
C ALA C 507 -14.81 -70.68 -33.89
N LEU C 508 -14.92 -70.05 -32.70
CA LEU C 508 -14.33 -68.73 -32.44
C LEU C 508 -13.07 -68.93 -31.59
N LEU C 509 -11.90 -68.61 -32.17
CA LEU C 509 -10.60 -68.75 -31.50
C LEU C 509 -10.23 -67.35 -30.99
N VAL C 510 -10.43 -67.12 -29.69
CA VAL C 510 -10.27 -65.80 -29.09
C VAL C 510 -8.91 -65.70 -28.41
N PHE C 511 -8.19 -64.61 -28.71
CA PHE C 511 -6.93 -64.22 -28.09
C PHE C 511 -7.22 -62.95 -27.31
N GLY C 512 -7.59 -63.08 -26.03
CA GLY C 512 -7.76 -61.92 -25.17
C GLY C 512 -9.18 -61.62 -24.75
N VAL C 513 -9.44 -60.34 -24.49
CA VAL C 513 -10.65 -59.91 -23.78
C VAL C 513 -11.91 -59.84 -24.62
N GLN C 514 -11.85 -60.05 -25.95
CA GLN C 514 -13.15 -60.14 -26.62
C GLN C 514 -13.89 -61.50 -26.35
N LEU C 515 -13.30 -62.32 -25.45
CA LEU C 515 -13.89 -63.62 -25.11
C LEU C 515 -15.35 -63.49 -24.68
N ALA C 516 -15.66 -62.48 -23.86
CA ALA C 516 -17.00 -62.37 -23.28
C ALA C 516 -18.03 -61.94 -24.32
N GLU C 517 -17.66 -61.02 -25.22
CA GLU C 517 -18.52 -60.73 -26.37
C GLU C 517 -18.72 -61.97 -27.24
N ALA C 518 -17.69 -62.81 -27.37
CA ALA C 518 -17.82 -63.99 -28.22
C ALA C 518 -18.75 -65.02 -27.60
N MET C 519 -18.70 -65.17 -26.27
CA MET C 519 -19.62 -66.07 -25.63
C MET C 519 -21.07 -65.67 -25.90
N LYS C 520 -21.34 -64.37 -26.09
CA LYS C 520 -22.71 -63.93 -26.39
C LYS C 520 -23.14 -64.33 -27.79
N VAL C 521 -22.28 -64.05 -28.78
CA VAL C 521 -22.51 -64.48 -30.16
C VAL C 521 -22.59 -66.00 -30.26
N ALA C 522 -21.88 -66.73 -29.40
CA ALA C 522 -21.67 -68.16 -29.62
C ALA C 522 -22.96 -68.95 -29.46
N GLU C 523 -23.81 -68.56 -28.51
CA GLU C 523 -25.12 -69.18 -28.41
C GLU C 523 -25.94 -68.91 -29.68
N SER C 524 -26.12 -67.64 -30.01
CA SER C 524 -26.89 -67.25 -31.18
C SER C 524 -26.40 -67.93 -32.46
N LEU C 525 -25.16 -68.43 -32.47
CA LEU C 525 -24.59 -69.06 -33.65
C LEU C 525 -24.26 -70.53 -33.44
N ASP C 526 -24.68 -71.12 -32.32
CA ASP C 526 -24.31 -72.50 -31.96
C ASP C 526 -22.85 -72.71 -32.30
N ALA C 527 -21.95 -72.08 -31.55
CA ALA C 527 -20.55 -72.06 -31.90
C ALA C 527 -19.68 -72.63 -30.79
N THR C 528 -18.60 -73.27 -31.20
CA THR C 528 -17.51 -73.55 -30.30
C THR C 528 -16.73 -72.26 -30.01
N VAL C 529 -16.21 -72.16 -28.79
CA VAL C 529 -15.46 -70.98 -28.35
C VAL C 529 -14.23 -71.47 -27.60
N VAL C 530 -13.07 -70.91 -27.95
CA VAL C 530 -11.81 -71.31 -27.33
C VAL C 530 -11.06 -70.06 -26.87
N ASP C 531 -10.65 -70.08 -25.61
CA ASP C 531 -9.79 -69.06 -24.97
C ASP C 531 -8.36 -69.50 -25.24
N MET C 532 -7.75 -68.95 -26.30
CA MET C 532 -6.48 -69.48 -26.79
C MET C 532 -5.34 -69.32 -25.79
N ARG C 533 -5.39 -68.28 -24.95
CA ARG C 533 -4.36 -67.96 -23.97
C ARG C 533 -3.00 -67.61 -24.57
N PHE C 534 -2.56 -68.35 -25.60
CA PHE C 534 -1.21 -68.27 -26.15
C PHE C 534 -1.22 -67.97 -27.64
N VAL C 535 -0.47 -66.96 -28.05
CA VAL C 535 -0.24 -66.71 -29.46
C VAL C 535 0.92 -67.53 -29.99
N LYS C 536 2.06 -67.58 -29.27
CA LYS C 536 3.24 -67.90 -30.07
C LYS C 536 3.52 -69.38 -29.96
N PRO C 537 3.75 -69.90 -28.75
CA PRO C 537 3.58 -71.34 -28.58
C PRO C 537 2.10 -71.57 -28.86
N LEU C 538 1.71 -71.53 -30.13
CA LEU C 538 0.30 -71.72 -30.46
C LEU C 538 -0.12 -73.15 -30.14
N ASP C 539 -1.37 -73.31 -29.71
CA ASP C 539 -1.92 -74.64 -29.42
C ASP C 539 -2.28 -75.33 -30.73
N GLU C 540 -1.25 -75.87 -31.38
CA GLU C 540 -1.42 -76.49 -32.69
C GLU C 540 -2.44 -77.63 -32.65
N ALA C 541 -2.39 -78.46 -31.61
CA ALA C 541 -3.33 -79.58 -31.54
C ALA C 541 -4.79 -79.12 -31.56
N LEU C 542 -5.14 -78.15 -30.72
CA LEU C 542 -6.51 -77.69 -30.69
C LEU C 542 -6.96 -77.12 -32.03
N VAL C 543 -6.07 -76.35 -32.70
CA VAL C 543 -6.46 -75.74 -33.97
C VAL C 543 -6.71 -76.82 -35.01
N ARG C 544 -5.84 -77.84 -35.04
CA ARG C 544 -6.03 -78.96 -35.96
C ARG C 544 -7.38 -79.64 -35.73
N GLU C 545 -7.68 -79.97 -34.47
CA GLU C 545 -8.98 -80.59 -34.16
C GLU C 545 -10.14 -79.66 -34.53
N LEU C 546 -10.03 -78.36 -34.20
CA LEU C 546 -11.09 -77.42 -34.59
C LEU C 546 -11.21 -77.32 -36.10
N ALA C 547 -10.09 -77.35 -36.83
CA ALA C 547 -10.17 -77.23 -38.27
C ALA C 547 -10.85 -78.44 -38.89
N GLY C 548 -10.65 -79.62 -38.32
CA GLY C 548 -11.26 -80.84 -38.80
C GLY C 548 -12.66 -81.11 -38.30
N SER C 549 -13.30 -80.19 -37.58
CA SER C 549 -14.64 -80.46 -37.07
C SER C 549 -15.60 -79.27 -37.19
N HIS C 550 -15.24 -78.22 -37.93
CA HIS C 550 -16.08 -77.04 -38.07
C HIS C 550 -16.09 -76.58 -39.52
N GLU C 551 -17.13 -75.82 -39.89
CA GLU C 551 -17.20 -75.23 -41.22
C GLU C 551 -16.27 -74.03 -41.35
N LEU C 552 -16.22 -73.18 -40.32
CA LEU C 552 -15.50 -71.93 -40.39
C LEU C 552 -14.75 -71.70 -39.08
N LEU C 553 -13.48 -71.34 -39.19
CA LEU C 553 -12.68 -70.82 -38.07
C LEU C 553 -12.72 -69.29 -38.08
N VAL C 554 -12.90 -68.71 -36.90
CA VAL C 554 -12.94 -67.26 -36.70
C VAL C 554 -11.97 -66.88 -35.59
N THR C 555 -10.95 -66.10 -35.93
CA THR C 555 -10.00 -65.61 -34.96
C THR C 555 -10.39 -64.19 -34.55
N ILE C 556 -10.20 -63.88 -33.26
CA ILE C 556 -10.58 -62.60 -32.69
C ILE C 556 -9.44 -62.17 -31.77
N GLU C 557 -9.05 -60.90 -31.87
CA GLU C 557 -7.90 -60.37 -31.15
C GLU C 557 -8.03 -58.86 -31.21
N GLU C 558 -7.53 -58.18 -30.18
CA GLU C 558 -7.55 -56.71 -30.17
C GLU C 558 -6.17 -56.16 -30.56
N ASN C 559 -5.82 -56.45 -31.82
CA ASN C 559 -4.52 -56.23 -32.42
C ASN C 559 -4.73 -56.21 -33.94
N ALA C 560 -3.86 -55.48 -34.64
CA ALA C 560 -3.89 -55.47 -36.10
C ALA C 560 -4.16 -56.87 -36.65
N VAL C 561 -5.08 -56.96 -37.60
CA VAL C 561 -5.25 -58.21 -38.35
C VAL C 561 -3.93 -58.58 -39.06
N MET C 562 -3.28 -57.62 -39.70
CA MET C 562 -2.06 -57.97 -40.41
C MET C 562 -0.97 -58.32 -39.43
N GLY C 563 -0.31 -59.45 -39.65
CA GLY C 563 0.66 -59.95 -38.72
C GLY C 563 0.11 -60.46 -37.41
N GLY C 564 -1.20 -60.34 -37.18
CA GLY C 564 -1.77 -60.62 -35.86
C GLY C 564 -1.80 -62.10 -35.51
N ALA C 565 -2.51 -62.40 -34.42
CA ALA C 565 -2.59 -63.78 -33.91
C ALA C 565 -3.44 -64.66 -34.82
N GLY C 566 -4.44 -64.09 -35.49
CA GLY C 566 -5.17 -64.86 -36.49
C GLY C 566 -4.26 -65.33 -37.60
N SER C 567 -3.22 -64.54 -37.90
CA SER C 567 -2.28 -64.94 -38.94
C SER C 567 -1.34 -66.05 -38.48
N ALA C 568 -1.10 -66.18 -37.17
CA ALA C 568 -0.36 -67.34 -36.68
C ALA C 568 -1.19 -68.60 -36.84
N VAL C 569 -2.50 -68.49 -36.63
CA VAL C 569 -3.40 -69.61 -36.95
C VAL C 569 -3.41 -69.87 -38.45
N GLY C 570 -3.45 -68.81 -39.26
CA GLY C 570 -3.42 -68.99 -40.71
C GLY C 570 -2.14 -69.65 -41.20
N GLU C 571 -0.99 -69.24 -40.65
CA GLU C 571 0.27 -69.86 -41.01
C GLU C 571 0.25 -71.34 -40.67
N PHE C 572 -0.20 -71.67 -39.46
CA PHE C 572 -0.30 -73.08 -39.10
C PHE C 572 -1.20 -73.84 -40.08
N LEU C 573 -2.44 -73.39 -40.25
CA LEU C 573 -3.31 -74.03 -41.23
C LEU C 573 -2.56 -74.20 -42.55
N ALA C 574 -1.99 -73.11 -43.07
CA ALA C 574 -1.27 -73.18 -44.34
C ALA C 574 -0.20 -74.27 -44.32
N SER C 575 0.61 -74.33 -43.26
CA SER C 575 1.76 -75.24 -43.29
C SER C 575 1.34 -76.70 -43.23
N GLU C 576 0.18 -76.98 -42.66
CA GLU C 576 -0.37 -78.32 -42.55
C GLU C 576 -1.34 -78.65 -43.69
N GLY C 577 -1.50 -77.76 -44.67
CA GLY C 577 -2.42 -78.04 -45.75
C GLY C 577 -3.86 -78.22 -45.34
N LEU C 578 -4.27 -77.58 -44.25
CA LEU C 578 -5.66 -77.61 -43.79
C LEU C 578 -6.41 -76.44 -44.39
N GLU C 579 -7.41 -76.71 -45.21
CA GLU C 579 -8.06 -75.67 -45.98
C GLU C 579 -9.45 -75.33 -45.45
N VAL C 580 -9.61 -75.25 -44.13
CA VAL C 580 -10.87 -74.77 -43.56
C VAL C 580 -10.97 -73.27 -43.81
N PRO C 581 -12.15 -72.75 -44.15
CA PRO C 581 -12.28 -71.29 -44.26
C PRO C 581 -11.89 -70.61 -42.94
N LEU C 582 -11.32 -69.42 -43.07
CA LEU C 582 -10.76 -68.70 -41.93
C LEU C 582 -11.21 -67.24 -42.03
N LEU C 583 -11.79 -66.73 -40.95
CA LEU C 583 -12.21 -65.33 -40.87
C LEU C 583 -11.48 -64.67 -39.72
N GLN C 584 -10.69 -63.65 -40.02
CA GLN C 584 -9.85 -62.97 -39.04
C GLN C 584 -10.46 -61.62 -38.65
N LEU C 585 -10.83 -61.48 -37.37
CA LEU C 585 -11.37 -60.23 -36.83
C LEU C 585 -10.35 -59.58 -35.91
N GLY C 586 -10.31 -58.26 -35.91
CA GLY C 586 -9.23 -57.56 -35.25
C GLY C 586 -9.23 -56.10 -35.65
N LEU C 587 -8.06 -55.47 -35.53
CA LEU C 587 -8.12 -54.05 -35.83
C LEU C 587 -7.77 -53.77 -37.31
N PRO C 588 -8.49 -52.88 -37.96
CA PRO C 588 -8.29 -52.66 -39.41
C PRO C 588 -6.97 -51.94 -39.67
N ASP C 589 -6.66 -51.78 -40.95
CA ASP C 589 -5.36 -51.24 -41.34
C ASP C 589 -5.46 -49.74 -41.58
N TYR C 590 -5.87 -49.03 -40.53
CA TYR C 590 -5.85 -47.57 -40.48
C TYR C 590 -5.81 -47.18 -39.01
N TYR C 591 -5.62 -45.89 -38.75
CA TYR C 591 -5.55 -45.38 -37.39
C TYR C 591 -6.95 -45.00 -36.93
N VAL C 592 -7.42 -45.62 -35.84
CA VAL C 592 -8.78 -45.42 -35.35
C VAL C 592 -8.88 -44.11 -34.59
N GLU C 593 -9.78 -43.22 -35.04
CA GLU C 593 -9.93 -41.88 -34.47
C GLU C 593 -10.39 -41.94 -33.01
N HIS C 594 -9.95 -40.96 -32.23
CA HIS C 594 -10.30 -40.92 -30.81
C HIS C 594 -11.80 -40.93 -30.61
N ALA C 595 -12.25 -41.76 -29.66
CA ALA C 595 -13.64 -41.89 -29.25
C ALA C 595 -13.65 -42.55 -27.88
N LYS C 596 -14.84 -42.83 -27.37
CA LYS C 596 -14.93 -43.69 -26.19
C LYS C 596 -14.45 -45.08 -26.58
N PRO C 597 -13.78 -45.80 -25.68
CA PRO C 597 -13.34 -47.16 -26.04
C PRO C 597 -14.46 -48.00 -26.64
N SER C 598 -15.65 -47.98 -26.00
CA SER C 598 -16.77 -48.75 -26.52
C SER C 598 -17.13 -48.31 -27.93
N GLU C 599 -17.10 -47.00 -28.20
CA GLU C 599 -17.32 -46.50 -29.55
C GLU C 599 -16.23 -46.98 -30.52
N MET C 600 -14.96 -46.97 -30.10
CA MET C 600 -13.92 -47.44 -30.98
C MET C 600 -14.04 -48.93 -31.24
N LEU C 601 -14.31 -49.72 -30.19
CA LEU C 601 -14.48 -51.15 -30.39
C LEU C 601 -15.61 -51.43 -31.39
N ALA C 602 -16.71 -50.68 -31.28
CA ALA C 602 -17.83 -50.89 -32.19
C ALA C 602 -17.42 -50.65 -33.63
N GLU C 603 -16.70 -49.55 -33.89
CA GLU C 603 -16.27 -49.23 -35.25
C GLU C 603 -15.45 -50.37 -35.85
N CYS C 604 -14.59 -50.98 -35.06
CA CYS C 604 -13.75 -52.09 -35.50
C CYS C 604 -14.49 -53.41 -35.53
N GLY C 605 -15.76 -53.43 -35.11
CA GLY C 605 -16.55 -54.63 -35.15
C GLY C 605 -16.18 -55.65 -34.10
N LEU C 606 -15.62 -55.21 -32.97
CA LEU C 606 -15.17 -56.12 -31.93
C LEU C 606 -16.10 -56.13 -30.71
N ASP C 607 -17.32 -55.64 -30.84
CA ASP C 607 -18.34 -55.96 -29.86
C ASP C 607 -19.16 -57.14 -30.35
N ALA C 608 -20.06 -57.63 -29.50
CA ALA C 608 -20.82 -58.84 -29.83
C ALA C 608 -21.63 -58.66 -31.11
N ALA C 609 -22.16 -57.45 -31.34
CA ALA C 609 -22.94 -57.21 -32.55
C ALA C 609 -22.05 -57.22 -33.78
N GLY C 610 -20.86 -56.63 -33.67
CA GLY C 610 -19.93 -56.63 -34.79
C GLY C 610 -19.42 -58.03 -35.10
N ILE C 611 -19.03 -58.77 -34.08
CA ILE C 611 -18.54 -60.13 -34.31
C ILE C 611 -19.60 -60.95 -35.03
N GLU C 612 -20.82 -60.97 -34.48
CA GLU C 612 -21.87 -61.81 -35.05
C GLU C 612 -22.20 -61.40 -36.49
N LYS C 613 -22.29 -60.09 -36.74
CA LYS C 613 -22.55 -59.63 -38.10
C LYS C 613 -21.52 -60.17 -39.09
N ALA C 614 -20.24 -60.21 -38.69
CA ALA C 614 -19.18 -60.65 -39.59
C ALA C 614 -19.20 -62.16 -39.81
N VAL C 615 -19.50 -62.94 -38.77
CA VAL C 615 -19.59 -64.39 -38.93
C VAL C 615 -20.76 -64.76 -39.84
N ARG C 616 -21.90 -64.07 -39.68
CA ARG C 616 -23.07 -64.40 -40.51
C ARG C 616 -22.86 -63.99 -41.97
N GLN C 617 -22.18 -62.87 -42.22
CA GLN C 617 -21.85 -62.53 -43.60
C GLN C 617 -21.01 -63.61 -44.24
N ARG C 618 -19.95 -64.06 -43.55
CA ARG C 618 -19.12 -65.12 -44.11
C ARG C 618 -19.94 -66.38 -44.36
N LEU C 619 -20.76 -66.79 -43.38
CA LEU C 619 -21.61 -67.98 -43.52
C LEU C 619 -22.74 -67.72 -44.50
N THR D 32 6.33 26.73 31.27
CA THR D 32 7.10 26.47 30.05
C THR D 32 6.73 27.46 28.95
N LEU D 33 7.69 28.31 28.58
CA LEU D 33 7.48 29.36 27.60
C LEU D 33 7.78 28.84 26.20
N HIS D 34 7.10 29.42 25.21
CA HIS D 34 7.27 29.04 23.82
C HIS D 34 7.72 30.17 22.93
N GLU D 35 7.61 31.40 23.41
CA GLU D 35 8.01 32.59 22.66
C GLU D 35 8.92 33.42 23.54
N ILE D 36 9.72 34.25 22.87
CA ILE D 36 10.62 35.18 23.55
C ILE D 36 9.91 36.52 23.67
N PRO D 37 9.76 37.08 24.87
CA PRO D 37 9.09 38.39 24.99
C PRO D 37 9.78 39.44 24.13
N ARG D 38 8.99 40.13 23.32
CA ARG D 38 9.49 41.27 22.57
C ARG D 38 9.43 42.55 23.38
N GLU D 39 8.93 42.48 24.61
CA GLU D 39 8.79 43.64 25.47
C GLU D 39 9.19 43.25 26.89
N ARG D 40 9.92 44.12 27.56
CA ARG D 40 10.41 43.88 28.91
C ARG D 40 9.27 43.34 29.79
N PRO D 41 9.39 42.12 30.31
CA PRO D 41 8.35 41.61 31.21
C PRO D 41 8.42 42.28 32.58
N ALA D 42 7.27 42.50 33.18
CA ALA D 42 7.21 43.06 34.52
C ALA D 42 7.71 42.03 35.51
N THR D 43 8.87 42.30 36.12
CA THR D 43 9.49 41.41 37.09
C THR D 43 9.59 42.17 38.41
N PRO D 44 8.50 42.19 39.20
CA PRO D 44 8.52 42.96 40.44
C PRO D 44 9.31 42.32 41.58
N LEU D 45 9.38 40.98 41.63
CA LEU D 45 10.20 40.33 42.65
C LEU D 45 11.67 40.39 42.29
N LEU D 46 12.03 39.97 41.07
CA LEU D 46 13.40 40.09 40.57
C LEU D 46 13.93 41.50 40.75
N ASP D 47 13.11 42.52 40.46
CA ASP D 47 13.56 43.90 40.64
C ASP D 47 13.91 44.21 42.09
N ARG D 48 13.59 43.32 43.03
CA ARG D 48 13.96 43.50 44.43
C ARG D 48 15.20 42.70 44.80
N ALA D 49 15.72 41.91 43.86
CA ALA D 49 16.91 41.12 44.10
C ALA D 49 18.02 41.56 43.16
N SER D 50 18.38 42.84 43.22
CA SER D 50 19.41 43.40 42.36
C SER D 50 20.82 43.01 42.76
N SER D 51 20.97 42.29 43.87
CA SER D 51 22.27 41.90 44.41
C SER D 51 22.03 40.72 45.33
N PRO D 52 23.06 39.93 45.61
CA PRO D 52 22.84 38.76 46.48
C PRO D 52 22.40 39.14 47.89
N ALA D 53 22.86 40.28 48.42
CA ALA D 53 22.41 40.73 49.73
C ALA D 53 20.91 40.98 49.74
N GLU D 54 20.42 41.81 48.81
CA GLU D 54 18.97 41.97 48.66
C GLU D 54 18.29 40.62 48.50
N LEU D 55 18.87 39.75 47.66
CA LEU D 55 18.25 38.44 47.42
C LEU D 55 18.19 37.61 48.70
N ARG D 56 19.17 37.77 49.58
CA ARG D 56 19.18 36.99 50.81
C ARG D 56 18.24 37.55 51.88
N ARG D 57 17.65 38.71 51.63
CA ARG D 57 16.60 39.19 52.53
C ARG D 57 15.24 38.61 52.16
N LEU D 58 15.14 37.91 51.04
CA LEU D 58 13.89 37.24 50.67
C LEU D 58 13.83 35.87 51.35
N GLY D 59 12.60 35.38 51.52
CA GLY D 59 12.40 34.06 52.09
C GLY D 59 12.34 32.99 51.02
N GLU D 60 12.70 31.76 51.42
CA GLU D 60 12.79 30.67 50.45
C GLU D 60 11.52 30.50 49.65
N ALA D 61 10.37 30.80 50.26
CA ALA D 61 9.10 30.57 49.58
C ALA D 61 8.95 31.43 48.33
N ASP D 62 9.79 32.47 48.16
CA ASP D 62 9.72 33.35 46.99
C ASP D 62 10.67 32.95 45.87
N LEU D 63 11.69 32.15 46.18
CA LEU D 63 12.74 31.90 45.20
C LEU D 63 12.21 31.22 43.94
N GLU D 64 11.22 30.35 44.08
CA GLU D 64 10.65 29.70 42.89
C GLU D 64 9.97 30.73 41.99
N THR D 65 9.28 31.72 42.59
CA THR D 65 8.73 32.79 41.77
C THR D 65 9.83 33.68 41.20
N LEU D 66 10.84 33.99 42.01
CA LEU D 66 11.99 34.73 41.49
C LEU D 66 12.62 34.00 40.32
N ALA D 67 12.75 32.67 40.42
CA ALA D 67 13.31 31.90 39.31
C ALA D 67 12.51 32.12 38.04
N ASP D 68 11.19 32.25 38.16
CA ASP D 68 10.39 32.40 36.96
C ASP D 68 10.47 33.80 36.39
N GLU D 69 10.56 34.82 37.25
CA GLU D 69 10.78 36.18 36.77
C GLU D 69 12.15 36.31 36.12
N LEU D 70 13.17 35.66 36.67
CA LEU D 70 14.49 35.74 36.07
C LEU D 70 14.51 35.10 34.69
N ARG D 71 14.04 33.85 34.59
CA ARG D 71 13.95 33.17 33.31
C ARG D 71 13.22 34.01 32.27
N GLN D 72 12.17 34.72 32.69
CA GLN D 72 11.42 35.58 31.78
C GLN D 72 12.23 36.82 31.39
N TYR D 73 12.94 37.42 32.35
CA TYR D 73 13.82 38.53 32.01
C TYR D 73 14.95 38.05 31.11
N LEU D 74 15.48 36.86 31.38
CA LEU D 74 16.60 36.34 30.60
C LEU D 74 16.21 36.11 29.15
N LEU D 75 15.07 35.44 28.93
CA LEU D 75 14.63 35.22 27.55
C LEU D 75 14.46 36.54 26.83
N TYR D 76 13.94 37.55 27.54
CA TYR D 76 13.72 38.85 26.93
C TYR D 76 15.03 39.54 26.58
N THR D 77 15.97 39.62 27.54
CA THR D 77 17.16 40.43 27.32
C THR D 77 18.06 39.80 26.26
N VAL D 78 18.12 38.48 26.16
CA VAL D 78 18.92 37.87 25.12
C VAL D 78 18.26 38.07 23.76
N GLY D 79 16.92 38.04 23.71
CA GLY D 79 16.25 38.38 22.47
C GLY D 79 16.69 39.74 21.95
N GLN D 80 16.85 40.70 22.84
CA GLN D 80 17.25 42.05 22.44
C GLN D 80 18.70 42.11 21.95
N THR D 81 19.59 41.29 22.53
CA THR D 81 21.02 41.43 22.28
C THR D 81 21.68 40.22 21.64
N GLY D 82 21.02 39.06 21.64
CA GLY D 82 21.71 37.87 21.20
C GLY D 82 22.74 37.49 22.23
N GLY D 83 23.36 36.32 22.07
CA GLY D 83 24.33 35.85 23.02
C GLY D 83 24.03 34.43 23.41
N HIS D 84 24.75 33.95 24.42
CA HIS D 84 24.57 32.58 24.86
C HIS D 84 23.23 32.45 25.58
N PHE D 85 22.54 31.33 25.32
CA PHE D 85 21.12 31.17 25.63
C PHE D 85 20.89 29.98 26.55
N GLY D 86 21.06 28.75 26.06
CA GLY D 86 20.55 27.58 26.75
C GLY D 86 21.25 27.26 28.07
N ALA D 87 22.58 27.42 28.13
CA ALA D 87 23.30 27.04 29.34
C ALA D 87 22.84 27.85 30.54
N GLY D 88 22.59 29.15 30.33
CA GLY D 88 22.11 29.99 31.42
C GLY D 88 20.73 29.57 31.90
N LEU D 89 19.83 29.30 30.96
CA LEU D 89 18.53 28.74 31.32
C LEU D 89 18.68 27.53 32.24
N GLY D 90 19.71 26.69 32.01
CA GLY D 90 19.88 25.50 32.80
C GLY D 90 20.43 25.73 34.18
N VAL D 91 20.89 26.94 34.50
CA VAL D 91 21.42 27.22 35.83
C VAL D 91 20.67 28.37 36.52
N VAL D 92 19.48 28.74 36.03
CA VAL D 92 18.70 29.78 36.69
C VAL D 92 18.48 29.43 38.16
N GLU D 93 18.07 28.18 38.44
CA GLU D 93 17.86 27.77 39.83
C GLU D 93 19.18 27.64 40.58
N LEU D 94 20.19 27.03 39.94
CA LEU D 94 21.51 26.91 40.58
C LEU D 94 22.04 28.27 41.03
N THR D 95 21.99 29.27 40.13
CA THR D 95 22.57 30.57 40.44
C THR D 95 21.89 31.19 41.66
N ILE D 96 20.56 31.17 41.69
CA ILE D 96 19.81 31.74 42.80
C ILE D 96 20.21 31.07 44.11
N ALA D 97 20.22 29.73 44.15
CA ALA D 97 20.59 29.05 45.39
C ALA D 97 21.98 29.46 45.86
N LEU D 98 22.94 29.57 44.93
CA LEU D 98 24.31 29.83 45.34
C LEU D 98 24.42 31.18 46.04
N HIS D 99 23.83 32.22 45.44
CA HIS D 99 23.90 33.56 46.03
C HIS D 99 23.04 33.69 47.28
N TYR D 100 21.93 32.95 47.34
CA TYR D 100 21.11 32.94 48.54
C TYR D 100 21.88 32.33 49.72
N VAL D 101 22.63 31.26 49.47
CA VAL D 101 23.21 30.47 50.56
C VAL D 101 24.63 30.89 50.90
N PHE D 102 25.44 31.21 49.90
CA PHE D 102 26.81 31.64 50.12
C PHE D 102 26.87 33.15 50.30
N ASP D 103 27.90 33.60 51.03
CA ASP D 103 28.09 35.00 51.40
C ASP D 103 28.90 35.75 50.34
N THR D 104 28.32 35.86 49.13
CA THR D 104 29.03 36.58 48.08
C THR D 104 28.78 38.07 48.24
N PRO D 105 29.76 38.90 47.89
CA PRO D 105 31.01 38.56 47.20
C PRO D 105 32.15 38.06 48.07
N ASP D 106 31.99 37.93 49.39
CA ASP D 106 33.13 37.53 50.22
C ASP D 106 33.50 36.08 49.97
N ASP D 107 32.52 35.19 49.99
CA ASP D 107 32.73 33.86 49.44
C ASP D 107 32.98 33.98 47.94
N ARG D 108 33.94 33.18 47.46
CA ARG D 108 34.41 33.24 46.09
C ARG D 108 33.63 32.24 45.24
N LEU D 109 32.92 32.75 44.25
CA LEU D 109 32.17 31.95 43.31
C LEU D 109 32.85 32.04 41.94
N VAL D 110 33.26 30.89 41.40
CA VAL D 110 33.97 30.86 40.12
C VAL D 110 33.11 30.07 39.12
N TRP D 111 32.63 30.76 38.09
CA TRP D 111 31.90 30.13 36.99
C TRP D 111 32.87 29.63 35.90
N ASP D 112 32.74 28.37 35.53
CA ASP D 112 33.59 27.83 34.47
C ASP D 112 33.05 28.20 33.10
N VAL D 113 33.94 28.71 32.24
CA VAL D 113 33.62 29.14 30.88
C VAL D 113 32.84 30.43 30.94
N GLY D 114 31.73 30.42 31.70
CA GLY D 114 31.00 31.64 32.01
C GLY D 114 29.91 32.03 31.02
N HIS D 115 29.74 31.27 29.93
CA HIS D 115 28.62 31.51 29.03
C HIS D 115 27.27 31.36 29.72
N GLN D 116 27.23 30.65 30.86
CA GLN D 116 26.00 30.41 31.61
C GLN D 116 25.79 31.42 32.75
N ALA D 117 26.53 32.52 32.74
CA ALA D 117 26.56 33.43 33.85
C ALA D 117 25.62 34.64 33.70
N TYR D 118 24.69 34.61 32.73
CA TYR D 118 23.76 35.74 32.60
C TYR D 118 22.90 35.86 33.85
N PRO D 119 22.32 34.78 34.40
CA PRO D 119 21.66 34.90 35.71
C PRO D 119 22.57 35.49 36.77
N HIS D 120 23.84 35.13 36.72
CA HIS D 120 24.79 35.65 37.68
C HIS D 120 24.84 37.16 37.61
N LYS D 121 25.08 37.68 36.40
CA LYS D 121 25.12 39.12 36.20
C LYS D 121 23.78 39.77 36.59
N ILE D 122 22.67 39.12 36.23
CA ILE D 122 21.36 39.70 36.50
C ILE D 122 21.14 39.86 38.01
N LEU D 123 21.70 38.96 38.81
CA LEU D 123 21.59 39.02 40.26
C LEU D 123 22.74 39.81 40.91
N THR D 124 23.71 40.29 40.13
CA THR D 124 24.85 40.97 40.71
C THR D 124 24.97 42.40 40.18
N GLU D 125 23.90 43.20 40.38
CA GLU D 125 23.89 44.64 40.14
C GLU D 125 24.05 45.00 38.67
N ARG D 126 23.64 44.12 37.75
CA ARG D 126 23.81 44.36 36.32
C ARG D 126 22.54 44.06 35.51
N ARG D 127 21.40 43.88 36.15
CA ARG D 127 20.19 43.54 35.41
C ARG D 127 19.81 44.66 34.46
N GLU D 128 19.83 45.90 34.93
CA GLU D 128 19.45 47.00 34.04
C GLU D 128 20.55 47.36 33.04
N LEU D 129 21.74 46.76 33.14
CA LEU D 129 22.78 46.94 32.14
C LEU D 129 22.84 45.80 31.13
N MET D 130 21.96 44.80 31.24
CA MET D 130 22.02 43.65 30.35
C MET D 130 21.65 43.99 28.92
N GLY D 131 20.98 45.12 28.70
CA GLY D 131 20.72 45.57 27.35
C GLY D 131 21.93 46.09 26.62
N THR D 132 23.02 46.35 27.34
CA THR D 132 24.31 46.69 26.74
C THR D 132 25.18 45.47 26.52
N LEU D 133 24.72 44.29 26.90
CA LEU D 133 25.57 43.10 26.84
C LEU D 133 26.05 42.83 25.41
N ARG D 134 27.35 42.55 25.30
CA ARG D 134 28.01 42.21 24.04
C ARG D 134 27.94 43.34 23.02
N GLN D 135 27.56 44.53 23.45
CA GLN D 135 27.73 45.71 22.62
C GLN D 135 28.98 46.47 23.03
N LYS D 136 29.49 47.25 22.09
CA LYS D 136 30.63 48.10 22.37
C LYS D 136 30.32 48.97 23.59
N ASN D 137 31.23 48.94 24.58
CA ASN D 137 31.14 49.63 25.86
C ASN D 137 30.04 49.09 26.79
N GLY D 138 29.43 47.96 26.47
CA GLY D 138 28.48 47.32 27.36
C GLY D 138 29.13 46.24 28.19
N LEU D 139 28.29 45.43 28.82
CA LEU D 139 28.82 44.32 29.60
C LEU D 139 29.51 43.32 28.67
N ALA D 140 30.51 42.64 29.21
CA ALA D 140 31.27 41.66 28.46
C ALA D 140 30.49 40.35 28.31
N ALA D 141 31.04 39.46 27.48
CA ALA D 141 30.40 38.17 27.22
C ALA D 141 30.45 37.25 28.43
N PHE D 142 31.49 37.38 29.24
CA PHE D 142 31.76 36.46 30.32
C PHE D 142 32.03 37.22 31.60
N PRO D 143 32.01 36.54 32.75
CA PRO D 143 32.47 37.18 33.99
C PRO D 143 33.86 37.78 33.79
N ARG D 144 34.09 38.93 34.41
CA ARG D 144 35.31 39.68 34.16
C ARG D 144 35.63 40.50 35.40
N ARG D 145 36.77 40.17 36.02
CA ARG D 145 37.11 40.78 37.31
C ARG D 145 36.94 42.29 37.28
N ALA D 146 37.34 42.93 36.17
CA ALA D 146 37.26 44.38 36.09
C ALA D 146 35.82 44.87 35.93
N GLU D 147 34.89 43.99 35.58
CA GLU D 147 33.53 44.45 35.38
C GLU D 147 32.75 44.53 36.69
N SER D 148 33.12 43.76 37.70
CA SER D 148 32.28 43.62 38.88
C SER D 148 33.05 42.87 39.96
N GLU D 149 32.89 43.32 41.21
CA GLU D 149 33.46 42.61 42.35
C GLU D 149 32.80 41.26 42.55
N TYR D 150 31.63 41.04 41.94
CA TYR D 150 30.99 39.73 42.01
C TYR D 150 31.60 38.71 41.05
N ASP D 151 32.51 39.14 40.16
CA ASP D 151 33.24 38.23 39.28
C ASP D 151 34.63 37.98 39.85
N THR D 152 34.92 36.73 40.18
CA THR D 152 36.20 36.41 40.79
C THR D 152 37.31 36.11 39.78
N PHE D 153 36.96 35.63 38.60
CA PHE D 153 37.98 35.16 37.66
C PHE D 153 37.48 35.35 36.25
N GLY D 154 38.22 36.08 35.43
CA GLY D 154 37.88 36.20 34.03
C GLY D 154 37.90 34.83 33.38
N VAL D 155 36.80 34.43 32.74
CA VAL D 155 36.77 33.14 32.08
C VAL D 155 36.40 33.29 30.60
N GLY D 156 36.30 32.18 29.88
CA GLY D 156 36.07 32.16 28.43
C GLY D 156 36.60 30.86 27.83
N HIS D 157 37.90 30.64 27.93
CA HIS D 157 38.41 29.29 27.85
C HIS D 157 37.84 28.48 29.00
N SER D 158 37.53 27.22 28.74
CA SER D 158 36.90 26.34 29.70
C SER D 158 37.91 25.74 30.68
N SER D 159 37.38 25.19 31.75
CA SER D 159 38.07 24.23 32.59
C SER D 159 39.08 24.88 33.52
N THR D 160 39.07 26.20 33.67
CA THR D 160 40.00 26.86 34.58
C THR D 160 39.43 27.02 36.00
N SER D 161 38.16 26.65 36.23
CA SER D 161 37.46 27.09 37.44
C SER D 161 38.00 26.41 38.69
N ILE D 162 38.30 25.11 38.63
CA ILE D 162 38.81 24.41 39.80
C ILE D 162 40.20 24.90 40.17
N SER D 163 41.08 25.05 39.16
CA SER D 163 42.41 25.59 39.39
C SER D 163 42.36 26.93 40.10
N ALA D 164 41.51 27.85 39.61
CA ALA D 164 41.44 29.19 40.17
C ALA D 164 40.82 29.16 41.56
N ALA D 165 39.72 28.43 41.71
CA ALA D 165 39.11 28.32 43.02
C ALA D 165 40.10 27.73 44.03
N LEU D 166 40.93 26.77 43.59
CA LEU D 166 41.95 26.22 44.48
C LEU D 166 42.97 27.28 44.85
N GLY D 167 43.32 28.15 43.91
CA GLY D 167 44.27 29.20 44.22
C GLY D 167 43.75 30.14 45.28
N MET D 168 42.50 30.59 45.14
CA MET D 168 41.96 31.48 46.15
C MET D 168 41.78 30.76 47.48
N ALA D 169 41.45 29.48 47.47
CA ALA D 169 41.28 28.74 48.72
C ALA D 169 42.60 28.62 49.45
N ILE D 170 43.67 28.23 48.74
CA ILE D 170 44.97 28.09 49.37
C ILE D 170 45.42 29.42 49.94
N ALA D 171 45.26 30.48 49.16
CA ALA D 171 45.65 31.81 49.63
C ALA D 171 44.81 32.23 50.82
N ALA D 172 43.51 31.95 50.81
CA ALA D 172 42.65 32.39 51.90
C ALA D 172 43.00 31.68 53.20
N ARG D 173 43.35 30.39 53.11
CA ARG D 173 43.70 29.62 54.30
C ARG D 173 44.97 30.18 54.95
N LEU D 174 46.01 30.43 54.15
CA LEU D 174 47.19 31.05 54.71
C LEU D 174 46.87 32.39 55.32
N GLN D 175 45.91 33.12 54.72
CA GLN D 175 45.53 34.43 55.23
C GLN D 175 44.61 34.33 56.43
N GLY D 176 44.19 33.12 56.82
CA GLY D 176 43.32 32.99 57.97
C GLY D 176 41.96 33.59 57.81
N LYS D 177 41.58 33.99 56.60
CA LYS D 177 40.20 34.34 56.32
C LYS D 177 39.38 33.05 56.25
N GLU D 178 38.07 33.17 56.41
CA GLU D 178 37.30 31.95 56.43
C GLU D 178 36.22 32.04 55.35
N ARG D 179 36.62 32.47 54.17
CA ARG D 179 35.70 32.56 53.05
C ARG D 179 35.59 31.21 52.36
N LYS D 180 34.45 30.97 51.74
CA LYS D 180 34.29 29.76 50.97
C LYS D 180 34.78 29.99 49.54
N SER D 181 35.08 28.89 48.84
CA SER D 181 35.47 28.94 47.43
C SER D 181 34.69 27.88 46.67
N VAL D 182 33.92 28.33 45.68
CA VAL D 182 33.03 27.48 44.90
C VAL D 182 33.37 27.64 43.42
N ALA D 183 33.56 26.52 42.73
CA ALA D 183 33.68 26.52 41.27
C ALA D 183 32.51 25.75 40.68
N VAL D 184 31.84 26.35 39.70
CA VAL D 184 30.76 25.68 38.97
C VAL D 184 31.34 25.26 37.63
N ILE D 185 31.41 23.95 37.39
CA ILE D 185 32.06 23.39 36.20
C ILE D 185 31.09 22.45 35.50
N GLY D 186 30.87 22.68 34.19
CA GLY D 186 30.07 21.78 33.39
C GLY D 186 30.77 20.45 33.10
N ASP D 187 29.96 19.50 32.60
CA ASP D 187 30.45 18.14 32.30
C ASP D 187 31.34 18.15 31.06
N GLY D 188 31.05 19.01 30.08
CA GLY D 188 31.98 19.22 28.99
C GLY D 188 33.30 19.82 29.47
N ALA D 189 33.22 20.95 30.17
CA ALA D 189 34.44 21.58 30.71
C ALA D 189 35.26 20.60 31.55
N LEU D 190 34.60 19.65 32.21
CA LEU D 190 35.29 18.67 33.04
C LEU D 190 36.15 17.72 32.24
N THR D 191 35.98 17.67 30.92
CA THR D 191 36.74 16.71 30.14
C THR D 191 38.19 17.14 29.93
N ALA D 192 38.53 18.38 30.28
CA ALA D 192 39.85 18.91 29.97
C ALA D 192 40.89 18.41 30.98
N GLY D 193 42.10 18.10 30.48
CA GLY D 193 43.13 17.60 31.37
C GLY D 193 43.49 18.54 32.49
N MET D 194 43.39 19.84 32.27
CA MET D 194 43.72 20.82 33.30
C MET D 194 42.79 20.73 34.50
N ALA D 195 41.55 20.26 34.31
CA ALA D 195 40.67 20.08 35.46
C ALA D 195 41.04 18.84 36.26
N PHE D 196 41.48 17.78 35.59
CA PHE D 196 42.02 16.61 36.28
C PHE D 196 43.22 17.03 37.14
N GLU D 197 44.13 17.81 36.57
CA GLU D 197 45.29 18.28 37.33
C GLU D 197 44.86 19.07 38.57
N ALA D 198 43.79 19.86 38.46
CA ALA D 198 43.32 20.64 39.59
C ALA D 198 42.65 19.76 40.63
N LEU D 199 41.89 18.76 40.19
CA LEU D 199 41.23 17.87 41.16
C LEU D 199 42.27 17.06 41.97
N ASN D 200 43.34 16.62 41.33
CA ASN D 200 44.35 15.85 42.04
C ASN D 200 45.14 16.73 42.99
N HIS D 201 45.42 17.98 42.60
CA HIS D 201 46.23 18.83 43.46
C HIS D 201 45.46 19.30 44.69
N ALA D 202 44.18 19.64 44.52
CA ALA D 202 43.38 20.12 45.64
C ALA D 202 43.17 19.01 46.68
N SER D 203 42.91 17.78 46.21
CA SER D 203 42.84 16.66 47.14
C SER D 203 44.11 16.57 47.97
N GLU D 204 45.26 16.77 47.34
CA GLU D 204 46.53 16.56 48.02
C GLU D 204 46.87 17.65 49.01
N VAL D 205 46.33 18.86 48.85
CA VAL D 205 46.50 19.91 49.85
C VAL D 205 45.34 19.98 50.80
N ASP D 206 44.35 19.11 50.65
CA ASP D 206 43.21 19.03 51.55
C ASP D 206 42.55 20.41 51.68
N ALA D 207 42.33 21.04 50.54
CA ALA D 207 41.73 22.37 50.47
C ALA D 207 40.27 22.32 50.87
N ASP D 208 39.81 23.39 51.54
CA ASP D 208 38.39 23.55 51.85
C ASP D 208 37.76 24.32 50.70
N MET D 209 37.14 23.59 49.78
CA MET D 209 36.54 24.16 48.59
C MET D 209 35.44 23.25 48.07
N LEU D 210 34.55 23.84 47.28
CA LEU D 210 33.39 23.13 46.74
C LEU D 210 33.45 23.19 45.22
N VAL D 211 33.55 22.02 44.58
CA VAL D 211 33.37 21.87 43.14
C VAL D 211 31.95 21.39 42.89
N ILE D 212 31.25 22.10 42.01
CA ILE D 212 29.86 21.77 41.65
C ILE D 212 29.86 21.34 40.20
N LEU D 213 29.59 20.05 39.98
CA LEU D 213 29.42 19.56 38.61
C LEU D 213 28.03 19.95 38.12
N ASN D 214 27.97 20.80 37.10
CA ASN D 214 26.72 21.14 36.43
C ASN D 214 26.57 20.17 35.27
N ASP D 215 25.88 19.05 35.52
CA ASP D 215 25.84 17.91 34.62
C ASP D 215 24.53 17.90 33.84
N ASN D 216 24.63 18.11 32.52
CA ASN D 216 23.45 18.12 31.65
C ASN D 216 23.66 17.25 30.42
N ASP D 217 24.69 16.38 30.44
CA ASP D 217 25.01 15.46 29.34
C ASP D 217 25.09 16.18 28.00
N MET D 218 25.80 17.31 27.99
CA MET D 218 25.77 18.21 26.86
C MET D 218 27.00 19.10 26.89
N SER D 219 27.63 19.24 25.74
CA SER D 219 28.65 20.25 25.48
C SER D 219 28.00 21.39 24.68
N ILE D 220 28.63 21.90 23.61
CA ILE D 220 27.86 22.63 22.61
C ILE D 220 27.10 21.63 21.74
N SER D 221 27.80 20.58 21.31
CA SER D 221 27.23 19.36 20.76
C SER D 221 27.03 18.35 21.89
N HIS D 222 26.59 17.14 21.54
CA HIS D 222 26.44 16.07 22.53
C HIS D 222 27.81 15.74 23.14
N ASN D 223 27.89 15.76 24.47
CA ASN D 223 29.16 15.48 25.13
C ASN D 223 29.53 14.01 24.88
N VAL D 224 30.63 13.80 24.17
CA VAL D 224 31.03 12.48 23.70
C VAL D 224 32.44 12.21 24.21
N GLY D 225 32.57 11.15 25.00
CA GLY D 225 33.85 10.79 25.59
C GLY D 225 33.64 9.87 26.76
N GLY D 226 34.75 9.26 27.20
CA GLY D 226 34.71 8.29 28.29
C GLY D 226 34.29 8.86 29.63
N LEU D 227 34.31 10.20 29.78
CA LEU D 227 33.93 10.81 31.05
C LEU D 227 32.41 10.94 31.18
N SER D 228 31.73 11.26 30.07
CA SER D 228 30.28 11.31 30.14
C SER D 228 29.69 9.91 30.12
N ASN D 229 30.40 8.93 29.54
CA ASN D 229 29.97 7.54 29.65
C ASN D 229 29.88 7.12 31.11
N TYR D 230 30.80 7.61 31.94
CA TYR D 230 30.68 7.43 33.39
C TYR D 230 29.61 8.35 33.98
N LEU D 231 29.41 9.51 33.37
CA LEU D 231 28.36 10.48 33.72
C LEU D 231 28.90 11.49 34.72
N LEU D 248 40.79 8.97 45.03
CA LEU D 248 39.81 10.05 45.00
C LEU D 248 40.32 11.31 45.72
N GLY D 249 39.98 11.41 47.00
CA GLY D 249 40.24 12.60 47.78
C GLY D 249 39.04 13.49 47.99
N TRP D 250 37.93 13.24 47.28
CA TRP D 250 36.80 14.16 47.24
C TRP D 250 35.57 13.55 47.90
N ASN D 251 34.89 14.33 48.75
CA ASN D 251 33.61 13.90 49.29
C ASN D 251 32.49 14.25 48.32
N TYR D 252 31.82 13.22 47.79
CA TYR D 252 30.88 13.34 46.71
C TYR D 252 29.45 13.31 47.26
N ILE D 253 28.65 14.30 46.88
CA ILE D 253 27.23 14.38 47.20
C ILE D 253 26.45 14.48 45.88
N GLY D 254 25.32 13.78 45.81
CA GLY D 254 24.47 13.82 44.64
C GLY D 254 24.29 12.45 44.01
N PRO D 255 23.71 12.40 42.80
CA PRO D 255 23.21 13.53 41.99
C PRO D 255 21.99 14.23 42.59
N ILE D 256 21.87 15.53 42.32
CA ILE D 256 20.84 16.39 42.88
C ILE D 256 20.07 17.00 41.72
N ASP D 257 18.77 17.21 41.94
CA ASP D 257 17.95 17.88 40.95
C ASP D 257 18.30 19.36 40.93
N GLY D 258 18.99 19.78 39.88
CA GLY D 258 19.47 21.15 39.79
C GLY D 258 18.41 22.18 39.52
N HIS D 259 17.16 21.76 39.31
CA HIS D 259 16.07 22.72 39.17
C HIS D 259 15.11 22.70 40.34
N ASP D 260 15.38 21.92 41.39
CA ASP D 260 14.54 21.86 42.58
C ASP D 260 15.14 22.79 43.63
N LEU D 261 14.58 23.99 43.76
CA LEU D 261 15.23 24.98 44.60
C LEU D 261 15.31 24.57 46.07
N PRO D 262 14.33 23.86 46.64
CA PRO D 262 14.46 23.50 48.07
C PRO D 262 15.53 22.45 48.32
N THR D 263 15.73 21.49 47.42
CA THR D 263 16.87 20.59 47.60
C THR D 263 18.18 21.34 47.39
N LEU D 264 18.26 22.20 46.38
CA LEU D 264 19.46 23.00 46.12
C LEU D 264 19.91 23.75 47.37
N VAL D 265 19.03 24.62 47.89
CA VAL D 265 19.38 25.40 49.09
C VAL D 265 19.67 24.49 50.28
N ALA D 266 18.85 23.47 50.49
CA ALA D 266 19.10 22.52 51.57
C ALA D 266 20.45 21.86 51.44
N THR D 267 20.73 21.32 50.25
CA THR D 267 22.01 20.63 50.04
C THR D 267 23.17 21.60 50.20
N LEU D 268 23.07 22.78 49.57
CA LEU D 268 24.19 23.72 49.66
C LEU D 268 24.46 24.13 51.10
N ARG D 269 23.40 24.44 51.87
CA ARG D 269 23.59 24.77 53.28
C ARG D 269 24.32 23.65 54.02
N ASN D 270 23.99 22.40 53.73
CA ASN D 270 24.72 21.27 54.31
C ASN D 270 26.20 21.33 53.95
N MET D 271 26.51 21.40 52.66
CA MET D 271 27.90 21.29 52.24
C MET D 271 28.72 22.55 52.53
N ARG D 272 28.08 23.72 52.70
CA ARG D 272 28.83 24.96 52.83
C ARG D 272 29.83 24.93 53.99
N ASP D 273 29.54 24.17 55.03
CA ASP D 273 30.40 24.18 56.20
C ASP D 273 31.14 22.87 56.43
N MET D 274 31.00 21.88 55.55
CA MET D 274 31.89 20.73 55.64
C MET D 274 33.28 21.12 55.14
N LYS D 275 34.28 20.40 55.63
CA LYS D 275 35.67 20.79 55.43
C LYS D 275 36.36 19.87 54.43
N GLY D 276 37.40 20.41 53.81
CA GLY D 276 38.14 19.67 52.80
C GLY D 276 37.43 19.65 51.47
N PRO D 277 37.99 18.93 50.50
CA PRO D 277 37.46 18.96 49.13
C PRO D 277 36.07 18.35 49.03
N GLN D 278 35.11 19.15 48.55
CA GLN D 278 33.72 18.73 48.44
C GLN D 278 33.25 18.80 46.99
N PHE D 279 32.55 17.76 46.56
CA PHE D 279 32.11 17.60 45.19
C PHE D 279 30.60 17.35 45.16
N LEU D 280 29.84 18.31 44.62
CA LEU D 280 28.39 18.24 44.54
C LEU D 280 27.99 18.05 43.07
N HIS D 281 27.39 16.90 42.78
CA HIS D 281 26.97 16.55 41.43
C HIS D 281 25.52 17.02 41.26
N VAL D 282 25.29 17.87 40.28
CA VAL D 282 23.98 18.47 40.02
C VAL D 282 23.59 18.11 38.60
N VAL D 283 22.28 17.91 38.37
CA VAL D 283 21.77 17.57 37.06
C VAL D 283 20.83 18.68 36.61
N THR D 284 21.16 19.33 35.51
CA THR D 284 20.30 20.34 34.92
C THR D 284 19.92 19.94 33.50
N LYS D 285 18.99 20.67 32.92
CA LYS D 285 18.56 20.44 31.55
C LYS D 285 18.85 21.69 30.75
N LYS D 286 19.74 21.57 29.76
CA LYS D 286 20.06 22.72 28.94
C LYS D 286 18.79 23.24 28.27
N GLY D 287 18.55 24.54 28.40
CA GLY D 287 17.36 25.18 27.87
C GLY D 287 16.15 25.18 28.78
N LYS D 288 16.28 24.74 30.03
CA LYS D 288 15.19 24.60 30.98
C LYS D 288 14.24 25.80 30.96
N GLY D 289 12.96 25.54 30.69
CA GLY D 289 11.95 26.57 30.73
C GLY D 289 11.56 27.13 29.39
N PHE D 290 12.31 26.84 28.32
CA PHE D 290 11.99 27.35 26.99
C PHE D 290 11.92 26.15 26.03
N ALA D 291 10.70 25.75 25.69
CA ALA D 291 10.49 24.50 24.98
C ALA D 291 11.30 24.38 23.70
N PRO D 292 11.36 25.40 22.83
CA PRO D 292 12.23 25.26 21.65
C PRO D 292 13.67 24.97 22.03
N ALA D 293 14.17 25.61 23.10
CA ALA D 293 15.55 25.37 23.53
C ALA D 293 15.72 23.94 24.06
N GLU D 294 14.78 23.47 24.88
CA GLU D 294 14.80 22.09 25.35
C GLU D 294 14.79 21.12 24.18
N LEU D 295 14.00 21.41 23.15
CA LEU D 295 13.89 20.48 22.03
C LEU D 295 15.15 20.51 21.18
N ASP D 296 15.80 21.66 21.06
CA ASP D 296 17.00 21.82 20.22
C ASP D 296 18.12 22.48 21.03
N PRO D 297 18.76 21.72 21.94
CA PRO D 297 19.81 22.31 22.78
C PRO D 297 21.03 22.76 22.00
N ILE D 298 21.28 22.21 20.82
CA ILE D 298 22.45 22.62 20.06
C ILE D 298 22.19 23.94 19.32
N GLY D 299 21.02 24.07 18.66
CA GLY D 299 20.68 25.31 18.00
C GLY D 299 20.49 26.50 18.93
N TYR D 300 20.05 26.25 20.18
CA TYR D 300 19.80 27.32 21.14
C TYR D 300 20.94 27.50 22.14
N HIS D 301 22.08 26.85 21.92
CA HIS D 301 23.27 27.19 22.70
C HIS D 301 23.56 28.68 22.59
N ALA D 302 23.39 29.25 21.40
CA ALA D 302 23.48 30.68 21.17
C ALA D 302 22.40 31.09 20.18
N ILE D 303 21.91 32.33 20.32
CA ILE D 303 20.94 32.92 19.41
C ILE D 303 21.46 34.28 18.96
N THR D 304 20.88 34.77 17.88
CA THR D 304 21.09 36.13 17.41
C THR D 304 19.94 37.02 17.87
N LYS D 305 20.06 38.32 17.61
CA LYS D 305 19.01 39.26 18.02
C LYS D 305 17.77 39.16 17.13
N GLY D 318 27.97 35.17 1.05
CA GLY D 318 28.93 34.12 0.77
C GLY D 318 29.06 33.03 1.82
N PRO D 319 29.66 31.89 1.46
CA PRO D 319 29.91 30.85 2.46
C PRO D 319 30.75 31.38 3.61
N LYS D 320 30.46 30.89 4.81
CA LYS D 320 31.32 31.16 5.95
C LYS D 320 32.63 30.41 5.75
N TYR D 321 33.74 31.05 6.12
CA TYR D 321 35.03 30.38 5.90
C TYR D 321 35.02 28.97 6.46
N SER D 322 34.38 28.77 7.61
CA SER D 322 34.41 27.46 8.24
C SER D 322 33.68 26.42 7.40
N SER D 323 32.66 26.82 6.62
CA SER D 323 32.00 25.83 5.80
C SER D 323 32.78 25.54 4.52
N VAL D 324 33.52 26.53 4.00
CA VAL D 324 34.54 26.24 2.98
C VAL D 324 35.44 25.11 3.46
N PHE D 325 36.03 25.27 4.65
CA PHE D 325 36.89 24.23 5.19
C PHE D 325 36.14 22.91 5.29
N GLY D 326 34.89 22.95 5.75
CA GLY D 326 34.14 21.72 5.92
C GLY D 326 33.93 21.01 4.60
N GLN D 327 33.72 21.79 3.52
CA GLN D 327 33.55 21.19 2.20
C GLN D 327 34.88 20.67 1.65
N TRP D 328 35.96 21.44 1.81
CA TRP D 328 37.29 20.93 1.47
C TRP D 328 37.50 19.56 2.12
N LEU D 329 37.29 19.50 3.44
CA LEU D 329 37.52 18.29 4.22
C LEU D 329 36.72 17.10 3.65
N CYS D 330 35.43 17.30 3.36
CA CYS D 330 34.65 16.26 2.71
C CYS D 330 35.22 15.91 1.33
N ASP D 331 35.50 16.94 0.51
CA ASP D 331 35.96 16.66 -0.85
C ASP D 331 37.25 15.85 -0.84
N MET D 332 38.25 16.30 -0.06
CA MET D 332 39.52 15.58 0.03
C MET D 332 39.30 14.19 0.60
N ALA D 333 38.39 14.06 1.55
CA ALA D 333 38.11 12.75 2.13
C ALA D 333 37.55 11.80 1.09
N ALA D 334 36.74 12.32 0.15
CA ALA D 334 36.20 11.46 -0.92
C ALA D 334 37.29 10.99 -1.87
N GLN D 335 38.36 11.78 -2.02
CA GLN D 335 39.48 11.42 -2.89
C GLN D 335 40.59 10.64 -2.18
N ASP D 336 40.68 10.72 -0.85
CA ASP D 336 41.84 10.17 -0.15
C ASP D 336 41.42 9.54 1.17
N ALA D 337 41.52 8.22 1.26
CA ALA D 337 41.09 7.47 2.42
C ALA D 337 41.95 7.70 3.66
N ARG D 338 43.10 8.39 3.52
CA ARG D 338 44.01 8.61 4.64
C ARG D 338 43.56 9.78 5.53
N LEU D 339 42.70 10.66 5.01
CA LEU D 339 42.32 11.86 5.74
C LEU D 339 41.51 11.49 6.99
N LEU D 340 41.87 12.10 8.10
CA LEU D 340 41.15 11.98 9.36
C LEU D 340 40.90 13.39 9.84
N GLY D 341 39.72 13.61 10.43
CA GLY D 341 39.33 14.91 10.94
C GLY D 341 39.21 14.87 12.45
N ILE D 342 39.84 15.84 13.11
CA ILE D 342 39.83 15.95 14.57
C ILE D 342 39.36 17.32 14.97
N THR D 343 38.48 17.36 15.98
CA THR D 343 38.06 18.61 16.58
C THR D 343 37.98 18.37 18.09
N PRO D 344 38.31 19.33 18.89
CA PRO D 344 38.10 19.15 20.31
C PRO D 344 36.80 19.84 20.69
N ALA D 345 35.70 19.12 20.47
CA ALA D 345 34.36 19.56 20.89
C ALA D 345 33.81 20.73 20.08
N MET D 346 34.28 20.96 18.85
CA MET D 346 33.73 22.07 18.07
C MET D 346 33.34 21.60 16.67
N LYS D 347 32.64 20.47 16.61
CA LYS D 347 32.06 20.03 15.34
C LYS D 347 31.29 21.16 14.66
N GLU D 348 30.41 21.82 15.42
CA GLU D 348 29.53 22.83 14.84
C GLU D 348 30.30 24.07 14.41
N GLY D 349 31.11 24.64 15.31
CA GLY D 349 31.79 25.89 15.00
C GLY D 349 32.86 25.74 13.93
N SER D 350 33.69 24.69 14.05
CA SER D 350 34.68 24.41 13.00
C SER D 350 34.01 23.82 11.77
N ASP D 351 32.80 23.28 11.95
CA ASP D 351 31.95 22.80 10.87
C ASP D 351 32.52 21.54 10.23
N LEU D 352 32.67 20.49 11.04
CA LEU D 352 32.88 19.15 10.51
C LEU D 352 31.58 18.37 10.43
N VAL D 353 30.43 19.08 10.37
CA VAL D 353 29.12 18.44 10.45
C VAL D 353 28.96 17.42 9.32
N ALA D 354 29.07 17.89 8.08
CA ALA D 354 28.91 16.98 6.95
C ALA D 354 29.96 15.87 7.00
N PHE D 355 31.23 16.23 7.24
CA PHE D 355 32.28 15.21 7.32
C PHE D 355 31.89 14.13 8.32
N SER D 356 31.44 14.55 9.52
CA SER D 356 31.16 13.59 10.59
C SER D 356 30.04 12.61 10.20
N GLU D 357 29.04 13.06 9.45
CA GLU D 357 28.00 12.13 8.99
C GLU D 357 28.45 11.27 7.82
N ARG D 358 29.21 11.85 6.90
CA ARG D 358 29.59 11.12 5.68
C ARG D 358 30.66 10.07 5.96
N TYR D 359 31.59 10.39 6.85
CA TYR D 359 32.72 9.51 7.18
C TYR D 359 32.82 9.46 8.70
N PRO D 360 31.80 8.91 9.36
CA PRO D 360 31.86 8.76 10.82
C PRO D 360 33.10 8.03 11.32
N GLU D 361 33.60 7.03 10.58
CA GLU D 361 34.71 6.21 11.03
C GLU D 361 36.06 6.91 10.91
N ARG D 362 36.10 8.15 10.42
CA ARG D 362 37.33 8.92 10.28
C ARG D 362 37.21 10.30 10.94
N TYR D 363 36.24 10.46 11.83
CA TYR D 363 35.96 11.71 12.53
C TYR D 363 36.22 11.48 13.99
N PHE D 364 36.89 12.43 14.64
CA PHE D 364 37.24 12.24 16.04
C PHE D 364 36.99 13.53 16.82
N ASP D 365 36.06 13.44 17.75
CA ASP D 365 35.78 14.50 18.71
C ASP D 365 36.35 14.01 20.01
N VAL D 366 37.38 14.70 20.51
CA VAL D 366 38.15 14.26 21.66
C VAL D 366 37.67 14.96 22.94
N ALA D 367 36.46 15.54 22.92
CA ALA D 367 35.97 16.36 24.01
C ALA D 367 36.81 17.64 24.08
N ILE D 368 36.80 18.36 25.20
CA ILE D 368 37.52 19.64 25.28
C ILE D 368 38.94 19.31 25.71
N ALA D 369 39.74 18.83 24.75
CA ALA D 369 41.06 18.24 25.01
C ALA D 369 42.05 18.62 23.90
N GLU D 370 42.29 19.94 23.75
CA GLU D 370 43.15 20.42 22.67
C GLU D 370 44.50 19.72 22.69
N GLN D 371 45.03 19.42 23.88
CA GLN D 371 46.33 18.77 23.98
C GLN D 371 46.31 17.39 23.33
N HIS D 372 45.34 16.58 23.70
CA HIS D 372 45.33 15.21 23.20
C HIS D 372 45.01 15.18 21.70
N ALA D 373 44.14 16.07 21.22
CA ALA D 373 43.86 16.10 19.78
C ALA D 373 45.16 16.17 18.99
N VAL D 374 46.07 17.05 19.41
CA VAL D 374 47.27 17.27 18.60
C VAL D 374 48.18 16.07 18.67
N THR D 375 48.36 15.49 19.86
CA THR D 375 49.25 14.35 20.00
C THR D 375 48.63 13.08 19.43
N LEU D 376 47.30 12.98 19.47
CA LEU D 376 46.63 11.90 18.75
C LEU D 376 46.94 11.96 17.26
N ALA D 377 46.85 13.16 16.65
CA ALA D 377 47.13 13.27 15.23
C ALA D 377 48.57 12.87 14.93
N ALA D 378 49.51 13.34 15.75
CA ALA D 378 50.90 12.90 15.57
C ALA D 378 51.00 11.39 15.54
N GLY D 379 50.26 10.71 16.41
CA GLY D 379 50.32 9.25 16.42
C GLY D 379 49.77 8.62 15.15
N MET D 380 48.63 9.13 14.68
CA MET D 380 48.07 8.63 13.43
C MET D 380 49.02 8.91 12.28
N ALA D 381 49.66 10.09 12.26
CA ALA D 381 50.60 10.38 11.18
C ALA D 381 51.75 9.39 11.16
N CYS D 382 52.12 8.83 12.32
CA CYS D 382 53.21 7.86 12.38
C CYS D 382 52.89 6.58 11.60
N GLU D 383 51.62 6.22 11.48
CA GLU D 383 51.20 5.07 10.70
C GLU D 383 50.91 5.42 9.24
N GLY D 384 51.09 6.69 8.85
CA GLY D 384 50.91 7.08 7.47
C GLY D 384 49.55 7.67 7.17
N MET D 385 48.70 7.87 8.18
CA MET D 385 47.43 8.53 7.90
C MET D 385 47.67 10.04 7.76
N LYS D 386 46.64 10.80 7.42
CA LYS D 386 46.77 12.25 7.21
C LYS D 386 45.77 12.98 8.07
N PRO D 387 46.09 13.17 9.35
CA PRO D 387 45.14 13.83 10.25
C PRO D 387 45.05 15.32 9.99
N VAL D 388 43.84 15.85 10.13
CA VAL D 388 43.58 17.27 10.10
C VAL D 388 42.99 17.65 11.44
N VAL D 389 43.69 18.52 12.17
CA VAL D 389 43.24 19.04 13.46
C VAL D 389 42.57 20.36 13.17
N ALA D 390 41.25 20.45 13.39
CA ALA D 390 40.55 21.72 13.31
C ALA D 390 40.55 22.32 14.70
N ILE D 391 41.03 23.56 14.81
CA ILE D 391 41.17 24.16 16.13
C ILE D 391 41.15 25.68 15.99
N TYR D 392 40.46 26.34 16.92
CA TYR D 392 40.44 27.79 16.92
C TYR D 392 41.82 28.30 17.30
N SER D 393 42.21 29.41 16.67
CA SER D 393 43.50 30.01 17.00
C SER D 393 43.66 30.19 18.51
N THR D 394 42.62 30.74 19.16
CA THR D 394 42.72 30.99 20.59
C THR D 394 42.85 29.68 21.39
N PHE D 395 42.25 28.57 20.92
CA PHE D 395 42.35 27.30 21.63
C PHE D 395 43.64 26.53 21.33
N LEU D 396 44.27 26.78 20.18
CA LEU D 396 45.56 26.17 19.91
C LEU D 396 46.62 26.59 20.93
N GLN D 397 46.41 27.71 21.63
CA GLN D 397 47.34 28.10 22.70
C GLN D 397 47.51 26.98 23.72
N ARG D 398 46.45 26.22 23.97
CA ARG D 398 46.51 25.19 25.00
C ARG D 398 47.18 23.92 24.52
N ALA D 399 47.45 23.78 23.22
CA ALA D 399 48.09 22.59 22.69
C ALA D 399 49.44 22.94 22.10
N TYR D 400 49.94 24.14 22.39
CA TYR D 400 51.21 24.62 21.83
C TYR D 400 52.33 23.59 22.04
N ASP D 401 52.41 23.02 23.23
CA ASP D 401 53.52 22.09 23.50
C ASP D 401 53.39 20.83 22.67
N GLN D 402 52.18 20.31 22.52
CA GLN D 402 52.02 19.16 21.64
C GLN D 402 52.32 19.53 20.19
N LEU D 403 52.02 20.77 19.78
CA LEU D 403 52.37 21.17 18.41
C LEU D 403 53.88 21.22 18.25
N ILE D 404 54.59 21.79 19.22
CA ILE D 404 56.05 21.91 19.05
C ILE D 404 56.71 20.55 19.18
N HIS D 405 56.47 19.87 20.31
CA HIS D 405 57.29 18.74 20.74
C HIS D 405 56.95 17.45 20.00
N ASP D 406 55.65 17.17 19.83
CA ASP D 406 55.19 15.91 19.27
C ASP D 406 55.02 15.94 17.77
N VAL D 407 54.73 17.10 17.17
CA VAL D 407 54.52 17.23 15.73
C VAL D 407 55.71 17.87 15.03
N ALA D 408 56.04 19.11 15.37
CA ALA D 408 57.05 19.83 14.57
C ALA D 408 58.45 19.26 14.77
N VAL D 409 58.85 18.99 16.02
CA VAL D 409 60.17 18.41 16.30
C VAL D 409 60.38 17.12 15.48
N GLN D 410 59.31 16.35 15.30
CA GLN D 410 59.34 15.13 14.50
C GLN D 410 58.97 15.36 13.05
N HIS D 411 58.81 16.62 12.64
CA HIS D 411 58.31 16.98 11.32
C HIS D 411 57.17 16.07 10.87
N LEU D 412 56.19 15.78 11.74
CA LEU D 412 55.14 14.87 11.33
C LEU D 412 54.10 15.55 10.44
N ASP D 413 53.45 14.74 9.59
CA ASP D 413 52.52 15.17 8.56
C ASP D 413 51.15 15.42 9.18
N VAL D 414 50.93 16.65 9.62
CA VAL D 414 49.72 17.02 10.35
C VAL D 414 49.28 18.39 9.89
N LEU D 415 48.01 18.51 9.50
CA LEU D 415 47.47 19.79 9.05
C LEU D 415 46.64 20.44 10.17
N PHE D 416 46.94 21.69 10.48
CA PHE D 416 46.15 22.44 11.46
C PHE D 416 45.29 23.43 10.69
N ALA D 417 43.97 23.23 10.71
CA ALA D 417 43.04 24.20 10.13
C ALA D 417 42.62 25.16 11.24
N ILE D 418 43.13 26.39 11.19
CA ILE D 418 43.08 27.32 12.33
C ILE D 418 41.96 28.33 12.09
N ASP D 419 40.77 28.04 12.65
CA ASP D 419 39.61 28.94 12.53
C ASP D 419 39.71 30.07 13.56
N ARG D 420 38.85 31.08 13.40
CA ARG D 420 38.78 32.18 14.35
C ARG D 420 40.12 32.92 14.48
N ALA D 421 40.94 32.90 13.44
CA ALA D 421 42.13 33.71 13.44
C ALA D 421 41.77 35.20 13.30
N GLY D 422 42.36 36.03 14.15
CA GLY D 422 42.06 37.44 14.21
C GLY D 422 41.03 37.80 15.26
N LEU D 423 40.48 38.99 15.10
CA LEU D 423 39.44 39.48 16.00
C LEU D 423 38.19 38.63 15.85
N VAL D 424 37.50 38.33 16.95
CA VAL D 424 36.37 37.42 16.87
C VAL D 424 35.05 38.07 17.20
N GLY D 425 35.05 39.33 17.62
CA GLY D 425 33.83 40.08 17.80
C GLY D 425 33.37 40.09 19.26
N GLU D 426 32.09 39.81 19.48
CA GLU D 426 31.46 40.02 20.77
C GLU D 426 32.03 39.14 21.87
N ASP D 427 32.61 37.98 21.54
CA ASP D 427 33.19 37.16 22.60
C ASP D 427 34.46 37.77 23.18
N GLY D 428 34.99 38.85 22.60
CA GLY D 428 36.00 39.64 23.24
C GLY D 428 37.37 39.02 23.24
N PRO D 429 38.27 39.60 24.05
CA PRO D 429 39.70 39.22 24.00
C PRO D 429 40.01 37.80 24.52
N THR D 430 39.18 37.22 25.38
CA THR D 430 39.46 35.84 25.81
C THR D 430 39.54 34.90 24.62
N HIS D 431 38.82 35.19 23.55
CA HIS D 431 38.71 34.29 22.40
C HIS D 431 39.46 34.81 21.18
N ALA D 432 40.22 35.90 21.31
CA ALA D 432 40.85 36.51 20.15
C ALA D 432 41.91 35.61 19.55
N GLY D 433 41.89 35.42 18.23
CA GLY D 433 42.97 34.68 17.61
C GLY D 433 44.12 35.58 17.24
N SER D 434 44.76 36.24 18.20
CA SER D 434 45.67 37.32 17.82
C SER D 434 47.11 36.88 17.59
N PHE D 435 47.51 35.71 18.06
CA PHE D 435 48.94 35.43 18.19
C PHE D 435 49.46 34.26 17.37
N ASP D 436 48.59 33.49 16.68
CA ASP D 436 49.03 32.22 16.08
C ASP D 436 50.10 32.41 15.02
N ILE D 437 50.10 33.51 14.26
CA ILE D 437 51.21 33.74 13.33
C ILE D 437 52.51 33.92 14.11
N SER D 438 52.44 34.64 15.23
CA SER D 438 53.63 34.92 16.01
C SER D 438 54.11 33.66 16.71
N TYR D 439 53.21 32.92 17.36
CA TYR D 439 53.70 31.76 18.10
C TYR D 439 54.04 30.58 17.21
N LEU D 440 53.54 30.53 15.97
CA LEU D 440 53.80 29.40 15.08
C LEU D 440 55.03 29.62 14.18
N ARG D 441 55.26 30.83 13.68
CA ARG D 441 56.32 30.97 12.69
C ARG D 441 57.70 30.88 13.32
N CYS D 442 57.82 31.09 14.64
CA CYS D 442 59.13 30.85 15.24
C CYS D 442 59.48 29.37 15.33
N ILE D 443 58.52 28.48 15.14
CA ILE D 443 58.76 27.05 15.30
C ILE D 443 59.33 26.48 14.01
N PRO D 444 60.50 25.82 14.05
CA PRO D 444 61.09 25.31 12.81
C PRO D 444 60.29 24.14 12.26
N GLY D 445 60.18 24.12 10.93
CA GLY D 445 59.44 23.10 10.22
C GLY D 445 57.98 23.42 9.93
N MET D 446 57.42 24.47 10.54
CA MET D 446 56.03 24.83 10.29
C MET D 446 55.90 25.54 8.96
N LEU D 447 55.02 25.00 8.12
CA LEU D 447 54.45 25.75 7.00
C LEU D 447 53.29 26.61 7.51
N VAL D 448 53.32 27.92 7.25
CA VAL D 448 52.36 28.84 7.86
C VAL D 448 51.70 29.69 6.76
N MET D 449 50.38 29.61 6.65
CA MET D 449 49.69 30.09 5.46
C MET D 449 48.54 31.00 5.86
N THR D 450 48.30 32.03 5.06
CA THR D 450 47.31 33.07 5.36
C THR D 450 46.45 33.30 4.12
N PRO D 451 45.47 32.43 3.87
CA PRO D 451 44.60 32.62 2.69
C PRO D 451 43.86 33.94 2.74
N SER D 452 43.70 34.56 1.56
CA SER D 452 43.04 35.86 1.43
C SER D 452 41.56 35.79 1.10
N ASP D 453 41.02 34.65 0.70
CA ASP D 453 39.60 34.55 0.44
C ASP D 453 39.20 33.07 0.39
N GLU D 454 37.97 32.79 -0.04
CA GLU D 454 37.47 31.42 0.00
C GLU D 454 38.26 30.51 -0.93
N ASP D 455 38.57 30.99 -2.14
CA ASP D 455 39.32 30.14 -3.08
C ASP D 455 40.73 29.87 -2.54
N GLU D 456 41.41 30.91 -2.06
CA GLU D 456 42.73 30.72 -1.44
C GLU D 456 42.67 29.76 -0.26
N LEU D 457 41.62 29.82 0.56
CA LEU D 457 41.55 28.90 1.71
C LEU D 457 41.51 27.46 1.24
N ARG D 458 40.69 27.18 0.23
CA ARG D 458 40.62 25.81 -0.28
C ARG D 458 41.97 25.39 -0.82
N LYS D 459 42.63 26.29 -1.53
CA LYS D 459 43.90 25.95 -2.14
C LYS D 459 44.98 25.73 -1.10
N LEU D 460 45.00 26.55 -0.05
CA LEU D 460 46.10 26.44 0.89
C LEU D 460 45.88 25.30 1.89
N LEU D 461 44.63 24.94 2.18
CA LEU D 461 44.37 23.66 2.86
C LEU D 461 44.92 22.49 2.04
N THR D 462 44.56 22.41 0.76
CA THR D 462 45.13 21.39 -0.11
C THR D 462 46.65 21.44 -0.05
N THR D 463 47.24 22.64 -0.13
CA THR D 463 48.70 22.72 -0.19
C THR D 463 49.33 22.14 1.08
N GLY D 464 48.81 22.50 2.24
CA GLY D 464 49.40 22.06 3.49
C GLY D 464 49.06 20.63 3.80
N TYR D 465 47.85 20.18 3.45
CA TYR D 465 47.51 18.77 3.55
C TYR D 465 48.51 17.91 2.77
N LEU D 466 48.70 18.21 1.49
CA LEU D 466 49.63 17.43 0.69
C LEU D 466 51.07 17.66 1.10
N PHE D 467 51.38 18.79 1.74
CA PHE D 467 52.76 19.01 2.15
C PHE D 467 53.18 17.95 3.17
N ASP D 468 54.36 17.40 2.97
CA ASP D 468 54.88 16.32 3.82
C ASP D 468 55.60 16.96 5.01
N GLY D 469 54.86 17.16 6.09
CA GLY D 469 55.35 17.94 7.20
C GLY D 469 54.22 18.70 7.86
N PRO D 470 54.53 19.41 8.95
CA PRO D 470 53.48 20.14 9.65
C PRO D 470 53.12 21.45 8.96
N ALA D 471 51.83 21.72 8.89
CA ALA D 471 51.38 22.91 8.19
C ALA D 471 50.21 23.49 8.95
N ALA D 472 50.05 24.81 8.85
CA ALA D 472 48.98 25.56 9.49
C ALA D 472 48.35 26.50 8.49
N VAL D 473 47.01 26.53 8.45
CA VAL D 473 46.25 27.45 7.61
C VAL D 473 45.24 28.19 8.48
N ARG D 474 45.31 29.53 8.48
CA ARG D 474 44.48 30.32 9.37
C ARG D 474 43.52 31.23 8.61
N TYR D 475 42.35 31.41 9.21
CA TYR D 475 41.26 32.11 8.54
C TYR D 475 40.27 32.56 9.60
N PRO D 476 39.54 33.65 9.35
CA PRO D 476 38.71 34.26 10.39
C PRO D 476 37.31 33.66 10.46
N ARG D 477 36.65 33.94 11.58
CA ARG D 477 35.21 33.78 11.73
C ARG D 477 34.45 34.54 10.63
N GLY D 478 33.24 34.10 10.32
CA GLY D 478 32.40 34.82 9.37
C GLY D 478 32.66 34.44 7.93
N SER D 479 32.23 35.33 7.04
CA SER D 479 32.26 35.19 5.60
C SER D 479 33.33 36.09 4.99
N GLY D 480 33.61 35.84 3.70
CA GLY D 480 34.65 36.54 2.97
C GLY D 480 34.09 37.36 1.83
N PRO D 481 34.94 37.79 0.90
CA PRO D 481 34.47 38.63 -0.21
C PRO D 481 33.61 37.87 -1.21
N ASN D 482 33.49 36.55 -1.08
CA ASN D 482 32.55 35.76 -1.89
C ASN D 482 33.04 35.62 -3.33
N HIS D 483 34.32 35.38 -3.51
CA HIS D 483 34.85 35.13 -4.83
C HIS D 483 34.55 33.69 -5.25
N PRO D 484 34.59 33.42 -6.56
CA PRO D 484 34.40 32.05 -7.03
C PRO D 484 35.45 31.14 -6.43
N ILE D 485 35.10 29.86 -6.30
CA ILE D 485 35.96 28.85 -5.69
C ILE D 485 36.21 27.78 -6.74
N ASP D 486 37.47 27.56 -7.08
CA ASP D 486 37.80 26.51 -8.00
C ASP D 486 37.43 25.16 -7.39
N PRO D 487 36.71 24.30 -8.10
CA PRO D 487 36.34 23.00 -7.51
C PRO D 487 37.46 21.98 -7.51
N ASP D 488 38.56 22.23 -8.22
CA ASP D 488 39.69 21.30 -8.27
C ASP D 488 40.25 21.12 -6.86
N LEU D 489 41.10 20.09 -6.69
CA LEU D 489 41.86 19.87 -5.45
C LEU D 489 43.34 19.80 -5.84
N GLN D 490 43.94 20.95 -6.10
CA GLN D 490 45.35 21.10 -6.43
C GLN D 490 46.00 22.07 -5.47
N PRO D 491 47.26 21.86 -5.15
CA PRO D 491 47.94 22.81 -4.27
C PRO D 491 48.55 23.94 -5.10
N VAL D 492 49.29 24.84 -4.45
CA VAL D 492 49.98 25.91 -5.14
C VAL D 492 51.43 25.87 -4.70
N GLU D 493 52.29 26.53 -5.45
CA GLU D 493 53.71 26.45 -5.16
C GLU D 493 54.02 27.01 -3.77
N ILE D 494 54.78 26.24 -2.98
CA ILE D 494 55.14 26.65 -1.62
C ILE D 494 56.02 27.88 -1.67
N GLY D 495 55.74 28.86 -0.80
CA GLY D 495 56.62 30.00 -0.64
C GLY D 495 56.50 31.10 -1.68
N LYS D 496 55.44 31.13 -2.47
CA LYS D 496 55.29 32.09 -3.55
C LYS D 496 54.03 32.93 -3.31
N GLY D 497 54.21 34.26 -3.22
CA GLY D 497 53.09 35.17 -3.22
C GLY D 497 52.52 35.37 -4.62
N VAL D 498 51.37 36.04 -4.66
CA VAL D 498 50.70 36.39 -5.91
C VAL D 498 50.56 37.89 -5.95
N VAL D 499 51.11 38.52 -6.99
CA VAL D 499 50.95 39.95 -7.21
C VAL D 499 49.55 40.18 -7.81
N ARG D 500 48.67 40.84 -7.05
CA ARG D 500 47.28 41.09 -7.47
C ARG D 500 47.08 42.44 -8.12
N ARG D 501 48.07 43.32 -8.06
CA ARG D 501 47.95 44.64 -8.65
C ARG D 501 49.34 45.18 -8.84
N ARG D 502 49.71 45.52 -10.07
CA ARG D 502 50.96 46.23 -10.31
C ARG D 502 50.71 47.73 -10.18
N GLY D 503 51.50 48.38 -9.35
CA GLY D 503 51.42 49.80 -9.15
C GLY D 503 52.80 50.41 -9.00
N GLY D 504 52.94 51.41 -8.13
CA GLY D 504 54.24 52.02 -7.90
C GLY D 504 54.28 52.74 -6.57
N ARG D 505 55.51 53.09 -6.17
CA ARG D 505 55.81 53.91 -4.99
C ARG D 505 55.66 53.17 -3.67
N VAL D 506 54.49 52.60 -3.41
CA VAL D 506 54.25 51.84 -2.18
C VAL D 506 53.70 50.47 -2.57
N ALA D 507 54.24 49.42 -1.96
CA ALA D 507 53.74 48.06 -2.12
C ALA D 507 53.07 47.61 -0.82
N LEU D 508 51.86 47.09 -0.93
CA LEU D 508 51.14 46.55 0.21
C LEU D 508 51.32 45.03 0.21
N LEU D 509 52.02 44.51 1.22
CA LEU D 509 52.26 43.08 1.37
C LEU D 509 51.21 42.53 2.33
N VAL D 510 50.22 41.85 1.79
CA VAL D 510 49.05 41.42 2.58
C VAL D 510 49.16 39.94 2.91
N PHE D 511 49.12 39.63 4.20
CA PHE D 511 48.99 38.28 4.74
C PHE D 511 47.57 38.13 5.25
N GLY D 512 46.65 37.78 4.36
CA GLY D 512 45.34 37.31 4.77
C GLY D 512 44.22 38.15 4.20
N VAL D 513 43.13 38.24 4.98
CA VAL D 513 41.82 38.69 4.48
C VAL D 513 41.65 40.20 4.43
N GLN D 514 42.66 40.97 4.83
CA GLN D 514 42.61 42.38 4.54
C GLN D 514 42.99 42.68 3.10
N LEU D 515 43.12 41.66 2.24
CA LEU D 515 43.49 41.91 0.86
C LEU D 515 42.45 42.80 0.20
N ALA D 516 41.17 42.48 0.38
CA ALA D 516 40.12 43.30 -0.23
C ALA D 516 40.19 44.75 0.23
N GLU D 517 40.45 44.98 1.52
CA GLU D 517 40.59 46.35 1.97
C GLU D 517 41.87 46.99 1.41
N ALA D 518 42.94 46.22 1.31
CA ALA D 518 44.16 46.74 0.68
C ALA D 518 43.91 47.16 -0.76
N MET D 519 43.13 46.37 -1.52
CA MET D 519 42.89 46.71 -2.91
C MET D 519 42.09 48.02 -3.04
N LYS D 520 41.15 48.28 -2.13
CA LYS D 520 40.47 49.57 -2.11
C LYS D 520 41.48 50.69 -1.94
N VAL D 521 42.28 50.63 -0.89
CA VAL D 521 43.29 51.66 -0.68
C VAL D 521 44.16 51.81 -1.92
N ALA D 522 44.49 50.69 -2.57
CA ALA D 522 45.43 50.71 -3.67
C ALA D 522 44.89 51.47 -4.89
N GLU D 523 43.58 51.45 -5.11
CA GLU D 523 43.07 52.18 -6.26
C GLU D 523 43.20 53.68 -6.05
N SER D 524 43.14 54.13 -4.79
CA SER D 524 43.37 55.54 -4.51
C SER D 524 44.84 55.91 -4.69
N LEU D 525 45.74 55.11 -4.12
CA LEU D 525 47.16 55.42 -4.06
C LEU D 525 47.93 54.87 -5.25
N ASP D 526 47.27 54.06 -6.09
CA ASP D 526 47.90 53.31 -7.18
C ASP D 526 49.05 52.46 -6.66
N ALA D 527 48.79 51.72 -5.57
CA ALA D 527 49.81 50.89 -4.96
C ALA D 527 49.90 49.52 -5.65
N THR D 528 51.11 48.96 -5.62
CA THR D 528 51.28 47.53 -5.81
C THR D 528 50.63 46.79 -4.63
N VAL D 529 49.94 45.70 -4.91
CA VAL D 529 49.32 44.89 -3.86
C VAL D 529 49.70 43.44 -4.06
N VAL D 530 50.30 42.81 -3.04
CA VAL D 530 50.72 41.42 -3.09
C VAL D 530 49.93 40.59 -2.07
N ASP D 531 49.40 39.46 -2.53
CA ASP D 531 48.71 38.45 -1.71
C ASP D 531 49.75 37.41 -1.30
N MET D 532 50.31 37.54 -0.10
CA MET D 532 51.54 36.84 0.21
C MET D 532 51.36 35.33 0.35
N ARG D 533 50.20 34.88 0.83
CA ARG D 533 49.94 33.45 0.95
C ARG D 533 50.73 32.81 2.08
N PHE D 534 52.04 33.09 2.17
CA PHE D 534 52.91 32.35 3.08
C PHE D 534 53.59 33.30 4.05
N VAL D 535 53.45 33.03 5.34
CA VAL D 535 54.38 33.63 6.28
C VAL D 535 55.70 32.89 6.25
N LYS D 536 55.66 31.56 6.17
CA LYS D 536 56.86 30.72 6.21
C LYS D 536 56.65 29.44 5.40
N PRO D 537 57.54 29.13 4.45
CA PRO D 537 58.66 29.98 3.99
C PRO D 537 58.16 31.28 3.37
N LEU D 538 58.84 32.40 3.59
CA LEU D 538 58.51 33.66 2.95
C LEU D 538 58.96 33.68 1.49
N ASP D 539 58.19 34.39 0.65
CA ASP D 539 58.54 34.61 -0.77
C ASP D 539 59.64 35.68 -0.84
N GLU D 540 60.89 35.22 -0.63
CA GLU D 540 62.01 36.15 -0.50
C GLU D 540 62.32 36.85 -1.81
N ALA D 541 62.27 36.12 -2.93
CA ALA D 541 62.55 36.73 -4.23
C ALA D 541 61.59 37.89 -4.51
N LEU D 542 60.31 37.70 -4.23
CA LEU D 542 59.34 38.77 -4.42
C LEU D 542 59.65 39.96 -3.50
N VAL D 543 59.80 39.71 -2.20
CA VAL D 543 60.07 40.80 -1.27
C VAL D 543 61.31 41.57 -1.71
N ARG D 544 62.36 40.84 -2.07
CA ARG D 544 63.60 41.48 -2.51
C ARG D 544 63.35 42.37 -3.73
N GLU D 545 62.54 41.89 -4.67
CA GLU D 545 62.24 42.68 -5.86
C GLU D 545 61.44 43.93 -5.49
N LEU D 546 60.42 43.79 -4.64
CA LEU D 546 59.63 44.96 -4.26
C LEU D 546 60.50 45.96 -3.52
N ALA D 547 61.40 45.45 -2.67
CA ALA D 547 62.31 46.34 -1.94
C ALA D 547 63.13 47.19 -2.89
N GLY D 548 63.54 46.63 -4.04
CA GLY D 548 64.28 47.41 -5.01
C GLY D 548 63.43 48.37 -5.83
N SER D 549 62.11 48.15 -5.91
CA SER D 549 61.25 48.87 -6.85
C SER D 549 60.39 49.95 -6.22
N HIS D 550 60.21 49.95 -4.91
CA HIS D 550 59.29 50.89 -4.28
C HIS D 550 60.01 51.71 -3.22
N GLU D 551 59.31 52.76 -2.78
CA GLU D 551 59.81 53.64 -1.72
C GLU D 551 59.32 53.24 -0.34
N LEU D 552 58.27 52.43 -0.26
CA LEU D 552 57.69 52.04 1.02
C LEU D 552 57.09 50.65 0.85
N LEU D 553 57.40 49.75 1.78
CA LEU D 553 56.69 48.49 1.88
C LEU D 553 55.75 48.56 3.07
N VAL D 554 54.52 48.09 2.90
CA VAL D 554 53.52 48.04 3.95
C VAL D 554 53.09 46.59 4.13
N THR D 555 53.25 46.06 5.35
CA THR D 555 52.74 44.74 5.69
C THR D 555 51.41 44.88 6.43
N ILE D 556 50.54 43.89 6.24
CA ILE D 556 49.18 43.92 6.78
C ILE D 556 48.80 42.50 7.16
N GLU D 557 48.26 42.33 8.37
CA GLU D 557 48.01 41.00 8.87
C GLU D 557 47.04 41.10 10.04
N GLU D 558 46.16 40.10 10.18
CA GLU D 558 45.24 40.13 11.30
C GLU D 558 45.82 39.37 12.49
N ASN D 559 47.00 39.81 12.89
CA ASN D 559 47.78 39.18 13.96
C ASN D 559 48.49 40.30 14.71
N ALA D 560 48.92 40.03 15.95
CA ALA D 560 49.76 40.97 16.67
C ALA D 560 50.92 41.42 15.79
N VAL D 561 51.15 42.74 15.75
CA VAL D 561 52.34 43.23 15.07
C VAL D 561 53.59 42.61 15.69
N MET D 562 53.65 42.55 17.02
CA MET D 562 54.83 41.99 17.68
C MET D 562 55.02 40.53 17.28
N GLY D 563 56.14 40.26 16.62
CA GLY D 563 56.46 38.92 16.16
C GLY D 563 55.68 38.38 14.96
N GLY D 564 54.86 39.19 14.28
CA GLY D 564 53.97 38.71 13.24
C GLY D 564 54.60 38.60 11.85
N ALA D 565 53.71 38.40 10.86
CA ALA D 565 54.15 38.24 9.46
C ALA D 565 55.00 39.40 8.99
N GLY D 566 54.64 40.62 9.41
CA GLY D 566 55.44 41.77 9.05
C GLY D 566 56.87 41.69 9.57
N SER D 567 57.05 41.18 10.78
CA SER D 567 58.41 41.08 11.29
C SER D 567 59.19 39.96 10.61
N ALA D 568 58.51 38.99 10.00
CA ALA D 568 59.22 38.09 9.11
C ALA D 568 59.77 38.84 7.91
N VAL D 569 59.00 39.77 7.34
CA VAL D 569 59.52 40.58 6.23
C VAL D 569 60.69 41.43 6.72
N GLY D 570 60.53 42.11 7.86
CA GLY D 570 61.61 42.93 8.39
C GLY D 570 62.85 42.11 8.71
N GLU D 571 62.66 40.90 9.20
CA GLU D 571 63.81 40.04 9.44
C GLU D 571 64.55 39.76 8.14
N PHE D 572 63.81 39.45 7.07
CA PHE D 572 64.47 39.16 5.80
C PHE D 572 65.16 40.40 5.25
N LEU D 573 64.50 41.56 5.32
CA LEU D 573 65.14 42.82 4.93
C LEU D 573 66.44 43.04 5.70
N ALA D 574 66.40 42.91 7.03
CA ALA D 574 67.60 43.16 7.83
C ALA D 574 68.75 42.28 7.38
N SER D 575 68.49 40.97 7.20
CA SER D 575 69.58 40.03 6.92
C SER D 575 70.13 40.14 5.51
N GLU D 576 69.38 40.71 4.57
CA GLU D 576 69.95 41.01 3.27
C GLU D 576 70.49 42.42 3.18
N GLY D 577 70.33 43.23 4.23
CA GLY D 577 70.80 44.60 4.18
C GLY D 577 69.98 45.52 3.30
N LEU D 578 68.73 45.16 2.99
CA LEU D 578 67.87 45.99 2.16
C LEU D 578 67.28 47.13 3.00
N GLU D 579 67.58 48.37 2.62
CA GLU D 579 67.28 49.53 3.45
C GLU D 579 66.00 50.25 3.05
N VAL D 580 64.94 49.53 2.70
CA VAL D 580 63.68 50.14 2.26
C VAL D 580 62.79 50.42 3.45
N PRO D 581 62.14 51.58 3.55
CA PRO D 581 61.20 51.81 4.67
C PRO D 581 60.13 50.75 4.75
N LEU D 582 59.73 50.44 5.98
CA LEU D 582 58.79 49.35 6.26
C LEU D 582 57.75 49.84 7.26
N LEU D 583 56.47 49.70 6.90
CA LEU D 583 55.37 50.06 7.79
C LEU D 583 54.57 48.81 8.11
N GLN D 584 54.49 48.47 9.41
CA GLN D 584 53.83 47.24 9.86
C GLN D 584 52.46 47.57 10.46
N LEU D 585 51.43 47.05 9.83
CA LEU D 585 50.06 47.20 10.28
C LEU D 585 49.55 45.84 10.71
N GLY D 586 48.75 45.83 11.75
CA GLY D 586 48.29 44.61 12.37
C GLY D 586 47.63 44.96 13.70
N LEU D 587 47.60 43.98 14.61
CA LEU D 587 46.90 44.13 15.88
C LEU D 587 47.81 44.79 16.91
N PRO D 588 47.34 45.83 17.60
CA PRO D 588 48.19 46.53 18.58
C PRO D 588 48.48 45.65 19.79
N ASP D 589 49.44 46.11 20.59
CA ASP D 589 49.90 45.39 21.78
C ASP D 589 49.01 45.66 23.01
N TYR D 590 47.71 45.41 22.87
CA TYR D 590 46.80 45.39 24.00
C TYR D 590 45.62 44.49 23.64
N TYR D 591 44.76 44.22 24.62
CA TYR D 591 43.60 43.36 24.41
C TYR D 591 42.43 44.20 23.92
N VAL D 592 41.90 43.87 22.73
CA VAL D 592 40.89 44.70 22.10
C VAL D 592 39.52 44.39 22.70
N GLU D 593 38.85 45.43 23.19
CA GLU D 593 37.55 45.28 23.84
C GLU D 593 36.50 44.76 22.88
N HIS D 594 35.60 43.91 23.40
CA HIS D 594 34.57 43.31 22.58
C HIS D 594 33.75 44.37 21.86
N ALA D 595 33.28 44.04 20.67
CA ALA D 595 32.37 44.88 19.89
C ALA D 595 32.04 44.15 18.58
N LYS D 596 31.43 44.86 17.64
CA LYS D 596 31.25 44.27 16.32
C LYS D 596 32.60 44.02 15.69
N PRO D 597 32.82 42.85 15.06
CA PRO D 597 34.04 42.64 14.28
C PRO D 597 34.44 43.86 13.44
N SER D 598 33.48 44.51 12.79
CA SER D 598 33.87 45.67 11.99
C SER D 598 34.33 46.83 12.87
N GLU D 599 33.78 46.95 14.08
CA GLU D 599 34.22 48.01 14.99
C GLU D 599 35.60 47.70 15.57
N MET D 600 35.90 46.45 15.90
CA MET D 600 37.25 46.11 16.36
C MET D 600 38.28 46.23 15.24
N LEU D 601 37.94 45.81 14.02
CA LEU D 601 38.85 46.04 12.91
C LEU D 601 39.12 47.52 12.72
N ALA D 602 38.09 48.37 12.85
CA ALA D 602 38.30 49.81 12.66
C ALA D 602 39.18 50.38 13.77
N GLU D 603 38.91 50.01 15.02
CA GLU D 603 39.74 50.48 16.13
C GLU D 603 41.20 50.14 15.92
N CYS D 604 41.48 49.00 15.28
CA CYS D 604 42.86 48.62 15.04
C CYS D 604 43.41 49.19 13.74
N GLY D 605 42.61 49.96 13.01
CA GLY D 605 43.09 50.54 11.77
C GLY D 605 43.19 49.58 10.61
N LEU D 606 42.45 48.47 10.63
CA LEU D 606 42.60 47.45 9.62
C LEU D 606 41.46 47.43 8.62
N ASP D 607 40.64 48.47 8.58
CA ASP D 607 39.76 48.67 7.44
C ASP D 607 40.42 49.63 6.47
N ALA D 608 39.78 49.82 5.31
CA ALA D 608 40.42 50.59 4.24
C ALA D 608 40.75 52.01 4.71
N ALA D 609 39.84 52.66 5.44
CA ALA D 609 40.13 54.02 5.88
C ALA D 609 41.36 54.08 6.79
N GLY D 610 41.45 53.14 7.74
CA GLY D 610 42.61 53.10 8.64
C GLY D 610 43.91 52.71 7.95
N ILE D 611 43.85 51.74 7.03
CA ILE D 611 45.04 51.42 6.26
C ILE D 611 45.49 52.64 5.44
N GLU D 612 44.53 53.38 4.89
CA GLU D 612 44.88 54.49 4.02
C GLU D 612 45.46 55.66 4.82
N LYS D 613 44.85 55.99 5.95
CA LYS D 613 45.41 57.01 6.85
C LYS D 613 46.87 56.70 7.20
N ALA D 614 47.15 55.46 7.62
CA ALA D 614 48.49 55.11 8.07
C ALA D 614 49.51 55.17 6.93
N VAL D 615 49.13 54.70 5.74
CA VAL D 615 50.06 54.73 4.61
C VAL D 615 50.31 56.15 4.16
N ARG D 616 49.25 56.97 4.06
CA ARG D 616 49.41 58.38 3.73
C ARG D 616 50.35 59.08 4.71
N GLN D 617 50.17 58.86 6.02
CA GLN D 617 50.99 59.53 7.02
C GLN D 617 52.45 59.10 6.96
N ARG D 618 52.72 57.82 6.72
CA ARG D 618 54.12 57.42 6.59
C ARG D 618 54.79 58.03 5.36
N LEU D 619 54.10 58.03 4.23
CA LEU D 619 54.70 58.58 2.99
C LEU D 619 55.08 60.07 3.12
N LEU E 33 27.89 28.12 -32.80
CA LEU E 33 27.84 26.99 -33.74
C LEU E 33 26.90 27.26 -34.93
N HIS E 34 27.34 26.91 -36.14
CA HIS E 34 26.52 27.07 -37.34
C HIS E 34 26.23 25.76 -38.09
N GLU E 35 26.72 24.62 -37.62
CA GLU E 35 26.55 23.37 -38.36
C GLU E 35 26.04 22.26 -37.46
N ILE E 36 25.08 21.52 -37.98
CA ILE E 36 24.47 20.41 -37.23
C ILE E 36 25.42 19.22 -37.24
N PRO E 37 25.71 18.62 -36.09
CA PRO E 37 26.58 17.44 -36.06
C PRO E 37 25.96 16.25 -36.78
N ARG E 38 26.73 15.68 -37.70
CA ARG E 38 26.27 14.50 -38.42
C ARG E 38 26.71 13.18 -37.78
N GLU E 39 27.72 13.21 -36.92
CA GLU E 39 28.13 12.04 -36.16
C GLU E 39 27.88 12.29 -34.68
N ARG E 40 27.65 11.22 -33.94
CA ARG E 40 27.39 11.31 -32.51
C ARG E 40 28.54 12.04 -31.82
N PRO E 41 28.30 13.17 -31.17
CA PRO E 41 29.39 13.88 -30.50
C PRO E 41 29.83 13.17 -29.23
N ALA E 42 31.09 13.37 -28.87
CA ALA E 42 31.58 12.86 -27.60
C ALA E 42 30.94 13.69 -26.49
N THR E 43 30.20 13.02 -25.61
CA THR E 43 29.52 13.67 -24.48
C THR E 43 29.75 12.87 -23.21
N PRO E 44 31.01 12.80 -22.74
CA PRO E 44 31.29 12.07 -21.48
C PRO E 44 30.47 12.52 -20.28
N LEU E 45 30.33 13.84 -20.05
CA LEU E 45 29.57 14.34 -18.92
C LEU E 45 28.09 14.01 -19.04
N LEU E 46 27.46 14.36 -20.17
CA LEU E 46 26.07 13.98 -20.42
C LEU E 46 25.85 12.49 -20.16
N ASP E 47 26.80 11.65 -20.58
CA ASP E 47 26.65 10.20 -20.51
C ASP E 47 26.61 9.69 -19.08
N ARG E 48 27.21 10.42 -18.15
CA ARG E 48 27.12 10.13 -16.72
C ARG E 48 25.88 10.73 -16.07
N ALA E 49 25.07 11.46 -16.83
CA ALA E 49 23.88 12.11 -16.30
C ALA E 49 22.66 11.58 -17.04
N SER E 50 22.49 10.26 -17.05
CA SER E 50 21.40 9.65 -17.77
C SER E 50 20.08 9.70 -17.01
N SER E 51 20.08 10.20 -15.78
CA SER E 51 18.88 10.34 -14.98
C SER E 51 19.08 11.51 -14.03
N PRO E 52 18.00 12.09 -13.52
CA PRO E 52 18.15 13.18 -12.54
C PRO E 52 18.97 12.79 -11.31
N ALA E 53 18.75 11.59 -10.73
CA ALA E 53 19.54 11.20 -9.58
C ALA E 53 21.03 11.21 -9.89
N GLU E 54 21.41 10.83 -11.11
CA GLU E 54 22.80 10.90 -11.49
C GLU E 54 23.24 12.33 -11.82
N LEU E 55 22.37 13.12 -12.44
CA LEU E 55 22.75 14.52 -12.67
C LEU E 55 23.02 15.23 -11.37
N ARG E 56 22.23 14.92 -10.33
CA ARG E 56 22.40 15.57 -9.03
C ARG E 56 23.63 15.06 -8.28
N ARG E 57 24.25 13.98 -8.74
CA ARG E 57 25.54 13.59 -8.19
C ARG E 57 26.67 14.49 -8.66
N LEU E 58 26.42 15.36 -9.64
CA LEU E 58 27.47 16.15 -10.27
C LEU E 58 27.70 17.45 -9.51
N GLY E 59 28.82 18.09 -9.81
CA GLY E 59 29.15 19.36 -9.20
C GLY E 59 28.67 20.50 -10.07
N GLU E 60 28.19 21.56 -9.43
CA GLU E 60 27.65 22.70 -10.17
C GLU E 60 28.67 23.24 -11.17
N ALA E 61 29.96 23.11 -10.87
CA ALA E 61 30.97 23.57 -11.81
C ALA E 61 30.96 22.78 -13.11
N ASP E 62 30.38 21.58 -13.12
CA ASP E 62 30.28 20.76 -14.31
C ASP E 62 29.05 21.08 -15.16
N LEU E 63 28.09 21.83 -14.62
CA LEU E 63 26.81 22.00 -15.28
C LEU E 63 26.96 22.77 -16.60
N GLU E 64 27.78 23.82 -16.61
CA GLU E 64 27.95 24.57 -17.86
C GLU E 64 28.58 23.70 -18.94
N THR E 65 29.46 22.77 -18.56
CA THR E 65 29.99 21.83 -19.54
C THR E 65 28.91 20.87 -20.00
N LEU E 66 28.16 20.30 -19.05
CA LEU E 66 27.00 19.48 -19.38
C LEU E 66 26.12 20.18 -20.42
N ALA E 67 25.92 21.50 -20.25
CA ALA E 67 25.01 22.23 -21.12
C ALA E 67 25.51 22.25 -22.56
N ASP E 68 26.81 22.48 -22.75
CA ASP E 68 27.38 22.43 -24.10
C ASP E 68 27.25 21.03 -24.71
N GLU E 69 27.47 19.99 -23.90
CA GLU E 69 27.37 18.64 -24.42
C GLU E 69 25.93 18.28 -24.75
N LEU E 70 24.99 18.68 -23.87
CA LEU E 70 23.57 18.40 -24.15
C LEU E 70 23.12 19.09 -25.42
N ARG E 71 23.54 20.35 -25.61
CA ARG E 71 23.23 21.07 -26.83
C ARG E 71 23.77 20.33 -28.06
N GLN E 72 24.98 19.79 -27.97
CA GLN E 72 25.57 19.10 -29.12
C GLN E 72 24.82 17.83 -29.45
N TYR E 73 24.53 17.01 -28.44
CA TYR E 73 23.74 15.82 -28.67
C TYR E 73 22.33 16.16 -29.15
N LEU E 74 21.70 17.18 -28.56
CA LEU E 74 20.40 17.64 -29.04
C LEU E 74 20.45 18.01 -30.53
N LEU E 75 21.38 18.88 -30.91
CA LEU E 75 21.52 19.21 -32.32
C LEU E 75 21.69 17.95 -33.15
N TYR E 76 22.43 16.97 -32.61
CA TYR E 76 22.76 15.77 -33.38
C TYR E 76 21.56 14.86 -33.56
N THR E 77 20.88 14.51 -32.46
CA THR E 77 19.79 13.53 -32.56
C THR E 77 18.63 14.07 -33.41
N VAL E 78 18.18 15.31 -33.14
CA VAL E 78 17.34 16.02 -34.10
C VAL E 78 18.14 16.18 -35.39
N GLY E 79 17.54 15.82 -36.51
CA GLY E 79 18.31 15.74 -37.74
C GLY E 79 18.74 14.33 -38.10
N GLN E 80 18.93 13.48 -37.10
CA GLN E 80 18.82 12.05 -37.34
C GLN E 80 17.37 11.65 -37.53
N THR E 81 16.48 12.18 -36.69
CA THR E 81 15.06 11.83 -36.77
C THR E 81 14.17 12.99 -37.19
N GLY E 82 14.66 14.22 -37.16
CA GLY E 82 13.78 15.37 -37.31
C GLY E 82 12.93 15.58 -36.07
N GLY E 83 12.25 16.73 -35.97
CA GLY E 83 11.35 17.01 -34.86
C GLY E 83 11.36 18.49 -34.51
N HIS E 84 10.87 18.78 -33.31
CA HIS E 84 10.93 20.13 -32.79
C HIS E 84 12.36 20.48 -32.38
N PHE E 85 12.71 21.75 -32.56
CA PHE E 85 14.12 22.11 -32.64
C PHE E 85 14.48 23.29 -31.76
N GLY E 86 14.09 24.49 -32.19
CA GLY E 86 14.53 25.71 -31.52
C GLY E 86 14.05 25.84 -30.08
N ALA E 87 12.87 25.28 -29.76
CA ALA E 87 12.37 25.40 -28.39
C ALA E 87 13.26 24.67 -27.41
N GLY E 88 13.62 23.41 -27.74
CA GLY E 88 14.49 22.62 -26.87
C GLY E 88 15.83 23.30 -26.63
N LEU E 89 16.44 23.87 -27.68
CA LEU E 89 17.71 24.57 -27.50
C LEU E 89 17.56 25.72 -26.51
N GLY E 90 16.38 26.35 -26.44
CA GLY E 90 16.17 27.47 -25.55
C GLY E 90 16.02 27.13 -24.07
N VAL E 91 15.74 25.87 -23.73
CA VAL E 91 15.60 25.47 -22.33
C VAL E 91 16.66 24.45 -21.93
N VAL E 92 17.76 24.35 -22.66
CA VAL E 92 18.85 23.45 -22.28
C VAL E 92 19.27 23.73 -20.83
N GLU E 93 19.62 24.99 -20.56
CA GLU E 93 20.08 25.35 -19.23
C GLU E 93 18.96 25.24 -18.21
N LEU E 94 17.76 25.70 -18.58
CA LEU E 94 16.65 25.63 -17.64
C LEU E 94 16.36 24.19 -17.22
N THR E 95 16.46 23.24 -18.16
CA THR E 95 16.16 21.83 -17.83
C THR E 95 17.19 21.26 -16.87
N ILE E 96 18.48 21.50 -17.13
CA ILE E 96 19.53 21.07 -16.21
C ILE E 96 19.27 21.61 -14.82
N ALA E 97 19.03 22.92 -14.71
CA ALA E 97 18.79 23.51 -13.40
C ALA E 97 17.59 22.86 -12.70
N LEU E 98 16.51 22.59 -13.45
CA LEU E 98 15.29 22.08 -12.83
C LEU E 98 15.52 20.69 -12.25
N HIS E 99 16.13 19.80 -13.01
CA HIS E 99 16.34 18.44 -12.52
C HIS E 99 17.48 18.37 -11.51
N TYR E 100 18.38 19.37 -11.53
CA TYR E 100 19.42 19.45 -10.51
C TYR E 100 18.87 19.93 -9.17
N VAL E 101 18.01 20.94 -9.17
CA VAL E 101 17.59 21.56 -7.91
C VAL E 101 16.38 20.88 -7.30
N PHE E 102 15.48 20.32 -8.11
CA PHE E 102 14.27 19.69 -7.61
C PHE E 102 14.47 18.18 -7.52
N ASP E 103 13.62 17.56 -6.69
CA ASP E 103 13.74 16.12 -6.42
C ASP E 103 12.80 15.34 -7.34
N THR E 104 13.14 15.36 -8.65
CA THR E 104 12.38 14.58 -9.62
C THR E 104 12.81 13.12 -9.55
N PRO E 105 11.87 12.17 -9.67
CA PRO E 105 10.47 12.28 -10.08
C PRO E 105 9.46 12.65 -8.99
N ASP E 106 9.85 12.65 -7.72
CA ASP E 106 8.87 12.88 -6.65
C ASP E 106 8.30 14.28 -6.73
N ASP E 107 9.17 15.28 -6.83
CA ASP E 107 8.73 16.61 -7.20
C ASP E 107 8.19 16.56 -8.62
N ARG E 108 7.03 17.18 -8.84
CA ARG E 108 6.31 17.06 -10.10
C ARG E 108 6.68 18.22 -11.00
N LEU E 109 7.15 17.90 -12.20
CA LEU E 109 7.52 18.89 -13.20
C LEU E 109 6.60 18.71 -14.40
N VAL E 110 5.93 19.79 -14.81
CA VAL E 110 4.98 19.77 -15.92
C VAL E 110 5.49 20.72 -17.00
N TRP E 111 5.66 20.19 -18.22
CA TRP E 111 6.08 20.98 -19.37
C TRP E 111 4.86 21.38 -20.19
N ASP E 112 4.77 22.67 -20.52
CA ASP E 112 3.67 23.16 -21.34
C ASP E 112 3.96 22.92 -22.82
N VAL E 113 3.00 22.29 -23.51
CA VAL E 113 3.11 21.85 -24.90
C VAL E 113 3.99 20.61 -24.99
N GLY E 114 5.20 20.71 -24.45
CA GLY E 114 6.10 19.57 -24.39
C GLY E 114 7.03 19.43 -25.59
N HIS E 115 6.82 20.24 -26.63
CA HIS E 115 7.69 20.26 -27.80
C HIS E 115 9.11 20.70 -27.46
N GLN E 116 9.30 21.43 -26.34
CA GLN E 116 10.61 21.80 -25.84
C GLN E 116 11.17 20.81 -24.83
N ALA E 117 10.59 19.62 -24.74
CA ALA E 117 10.94 18.68 -23.69
C ALA E 117 11.91 17.58 -24.16
N TYR E 118 12.57 17.74 -25.33
CA TYR E 118 13.64 16.81 -25.70
C TYR E 118 14.77 16.77 -24.67
N PRO E 119 15.36 17.90 -24.27
CA PRO E 119 16.37 17.86 -23.20
C PRO E 119 15.87 17.14 -21.95
N HIS E 120 14.63 17.41 -21.53
CA HIS E 120 14.02 16.66 -20.44
C HIS E 120 14.10 15.17 -20.70
N LYS E 121 13.66 14.72 -21.88
CA LYS E 121 13.76 13.31 -22.21
C LYS E 121 15.21 12.85 -22.14
N ILE E 122 16.15 13.70 -22.58
CA ILE E 122 17.54 13.26 -22.64
C ILE E 122 18.08 12.99 -21.25
N LEU E 123 17.62 13.75 -20.25
CA LEU E 123 18.08 13.63 -18.86
C LEU E 123 17.24 12.66 -18.03
N THR E 124 16.23 12.02 -18.62
CA THR E 124 15.32 11.16 -17.87
C THR E 124 15.25 9.77 -18.50
N GLU E 125 16.43 9.13 -18.60
CA GLU E 125 16.54 7.72 -19.02
C GLU E 125 16.12 7.50 -20.47
N ARG E 126 16.21 8.53 -21.32
CA ARG E 126 15.78 8.39 -22.69
C ARG E 126 16.82 8.85 -23.71
N ARG E 127 18.03 9.22 -23.27
CA ARG E 127 19.03 9.69 -24.23
C ARG E 127 19.20 8.70 -25.38
N GLU E 128 19.51 7.43 -25.07
CA GLU E 128 19.80 6.47 -26.12
C GLU E 128 18.56 6.05 -26.91
N LEU E 129 17.35 6.41 -26.47
CA LEU E 129 16.16 6.11 -27.25
C LEU E 129 15.77 7.24 -28.19
N MET E 130 16.40 8.41 -28.05
CA MET E 130 16.12 9.55 -28.93
C MET E 130 16.19 9.16 -30.40
N GLY E 131 16.98 8.15 -30.74
CA GLY E 131 17.05 7.70 -32.11
C GLY E 131 15.70 7.21 -32.62
N THR E 132 14.88 6.64 -31.75
CA THR E 132 13.56 6.18 -32.13
C THR E 132 12.51 7.31 -32.11
N LEU E 133 12.88 8.53 -31.72
CA LEU E 133 11.94 9.65 -31.60
C LEU E 133 11.07 9.83 -32.85
N ARG E 134 9.75 9.74 -32.65
CA ARG E 134 8.69 9.90 -33.64
C ARG E 134 8.64 8.78 -34.66
N GLN E 135 9.37 7.69 -34.44
CA GLN E 135 9.17 6.47 -35.22
C GLN E 135 7.96 5.72 -34.67
N LYS E 136 7.40 4.84 -35.50
CA LYS E 136 6.43 3.89 -34.97
C LYS E 136 7.09 3.11 -33.83
N ASN E 137 6.46 3.11 -32.66
CA ASN E 137 6.91 2.40 -31.47
C ASN E 137 8.13 3.00 -30.78
N GLY E 138 8.59 4.18 -31.20
CA GLY E 138 9.64 4.90 -30.50
C GLY E 138 9.07 5.96 -29.57
N LEU E 139 9.95 6.85 -29.12
CA LEU E 139 9.53 7.93 -28.22
C LEU E 139 8.50 8.85 -28.89
N ALA E 140 7.49 9.24 -28.11
CA ALA E 140 6.46 10.13 -28.60
C ALA E 140 6.99 11.56 -28.76
N ALA E 141 6.21 12.35 -29.50
CA ALA E 141 6.54 13.74 -29.76
C ALA E 141 6.60 14.58 -28.49
N PHE E 142 5.81 14.24 -27.48
CA PHE E 142 5.67 15.07 -26.28
C PHE E 142 5.74 14.20 -25.04
N PRO E 143 5.93 14.81 -23.88
CA PRO E 143 5.87 14.05 -22.63
C PRO E 143 4.58 13.25 -22.54
N ARG E 144 4.71 12.01 -22.11
CA ARG E 144 3.56 11.13 -22.01
C ARG E 144 3.67 10.36 -20.70
N ARG E 145 2.55 10.26 -19.98
CA ARG E 145 2.58 9.61 -18.69
C ARG E 145 2.92 8.13 -18.83
N ALA E 146 2.33 7.46 -19.83
CA ALA E 146 2.61 6.04 -20.03
C ALA E 146 4.03 5.79 -20.52
N GLU E 147 4.73 6.81 -21.01
CA GLU E 147 6.07 6.60 -21.54
C GLU E 147 7.15 6.69 -20.46
N SER E 148 7.02 7.64 -19.53
CA SER E 148 8.04 7.81 -18.51
C SER E 148 7.44 8.23 -17.17
N GLU E 149 8.02 7.68 -16.11
CA GLU E 149 7.72 8.11 -14.75
C GLU E 149 8.07 9.58 -14.54
N TYR E 150 9.02 10.11 -15.30
CA TYR E 150 9.36 11.53 -15.21
C TYR E 150 8.44 12.42 -16.03
N ASP E 151 7.39 11.86 -16.64
CA ASP E 151 6.40 12.62 -17.39
C ASP E 151 5.09 12.66 -16.59
N THR E 152 4.85 13.79 -15.92
CA THR E 152 3.70 13.96 -15.05
C THR E 152 2.39 14.19 -15.78
N PHE E 153 2.42 14.67 -17.03
CA PHE E 153 1.19 15.05 -17.71
C PHE E 153 1.39 15.02 -19.22
N GLY E 154 0.53 14.27 -19.90
CA GLY E 154 0.54 14.24 -21.35
C GLY E 154 0.17 15.59 -21.90
N VAL E 155 1.06 16.22 -22.68
CA VAL E 155 0.81 17.54 -23.23
C VAL E 155 0.92 17.46 -24.76
N GLY E 156 0.60 18.57 -25.40
CA GLY E 156 0.57 18.64 -26.85
C GLY E 156 -0.20 19.87 -27.25
N HIS E 157 -1.48 19.89 -26.89
CA HIS E 157 -2.18 21.17 -26.79
C HIS E 157 -1.51 22.02 -25.71
N SER E 158 -1.46 23.32 -25.96
CA SER E 158 -0.76 24.23 -25.06
C SER E 158 -1.62 24.63 -23.85
N SER E 159 -0.95 25.15 -22.83
CA SER E 159 -1.55 25.96 -21.76
C SER E 159 -2.23 25.12 -20.69
N THR E 160 -1.97 23.82 -20.65
CA THR E 160 -2.58 22.94 -19.66
C THR E 160 -1.74 22.77 -18.41
N SER E 161 -0.52 23.31 -18.40
CA SER E 161 0.46 22.90 -17.41
C SER E 161 0.16 23.53 -16.04
N ILE E 162 -0.23 24.81 -16.02
CA ILE E 162 -0.55 25.44 -14.74
C ILE E 162 -1.75 24.74 -14.10
N SER E 163 -2.79 24.49 -14.90
CA SER E 163 -3.97 23.79 -14.40
C SER E 163 -3.58 22.44 -13.82
N ALA E 164 -2.83 21.64 -14.60
CA ALA E 164 -2.45 20.29 -14.17
C ALA E 164 -1.56 20.33 -12.94
N ALA E 165 -0.59 21.25 -12.93
CA ALA E 165 0.27 21.39 -11.77
C ALA E 165 -0.51 21.82 -10.53
N LEU E 166 -1.51 22.71 -10.69
CA LEU E 166 -2.31 23.13 -9.55
C LEU E 166 -3.13 21.98 -8.98
N GLY E 167 -3.84 21.24 -9.84
CA GLY E 167 -4.49 20.01 -9.38
C GLY E 167 -3.55 19.07 -8.64
N MET E 168 -2.32 18.91 -9.14
CA MET E 168 -1.36 18.05 -8.48
C MET E 168 -1.00 18.59 -7.10
N ALA E 169 -0.74 19.89 -7.03
CA ALA E 169 -0.39 20.51 -5.75
C ALA E 169 -1.54 20.37 -4.75
N ILE E 170 -2.78 20.53 -5.21
CA ILE E 170 -3.90 20.42 -4.28
C ILE E 170 -4.01 19.00 -3.74
N ALA E 171 -3.88 18.00 -4.61
CA ALA E 171 -3.99 16.62 -4.17
C ALA E 171 -2.88 16.27 -3.18
N ALA E 172 -1.65 16.69 -3.46
CA ALA E 172 -0.53 16.33 -2.60
C ALA E 172 -0.64 17.03 -1.24
N ARG E 173 -1.07 18.29 -1.22
CA ARG E 173 -1.26 18.97 0.06
C ARG E 173 -2.25 18.18 0.92
N LEU E 174 -3.40 17.83 0.35
CA LEU E 174 -4.38 17.02 1.07
C LEU E 174 -3.79 15.70 1.56
N GLN E 175 -2.94 15.05 0.75
CA GLN E 175 -2.40 13.75 1.15
C GLN E 175 -1.20 13.85 2.09
N GLY E 176 -0.75 15.06 2.41
CA GLY E 176 0.41 15.21 3.27
C GLY E 176 1.74 14.79 2.67
N LYS E 177 1.80 14.52 1.37
CA LYS E 177 3.09 14.31 0.73
C LYS E 177 3.78 15.66 0.59
N GLU E 178 5.10 15.66 0.54
CA GLU E 178 5.72 16.99 0.57
C GLU E 178 6.40 17.32 -0.74
N ARG E 179 5.67 17.15 -1.85
CA ARG E 179 6.22 17.34 -3.19
C ARG E 179 6.03 18.77 -3.64
N LYS E 180 7.01 19.28 -4.36
CA LYS E 180 6.82 20.51 -5.13
C LYS E 180 6.07 20.22 -6.43
N SER E 181 5.43 21.25 -6.96
CA SER E 181 4.84 21.20 -8.29
C SER E 181 5.35 22.39 -9.07
N VAL E 182 5.86 22.11 -10.27
CA VAL E 182 6.41 23.13 -11.13
C VAL E 182 5.73 23.03 -12.48
N ALA E 183 5.27 24.17 -12.98
CA ALA E 183 4.81 24.29 -14.35
C ALA E 183 5.80 25.18 -15.10
N VAL E 184 6.23 24.73 -16.27
CA VAL E 184 7.09 25.50 -17.16
C VAL E 184 6.27 25.87 -18.38
N ILE E 185 5.99 27.15 -18.58
CA ILE E 185 5.07 27.58 -19.64
C ILE E 185 5.72 28.70 -20.44
N GLY E 186 5.69 28.57 -21.79
CA GLY E 186 6.20 29.60 -22.67
C GLY E 186 5.28 30.81 -22.75
N ASP E 187 5.84 31.94 -23.19
CA ASP E 187 5.05 33.16 -23.28
C ASP E 187 3.95 33.05 -24.34
N GLY E 188 4.15 32.24 -25.39
CA GLY E 188 3.06 31.94 -26.29
C GLY E 188 1.96 31.13 -25.61
N ALA E 189 2.34 30.05 -24.92
CA ALA E 189 1.35 29.26 -24.21
C ALA E 189 0.58 30.10 -23.19
N LEU E 190 1.21 31.12 -22.61
CA LEU E 190 0.55 31.95 -21.60
C LEU E 190 -0.50 32.91 -22.18
N THR E 191 -0.66 32.98 -23.50
CA THR E 191 -1.73 33.79 -24.07
C THR E 191 -3.10 33.11 -24.02
N ALA E 192 -3.18 31.81 -23.73
CA ALA E 192 -4.45 31.10 -23.74
C ALA E 192 -5.28 31.41 -22.50
N GLY E 193 -6.59 31.53 -22.70
CA GLY E 193 -7.47 31.89 -21.61
C GLY E 193 -7.41 30.91 -20.44
N MET E 194 -7.24 29.62 -20.72
CA MET E 194 -7.25 28.66 -19.62
C MET E 194 -6.02 28.81 -18.73
N ALA E 195 -4.93 29.38 -19.25
CA ALA E 195 -3.78 29.68 -18.39
C ALA E 195 -4.12 30.76 -17.39
N PHE E 196 -4.88 31.77 -17.84
CA PHE E 196 -5.31 32.85 -16.96
C PHE E 196 -6.26 32.33 -15.88
N GLU E 197 -7.21 31.48 -16.25
CA GLU E 197 -8.10 30.86 -15.27
C GLU E 197 -7.30 30.13 -14.19
N ALA E 198 -6.26 29.41 -14.60
CA ALA E 198 -5.46 28.66 -13.62
C ALA E 198 -4.74 29.59 -12.67
N LEU E 199 -4.05 30.61 -13.20
CA LEU E 199 -3.35 31.58 -12.35
C LEU E 199 -4.29 32.20 -11.32
N ASN E 200 -5.54 32.41 -11.71
CA ASN E 200 -6.54 33.00 -10.82
C ASN E 200 -6.99 32.01 -9.76
N HIS E 201 -7.19 30.75 -10.13
CA HIS E 201 -7.61 29.78 -9.14
C HIS E 201 -6.48 29.49 -8.14
N ALA E 202 -5.26 29.32 -8.63
CA ALA E 202 -4.13 29.01 -7.75
C ALA E 202 -4.01 30.05 -6.63
N SER E 203 -3.99 31.33 -7.02
CA SER E 203 -4.05 32.42 -6.05
C SER E 203 -5.14 32.17 -5.02
N GLU E 204 -6.28 31.64 -5.46
CA GLU E 204 -7.43 31.43 -4.59
C GLU E 204 -7.16 30.36 -3.53
N VAL E 205 -6.52 29.23 -3.91
CA VAL E 205 -6.34 28.14 -2.95
C VAL E 205 -5.01 28.26 -2.19
N ASP E 206 -4.30 29.38 -2.36
CA ASP E 206 -3.02 29.58 -1.70
C ASP E 206 -2.12 28.35 -1.90
N ALA E 207 -2.12 27.84 -3.12
CA ALA E 207 -1.38 26.63 -3.45
C ALA E 207 0.12 26.85 -3.36
N ASP E 208 0.83 25.86 -2.83
CA ASP E 208 2.30 25.85 -2.87
C ASP E 208 2.73 25.27 -4.22
N MET E 209 2.99 26.14 -5.19
CA MET E 209 3.41 25.68 -6.51
C MET E 209 4.24 26.77 -7.18
N LEU E 210 5.08 26.33 -8.11
CA LEU E 210 6.05 27.17 -8.80
C LEU E 210 5.71 27.22 -10.29
N VAL E 211 5.51 28.42 -10.82
CA VAL E 211 5.22 28.64 -12.23
C VAL E 211 6.42 29.36 -12.84
N ILE E 212 7.01 28.77 -13.87
CA ILE E 212 8.17 29.37 -14.54
C ILE E 212 7.72 29.83 -15.92
N LEU E 213 7.76 31.15 -16.14
CA LEU E 213 7.47 31.74 -17.45
C LEU E 213 8.73 31.71 -18.29
N ASN E 214 8.73 30.85 -19.31
CA ASN E 214 9.87 30.68 -20.20
C ASN E 214 9.66 31.65 -21.36
N ASP E 215 10.19 32.85 -21.19
CA ASP E 215 9.87 33.98 -22.06
C ASP E 215 10.98 34.15 -23.09
N ASN E 216 10.67 33.87 -24.36
CA ASN E 216 11.61 34.12 -25.46
C ASN E 216 11.03 35.08 -26.50
N ASP E 217 9.96 35.79 -26.16
CA ASP E 217 9.34 36.77 -27.05
C ASP E 217 8.83 36.14 -28.34
N MET E 218 8.75 34.81 -28.40
CA MET E 218 8.28 34.11 -29.59
C MET E 218 7.20 33.10 -29.25
N SER E 219 6.35 32.85 -30.23
CA SER E 219 5.51 31.67 -30.30
C SER E 219 6.06 30.77 -31.41
N ILE E 220 5.25 30.29 -32.37
CA ILE E 220 5.82 29.76 -33.61
C ILE E 220 6.21 30.91 -34.51
N SER E 221 5.22 31.68 -34.95
CA SER E 221 5.43 33.01 -35.49
C SER E 221 5.96 33.91 -34.39
N HIS E 222 6.25 35.16 -34.74
CA HIS E 222 6.51 36.14 -33.70
C HIS E 222 5.31 36.22 -32.77
N ASN E 223 5.55 36.44 -31.49
CA ASN E 223 4.46 36.46 -30.53
C ASN E 223 3.85 37.85 -30.50
N VAL E 224 2.57 37.95 -30.88
CA VAL E 224 1.84 39.20 -30.85
C VAL E 224 1.03 39.28 -29.56
N GLY E 225 0.07 40.20 -29.52
CA GLY E 225 -0.85 40.27 -28.42
C GLY E 225 -0.40 41.24 -27.34
N GLY E 226 -1.37 41.67 -26.54
CA GLY E 226 -1.11 42.63 -25.48
C GLY E 226 -0.39 42.04 -24.28
N LEU E 227 -0.42 40.72 -24.13
CA LEU E 227 0.41 40.09 -23.12
C LEU E 227 1.88 40.15 -23.52
N SER E 228 2.17 39.80 -24.78
CA SER E 228 3.51 39.93 -25.32
C SER E 228 4.08 41.32 -25.05
N ASN E 229 3.29 42.35 -25.34
CA ASN E 229 3.79 43.71 -25.16
C ASN E 229 4.08 44.01 -23.70
N TYR E 230 3.28 43.47 -22.79
CA TYR E 230 3.54 43.67 -21.37
C TYR E 230 4.79 42.91 -20.93
N LEU E 231 4.93 41.66 -21.36
CA LEU E 231 6.10 40.88 -20.96
C LEU E 231 7.39 41.58 -21.35
N ALA E 232 7.39 42.26 -22.50
CA ALA E 232 8.56 43.00 -22.96
C ALA E 232 8.77 44.32 -22.21
N LYS E 233 8.21 44.44 -21.01
CA LYS E 233 8.35 45.64 -20.18
C LYS E 233 9.78 46.18 -20.19
N GLU E 247 -0.06 40.79 -8.80
CA GLU E 247 -1.35 41.32 -8.35
C GLU E 247 -2.43 40.25 -8.32
N LEU E 248 -2.29 39.24 -9.17
CA LEU E 248 -3.17 38.09 -9.12
C LEU E 248 -2.79 37.17 -7.97
N GLY E 249 -2.08 37.71 -6.96
CA GLY E 249 -1.69 36.93 -5.79
C GLY E 249 -0.48 36.04 -5.97
N TRP E 250 0.46 36.42 -6.82
CA TRP E 250 1.65 35.63 -7.10
C TRP E 250 2.88 36.38 -6.62
N ASN E 251 3.86 35.66 -6.08
CA ASN E 251 5.13 36.27 -5.69
C ASN E 251 6.05 36.27 -6.91
N TYR E 252 6.28 37.45 -7.46
CA TYR E 252 6.97 37.58 -8.74
C TYR E 252 8.46 37.78 -8.52
N ILE E 253 9.25 36.96 -9.19
CA ILE E 253 10.71 37.05 -9.18
C ILE E 253 11.20 37.11 -10.63
N GLY E 254 12.25 37.90 -10.85
CA GLY E 254 12.87 38.00 -12.14
C GLY E 254 12.77 39.40 -12.71
N PRO E 255 13.04 39.54 -14.01
CA PRO E 255 13.44 38.48 -14.93
C PRO E 255 14.90 38.06 -14.74
N ILE E 256 15.22 36.79 -14.91
CA ILE E 256 16.60 36.34 -14.83
C ILE E 256 16.99 35.76 -16.18
N ASP E 257 18.30 35.64 -16.40
CA ASP E 257 18.86 35.07 -17.63
C ASP E 257 18.70 33.55 -17.63
N GLY E 258 17.84 33.05 -18.52
CA GLY E 258 17.55 31.64 -18.66
C GLY E 258 18.70 30.76 -19.13
N HIS E 259 19.83 31.35 -19.50
CA HIS E 259 20.99 30.57 -19.91
C HIS E 259 22.16 30.70 -18.95
N ASP E 260 22.00 31.46 -17.87
CA ASP E 260 23.02 31.59 -16.85
C ASP E 260 22.74 30.53 -15.78
N LEU E 261 23.44 29.40 -15.86
CA LEU E 261 23.18 28.31 -14.93
C LEU E 261 23.47 28.66 -13.47
N PRO E 262 24.53 29.40 -13.14
CA PRO E 262 24.70 29.80 -11.74
C PRO E 262 23.49 30.55 -11.20
N THR E 263 22.96 31.53 -11.94
CA THR E 263 21.80 32.26 -11.48
C THR E 263 20.57 31.35 -11.41
N LEU E 264 20.33 30.54 -12.46
CA LEU E 264 19.17 29.66 -12.45
C LEU E 264 19.17 28.78 -11.20
N VAL E 265 20.30 28.12 -10.91
CA VAL E 265 20.34 27.16 -9.82
C VAL E 265 20.10 27.84 -8.48
N ALA E 266 20.74 28.99 -8.27
CA ALA E 266 20.57 29.69 -6.98
C ALA E 266 19.16 30.25 -6.84
N THR E 267 18.59 30.80 -7.92
CA THR E 267 17.21 31.27 -7.87
C THR E 267 16.26 30.12 -7.56
N LEU E 268 16.33 29.03 -8.34
CA LEU E 268 15.42 27.93 -8.11
C LEU E 268 15.58 27.37 -6.70
N ARG E 269 16.81 27.37 -6.17
CA ARG E 269 17.02 26.94 -4.78
C ARG E 269 16.27 27.83 -3.80
N ASN E 270 16.36 29.16 -3.96
CA ASN E 270 15.56 30.07 -3.13
C ASN E 270 14.06 29.76 -3.23
N MET E 271 13.54 29.66 -4.46
CA MET E 271 12.09 29.56 -4.62
C MET E 271 11.56 28.16 -4.36
N ARG E 272 12.38 27.13 -4.57
CA ARG E 272 11.94 25.75 -4.31
C ARG E 272 11.28 25.62 -2.94
N ASP E 273 11.68 26.45 -1.99
CA ASP E 273 11.16 26.32 -0.63
C ASP E 273 10.29 27.50 -0.19
N MET E 274 10.17 28.55 -0.98
CA MET E 274 9.16 29.56 -0.65
C MET E 274 7.78 28.93 -0.73
N LYS E 275 6.88 29.43 0.10
CA LYS E 275 5.51 28.94 0.20
C LYS E 275 4.58 29.81 -0.66
N GLY E 276 3.39 29.29 -0.94
CA GLY E 276 2.45 30.03 -1.75
C GLY E 276 2.74 29.97 -3.24
N PRO E 277 1.84 30.56 -4.04
CA PRO E 277 2.06 30.63 -5.50
C PRO E 277 3.26 31.49 -5.85
N GLN E 278 4.22 30.90 -6.57
CA GLN E 278 5.48 31.55 -6.91
C GLN E 278 5.63 31.65 -8.43
N PHE E 279 6.04 32.82 -8.91
CA PHE E 279 6.15 33.08 -10.35
C PHE E 279 7.55 33.58 -10.69
N LEU E 280 8.32 32.75 -11.40
CA LEU E 280 9.67 33.08 -11.84
C LEU E 280 9.68 33.45 -13.33
N HIS E 281 10.09 34.68 -13.64
CA HIS E 281 10.22 35.15 -15.01
C HIS E 281 11.65 34.87 -15.49
N VAL E 282 11.78 33.93 -16.42
CA VAL E 282 13.05 33.57 -17.03
C VAL E 282 13.03 34.05 -18.48
N VAL E 283 14.16 34.59 -18.95
CA VAL E 283 14.30 35.07 -20.33
C VAL E 283 15.28 34.18 -21.06
N THR E 284 14.80 33.52 -22.13
CA THR E 284 15.63 32.64 -22.95
C THR E 284 15.63 33.12 -24.41
N LYS E 285 16.47 32.49 -25.21
CA LYS E 285 16.57 32.81 -26.64
C LYS E 285 16.26 31.55 -27.45
N LYS E 286 15.14 31.57 -28.18
CA LYS E 286 14.79 30.46 -29.07
C LYS E 286 15.96 30.13 -29.99
N GLY E 287 16.30 28.85 -30.06
CA GLY E 287 17.43 28.40 -30.84
C GLY E 287 18.79 28.61 -30.22
N LYS E 288 18.87 28.99 -28.94
CA LYS E 288 20.15 29.35 -28.30
C LYS E 288 21.25 28.34 -28.61
N GLY E 289 22.36 28.84 -29.16
CA GLY E 289 23.52 28.04 -29.47
C GLY E 289 23.70 27.74 -30.95
N PHE E 290 22.62 27.75 -31.73
CA PHE E 290 22.69 27.44 -33.15
C PHE E 290 22.36 28.70 -33.96
N ALA E 291 23.39 29.26 -34.59
CA ALA E 291 23.23 30.52 -35.32
C ALA E 291 22.03 30.54 -36.27
N PRO E 292 21.88 29.58 -37.19
CA PRO E 292 20.73 29.65 -38.11
C PRO E 292 19.41 29.66 -37.39
N ALA E 293 19.28 28.87 -36.31
CA ALA E 293 18.06 28.88 -35.52
C ALA E 293 17.89 30.19 -34.78
N GLU E 294 18.98 30.75 -34.24
CA GLU E 294 18.86 32.02 -33.56
C GLU E 294 18.36 33.10 -34.52
N LEU E 295 18.91 33.11 -35.74
CA LEU E 295 18.62 34.18 -36.68
C LEU E 295 17.29 33.99 -37.41
N ASP E 296 16.80 32.74 -37.52
CA ASP E 296 15.49 32.43 -38.10
C ASP E 296 14.73 31.47 -37.18
N PRO E 297 14.23 31.97 -36.05
CA PRO E 297 13.52 31.08 -35.10
C PRO E 297 12.27 30.42 -35.70
N ILE E 298 11.60 31.06 -36.66
CA ILE E 298 10.39 30.49 -37.21
C ILE E 298 10.71 29.22 -37.98
N GLY E 299 11.57 29.32 -39.00
CA GLY E 299 11.90 28.16 -39.81
C GLY E 299 12.50 27.02 -39.02
N TYR E 300 13.14 27.34 -37.89
CA TYR E 300 13.81 26.36 -37.04
C TYR E 300 12.99 25.97 -35.83
N HIS E 301 11.71 26.36 -35.80
CA HIS E 301 10.78 25.78 -34.84
C HIS E 301 10.73 24.26 -34.97
N ALA E 302 10.77 23.75 -36.19
CA ALA E 302 10.96 22.32 -36.41
C ALA E 302 11.75 22.13 -37.69
N ILE E 303 12.36 20.96 -37.85
CA ILE E 303 13.07 20.65 -39.09
C ILE E 303 12.83 19.20 -39.47
N THR E 304 13.00 18.93 -40.76
CA THR E 304 13.01 17.57 -41.26
C THR E 304 14.37 16.92 -40.98
N LYS E 305 14.37 15.58 -40.91
CA LYS E 305 15.63 14.88 -40.69
C LYS E 305 16.58 15.08 -41.86
N LEU E 306 17.87 15.12 -41.54
CA LEU E 306 18.93 15.32 -42.53
C LEU E 306 19.03 14.14 -43.50
N GLY E 318 2.98 17.53 -55.61
CA GLY E 318 1.69 18.20 -55.40
C GLY E 318 1.70 19.23 -54.27
N PRO E 319 0.85 20.24 -54.36
CA PRO E 319 0.78 21.24 -53.28
C PRO E 319 0.11 20.71 -52.02
N LYS E 320 0.60 21.18 -50.88
CA LYS E 320 -0.05 20.90 -49.60
C LYS E 320 -1.44 21.51 -49.55
N TYR E 321 -2.40 20.77 -49.00
CA TYR E 321 -3.75 21.31 -48.90
C TYR E 321 -3.75 22.67 -48.23
N SER E 322 -3.03 22.80 -47.11
CA SER E 322 -2.91 24.11 -46.47
C SER E 322 -2.42 25.15 -47.48
N SER E 323 -1.50 24.75 -48.35
CA SER E 323 -1.00 25.64 -49.38
C SER E 323 -2.12 26.03 -50.35
N VAL E 324 -2.99 25.07 -50.68
CA VAL E 324 -4.13 25.35 -51.54
C VAL E 324 -5.10 26.28 -50.86
N PHE E 325 -5.32 26.07 -49.55
CA PHE E 325 -6.12 27.03 -48.78
C PHE E 325 -5.51 28.42 -48.84
N GLY E 326 -4.20 28.53 -48.64
CA GLY E 326 -3.56 29.84 -48.63
C GLY E 326 -3.75 30.59 -49.94
N GLN E 327 -3.65 29.87 -51.05
CA GLN E 327 -3.82 30.50 -52.35
C GLN E 327 -5.27 30.92 -52.57
N TRP E 328 -6.23 30.09 -52.11
CA TRP E 328 -7.63 30.47 -52.17
C TRP E 328 -7.89 31.70 -51.30
N LEU E 329 -7.33 31.73 -50.10
CA LEU E 329 -7.49 32.89 -49.24
C LEU E 329 -7.00 34.15 -49.94
N CYS E 330 -5.84 34.08 -50.57
CA CYS E 330 -5.31 35.25 -51.27
C CYS E 330 -6.20 35.63 -52.45
N ASP E 331 -6.60 34.66 -53.28
CA ASP E 331 -7.36 34.96 -54.49
C ASP E 331 -8.74 35.54 -54.17
N MET E 332 -9.43 34.99 -53.16
CA MET E 332 -10.74 35.54 -52.80
C MET E 332 -10.60 36.94 -52.18
N ALA E 333 -9.54 37.17 -51.40
CA ALA E 333 -9.35 38.49 -50.81
C ALA E 333 -9.15 39.56 -51.89
N ALA E 334 -8.58 39.17 -53.04
CA ALA E 334 -8.40 40.07 -54.18
C ALA E 334 -9.72 40.40 -54.85
N GLN E 335 -10.68 39.49 -54.76
CA GLN E 335 -12.01 39.64 -55.34
C GLN E 335 -13.01 40.25 -54.37
N ASP E 336 -12.75 40.21 -53.06
CA ASP E 336 -13.75 40.56 -52.05
C ASP E 336 -13.04 41.26 -50.90
N ALA E 337 -13.28 42.57 -50.75
CA ALA E 337 -12.70 43.36 -49.66
C ALA E 337 -13.26 42.96 -48.31
N ARG E 338 -14.27 42.09 -48.31
CA ARG E 338 -14.94 41.68 -47.09
C ARG E 338 -14.21 40.57 -46.36
N LEU E 339 -13.35 39.82 -47.05
CA LEU E 339 -12.70 38.66 -46.43
C LEU E 339 -11.76 39.11 -45.31
N LEU E 340 -11.82 38.42 -44.17
CA LEU E 340 -10.81 38.60 -43.13
C LEU E 340 -10.26 37.23 -42.73
N GLY E 341 -8.96 37.17 -42.46
CA GLY E 341 -8.30 35.91 -42.13
C GLY E 341 -7.83 35.90 -40.69
N ILE E 342 -8.26 34.88 -39.96
CA ILE E 342 -7.98 34.75 -38.53
C ILE E 342 -7.29 33.41 -38.30
N THR E 343 -6.19 33.45 -37.55
CA THR E 343 -5.55 32.24 -37.10
C THR E 343 -5.21 32.35 -35.61
N PRO E 344 -5.31 31.24 -34.87
CA PRO E 344 -4.88 31.29 -33.47
C PRO E 344 -3.43 30.81 -33.45
N ALA E 345 -2.51 31.73 -33.78
CA ALA E 345 -1.07 31.54 -33.70
C ALA E 345 -0.52 30.55 -34.72
N MET E 346 -1.24 30.23 -35.81
CA MET E 346 -0.77 29.19 -36.72
C MET E 346 -0.64 29.70 -38.15
N LYS E 347 -0.04 30.88 -38.30
CA LYS E 347 0.17 31.44 -39.63
C LYS E 347 0.86 30.45 -40.56
N GLU E 348 1.90 29.78 -40.06
CA GLU E 348 2.71 28.90 -40.91
C GLU E 348 1.97 27.61 -41.22
N GLY E 349 1.55 26.90 -40.17
CA GLY E 349 0.92 25.61 -40.37
C GLY E 349 -0.31 25.71 -41.26
N SER E 350 -1.20 26.64 -40.95
CA SER E 350 -2.39 26.81 -41.79
C SER E 350 -2.06 27.55 -43.08
N ASP E 351 -0.95 28.30 -43.09
CA ASP E 351 -0.38 28.97 -44.26
C ASP E 351 -1.16 30.20 -44.68
N LEU E 352 -1.24 31.21 -43.81
CA LEU E 352 -1.75 32.52 -44.21
C LEU E 352 -0.61 33.48 -44.55
N VAL E 353 0.53 32.94 -45.00
CA VAL E 353 1.75 33.73 -45.09
C VAL E 353 1.63 34.79 -46.16
N ALA E 354 1.29 34.38 -47.38
CA ALA E 354 1.07 35.37 -48.42
C ALA E 354 -0.08 36.30 -48.05
N PHE E 355 -1.14 35.75 -47.45
CA PHE E 355 -2.27 36.59 -47.10
C PHE E 355 -1.88 37.68 -46.13
N SER E 356 -1.07 37.36 -45.10
CA SER E 356 -0.68 38.39 -44.14
C SER E 356 0.22 39.44 -44.79
N GLU E 357 1.00 39.07 -45.80
CA GLU E 357 1.87 40.05 -46.47
C GLU E 357 1.07 40.97 -47.38
N ARG E 358 0.10 40.43 -48.09
CA ARG E 358 -0.65 41.21 -49.07
C ARG E 358 -1.80 41.98 -48.46
N TYR E 359 -2.39 41.46 -47.37
CA TYR E 359 -3.59 42.07 -46.77
C TYR E 359 -3.38 42.25 -45.27
N PRO E 360 -2.30 42.93 -44.87
CA PRO E 360 -1.97 43.00 -43.44
C PRO E 360 -3.09 43.55 -42.59
N GLU E 361 -3.90 44.48 -43.13
CA GLU E 361 -5.02 45.08 -42.39
C GLU E 361 -6.21 44.14 -42.27
N ARG E 362 -6.21 43.03 -42.98
CA ARG E 362 -7.31 42.07 -42.89
C ARG E 362 -6.87 40.74 -42.32
N TYR E 363 -5.71 40.70 -41.66
CA TYR E 363 -5.17 39.47 -41.11
C TYR E 363 -5.01 39.63 -39.60
N PHE E 364 -5.48 38.63 -38.87
CA PHE E 364 -5.59 38.71 -37.42
C PHE E 364 -5.01 37.45 -36.77
N ASP E 365 -3.89 37.62 -36.08
CA ASP E 365 -3.30 36.57 -35.26
C ASP E 365 -3.67 36.90 -33.83
N VAL E 366 -4.52 36.05 -33.22
CA VAL E 366 -5.09 36.32 -31.90
C VAL E 366 -4.23 35.65 -30.83
N ALA E 367 -3.04 35.22 -31.21
CA ALA E 367 -2.23 34.37 -30.35
C ALA E 367 -2.90 33.03 -30.16
N ILE E 368 -2.49 32.26 -29.14
CA ILE E 368 -2.99 30.90 -29.00
C ILE E 368 -4.32 30.97 -28.26
N ALA E 369 -5.35 31.48 -28.95
CA ALA E 369 -6.61 31.87 -28.33
C ALA E 369 -7.76 31.41 -29.22
N GLU E 370 -7.93 30.09 -29.34
CA GLU E 370 -8.98 29.53 -30.19
C GLU E 370 -10.35 30.10 -29.86
N GLN E 371 -10.71 30.15 -28.57
CA GLN E 371 -12.05 30.64 -28.22
C GLN E 371 -12.30 32.03 -28.80
N HIS E 372 -11.36 32.94 -28.59
CA HIS E 372 -11.56 34.33 -29.00
C HIS E 372 -11.55 34.45 -30.50
N ALA E 373 -10.79 33.60 -31.19
CA ALA E 373 -10.76 33.64 -32.64
C ALA E 373 -12.17 33.49 -33.19
N VAL E 374 -12.97 32.60 -32.61
CA VAL E 374 -14.28 32.29 -33.19
C VAL E 374 -15.28 33.40 -32.87
N THR E 375 -15.37 33.80 -31.60
CA THR E 375 -16.28 34.88 -31.22
C THR E 375 -15.87 36.20 -31.87
N LEU E 376 -14.57 36.44 -32.02
CA LEU E 376 -14.15 37.57 -32.84
C LEU E 376 -14.76 37.49 -34.23
N ALA E 377 -14.64 36.33 -34.87
CA ALA E 377 -15.25 36.19 -36.19
C ALA E 377 -16.75 36.51 -36.14
N ALA E 378 -17.44 36.03 -35.12
CA ALA E 378 -18.87 36.28 -35.03
C ALA E 378 -19.17 37.79 -35.03
N GLY E 379 -18.42 38.56 -34.25
CA GLY E 379 -18.66 40.00 -34.22
C GLY E 379 -18.38 40.65 -35.56
N MET E 380 -17.25 40.29 -36.18
CA MET E 380 -16.97 40.74 -37.54
C MET E 380 -18.10 40.39 -38.50
N ALA E 381 -18.66 39.19 -38.37
CA ALA E 381 -19.73 38.81 -39.29
C ALA E 381 -20.98 39.62 -39.03
N CYS E 382 -21.14 40.15 -37.82
CA CYS E 382 -22.30 40.98 -37.50
C CYS E 382 -22.29 42.30 -38.26
N GLU E 383 -21.11 42.79 -38.64
CA GLU E 383 -21.00 44.02 -39.39
C GLU E 383 -20.93 43.81 -40.91
N GLY E 384 -21.16 42.59 -41.40
CA GLY E 384 -21.13 42.34 -42.83
C GLY E 384 -19.78 41.92 -43.39
N MET E 385 -18.74 41.82 -42.57
CA MET E 385 -17.50 41.30 -43.09
C MET E 385 -17.60 39.78 -43.26
N LYS E 386 -16.58 39.17 -43.83
CA LYS E 386 -16.60 37.74 -44.15
C LYS E 386 -15.37 37.07 -43.55
N PRO E 387 -15.39 36.75 -42.26
CA PRO E 387 -14.19 36.16 -41.64
C PRO E 387 -14.03 34.69 -41.98
N VAL E 388 -12.77 34.30 -42.14
CA VAL E 388 -12.37 32.92 -42.27
C VAL E 388 -11.49 32.59 -41.06
N VAL E 389 -11.95 31.64 -40.23
CA VAL E 389 -11.17 31.14 -39.11
C VAL E 389 -10.39 29.92 -39.59
N ALA E 390 -9.07 30.04 -39.65
CA ALA E 390 -8.18 28.93 -39.98
C ALA E 390 -7.80 28.23 -38.69
N ILE E 391 -8.14 26.96 -38.57
CA ILE E 391 -7.99 26.27 -37.30
C ILE E 391 -7.82 24.78 -37.57
N TYR E 392 -6.91 24.13 -36.83
CA TYR E 392 -6.78 22.68 -36.95
C TYR E 392 -7.97 22.00 -36.32
N SER E 393 -8.32 20.82 -36.87
CA SER E 393 -9.44 20.08 -36.30
C SER E 393 -9.24 19.83 -34.81
N THR E 394 -8.02 19.49 -34.38
CA THR E 394 -7.81 19.21 -32.96
C THR E 394 -7.92 20.47 -32.10
N PHE E 395 -7.57 21.64 -32.63
CA PHE E 395 -7.64 22.85 -31.80
C PHE E 395 -9.05 23.46 -31.78
N LEU E 396 -9.85 23.21 -32.82
CA LEU E 396 -11.23 23.66 -32.80
C LEU E 396 -12.04 23.01 -31.69
N GLN E 397 -11.55 21.88 -31.15
CA GLN E 397 -12.17 21.31 -29.95
C GLN E 397 -12.21 22.32 -28.83
N ARG E 398 -11.23 23.23 -28.77
CA ARG E 398 -11.19 24.19 -27.68
C ARG E 398 -12.13 25.38 -27.88
N ALA E 399 -12.63 25.62 -29.10
CA ALA E 399 -13.54 26.72 -29.39
C ALA E 399 -14.92 26.22 -29.73
N TYR E 400 -15.23 24.99 -29.31
CA TYR E 400 -16.49 24.35 -29.65
C TYR E 400 -17.67 25.18 -29.22
N ASP E 401 -17.60 25.76 -28.00
CA ASP E 401 -18.75 26.49 -27.47
C ASP E 401 -18.92 27.83 -28.16
N GLN E 402 -17.82 28.49 -28.47
CA GLN E 402 -17.91 29.66 -29.31
C GLN E 402 -18.50 29.32 -30.67
N LEU E 403 -18.16 28.15 -31.22
CA LEU E 403 -18.72 27.78 -32.52
C LEU E 403 -20.22 27.49 -32.41
N ILE E 404 -20.65 26.87 -31.31
CA ILE E 404 -22.07 26.55 -31.18
C ILE E 404 -22.87 27.79 -30.77
N HIS E 405 -22.46 28.44 -29.68
CA HIS E 405 -23.30 29.44 -29.04
C HIS E 405 -23.23 30.77 -29.78
N ASP E 406 -22.05 31.18 -30.24
CA ASP E 406 -21.90 32.50 -30.83
C ASP E 406 -22.06 32.54 -32.34
N VAL E 407 -21.80 31.44 -33.05
CA VAL E 407 -21.86 31.41 -34.51
C VAL E 407 -23.10 30.65 -35.01
N ALA E 408 -23.24 29.38 -34.62
CA ALA E 408 -24.33 28.58 -35.19
C ALA E 408 -25.69 28.97 -34.61
N VAL E 409 -25.77 29.24 -33.30
CA VAL E 409 -27.03 29.70 -32.71
C VAL E 409 -27.55 30.94 -33.42
N GLN E 410 -26.65 31.83 -33.83
CA GLN E 410 -27.00 33.06 -34.50
C GLN E 410 -26.95 32.91 -36.01
N HIS E 411 -26.65 31.72 -36.51
CA HIS E 411 -26.53 31.46 -37.93
C HIS E 411 -25.65 32.50 -38.62
N LEU E 412 -24.54 32.85 -37.98
CA LEU E 412 -23.69 33.89 -38.54
C LEU E 412 -22.78 33.35 -39.64
N ASP E 413 -22.36 34.26 -40.53
CA ASP E 413 -21.65 33.92 -41.76
C ASP E 413 -20.15 33.82 -41.50
N VAL E 414 -19.73 32.65 -41.03
CA VAL E 414 -18.34 32.41 -40.69
C VAL E 414 -17.88 31.12 -41.37
N LEU E 415 -16.72 31.16 -42.01
CA LEU E 415 -16.13 29.96 -42.58
C LEU E 415 -15.02 29.44 -41.68
N PHE E 416 -15.05 28.15 -41.38
CA PHE E 416 -14.00 27.46 -40.63
C PHE E 416 -13.23 26.60 -41.63
N ALA E 417 -11.96 26.93 -41.85
CA ALA E 417 -11.10 26.13 -42.73
C ALA E 417 -10.28 25.23 -41.83
N ILE E 418 -10.63 23.94 -41.83
CA ILE E 418 -10.24 23.00 -40.77
C ILE E 418 -9.15 22.08 -41.33
N ASP E 419 -7.89 22.47 -41.10
CA ASP E 419 -6.68 21.75 -41.46
C ASP E 419 -6.42 20.58 -40.51
N ARG E 420 -5.44 19.74 -40.88
CA ARG E 420 -5.04 18.57 -40.09
C ARG E 420 -6.24 17.73 -39.67
N ALA E 421 -7.17 17.55 -40.60
CA ALA E 421 -8.32 16.70 -40.35
C ALA E 421 -7.93 15.25 -40.63
N GLY E 422 -8.23 14.35 -39.70
CA GLY E 422 -7.77 12.98 -39.83
C GLY E 422 -6.52 12.71 -39.01
N LEU E 423 -5.79 11.68 -39.43
CA LEU E 423 -4.59 11.31 -38.69
C LEU E 423 -3.45 12.22 -39.12
N VAL E 424 -2.59 12.59 -38.17
CA VAL E 424 -1.61 13.64 -38.41
C VAL E 424 -0.18 13.12 -38.40
N GLY E 425 0.06 11.88 -38.04
CA GLY E 425 1.39 11.29 -38.14
C GLY E 425 2.17 11.35 -36.84
N GLU E 426 3.38 11.93 -36.91
CA GLU E 426 4.36 11.79 -35.83
C GLU E 426 3.89 12.46 -34.54
N ASP E 427 3.12 13.54 -34.66
CA ASP E 427 2.60 14.24 -33.49
C ASP E 427 1.65 13.39 -32.67
N GLY E 428 1.20 12.25 -33.21
CA GLY E 428 0.44 11.27 -32.45
C GLY E 428 -0.97 11.71 -32.13
N PRO E 429 -1.64 10.93 -31.28
CA PRO E 429 -3.08 11.18 -31.03
C PRO E 429 -3.41 12.52 -30.34
N THR E 430 -2.49 13.18 -29.63
CA THR E 430 -2.88 14.45 -29.00
C THR E 430 -3.25 15.51 -30.02
N HIS E 431 -2.83 15.33 -31.27
CA HIS E 431 -3.12 16.29 -32.32
C HIS E 431 -4.02 15.72 -33.40
N ALA E 432 -4.61 14.54 -33.18
CA ALA E 432 -5.43 13.91 -34.22
C ALA E 432 -6.69 14.72 -34.53
N GLY E 433 -6.99 14.86 -35.82
CA GLY E 433 -8.27 15.41 -36.26
C GLY E 433 -9.32 14.35 -36.43
N SER E 434 -9.70 13.67 -35.35
CA SER E 434 -10.55 12.48 -35.44
C SER E 434 -12.05 12.74 -35.35
N PHE E 435 -12.48 13.92 -34.90
CA PHE E 435 -13.87 14.09 -34.47
C PHE E 435 -14.66 15.28 -35.05
N ASP E 436 -14.04 16.16 -35.85
CA ASP E 436 -14.77 17.35 -36.30
C ASP E 436 -16.05 17.00 -37.04
N ILE E 437 -16.06 15.92 -37.82
CA ILE E 437 -17.32 15.56 -38.47
C ILE E 437 -18.38 15.23 -37.41
N SER E 438 -18.01 14.51 -36.35
CA SER E 438 -19.01 14.09 -35.38
C SER E 438 -19.50 15.27 -34.56
N TYR E 439 -18.58 16.12 -34.09
CA TYR E 439 -19.01 17.17 -33.19
C TYR E 439 -19.63 18.35 -33.93
N LEU E 440 -19.34 18.51 -35.22
CA LEU E 440 -19.93 19.60 -36.00
C LEU E 440 -21.30 19.27 -36.59
N ARG E 441 -21.51 18.04 -37.07
CA ARG E 441 -22.75 17.78 -37.80
C ARG E 441 -23.96 17.67 -36.87
N CYS E 442 -23.75 17.46 -35.57
CA CYS E 442 -24.89 17.49 -34.66
C CYS E 442 -25.40 18.91 -34.38
N ILE E 443 -24.71 19.94 -34.86
CA ILE E 443 -25.01 21.34 -34.54
C ILE E 443 -25.89 21.91 -35.66
N PRO E 444 -27.08 22.44 -35.34
CA PRO E 444 -27.96 22.91 -36.41
C PRO E 444 -27.41 24.18 -37.05
N GLY E 445 -27.62 24.29 -38.36
CA GLY E 445 -27.17 25.41 -39.15
C GLY E 445 -25.83 25.22 -39.84
N MET E 446 -25.04 24.22 -39.42
CA MET E 446 -23.70 24.09 -39.96
C MET E 446 -23.71 23.44 -41.34
N LEU E 447 -23.10 24.13 -42.30
CA LEU E 447 -22.68 23.51 -43.54
C LEU E 447 -21.35 22.80 -43.29
N VAL E 448 -21.28 21.50 -43.59
CA VAL E 448 -20.12 20.66 -43.25
C VAL E 448 -19.66 19.93 -44.50
N MET E 449 -18.42 20.20 -44.94
CA MET E 449 -17.95 19.65 -46.22
C MET E 449 -16.64 18.86 -46.08
N THR E 450 -16.42 17.96 -47.04
CA THR E 450 -15.25 17.06 -47.07
C THR E 450 -14.68 17.00 -48.47
N PRO E 451 -13.80 17.93 -48.84
CA PRO E 451 -13.17 17.87 -50.16
C PRO E 451 -12.34 16.60 -50.36
N SER E 452 -12.33 16.10 -51.60
CA SER E 452 -11.63 14.88 -51.97
C SER E 452 -10.27 15.13 -52.60
N ASP E 453 -9.99 16.34 -53.10
CA ASP E 453 -8.65 16.63 -53.63
C ASP E 453 -8.43 18.14 -53.66
N GLU E 454 -7.32 18.56 -54.27
CA GLU E 454 -6.98 19.98 -54.32
C GLU E 454 -8.08 20.80 -55.00
N ASP E 455 -8.54 20.36 -56.17
CA ASP E 455 -9.57 21.12 -56.86
C ASP E 455 -10.83 21.25 -56.00
N GLU E 456 -11.18 20.17 -55.28
CA GLU E 456 -12.38 20.17 -54.47
C GLU E 456 -12.24 21.10 -53.26
N LEU E 457 -11.05 21.14 -52.66
CA LEU E 457 -10.84 22.03 -51.54
C LEU E 457 -11.13 23.48 -51.93
N ARG E 458 -10.51 23.94 -53.02
CA ARG E 458 -10.73 25.29 -53.52
C ARG E 458 -12.22 25.52 -53.82
N LYS E 459 -12.89 24.52 -54.40
CA LYS E 459 -14.30 24.69 -54.70
C LYS E 459 -15.15 24.70 -53.44
N LEU E 460 -14.85 23.85 -52.47
CA LEU E 460 -15.71 23.86 -51.27
C LEU E 460 -15.38 25.01 -50.32
N LEU E 461 -14.15 25.50 -50.31
CA LEU E 461 -13.88 26.76 -49.64
C LEU E 461 -14.76 27.87 -50.22
N THR E 462 -14.81 27.96 -51.55
CA THR E 462 -15.64 28.98 -52.18
C THR E 462 -17.10 28.82 -51.79
N THR E 463 -17.60 27.58 -51.78
CA THR E 463 -19.01 27.35 -51.46
C THR E 463 -19.35 27.75 -50.03
N GLY E 464 -18.55 27.30 -49.06
CA GLY E 464 -18.82 27.65 -47.68
C GLY E 464 -18.67 29.14 -47.43
N TYR E 465 -17.69 29.76 -48.10
CA TYR E 465 -17.49 31.19 -47.95
C TYR E 465 -18.71 31.97 -48.49
N LEU E 466 -19.17 31.62 -49.69
CA LEU E 466 -20.29 32.35 -50.25
C LEU E 466 -21.60 32.03 -49.52
N PHE E 467 -21.74 30.81 -48.99
CA PHE E 467 -22.94 30.45 -48.24
C PHE E 467 -23.19 31.44 -47.09
N ASP E 468 -24.45 31.86 -46.95
CA ASP E 468 -24.89 32.86 -45.98
C ASP E 468 -25.21 32.15 -44.66
N GLY E 469 -24.15 31.82 -43.93
CA GLY E 469 -24.29 31.02 -42.74
C GLY E 469 -22.95 30.46 -42.33
N PRO E 470 -22.96 29.62 -41.30
CA PRO E 470 -21.73 28.97 -40.85
C PRO E 470 -21.41 27.72 -41.66
N ALA E 471 -20.13 27.54 -41.96
CA ALA E 471 -19.68 26.46 -42.83
C ALA E 471 -18.31 26.00 -42.39
N ALA E 472 -18.08 24.70 -42.51
CA ALA E 472 -16.84 24.05 -42.18
C ALA E 472 -16.34 23.27 -43.38
N VAL E 473 -15.05 23.39 -43.67
CA VAL E 473 -14.41 22.60 -44.70
C VAL E 473 -13.19 21.94 -44.09
N ARG E 474 -13.19 20.62 -44.04
CA ARG E 474 -12.12 19.86 -43.39
C ARG E 474 -11.19 19.28 -44.46
N TYR E 475 -9.89 19.28 -44.15
CA TYR E 475 -8.92 18.69 -45.07
C TYR E 475 -7.70 18.24 -44.28
N PRO E 476 -6.98 17.23 -44.79
CA PRO E 476 -5.87 16.64 -44.04
C PRO E 476 -4.60 17.45 -44.22
N ARG E 477 -3.62 17.11 -43.40
CA ARG E 477 -2.30 17.69 -43.63
C ARG E 477 -1.59 16.92 -44.76
N GLY E 478 -0.52 17.53 -45.28
CA GLY E 478 0.19 16.96 -46.41
C GLY E 478 -0.35 17.36 -47.77
N SER E 479 -0.09 16.52 -48.77
CA SER E 479 -0.46 16.72 -50.17
C SER E 479 -1.52 15.71 -50.60
N GLY E 480 -2.08 15.94 -51.78
CA GLY E 480 -3.13 15.09 -52.31
C GLY E 480 -2.72 14.34 -53.56
N PRO E 481 -3.70 13.82 -54.31
CA PRO E 481 -3.38 13.16 -55.58
C PRO E 481 -2.83 14.08 -56.66
N ASN E 482 -2.71 15.38 -56.41
CA ASN E 482 -2.15 16.33 -57.37
C ASN E 482 -2.95 16.40 -58.67
N HIS E 483 -4.28 16.52 -58.54
CA HIS E 483 -5.11 16.75 -59.71
C HIS E 483 -5.10 18.22 -60.09
N PRO E 484 -5.42 18.56 -61.33
CA PRO E 484 -5.41 19.96 -61.75
C PRO E 484 -6.48 20.77 -61.04
N ILE E 485 -6.16 22.04 -60.80
CA ILE E 485 -6.97 22.94 -59.99
C ILE E 485 -7.55 24.03 -60.90
N ASP E 486 -8.87 24.14 -60.93
CA ASP E 486 -9.56 25.18 -61.66
C ASP E 486 -9.32 26.54 -61.02
N PRO E 487 -8.63 27.46 -61.68
CA PRO E 487 -8.34 28.76 -61.05
C PRO E 487 -9.56 29.64 -60.85
N ASP E 488 -10.73 29.27 -61.38
CA ASP E 488 -11.92 30.07 -61.18
C ASP E 488 -12.23 30.12 -59.67
N LEU E 489 -13.12 31.03 -59.29
CA LEU E 489 -13.64 31.10 -57.93
C LEU E 489 -15.16 30.98 -58.01
N GLN E 490 -15.65 29.77 -58.13
CA GLN E 490 -17.09 29.53 -58.19
C GLN E 490 -17.50 28.45 -57.21
N PRO E 491 -18.69 28.55 -56.66
CA PRO E 491 -19.19 27.49 -55.77
C PRO E 491 -19.78 26.34 -56.58
N VAL E 492 -20.09 25.27 -55.85
CA VAL E 492 -20.80 24.12 -56.39
C VAL E 492 -22.13 24.04 -55.65
N GLU E 493 -23.10 23.38 -56.26
CA GLU E 493 -24.40 23.27 -55.62
C GLU E 493 -24.30 22.64 -54.23
N ILE E 494 -25.02 23.19 -53.27
CA ILE E 494 -24.90 22.74 -51.88
C ILE E 494 -25.78 21.50 -51.69
N GLY E 495 -25.21 20.48 -51.06
CA GLY E 495 -25.94 19.27 -50.74
C GLY E 495 -25.96 18.23 -51.82
N LYS E 496 -25.05 18.30 -52.78
CA LYS E 496 -25.09 17.45 -53.97
C LYS E 496 -23.77 16.72 -54.13
N GLY E 497 -23.81 15.41 -54.10
CA GLY E 497 -22.64 14.64 -54.40
C GLY E 497 -22.35 14.61 -55.88
N VAL E 498 -21.20 14.04 -56.22
CA VAL E 498 -20.76 13.86 -57.60
C VAL E 498 -20.42 12.39 -57.79
N VAL E 499 -21.12 11.73 -58.72
CA VAL E 499 -20.80 10.33 -59.04
C VAL E 499 -19.50 10.30 -59.81
N ARG E 500 -18.47 9.68 -59.23
CA ARG E 500 -17.18 9.57 -59.89
C ARG E 500 -17.04 8.32 -60.74
N ARG E 501 -17.95 7.34 -60.60
CA ARG E 501 -17.80 6.05 -61.28
C ARG E 501 -19.16 5.36 -61.27
N ARG E 502 -19.72 5.09 -62.45
CA ARG E 502 -20.96 4.35 -62.55
C ARG E 502 -20.64 2.86 -62.45
N GLY E 503 -21.21 2.20 -61.46
CA GLY E 503 -20.99 0.76 -61.27
C GLY E 503 -22.27 0.02 -60.96
N GLY E 504 -22.15 -1.09 -60.25
CA GLY E 504 -23.31 -1.82 -59.76
C GLY E 504 -22.98 -2.56 -58.48
N ARG E 505 -24.04 -3.14 -57.90
CA ARG E 505 -23.98 -3.99 -56.70
C ARG E 505 -23.52 -3.29 -55.43
N VAL E 506 -22.35 -2.66 -55.42
CA VAL E 506 -21.86 -1.98 -54.22
C VAL E 506 -21.53 -0.52 -54.55
N ALA E 507 -21.97 0.39 -53.68
CA ALA E 507 -21.72 1.83 -53.78
C ALA E 507 -20.82 2.28 -52.63
N LEU E 508 -19.68 2.88 -52.98
CA LEU E 508 -18.76 3.48 -52.02
C LEU E 508 -19.08 4.97 -51.90
N LEU E 509 -19.60 5.38 -50.74
CA LEU E 509 -19.94 6.78 -50.46
C LEU E 509 -18.76 7.41 -49.75
N VAL E 510 -17.93 8.14 -50.48
CA VAL E 510 -16.68 8.65 -49.92
C VAL E 510 -16.90 10.08 -49.45
N PHE E 511 -16.58 10.33 -48.20
CA PHE E 511 -16.53 11.64 -47.59
C PHE E 511 -15.06 11.98 -47.35
N GLY E 512 -14.41 12.56 -48.36
CA GLY E 512 -13.09 13.14 -48.20
C GLY E 512 -12.03 12.45 -49.07
N VAL E 513 -10.80 12.45 -48.56
CA VAL E 513 -9.63 12.23 -49.40
C VAL E 513 -9.27 10.77 -49.60
N GLN E 514 -10.06 9.81 -49.09
CA GLN E 514 -9.89 8.40 -49.44
C GLN E 514 -10.48 8.04 -50.81
N LEU E 515 -11.01 9.00 -51.56
CA LEU E 515 -11.70 8.69 -52.81
C LEU E 515 -10.78 7.98 -53.79
N ALA E 516 -9.53 8.45 -53.88
CA ALA E 516 -8.58 7.82 -54.79
C ALA E 516 -8.30 6.38 -54.40
N GLU E 517 -8.30 6.06 -53.11
CA GLU E 517 -8.19 4.65 -52.71
C GLU E 517 -9.47 3.90 -53.03
N ALA E 518 -10.64 4.51 -52.79
CA ALA E 518 -11.89 3.84 -53.16
C ALA E 518 -11.98 3.60 -54.66
N MET E 519 -11.37 4.48 -55.46
CA MET E 519 -11.42 4.33 -56.91
C MET E 519 -10.65 3.10 -57.31
N LYS E 520 -9.46 2.94 -56.74
CA LYS E 520 -8.73 1.68 -56.87
C LYS E 520 -9.62 0.49 -56.52
N VAL E 521 -10.19 0.48 -55.30
CA VAL E 521 -11.01 -0.65 -54.91
C VAL E 521 -12.15 -0.87 -55.88
N ALA E 522 -12.70 0.20 -56.45
CA ALA E 522 -13.86 0.05 -57.32
C ALA E 522 -13.53 -0.67 -58.63
N GLU E 523 -12.26 -0.66 -59.05
CA GLU E 523 -11.92 -1.28 -60.33
C GLU E 523 -12.18 -2.78 -60.28
N SER E 524 -11.73 -3.45 -59.21
CA SER E 524 -11.87 -4.90 -59.18
C SER E 524 -13.32 -5.34 -58.93
N LEU E 525 -14.08 -4.56 -58.17
CA LEU E 525 -15.48 -4.90 -57.86
C LEU E 525 -16.47 -4.37 -58.88
N ASP E 526 -16.03 -3.52 -59.81
CA ASP E 526 -16.94 -2.75 -60.65
C ASP E 526 -17.97 -2.02 -59.80
N ALA E 527 -17.50 -1.39 -58.73
CA ALA E 527 -18.38 -0.63 -57.82
C ALA E 527 -18.67 0.78 -58.32
N THR E 528 -19.85 1.29 -57.94
CA THR E 528 -20.15 2.71 -57.99
C THR E 528 -19.39 3.46 -56.89
N VAL E 529 -18.89 4.65 -57.22
CA VAL E 529 -18.17 5.50 -56.29
C VAL E 529 -18.78 6.90 -56.33
N VAL E 530 -19.17 7.43 -55.16
CA VAL E 530 -19.70 8.80 -55.05
C VAL E 530 -18.75 9.65 -54.22
N ASP E 531 -18.42 10.82 -54.75
CA ASP E 531 -17.67 11.86 -54.07
C ASP E 531 -18.70 12.75 -53.38
N MET E 532 -18.95 12.49 -52.09
CA MET E 532 -20.16 12.97 -51.42
C MET E 532 -20.16 14.48 -51.23
N ARG E 533 -18.98 15.08 -51.01
CA ARG E 533 -18.85 16.53 -50.85
C ARG E 533 -19.45 17.06 -49.55
N PHE E 534 -20.70 16.70 -49.25
CA PHE E 534 -21.46 17.31 -48.16
C PHE E 534 -21.87 16.26 -47.14
N VAL E 535 -21.45 16.46 -45.89
CA VAL E 535 -22.01 15.68 -44.78
C VAL E 535 -23.37 16.22 -44.35
N LYS E 536 -23.46 17.54 -44.05
CA LYS E 536 -24.62 17.92 -43.25
C LYS E 536 -25.85 18.12 -44.12
N PRO E 537 -25.90 19.15 -44.99
CA PRO E 537 -26.89 19.08 -46.06
C PRO E 537 -26.46 17.85 -46.84
N LEU E 538 -26.90 16.68 -46.39
CA LEU E 538 -26.57 15.43 -47.06
C LEU E 538 -27.34 15.31 -48.38
N ASP E 539 -26.73 14.64 -49.37
CA ASP E 539 -27.41 14.44 -50.65
C ASP E 539 -28.40 13.29 -50.52
N GLU E 540 -29.60 13.62 -50.02
CA GLU E 540 -30.59 12.59 -49.73
C GLU E 540 -31.08 11.92 -51.02
N ALA E 541 -31.33 12.69 -52.08
CA ALA E 541 -31.84 12.10 -53.31
C ALA E 541 -30.87 11.06 -53.87
N LEU E 542 -29.58 11.36 -53.86
CA LEU E 542 -28.60 10.40 -54.36
C LEU E 542 -28.56 9.14 -53.50
N VAL E 543 -28.48 9.30 -52.18
CA VAL E 543 -28.44 8.16 -51.28
C VAL E 543 -29.69 7.31 -51.46
N ARG E 544 -30.87 7.94 -51.51
CA ARG E 544 -32.11 7.19 -51.71
C ARG E 544 -32.02 6.31 -52.96
N GLU E 545 -31.63 6.92 -54.09
CA GLU E 545 -31.49 6.15 -55.31
C GLU E 545 -30.51 4.99 -55.13
N LEU E 546 -29.29 5.29 -54.67
CA LEU E 546 -28.29 4.25 -54.51
C LEU E 546 -28.81 3.11 -53.65
N ALA E 547 -29.50 3.43 -52.56
CA ALA E 547 -30.04 2.40 -51.69
C ALA E 547 -31.11 1.57 -52.37
N GLY E 548 -31.74 2.08 -53.43
CA GLY E 548 -32.72 1.33 -54.18
C GLY E 548 -32.11 0.50 -55.30
N SER E 549 -30.88 0.83 -55.71
CA SER E 549 -30.29 0.22 -56.89
C SER E 549 -29.00 -0.55 -56.61
N HIS E 550 -28.57 -0.64 -55.36
CA HIS E 550 -27.37 -1.38 -55.04
C HIS E 550 -27.68 -2.32 -53.87
N GLU E 551 -26.75 -3.24 -53.59
CA GLU E 551 -26.93 -4.21 -52.51
C GLU E 551 -26.15 -3.85 -51.25
N LEU E 552 -25.15 -2.98 -51.35
CA LEU E 552 -24.33 -2.63 -50.20
C LEU E 552 -23.92 -1.17 -50.31
N LEU E 553 -24.20 -0.39 -49.28
CA LEU E 553 -23.67 0.96 -49.18
C LEU E 553 -22.44 0.92 -48.27
N VAL E 554 -21.36 1.54 -48.71
CA VAL E 554 -20.09 1.56 -47.99
C VAL E 554 -19.66 3.01 -47.83
N THR E 555 -19.68 3.53 -46.59
CA THR E 555 -19.24 4.87 -46.30
C THR E 555 -17.77 4.86 -45.86
N ILE E 556 -17.05 5.93 -46.19
CA ILE E 556 -15.61 6.00 -45.98
C ILE E 556 -15.27 7.42 -45.59
N GLU E 557 -14.51 7.60 -44.51
CA GLU E 557 -14.25 8.92 -43.95
C GLU E 557 -13.07 8.86 -43.00
N GLU E 558 -12.22 9.89 -43.04
CA GLU E 558 -11.13 9.97 -42.08
C GLU E 558 -11.57 10.73 -40.82
N ASN E 559 -12.52 10.10 -40.14
CA ASN E 559 -13.15 10.60 -38.95
C ASN E 559 -13.66 9.38 -38.18
N ALA E 560 -13.92 9.56 -36.89
CA ALA E 560 -14.46 8.46 -36.09
C ALA E 560 -15.76 7.95 -36.72
N VAL E 561 -15.87 6.63 -36.86
CA VAL E 561 -17.13 6.03 -37.32
C VAL E 561 -18.26 6.41 -36.37
N MET E 562 -17.97 6.44 -35.07
CA MET E 562 -18.97 6.78 -34.08
C MET E 562 -19.41 8.24 -34.26
N GLY E 563 -20.67 8.46 -34.56
CA GLY E 563 -21.16 9.81 -34.78
C GLY E 563 -20.78 10.45 -36.11
N GLY E 564 -20.12 9.72 -37.02
CA GLY E 564 -19.50 10.31 -38.19
C GLY E 564 -20.40 10.46 -39.42
N ALA E 565 -19.75 10.66 -40.58
CA ALA E 565 -20.48 10.85 -41.84
C ALA E 565 -21.28 9.62 -42.21
N GLY E 566 -20.67 8.43 -42.09
CA GLY E 566 -21.39 7.19 -42.31
C GLY E 566 -22.66 7.10 -41.48
N SER E 567 -22.64 7.69 -40.28
CA SER E 567 -23.80 7.63 -39.38
C SER E 567 -24.90 8.57 -39.83
N ALA E 568 -24.54 9.72 -40.42
CA ALA E 568 -25.57 10.56 -41.04
C ALA E 568 -26.28 9.79 -42.15
N VAL E 569 -25.54 9.01 -42.94
CA VAL E 569 -26.16 8.15 -43.95
C VAL E 569 -27.08 7.14 -43.28
N GLY E 570 -26.60 6.48 -42.21
CA GLY E 570 -27.44 5.53 -41.50
C GLY E 570 -28.71 6.14 -40.95
N GLU E 571 -28.58 7.28 -40.27
CA GLU E 571 -29.75 8.01 -39.80
C GLU E 571 -30.73 8.24 -40.94
N PHE E 572 -30.22 8.65 -42.12
CA PHE E 572 -31.14 8.93 -43.24
C PHE E 572 -31.86 7.65 -43.69
N LEU E 573 -31.10 6.56 -43.87
CA LEU E 573 -31.75 5.30 -44.23
C LEU E 573 -32.86 4.97 -43.26
N ALA E 574 -32.55 5.07 -41.96
CA ALA E 574 -33.53 4.70 -40.94
C ALA E 574 -34.76 5.58 -41.01
N SER E 575 -34.59 6.89 -41.16
CA SER E 575 -35.73 7.79 -41.13
C SER E 575 -36.73 7.45 -42.23
N GLU E 576 -36.23 7.05 -43.40
CA GLU E 576 -37.09 6.73 -44.54
C GLU E 576 -37.44 5.24 -44.61
N GLY E 577 -36.82 4.40 -43.77
CA GLY E 577 -37.10 2.98 -43.78
C GLY E 577 -36.44 2.18 -44.89
N LEU E 578 -35.30 2.65 -45.40
CA LEU E 578 -34.55 1.95 -46.44
C LEU E 578 -33.58 0.98 -45.78
N GLU E 579 -33.67 -0.30 -46.16
CA GLU E 579 -33.03 -1.41 -45.44
C GLU E 579 -31.90 -2.06 -46.23
N VAL E 580 -31.09 -1.27 -46.92
CA VAL E 580 -29.93 -1.79 -47.63
C VAL E 580 -28.77 -1.98 -46.66
N PRO E 581 -28.03 -3.09 -46.74
CA PRO E 581 -26.84 -3.22 -45.88
C PRO E 581 -25.96 -1.97 -45.95
N LEU E 582 -25.33 -1.64 -44.82
CA LEU E 582 -24.50 -0.46 -44.68
C LEU E 582 -23.23 -0.83 -43.93
N LEU E 583 -22.09 -0.58 -44.55
CA LEU E 583 -20.79 -0.84 -43.95
C LEU E 583 -20.09 0.50 -43.75
N GLN E 584 -19.78 0.83 -42.50
CA GLN E 584 -19.20 2.13 -42.14
C GLN E 584 -17.72 1.96 -41.85
N LEU E 585 -16.89 2.57 -42.68
CA LEU E 585 -15.44 2.50 -42.53
C LEU E 585 -14.91 3.88 -42.16
N GLY E 586 -13.90 3.90 -41.31
CA GLY E 586 -13.42 5.16 -40.76
C GLY E 586 -12.48 4.90 -39.60
N LEU E 587 -12.33 5.93 -38.74
CA LEU E 587 -11.33 5.76 -37.69
C LEU E 587 -11.94 4.97 -36.52
N PRO E 588 -11.18 4.05 -35.91
CA PRO E 588 -11.72 3.23 -34.82
C PRO E 588 -11.81 3.97 -33.50
N ASP E 589 -12.55 3.35 -32.56
CA ASP E 589 -12.80 3.90 -31.22
C ASP E 589 -11.62 3.73 -30.28
N TYR E 590 -10.43 4.18 -30.68
CA TYR E 590 -9.31 4.27 -29.75
C TYR E 590 -8.34 5.31 -30.31
N TYR E 591 -7.29 5.61 -29.55
CA TYR E 591 -6.28 6.59 -29.98
C TYR E 591 -5.15 5.88 -30.73
N VAL E 592 -4.85 6.36 -31.94
CA VAL E 592 -3.89 5.69 -32.82
C VAL E 592 -2.48 6.20 -32.48
N GLU E 593 -1.56 5.27 -32.27
CA GLU E 593 -0.20 5.68 -31.89
C GLU E 593 0.51 6.38 -33.04
N HIS E 594 1.44 7.27 -32.68
CA HIS E 594 2.15 8.03 -33.70
C HIS E 594 2.93 7.10 -34.63
N ALA E 595 2.99 7.48 -35.89
CA ALA E 595 3.72 6.73 -36.92
C ALA E 595 3.67 7.58 -38.18
N LYS E 596 4.22 7.04 -39.26
CA LYS E 596 4.01 7.71 -40.54
C LYS E 596 2.51 7.81 -40.82
N PRO E 597 2.07 8.90 -41.45
CA PRO E 597 0.64 8.97 -41.81
C PRO E 597 0.12 7.71 -42.52
N SER E 598 0.86 7.19 -43.51
CA SER E 598 0.39 6.01 -44.24
C SER E 598 0.31 4.78 -43.34
N GLU E 599 1.29 4.61 -42.45
CA GLU E 599 1.22 3.53 -41.47
C GLU E 599 -0.03 3.64 -40.60
N MET E 600 -0.32 4.84 -40.08
CA MET E 600 -1.54 4.98 -39.28
C MET E 600 -2.79 4.71 -40.12
N LEU E 601 -2.82 5.21 -41.36
CA LEU E 601 -3.95 4.94 -42.25
C LEU E 601 -4.09 3.44 -42.48
N ALA E 602 -2.97 2.77 -42.76
CA ALA E 602 -3.00 1.32 -42.95
C ALA E 602 -3.62 0.61 -41.76
N GLU E 603 -3.11 0.90 -40.55
CA GLU E 603 -3.64 0.26 -39.36
C GLU E 603 -5.15 0.45 -39.24
N CYS E 604 -5.66 1.60 -39.67
CA CYS E 604 -7.08 1.92 -39.53
C CYS E 604 -7.93 1.38 -40.68
N GLY E 605 -7.32 0.78 -41.70
CA GLY E 605 -8.07 0.16 -42.76
C GLY E 605 -8.52 1.08 -43.86
N LEU E 606 -7.90 2.24 -44.02
CA LEU E 606 -8.37 3.28 -44.94
C LEU E 606 -7.50 3.41 -46.17
N ASP E 607 -6.64 2.43 -46.43
CA ASP E 607 -5.96 2.31 -47.71
C ASP E 607 -6.75 1.35 -48.60
N ALA E 608 -6.35 1.28 -49.87
CA ALA E 608 -7.07 0.44 -50.82
C ALA E 608 -7.22 -0.97 -50.29
N ALA E 609 -6.13 -1.54 -49.77
CA ALA E 609 -6.16 -2.91 -49.25
C ALA E 609 -7.12 -3.04 -48.07
N GLY E 610 -7.02 -2.12 -47.10
CA GLY E 610 -7.96 -2.16 -45.97
C GLY E 610 -9.41 -2.06 -46.41
N ILE E 611 -9.72 -1.09 -47.26
CA ILE E 611 -11.11 -0.92 -47.67
C ILE E 611 -11.61 -2.15 -48.42
N GLU E 612 -10.78 -2.71 -49.30
CA GLU E 612 -11.16 -3.86 -50.11
C GLU E 612 -11.38 -5.09 -49.23
N LYS E 613 -10.48 -5.35 -48.29
CA LYS E 613 -10.67 -6.46 -47.36
C LYS E 613 -12.00 -6.33 -46.62
N ALA E 614 -12.36 -5.10 -46.22
CA ALA E 614 -13.59 -4.88 -45.46
C ALA E 614 -14.82 -5.07 -46.34
N VAL E 615 -14.83 -4.46 -47.53
CA VAL E 615 -15.96 -4.65 -48.44
C VAL E 615 -16.12 -6.11 -48.82
N ARG E 616 -15.01 -6.79 -49.10
CA ARG E 616 -15.12 -8.19 -49.48
C ARG E 616 -15.68 -9.02 -48.33
N GLN E 617 -15.17 -8.80 -47.11
CA GLN E 617 -15.62 -9.63 -46.00
C GLN E 617 -17.10 -9.44 -45.70
N ARG E 618 -17.66 -8.24 -45.96
CA ARG E 618 -19.11 -8.11 -45.91
C ARG E 618 -19.80 -8.89 -47.03
N LEU E 619 -19.11 -9.14 -48.14
CA LEU E 619 -19.70 -9.83 -49.28
C LEU E 619 -20.79 -8.97 -49.94
N ARG F 38 -26.15 -54.40 37.48
CA ARG F 38 -26.58 -54.68 36.12
C ARG F 38 -25.57 -55.58 35.41
N GLU F 39 -26.03 -56.27 34.37
CA GLU F 39 -25.17 -57.07 33.52
C GLU F 39 -25.44 -56.70 32.07
N ARG F 40 -24.58 -57.19 31.17
CA ARG F 40 -24.56 -56.79 29.76
C ARG F 40 -25.94 -56.88 29.12
N PRO F 41 -26.58 -55.76 28.81
CA PRO F 41 -27.91 -55.81 28.20
C PRO F 41 -27.88 -56.47 26.83
N ALA F 42 -29.03 -57.05 26.46
CA ALA F 42 -29.18 -57.67 25.14
C ALA F 42 -29.45 -56.58 24.09
N THR F 43 -28.51 -56.42 23.16
CA THR F 43 -28.57 -55.34 22.16
C THR F 43 -28.20 -55.91 20.80
N PRO F 44 -29.12 -56.63 20.17
CA PRO F 44 -28.80 -57.26 18.88
C PRO F 44 -28.59 -56.28 17.75
N LEU F 45 -29.31 -55.16 17.73
CA LEU F 45 -29.16 -54.18 16.65
C LEU F 45 -27.84 -53.43 16.77
N LEU F 46 -27.58 -52.84 17.95
CA LEU F 46 -26.30 -52.19 18.21
C LEU F 46 -25.13 -53.08 17.81
N ASP F 47 -25.27 -54.39 18.02
CA ASP F 47 -24.20 -55.32 17.66
C ASP F 47 -23.99 -55.40 16.14
N ARG F 48 -24.95 -54.92 15.35
CA ARG F 48 -24.81 -54.85 13.90
C ARG F 48 -24.36 -53.47 13.45
N ALA F 49 -24.06 -52.58 14.38
CA ALA F 49 -23.65 -51.20 14.09
C ALA F 49 -22.39 -50.88 14.89
N SER F 50 -21.30 -51.59 14.59
CA SER F 50 -20.05 -51.34 15.29
C SER F 50 -19.24 -50.23 14.65
N SER F 51 -19.76 -49.65 13.56
CA SER F 51 -19.04 -48.63 12.82
C SER F 51 -20.05 -47.86 12.00
N PRO F 52 -19.75 -46.63 11.61
CA PRO F 52 -20.72 -45.86 10.81
C PRO F 52 -21.17 -46.57 9.54
N ALA F 53 -20.25 -47.20 8.82
CA ALA F 53 -20.64 -47.88 7.58
C ALA F 53 -21.68 -48.97 7.85
N GLU F 54 -21.48 -49.76 8.92
CA GLU F 54 -22.48 -50.76 9.24
C GLU F 54 -23.79 -50.11 9.66
N LEU F 55 -23.72 -49.07 10.50
CA LEU F 55 -24.93 -48.35 10.89
C LEU F 55 -25.65 -47.84 9.66
N ARG F 56 -24.90 -47.33 8.68
CA ARG F 56 -25.47 -46.79 7.45
C ARG F 56 -26.05 -47.87 6.55
N ARG F 57 -25.89 -49.15 6.90
CA ARG F 57 -26.55 -50.23 6.19
C ARG F 57 -27.84 -50.67 6.86
N LEU F 58 -28.20 -50.08 7.99
CA LEU F 58 -29.50 -50.32 8.60
C LEU F 58 -30.55 -49.45 7.91
N GLY F 59 -31.81 -49.75 8.20
CA GLY F 59 -32.92 -48.98 7.68
C GLY F 59 -33.43 -48.00 8.73
N GLU F 60 -33.97 -46.87 8.25
CA GLU F 60 -34.51 -45.85 9.15
C GLU F 60 -35.51 -46.42 10.14
N ALA F 61 -36.27 -47.44 9.74
CA ALA F 61 -37.19 -48.08 10.67
C ALA F 61 -36.46 -48.71 11.84
N ASP F 62 -35.14 -48.90 11.74
CA ASP F 62 -34.36 -49.50 12.80
C ASP F 62 -33.76 -48.48 13.78
N LEU F 63 -33.58 -47.23 13.34
CA LEU F 63 -32.88 -46.26 14.16
C LEU F 63 -33.55 -46.11 15.52
N GLU F 64 -34.88 -45.94 15.53
CA GLU F 64 -35.61 -45.79 16.78
C GLU F 64 -35.27 -46.91 17.76
N THR F 65 -35.31 -48.17 17.30
CA THR F 65 -34.95 -49.27 18.18
C THR F 65 -33.49 -49.20 18.57
N LEU F 66 -32.62 -48.83 17.61
CA LEU F 66 -31.20 -48.76 17.92
C LEU F 66 -30.94 -47.77 19.06
N ALA F 67 -31.72 -46.68 19.12
CA ALA F 67 -31.55 -45.69 20.18
C ALA F 67 -31.77 -46.32 21.56
N ASP F 68 -32.89 -47.02 21.76
CA ASP F 68 -33.12 -47.69 23.05
C ASP F 68 -31.96 -48.60 23.39
N GLU F 69 -31.59 -49.47 22.47
CA GLU F 69 -30.44 -50.34 22.68
C GLU F 69 -29.22 -49.54 23.12
N LEU F 70 -28.91 -48.47 22.38
CA LEU F 70 -27.69 -47.71 22.66
C LEU F 70 -27.77 -47.08 24.04
N ARG F 71 -28.92 -46.48 24.37
CA ARG F 71 -29.07 -45.91 25.71
C ARG F 71 -28.89 -46.97 26.79
N GLN F 72 -29.38 -48.19 26.54
CA GLN F 72 -29.23 -49.25 27.51
C GLN F 72 -27.78 -49.65 27.67
N TYR F 73 -27.08 -49.93 26.57
CA TYR F 73 -25.67 -50.27 26.68
C TYR F 73 -24.88 -49.14 27.36
N LEU F 74 -25.20 -47.89 27.04
CA LEU F 74 -24.52 -46.75 27.64
C LEU F 74 -24.71 -46.74 29.16
N LEU F 75 -25.98 -46.73 29.60
CA LEU F 75 -26.25 -46.82 31.02
C LEU F 75 -25.49 -47.98 31.66
N TYR F 76 -25.40 -49.11 30.93
CA TYR F 76 -24.77 -50.30 31.49
C TYR F 76 -23.27 -50.09 31.70
N THR F 77 -22.57 -49.65 30.64
CA THR F 77 -21.12 -49.57 30.71
C THR F 77 -20.65 -48.43 31.60
N VAL F 78 -21.32 -47.27 31.54
CA VAL F 78 -20.93 -46.18 32.44
C VAL F 78 -21.10 -46.59 33.89
N GLY F 79 -22.08 -47.45 34.19
CA GLY F 79 -22.23 -47.96 35.54
C GLY F 79 -21.15 -48.93 35.94
N GLN F 80 -20.54 -49.60 34.96
CA GLN F 80 -19.46 -50.55 35.21
C GLN F 80 -18.12 -49.86 35.50
N THR F 81 -17.89 -48.67 34.91
CA THR F 81 -16.60 -48.01 35.01
C THR F 81 -16.65 -46.61 35.62
N GLY F 82 -17.81 -45.99 35.73
CA GLY F 82 -17.91 -44.57 36.02
C GLY F 82 -17.58 -43.72 34.81
N GLY F 83 -17.87 -42.43 34.93
CA GLY F 83 -17.54 -41.49 33.88
C GLY F 83 -18.63 -40.45 33.73
N HIS F 84 -18.55 -39.68 32.65
CA HIS F 84 -19.62 -38.73 32.37
C HIS F 84 -20.84 -39.52 31.90
N PHE F 85 -22.02 -38.94 32.18
CA PHE F 85 -23.27 -39.67 32.12
C PHE F 85 -24.37 -38.89 31.38
N GLY F 86 -24.80 -37.77 31.97
CA GLY F 86 -26.04 -37.14 31.55
C GLY F 86 -26.02 -36.59 30.14
N ALA F 87 -24.95 -35.85 29.78
CA ALA F 87 -24.91 -35.23 28.46
C ALA F 87 -24.79 -36.28 27.35
N GLY F 88 -24.11 -37.40 27.60
CA GLY F 88 -24.06 -38.47 26.61
C GLY F 88 -25.46 -38.98 26.28
N LEU F 89 -26.29 -39.15 27.31
CA LEU F 89 -27.66 -39.61 27.09
C LEU F 89 -28.46 -38.60 26.29
N GLY F 90 -28.11 -37.32 26.39
CA GLY F 90 -28.86 -36.29 25.68
C GLY F 90 -28.60 -36.27 24.19
N VAL F 91 -27.52 -36.88 23.73
CA VAL F 91 -27.14 -36.84 22.33
C VAL F 91 -27.11 -38.23 21.69
N VAL F 92 -27.83 -39.19 22.27
CA VAL F 92 -27.89 -40.53 21.67
C VAL F 92 -28.53 -40.46 20.29
N GLU F 93 -29.69 -39.82 20.20
CA GLU F 93 -30.37 -39.70 18.90
C GLU F 93 -29.54 -38.86 17.94
N LEU F 94 -29.01 -37.72 18.41
CA LEU F 94 -28.23 -36.86 17.53
C LEU F 94 -26.98 -37.57 17.02
N THR F 95 -26.37 -38.43 17.85
CA THR F 95 -25.16 -39.12 17.43
C THR F 95 -25.46 -40.20 16.38
N ILE F 96 -26.56 -40.94 16.56
CA ILE F 96 -26.97 -41.92 15.55
C ILE F 96 -27.20 -41.23 14.21
N ALA F 97 -28.01 -40.16 14.22
CA ALA F 97 -28.33 -39.46 12.99
C ALA F 97 -27.08 -38.96 12.28
N LEU F 98 -26.13 -38.42 13.03
CA LEU F 98 -24.94 -37.82 12.40
C LEU F 98 -24.14 -38.87 11.66
N HIS F 99 -23.91 -40.02 12.29
CA HIS F 99 -23.15 -41.08 11.62
C HIS F 99 -23.97 -41.76 10.54
N TYR F 100 -25.29 -41.64 10.59
CA TYR F 100 -26.14 -42.22 9.55
C TYR F 100 -26.15 -41.36 8.30
N VAL F 101 -26.13 -40.04 8.47
CA VAL F 101 -26.32 -39.10 7.37
C VAL F 101 -24.99 -38.69 6.74
N PHE F 102 -23.93 -38.64 7.54
CA PHE F 102 -22.64 -38.14 7.08
C PHE F 102 -21.70 -39.30 6.78
N ASP F 103 -20.78 -39.04 5.85
CA ASP F 103 -19.84 -40.06 5.40
C ASP F 103 -18.64 -40.15 6.32
N THR F 104 -18.87 -40.28 7.62
CA THR F 104 -17.75 -40.43 8.54
C THR F 104 -17.08 -41.78 8.30
N PRO F 105 -15.73 -41.86 8.40
CA PRO F 105 -14.79 -40.84 8.90
C PRO F 105 -14.27 -39.83 7.87
N ASP F 106 -14.60 -39.97 6.58
CA ASP F 106 -14.17 -39.00 5.59
C ASP F 106 -14.73 -37.62 5.89
N ASP F 107 -16.04 -37.55 6.16
CA ASP F 107 -16.59 -36.33 6.73
C ASP F 107 -16.08 -36.17 8.15
N ARG F 108 -15.71 -34.93 8.50
CA ARG F 108 -15.07 -34.61 9.76
C ARG F 108 -16.10 -34.15 10.79
N LEU F 109 -16.20 -34.90 11.89
CA LEU F 109 -17.09 -34.61 13.00
C LEU F 109 -16.26 -34.22 14.23
N VAL F 110 -16.52 -33.04 14.77
CA VAL F 110 -15.82 -32.53 15.93
C VAL F 110 -16.83 -32.34 17.06
N TRP F 111 -16.54 -32.96 18.20
CA TRP F 111 -17.35 -32.89 19.42
C TRP F 111 -16.72 -31.91 20.41
N ASP F 112 -17.51 -30.95 20.88
CA ASP F 112 -17.01 -29.96 21.83
C ASP F 112 -17.00 -30.54 23.24
N VAL F 113 -15.85 -30.41 23.91
CA VAL F 113 -15.58 -31.01 25.21
C VAL F 113 -15.38 -32.50 25.08
N GLY F 114 -16.35 -33.19 24.49
CA GLY F 114 -16.28 -34.62 24.26
C GLY F 114 -16.76 -35.48 25.39
N HIS F 115 -17.19 -34.89 26.52
CA HIS F 115 -17.77 -35.66 27.61
C HIS F 115 -19.09 -36.34 27.24
N GLN F 116 -19.69 -35.95 26.11
CA GLN F 116 -20.94 -36.53 25.62
C GLN F 116 -20.70 -37.50 24.47
N ALA F 117 -19.47 -37.99 24.33
CA ALA F 117 -19.04 -38.71 23.15
C ALA F 117 -18.97 -40.23 23.36
N TYR F 118 -19.41 -40.73 24.52
CA TYR F 118 -19.48 -42.19 24.71
C TYR F 118 -20.31 -42.86 23.62
N PRO F 119 -21.55 -42.43 23.34
CA PRO F 119 -22.27 -42.98 22.17
C PRO F 119 -21.44 -42.97 20.90
N HIS F 120 -20.76 -41.85 20.62
CA HIS F 120 -19.91 -41.79 19.43
C HIS F 120 -18.83 -42.87 19.46
N LYS F 121 -18.16 -43.04 20.59
CA LYS F 121 -17.17 -44.10 20.70
C LYS F 121 -17.81 -45.46 20.49
N ILE F 122 -19.02 -45.65 21.02
CA ILE F 122 -19.70 -46.95 20.92
C ILE F 122 -20.02 -47.27 19.46
N LEU F 123 -20.34 -46.26 18.66
CA LEU F 123 -20.62 -46.49 17.25
C LEU F 123 -19.37 -46.45 16.37
N THR F 124 -18.20 -46.18 16.94
CA THR F 124 -16.99 -46.09 16.13
C THR F 124 -15.97 -47.16 16.53
N GLU F 125 -16.38 -48.42 16.50
CA GLU F 125 -15.48 -49.57 16.65
C GLU F 125 -15.01 -49.76 18.08
N ARG F 126 -15.67 -49.14 19.05
CA ARG F 126 -15.15 -49.15 20.40
C ARG F 126 -16.18 -49.57 21.43
N ARG F 127 -17.36 -50.02 20.99
CA ARG F 127 -18.38 -50.50 21.93
C ARG F 127 -17.81 -51.56 22.86
N GLU F 128 -17.11 -52.54 22.30
CA GLU F 128 -16.64 -53.68 23.08
C GLU F 128 -15.40 -53.37 23.92
N LEU F 129 -14.83 -52.17 23.79
CA LEU F 129 -13.73 -51.74 24.62
C LEU F 129 -14.17 -50.78 25.73
N MET F 130 -15.46 -50.43 25.79
CA MET F 130 -15.91 -49.46 26.78
C MET F 130 -15.69 -49.92 28.21
N GLY F 131 -15.57 -51.23 28.44
CA GLY F 131 -15.27 -51.71 29.77
C GLY F 131 -13.93 -51.24 30.29
N THR F 132 -13.04 -50.79 29.41
CA THR F 132 -11.76 -50.23 29.80
C THR F 132 -11.79 -48.69 29.93
N LEU F 133 -12.93 -48.06 29.72
CA LEU F 133 -13.00 -46.60 29.71
C LEU F 133 -12.44 -46.01 31.01
N ARG F 134 -11.48 -45.09 30.86
CA ARG F 134 -10.95 -44.28 31.95
C ARG F 134 -10.10 -45.09 32.93
N GLN F 135 -9.63 -46.26 32.52
CA GLN F 135 -8.69 -47.06 33.28
C GLN F 135 -7.33 -47.00 32.60
N LYS F 136 -6.28 -47.28 33.37
CA LYS F 136 -4.94 -47.32 32.80
C LYS F 136 -4.94 -48.21 31.56
N ASN F 137 -4.47 -47.64 30.44
CA ASN F 137 -4.33 -48.31 29.14
C ASN F 137 -5.65 -48.59 28.45
N GLY F 138 -6.76 -48.04 28.96
CA GLY F 138 -8.04 -48.16 28.32
C GLY F 138 -8.43 -46.90 27.55
N LEU F 139 -9.68 -46.88 27.08
CA LEU F 139 -10.18 -45.74 26.33
C LEU F 139 -10.08 -44.47 27.17
N ALA F 140 -9.74 -43.36 26.52
CA ALA F 140 -9.60 -42.08 27.21
C ALA F 140 -10.97 -41.46 27.47
N ALA F 141 -10.94 -40.41 28.29
CA ALA F 141 -12.18 -39.78 28.75
C ALA F 141 -12.88 -39.03 27.64
N PHE F 142 -12.13 -38.61 26.63
CA PHE F 142 -12.63 -37.75 25.58
C PHE F 142 -12.12 -38.29 24.24
N PRO F 143 -12.73 -37.87 23.14
CA PRO F 143 -12.17 -38.19 21.82
C PRO F 143 -10.70 -37.83 21.77
N ARG F 144 -9.91 -38.70 21.15
CA ARG F 144 -8.46 -38.52 21.05
C ARG F 144 -7.98 -39.01 19.68
N ARG F 145 -7.27 -38.15 18.94
CA ARG F 145 -6.85 -38.50 17.59
C ARG F 145 -6.04 -39.79 17.58
N ALA F 146 -5.11 -39.95 18.53
CA ALA F 146 -4.30 -41.16 18.59
C ALA F 146 -5.12 -42.40 18.86
N GLU F 147 -6.38 -42.25 19.28
CA GLU F 147 -7.18 -43.40 19.67
C GLU F 147 -8.06 -43.93 18.55
N SER F 148 -8.46 -43.11 17.60
CA SER F 148 -9.33 -43.60 16.53
C SER F 148 -9.37 -42.59 15.39
N GLU F 149 -9.42 -43.11 14.16
CA GLU F 149 -9.60 -42.25 12.99
C GLU F 149 -10.94 -41.55 13.00
N TYR F 150 -11.87 -41.98 13.84
CA TYR F 150 -13.15 -41.31 13.94
C TYR F 150 -13.13 -40.12 14.90
N ASP F 151 -12.01 -39.85 15.57
CA ASP F 151 -11.87 -38.67 16.43
C ASP F 151 -11.01 -37.65 15.69
N THR F 152 -11.65 -36.63 15.17
CA THR F 152 -10.91 -35.66 14.39
C THR F 152 -10.05 -34.73 15.23
N PHE F 153 -10.34 -34.59 16.53
CA PHE F 153 -9.72 -33.53 17.34
C PHE F 153 -9.80 -33.88 18.82
N GLY F 154 -8.65 -34.15 19.42
CA GLY F 154 -8.60 -34.38 20.85
C GLY F 154 -9.18 -33.20 21.58
N VAL F 155 -10.20 -33.43 22.41
CA VAL F 155 -10.87 -32.36 23.14
C VAL F 155 -10.87 -32.70 24.63
N GLY F 156 -11.24 -31.70 25.42
CA GLY F 156 -11.31 -31.83 26.87
C GLY F 156 -11.72 -30.50 27.43
N HIS F 157 -10.86 -29.51 27.27
CA HIS F 157 -11.32 -28.13 27.38
C HIS F 157 -12.43 -27.91 26.37
N SER F 158 -13.34 -26.99 26.71
CA SER F 158 -14.53 -26.65 25.93
C SER F 158 -14.20 -25.65 24.83
N SER F 159 -15.10 -25.57 23.86
CA SER F 159 -15.23 -24.42 22.98
C SER F 159 -14.19 -24.38 21.87
N THR F 160 -13.52 -25.50 21.58
CA THR F 160 -12.51 -25.58 20.52
C THR F 160 -13.04 -26.16 19.21
N SER F 161 -14.28 -26.66 19.20
CA SER F 161 -14.79 -27.41 18.07
C SER F 161 -15.01 -26.52 16.84
N ILE F 162 -15.68 -25.39 16.99
CA ILE F 162 -15.92 -24.52 15.84
C ILE F 162 -14.60 -24.16 15.18
N SER F 163 -13.61 -23.75 15.97
CA SER F 163 -12.32 -23.33 15.44
C SER F 163 -11.65 -24.48 14.68
N ALA F 164 -11.65 -25.67 15.27
CA ALA F 164 -11.01 -26.81 14.62
C ALA F 164 -11.75 -27.22 13.35
N ALA F 165 -13.08 -27.30 13.41
CA ALA F 165 -13.86 -27.61 12.21
C ALA F 165 -13.61 -26.60 11.11
N LEU F 166 -13.52 -25.31 11.47
CA LEU F 166 -13.26 -24.27 10.47
C LEU F 166 -11.92 -24.51 9.79
N GLY F 167 -10.88 -24.78 10.57
CA GLY F 167 -9.57 -25.04 10.00
C GLY F 167 -9.56 -26.25 9.09
N MET F 168 -10.21 -27.34 9.51
CA MET F 168 -10.34 -28.50 8.62
C MET F 168 -11.08 -28.12 7.33
N ALA F 169 -12.16 -27.34 7.46
CA ALA F 169 -12.90 -26.92 6.27
C ALA F 169 -12.04 -26.07 5.35
N ILE F 170 -11.28 -25.12 5.89
CA ILE F 170 -10.44 -24.30 5.02
C ILE F 170 -9.43 -25.17 4.28
N ALA F 171 -8.77 -26.09 5.02
CA ALA F 171 -7.79 -26.97 4.40
C ALA F 171 -8.43 -27.84 3.33
N ALA F 172 -9.56 -28.48 3.66
CA ALA F 172 -10.28 -29.32 2.70
C ALA F 172 -10.60 -28.56 1.42
N ARG F 173 -11.03 -27.31 1.55
CA ARG F 173 -11.38 -26.56 0.36
C ARG F 173 -10.17 -26.30 -0.51
N LEU F 174 -9.04 -25.90 0.10
CA LEU F 174 -7.84 -25.66 -0.69
C LEU F 174 -7.39 -26.92 -1.41
N GLN F 175 -7.54 -28.08 -0.78
CA GLN F 175 -7.07 -29.30 -1.41
C GLN F 175 -8.12 -29.95 -2.31
N GLY F 176 -9.23 -29.26 -2.56
CA GLY F 176 -10.27 -29.73 -3.46
C GLY F 176 -11.01 -30.98 -3.03
N LYS F 177 -10.89 -31.37 -1.76
CA LYS F 177 -11.69 -32.46 -1.25
C LYS F 177 -13.15 -32.03 -1.09
N GLU F 178 -14.02 -33.03 -0.97
CA GLU F 178 -15.45 -32.74 -0.88
C GLU F 178 -15.97 -33.19 0.47
N ARG F 179 -15.29 -32.77 1.52
CA ARG F 179 -15.56 -33.23 2.89
C ARG F 179 -16.54 -32.31 3.57
N LYS F 180 -17.43 -32.90 4.35
CA LYS F 180 -18.23 -32.10 5.27
C LYS F 180 -17.47 -31.85 6.58
N SER F 181 -17.71 -30.68 7.15
CA SER F 181 -17.11 -30.29 8.41
C SER F 181 -18.21 -29.94 9.39
N VAL F 182 -18.35 -30.72 10.46
CA VAL F 182 -19.47 -30.56 11.39
C VAL F 182 -18.93 -30.42 12.82
N ALA F 183 -19.40 -29.39 13.54
CA ALA F 183 -19.03 -29.18 14.93
C ALA F 183 -20.28 -29.22 15.80
N VAL F 184 -20.26 -30.09 16.80
CA VAL F 184 -21.35 -30.21 17.79
C VAL F 184 -20.90 -29.48 19.06
N ILE F 185 -21.53 -28.37 19.38
CA ILE F 185 -21.15 -27.58 20.56
C ILE F 185 -22.35 -27.40 21.48
N GLY F 186 -22.12 -27.53 22.78
CA GLY F 186 -23.14 -27.27 23.77
C GLY F 186 -23.40 -25.78 24.01
N ASP F 187 -24.60 -25.50 24.53
CA ASP F 187 -24.96 -24.13 24.89
C ASP F 187 -24.08 -23.58 26.00
N GLY F 188 -23.51 -24.45 26.84
CA GLY F 188 -22.50 -23.99 27.79
C GLY F 188 -21.19 -23.63 27.11
N ALA F 189 -20.67 -24.55 26.29
CA ALA F 189 -19.41 -24.30 25.61
C ALA F 189 -19.50 -23.09 24.68
N LEU F 190 -20.69 -22.78 24.15
CA LEU F 190 -20.83 -21.61 23.28
C LEU F 190 -20.65 -20.28 24.01
N THR F 191 -20.61 -20.27 25.35
CA THR F 191 -20.42 -19.04 26.08
C THR F 191 -18.97 -18.55 26.07
N ALA F 192 -18.02 -19.38 25.65
CA ALA F 192 -16.62 -18.99 25.66
C ALA F 192 -16.31 -18.00 24.53
N GLY F 193 -15.43 -17.05 24.82
CA GLY F 193 -15.13 -16.01 23.84
C GLY F 193 -14.56 -16.56 22.55
N MET F 194 -13.76 -17.62 22.63
CA MET F 194 -13.13 -18.17 21.44
C MET F 194 -14.15 -18.80 20.50
N ALA F 195 -15.37 -19.07 20.98
CA ALA F 195 -16.37 -19.62 20.08
C ALA F 195 -16.97 -18.50 19.24
N PHE F 196 -17.17 -17.33 19.86
CA PHE F 196 -17.58 -16.13 19.15
C PHE F 196 -16.54 -15.76 18.10
N GLU F 197 -15.24 -15.85 18.45
CA GLU F 197 -14.18 -15.57 17.49
C GLU F 197 -14.26 -16.49 16.27
N ALA F 198 -14.50 -17.78 16.49
CA ALA F 198 -14.56 -18.75 15.41
C ALA F 198 -15.78 -18.51 14.51
N LEU F 199 -16.96 -18.32 15.12
CA LEU F 199 -18.17 -18.00 14.35
C LEU F 199 -17.98 -16.73 13.51
N ASN F 200 -17.33 -15.70 14.07
CA ASN F 200 -17.06 -14.50 13.28
C ASN F 200 -16.14 -14.80 12.10
N HIS F 201 -15.14 -15.65 12.31
CA HIS F 201 -14.19 -15.88 11.23
C HIS F 201 -14.75 -16.81 10.16
N ALA F 202 -15.62 -17.75 10.53
CA ALA F 202 -16.21 -18.63 9.52
C ALA F 202 -17.07 -17.83 8.57
N SER F 203 -17.90 -16.94 9.12
CA SER F 203 -18.64 -15.99 8.27
C SER F 203 -17.70 -15.30 7.29
N GLU F 204 -16.54 -14.84 7.78
CA GLU F 204 -15.65 -14.07 6.91
C GLU F 204 -15.17 -14.88 5.72
N VAL F 205 -14.80 -16.15 5.92
CA VAL F 205 -14.22 -16.93 4.82
C VAL F 205 -15.29 -17.76 4.09
N ASP F 206 -16.56 -17.47 4.36
CA ASP F 206 -17.67 -18.17 3.69
C ASP F 206 -17.45 -19.68 3.76
N ALA F 207 -17.14 -20.15 4.95
CA ALA F 207 -16.80 -21.54 5.14
C ALA F 207 -18.02 -22.44 4.91
N ASP F 208 -17.86 -23.50 4.12
CA ASP F 208 -18.85 -24.58 4.11
C ASP F 208 -18.62 -25.45 5.33
N MET F 209 -19.33 -25.15 6.41
CA MET F 209 -19.31 -26.02 7.58
C MET F 209 -20.68 -25.93 8.25
N LEU F 210 -20.98 -26.95 9.05
CA LEU F 210 -22.20 -27.01 9.82
C LEU F 210 -21.83 -26.95 11.30
N VAL F 211 -22.36 -25.95 12.00
CA VAL F 211 -22.31 -25.91 13.46
C VAL F 211 -23.64 -26.42 13.99
N ILE F 212 -23.60 -27.45 14.82
CA ILE F 212 -24.79 -27.98 15.48
C ILE F 212 -24.76 -27.52 16.94
N LEU F 213 -25.74 -26.71 17.33
CA LEU F 213 -25.85 -26.25 18.71
C LEU F 213 -26.70 -27.24 19.50
N ASN F 214 -26.08 -27.91 20.46
CA ASN F 214 -26.77 -28.91 21.26
C ASN F 214 -27.25 -28.23 22.53
N ASP F 215 -28.42 -27.58 22.41
CA ASP F 215 -29.01 -26.77 23.48
C ASP F 215 -29.86 -27.64 24.40
N ASN F 216 -29.39 -27.83 25.63
CA ASN F 216 -30.17 -28.50 26.67
C ASN F 216 -30.33 -27.63 27.91
N ASP F 217 -30.12 -26.32 27.79
CA ASP F 217 -30.35 -25.35 28.86
C ASP F 217 -29.40 -25.54 30.05
N MET F 218 -28.46 -26.47 29.95
CA MET F 218 -27.66 -26.89 31.08
C MET F 218 -26.18 -26.61 30.83
N SER F 219 -25.43 -26.48 31.93
CA SER F 219 -23.98 -26.47 31.89
C SER F 219 -23.53 -27.67 32.70
N ILE F 220 -22.73 -27.48 33.75
CA ILE F 220 -22.71 -28.47 34.83
C ILE F 220 -23.79 -28.01 35.78
N SER F 221 -23.66 -26.78 36.29
CA SER F 221 -24.77 -26.03 36.84
C SER F 221 -25.69 -25.56 35.71
N HIS F 222 -26.83 -24.98 36.06
CA HIS F 222 -27.63 -24.32 35.05
C HIS F 222 -26.79 -23.28 34.30
N ASN F 223 -27.09 -23.09 33.03
CA ASN F 223 -26.36 -22.12 32.22
C ASN F 223 -26.87 -20.74 32.60
N VAL F 224 -26.00 -19.93 33.18
CA VAL F 224 -26.33 -18.57 33.59
C VAL F 224 -25.51 -17.62 32.71
N GLY F 225 -26.20 -16.74 31.99
CA GLY F 225 -25.54 -15.78 31.13
C GLY F 225 -26.51 -15.19 30.14
N GLY F 226 -26.12 -14.01 29.60
CA GLY F 226 -26.98 -13.31 28.66
C GLY F 226 -27.33 -14.15 27.45
N LEU F 227 -26.38 -14.94 26.95
CA LEU F 227 -26.66 -15.78 25.79
C LEU F 227 -27.65 -16.88 26.11
N SER F 228 -27.56 -17.44 27.33
CA SER F 228 -28.54 -18.42 27.75
C SER F 228 -29.96 -17.87 27.68
N ASN F 229 -30.14 -16.61 28.13
CA ASN F 229 -31.46 -15.97 28.07
C ASN F 229 -31.96 -15.86 26.63
N TYR F 230 -31.08 -15.43 25.71
CA TYR F 230 -31.46 -15.38 24.30
C TYR F 230 -31.74 -16.76 23.72
N LEU F 231 -31.01 -17.79 24.17
CA LEU F 231 -31.25 -19.14 23.64
C LEU F 231 -32.58 -19.70 24.10
N ALA F 232 -33.09 -19.20 25.24
CA ALA F 232 -34.41 -19.62 25.70
C ALA F 232 -35.50 -19.11 24.77
N LYS F 233 -35.39 -17.87 24.29
CA LYS F 233 -36.34 -17.32 23.32
C LYS F 233 -36.28 -18.07 21.99
N PHE F 245 -27.00 -14.78 15.22
CA PHE F 245 -26.54 -15.92 14.42
C PHE F 245 -26.72 -15.63 12.94
N GLU F 246 -27.96 -15.47 12.49
CA GLU F 246 -28.15 -15.05 11.11
C GLU F 246 -27.49 -13.70 10.86
N GLU F 247 -27.48 -12.82 11.85
CA GLU F 247 -26.78 -11.55 11.70
C GLU F 247 -25.28 -11.79 11.47
N LEU F 248 -24.67 -12.62 12.31
CA LEU F 248 -23.25 -12.95 12.19
C LEU F 248 -22.87 -13.55 10.84
N GLY F 249 -23.82 -13.83 9.97
CA GLY F 249 -23.53 -14.44 8.68
C GLY F 249 -23.78 -15.93 8.62
N TRP F 250 -24.62 -16.47 9.51
CA TRP F 250 -24.91 -17.89 9.57
C TRP F 250 -26.34 -18.16 9.13
N ASN F 251 -26.54 -19.24 8.37
CA ASN F 251 -27.88 -19.64 7.94
C ASN F 251 -28.50 -20.47 9.06
N TYR F 252 -29.43 -19.88 9.80
CA TYR F 252 -29.98 -20.51 11.00
C TYR F 252 -31.15 -21.41 10.65
N ILE F 253 -31.19 -22.59 11.27
CA ILE F 253 -32.27 -23.55 11.10
C ILE F 253 -32.62 -24.17 12.44
N GLY F 254 -33.91 -24.32 12.69
CA GLY F 254 -34.39 -24.87 13.93
C GLY F 254 -35.15 -23.83 14.75
N PRO F 255 -35.37 -24.13 16.02
CA PRO F 255 -34.89 -25.31 16.75
C PRO F 255 -35.62 -26.57 16.29
N ILE F 256 -34.99 -27.74 16.42
CA ILE F 256 -35.63 -29.02 16.16
C ILE F 256 -35.53 -29.86 17.42
N ASP F 257 -36.41 -30.86 17.51
CA ASP F 257 -36.38 -31.78 18.63
C ASP F 257 -35.21 -32.75 18.43
N GLY F 258 -34.20 -32.65 19.31
CA GLY F 258 -33.02 -33.49 19.24
C GLY F 258 -33.24 -34.94 19.61
N HIS F 259 -34.46 -35.31 19.99
CA HIS F 259 -34.81 -36.70 20.25
C HIS F 259 -35.86 -37.19 19.26
N ASP F 260 -35.85 -36.62 18.06
CA ASP F 260 -36.78 -37.01 17.00
C ASP F 260 -35.94 -37.50 15.83
N LEU F 261 -35.53 -38.76 15.89
CA LEU F 261 -34.65 -39.31 14.85
C LEU F 261 -35.18 -39.07 13.45
N PRO F 262 -36.47 -39.24 13.16
CA PRO F 262 -36.93 -38.97 11.79
C PRO F 262 -36.68 -37.53 11.37
N THR F 263 -36.98 -36.55 12.24
CA THR F 263 -36.70 -35.15 11.91
C THR F 263 -35.20 -34.90 11.84
N LEU F 264 -34.44 -35.39 12.81
CA LEU F 264 -33.01 -35.16 12.80
C LEU F 264 -32.39 -35.66 11.50
N VAL F 265 -32.76 -36.88 11.08
CA VAL F 265 -32.18 -37.46 9.88
C VAL F 265 -32.59 -36.68 8.64
N ALA F 266 -33.80 -36.12 8.63
CA ALA F 266 -34.23 -35.30 7.50
C ALA F 266 -33.61 -33.91 7.52
N THR F 267 -33.52 -33.29 8.70
CA THR F 267 -32.89 -31.97 8.78
C THR F 267 -31.43 -32.04 8.38
N LEU F 268 -30.70 -33.01 8.94
CA LEU F 268 -29.29 -33.18 8.59
C LEU F 268 -29.12 -33.46 7.10
N ARG F 269 -30.00 -34.27 6.52
CA ARG F 269 -29.88 -34.57 5.09
C ARG F 269 -29.93 -33.29 4.26
N ASN F 270 -30.90 -32.42 4.55
CA ASN F 270 -31.04 -31.17 3.80
C ASN F 270 -29.85 -30.26 4.03
N MET F 271 -29.46 -30.04 5.29
CA MET F 271 -28.35 -29.16 5.57
C MET F 271 -27.01 -29.75 5.14
N ARG F 272 -26.93 -31.06 4.92
CA ARG F 272 -25.64 -31.68 4.62
C ARG F 272 -25.04 -31.18 3.31
N ASP F 273 -25.85 -30.64 2.40
CA ASP F 273 -25.31 -30.19 1.13
C ASP F 273 -25.54 -28.70 0.88
N MET F 274 -26.04 -27.96 1.86
CA MET F 274 -26.12 -26.51 1.69
C MET F 274 -24.72 -25.90 1.79
N LYS F 275 -24.56 -24.73 1.21
CA LYS F 275 -23.25 -24.09 1.11
C LYS F 275 -23.08 -23.01 2.17
N GLY F 276 -21.83 -22.71 2.47
CA GLY F 276 -21.49 -21.65 3.40
C GLY F 276 -21.76 -22.01 4.84
N PRO F 277 -21.66 -21.01 5.72
CA PRO F 277 -21.84 -21.27 7.16
C PRO F 277 -23.28 -21.63 7.53
N GLN F 278 -23.50 -22.87 7.97
CA GLN F 278 -24.81 -23.37 8.38
C GLN F 278 -24.86 -23.62 9.87
N PHE F 279 -26.02 -23.31 10.47
CA PHE F 279 -26.18 -23.34 11.93
C PHE F 279 -27.50 -24.04 12.25
N LEU F 280 -27.41 -25.21 12.88
CA LEU F 280 -28.58 -25.99 13.27
C LEU F 280 -28.75 -25.91 14.78
N HIS F 281 -29.87 -25.33 15.22
CA HIS F 281 -30.21 -25.27 16.64
C HIS F 281 -31.03 -26.51 17.00
N VAL F 282 -30.47 -27.36 17.84
CA VAL F 282 -31.14 -28.58 18.27
C VAL F 282 -31.37 -28.49 19.78
N VAL F 283 -32.47 -29.08 20.23
CA VAL F 283 -32.89 -29.03 21.63
C VAL F 283 -32.91 -30.44 22.19
N THR F 284 -32.07 -30.70 23.19
CA THR F 284 -32.03 -32.01 23.84
C THR F 284 -32.24 -31.82 25.34
N LYS F 285 -32.42 -32.95 26.03
CA LYS F 285 -32.66 -32.95 27.47
C LYS F 285 -31.55 -33.76 28.13
N LYS F 286 -30.83 -33.12 29.05
CA LYS F 286 -29.73 -33.80 29.71
C LYS F 286 -30.27 -34.97 30.52
N GLY F 287 -29.68 -36.15 30.32
CA GLY F 287 -30.14 -37.35 30.99
C GLY F 287 -31.32 -38.03 30.34
N LYS F 288 -31.67 -37.65 29.12
CA LYS F 288 -32.81 -38.23 28.41
C LYS F 288 -32.81 -39.75 28.51
N GLY F 289 -33.90 -40.31 29.04
CA GLY F 289 -34.06 -41.74 29.14
C GLY F 289 -33.84 -42.32 30.52
N PHE F 290 -33.11 -41.62 31.38
CA PHE F 290 -32.90 -42.04 32.75
C PHE F 290 -33.62 -41.05 33.67
N ALA F 291 -34.64 -41.54 34.37
CA ALA F 291 -35.47 -40.64 35.18
C ALA F 291 -34.64 -39.83 36.18
N PRO F 292 -33.83 -40.44 37.04
CA PRO F 292 -33.16 -39.64 38.08
C PRO F 292 -32.04 -38.77 37.56
N ALA F 293 -31.57 -38.97 36.33
CA ALA F 293 -30.67 -37.99 35.75
C ALA F 293 -31.45 -36.80 35.20
N GLU F 294 -32.63 -37.05 34.61
CA GLU F 294 -33.47 -35.93 34.19
C GLU F 294 -33.92 -35.11 35.38
N LEU F 295 -34.23 -35.79 36.50
CA LEU F 295 -34.57 -35.09 37.73
C LEU F 295 -33.37 -34.29 38.24
N ASP F 296 -32.19 -34.90 38.28
CA ASP F 296 -30.99 -34.33 38.89
C ASP F 296 -29.91 -34.18 37.82
N PRO F 297 -30.03 -33.18 36.94
CA PRO F 297 -29.04 -33.03 35.85
C PRO F 297 -27.65 -32.73 36.36
N ILE F 298 -27.55 -31.94 37.44
CA ILE F 298 -26.25 -31.62 38.04
C ILE F 298 -25.60 -32.88 38.61
N GLY F 299 -26.32 -33.61 39.46
CA GLY F 299 -25.73 -34.79 40.09
C GLY F 299 -25.37 -35.88 39.09
N TYR F 300 -26.14 -36.03 38.02
CA TYR F 300 -25.93 -37.09 37.05
C TYR F 300 -25.08 -36.64 35.86
N HIS F 301 -24.49 -35.46 35.94
CA HIS F 301 -23.50 -35.04 34.94
C HIS F 301 -22.35 -36.04 34.84
N ALA F 302 -22.03 -36.72 35.94
CA ALA F 302 -21.02 -37.76 35.90
C ALA F 302 -21.16 -38.59 37.16
N ILE F 303 -20.92 -39.90 37.05
CA ILE F 303 -21.19 -40.80 38.15
C ILE F 303 -19.98 -41.71 38.38
N THR F 304 -19.92 -42.28 39.58
CA THR F 304 -18.88 -43.22 39.94
C THR F 304 -19.32 -44.66 39.65
N LYS F 305 -18.34 -45.55 39.56
CA LYS F 305 -18.64 -46.96 39.32
C LYS F 305 -19.62 -47.49 40.36
N LEU F 306 -20.37 -48.52 39.99
CA LEU F 306 -21.26 -49.16 40.95
C LEU F 306 -20.52 -50.26 41.72
N GLY F 318 -11.61 -37.67 55.33
CA GLY F 318 -10.92 -36.40 55.13
C GLY F 318 -11.61 -35.50 54.11
N PRO F 319 -11.72 -34.21 54.42
CA PRO F 319 -12.42 -33.29 53.51
C PRO F 319 -11.64 -33.03 52.22
N LYS F 320 -12.36 -33.03 51.10
CA LYS F 320 -11.78 -32.62 49.83
C LYS F 320 -11.17 -31.22 49.93
N TYR F 321 -9.99 -31.04 49.37
CA TYR F 321 -9.35 -29.71 49.41
C TYR F 321 -10.31 -28.61 48.94
N SER F 322 -11.13 -28.89 47.91
CA SER F 322 -12.07 -27.88 47.43
C SER F 322 -13.15 -27.56 48.47
N SER F 323 -13.57 -28.56 49.25
CA SER F 323 -14.46 -28.27 50.38
C SER F 323 -13.78 -27.35 51.40
N VAL F 324 -12.51 -27.62 51.72
CA VAL F 324 -11.76 -26.74 52.62
C VAL F 324 -11.74 -25.33 52.08
N PHE F 325 -11.52 -25.18 50.76
CA PHE F 325 -11.56 -23.86 50.16
C PHE F 325 -12.93 -23.21 50.33
N GLY F 326 -14.00 -24.01 50.15
CA GLY F 326 -15.34 -23.45 50.20
C GLY F 326 -15.73 -22.97 51.58
N GLN F 327 -15.28 -23.66 52.64
CA GLN F 327 -15.59 -23.19 53.99
C GLN F 327 -14.75 -21.97 54.34
N TRP F 328 -13.51 -21.91 53.85
CA TRP F 328 -12.73 -20.69 54.01
C TRP F 328 -13.42 -19.53 53.34
N LEU F 329 -13.94 -19.75 52.13
CA LEU F 329 -14.64 -18.69 51.41
C LEU F 329 -15.84 -18.19 52.19
N CYS F 330 -16.66 -19.12 52.71
CA CYS F 330 -17.79 -18.71 53.55
C CYS F 330 -17.34 -18.04 54.85
N ASP F 331 -16.31 -18.57 55.50
CA ASP F 331 -15.88 -18.00 56.78
C ASP F 331 -15.31 -16.61 56.60
N MET F 332 -14.52 -16.42 55.54
CA MET F 332 -13.95 -15.10 55.37
C MET F 332 -15.03 -14.12 54.92
N ALA F 333 -16.04 -14.61 54.18
CA ALA F 333 -17.10 -13.71 53.71
C ALA F 333 -17.94 -13.19 54.87
N ALA F 334 -18.19 -14.04 55.88
CA ALA F 334 -18.91 -13.62 57.07
C ALA F 334 -18.17 -12.57 57.87
N GLN F 335 -16.85 -12.51 57.71
CA GLN F 335 -15.98 -11.65 58.46
C GLN F 335 -15.59 -10.39 57.71
N ASP F 336 -15.75 -10.36 56.39
CA ASP F 336 -15.31 -9.25 55.53
C ASP F 336 -16.31 -9.12 54.40
N ALA F 337 -17.04 -8.01 54.39
CA ALA F 337 -18.04 -7.75 53.35
C ALA F 337 -17.41 -7.44 52.02
N ARG F 338 -16.09 -7.38 51.92
CA ARG F 338 -15.45 -7.02 50.66
C ARG F 338 -15.26 -8.23 49.74
N LEU F 339 -15.32 -9.44 50.29
CA LEU F 339 -14.99 -10.64 49.53
C LEU F 339 -16.00 -10.88 48.40
N LEU F 340 -15.48 -11.18 47.21
CA LEU F 340 -16.29 -11.60 46.07
C LEU F 340 -15.73 -12.92 45.54
N GLY F 341 -16.62 -13.84 45.22
CA GLY F 341 -16.24 -15.16 44.73
C GLY F 341 -16.67 -15.33 43.28
N ILE F 342 -15.71 -15.71 42.44
CA ILE F 342 -15.93 -15.80 41.00
C ILE F 342 -15.54 -17.20 40.54
N THR F 343 -16.37 -17.79 39.69
CA THR F 343 -16.07 -19.08 39.09
C THR F 343 -16.50 -19.07 37.63
N PRO F 344 -15.70 -19.63 36.74
CA PRO F 344 -16.18 -19.78 35.35
C PRO F 344 -16.87 -21.14 35.24
N ALA F 345 -18.13 -21.17 35.68
CA ALA F 345 -19.09 -22.26 35.51
C ALA F 345 -18.70 -23.52 36.29
N MET F 346 -17.82 -23.39 37.28
CA MET F 346 -17.43 -24.55 38.07
C MET F 346 -17.82 -24.40 39.54
N LYS F 347 -19.05 -23.92 39.79
CA LYS F 347 -19.56 -23.83 41.16
C LYS F 347 -19.38 -25.14 41.91
N GLU F 348 -19.77 -26.27 41.28
CA GLU F 348 -19.71 -27.56 41.98
C GLU F 348 -18.27 -28.01 42.21
N GLY F 349 -17.49 -28.07 41.13
CA GLY F 349 -16.12 -28.58 41.21
C GLY F 349 -15.28 -27.84 42.23
N SER F 350 -15.19 -26.51 42.06
CA SER F 350 -14.45 -25.69 43.01
C SER F 350 -15.19 -25.52 44.32
N ASP F 351 -16.50 -25.79 44.34
CA ASP F 351 -17.27 -25.88 45.58
C ASP F 351 -17.54 -24.50 46.18
N LEU F 352 -18.12 -23.61 45.37
CA LEU F 352 -18.70 -22.37 45.85
C LEU F 352 -20.18 -22.55 46.23
N VAL F 353 -20.59 -23.78 46.53
CA VAL F 353 -22.02 -24.07 46.70
C VAL F 353 -22.58 -23.28 47.88
N ALA F 354 -22.04 -23.52 49.09
CA ALA F 354 -22.51 -22.79 50.26
C ALA F 354 -22.37 -21.29 50.05
N PHE F 355 -21.21 -20.86 49.56
CA PHE F 355 -20.98 -19.43 49.40
C PHE F 355 -22.07 -18.80 48.54
N SER F 356 -22.47 -19.47 47.46
CA SER F 356 -23.46 -18.89 46.56
C SER F 356 -24.83 -18.78 47.22
N GLU F 357 -25.16 -19.73 48.09
CA GLU F 357 -26.44 -19.71 48.79
C GLU F 357 -26.44 -18.68 49.92
N ARG F 358 -25.33 -18.51 50.63
CA ARG F 358 -25.33 -17.60 51.78
C ARG F 358 -25.09 -16.14 51.39
N TYR F 359 -24.37 -15.88 50.30
CA TYR F 359 -24.07 -14.52 49.83
C TYR F 359 -24.34 -14.42 48.33
N PRO F 360 -25.60 -14.56 47.90
CA PRO F 360 -25.87 -14.57 46.46
C PRO F 360 -25.39 -13.32 45.78
N GLU F 361 -25.38 -12.18 46.48
CA GLU F 361 -25.02 -10.90 45.90
C GLU F 361 -23.51 -10.74 45.71
N ARG F 362 -22.70 -11.64 46.27
CA ARG F 362 -21.25 -11.57 46.12
C ARG F 362 -20.68 -12.76 45.37
N TYR F 363 -21.55 -13.56 44.73
CA TYR F 363 -21.18 -14.74 43.97
C TYR F 363 -21.41 -14.50 42.49
N PHE F 364 -20.40 -14.78 41.67
CA PHE F 364 -20.48 -14.50 40.24
C PHE F 364 -20.04 -15.70 39.42
N ASP F 365 -21.00 -16.34 38.75
CA ASP F 365 -20.75 -17.35 37.75
C ASP F 365 -20.72 -16.66 36.39
N VAL F 366 -19.55 -16.60 35.76
CA VAL F 366 -19.37 -15.84 34.52
C VAL F 366 -19.56 -16.74 33.31
N ALA F 367 -20.11 -17.94 33.52
CA ALA F 367 -20.21 -18.95 32.49
C ALA F 367 -18.79 -19.45 32.20
N ILE F 368 -18.62 -20.17 31.10
CA ILE F 368 -17.32 -20.72 30.75
C ILE F 368 -16.47 -19.63 30.11
N ALA F 369 -16.08 -18.61 30.89
CA ALA F 369 -15.37 -17.45 30.34
C ALA F 369 -14.20 -17.09 31.28
N GLU F 370 -13.19 -17.96 31.30
CA GLU F 370 -12.06 -17.78 32.19
C GLU F 370 -11.43 -16.41 32.02
N GLN F 371 -11.31 -15.92 30.79
CA GLN F 371 -10.68 -14.62 30.55
C GLN F 371 -11.46 -13.54 31.28
N HIS F 372 -12.78 -13.49 31.05
CA HIS F 372 -13.59 -12.45 31.66
C HIS F 372 -13.53 -12.55 33.18
N ALA F 373 -13.64 -13.77 33.71
CA ALA F 373 -13.55 -13.94 35.16
C ALA F 373 -12.39 -13.14 35.75
N VAL F 374 -11.23 -13.15 35.07
CA VAL F 374 -10.03 -12.57 35.67
C VAL F 374 -10.05 -11.03 35.55
N THR F 375 -10.32 -10.52 34.35
CA THR F 375 -10.36 -9.08 34.17
C THR F 375 -11.52 -8.44 34.94
N LEU F 376 -12.64 -9.15 35.11
CA LEU F 376 -13.71 -8.65 35.97
C LEU F 376 -13.24 -8.52 37.41
N ALA F 377 -12.47 -9.50 37.90
CA ALA F 377 -11.91 -9.37 39.24
C ALA F 377 -11.01 -8.17 39.34
N ALA F 378 -10.23 -7.91 38.29
CA ALA F 378 -9.34 -6.76 38.30
C ALA F 378 -10.13 -5.47 38.48
N GLY F 379 -11.25 -5.34 37.76
CA GLY F 379 -12.08 -4.17 37.89
C GLY F 379 -12.68 -4.02 39.28
N MET F 380 -13.19 -5.12 39.85
CA MET F 380 -13.65 -5.13 41.24
C MET F 380 -12.53 -4.71 42.20
N ALA F 381 -11.29 -5.16 41.96
CA ALA F 381 -10.20 -4.75 42.83
C ALA F 381 -9.93 -3.25 42.72
N CYS F 382 -10.24 -2.63 41.59
CA CYS F 382 -10.03 -1.19 41.44
C CYS F 382 -10.93 -0.40 42.37
N GLU F 383 -12.11 -0.93 42.70
CA GLU F 383 -13.04 -0.22 43.54
C GLU F 383 -12.85 -0.54 45.01
N GLY F 384 -11.91 -1.43 45.36
CA GLY F 384 -11.60 -1.71 46.75
C GLY F 384 -12.14 -3.01 47.30
N MET F 385 -12.89 -3.78 46.51
CA MET F 385 -13.35 -5.11 46.89
C MET F 385 -12.21 -6.14 46.79
N LYS F 386 -12.50 -7.34 47.27
CA LYS F 386 -11.52 -8.42 47.41
C LYS F 386 -12.03 -9.64 46.65
N PRO F 387 -11.85 -9.68 45.33
CA PRO F 387 -12.33 -10.82 44.57
C PRO F 387 -11.42 -12.02 44.73
N VAL F 388 -12.06 -13.20 44.73
CA VAL F 388 -11.38 -14.47 44.70
C VAL F 388 -11.80 -15.15 43.42
N VAL F 389 -10.84 -15.48 42.56
CA VAL F 389 -11.10 -16.19 41.32
C VAL F 389 -10.80 -17.65 41.60
N ALA F 390 -11.85 -18.46 41.63
CA ALA F 390 -11.72 -19.91 41.75
C ALA F 390 -11.58 -20.52 40.35
N ILE F 391 -10.47 -21.20 40.09
CA ILE F 391 -10.20 -21.69 38.73
C ILE F 391 -9.23 -22.88 38.81
N TYR F 392 -9.53 -23.94 38.06
CA TYR F 392 -8.58 -25.06 37.94
C TYR F 392 -7.30 -24.63 37.22
N SER F 393 -6.20 -25.27 37.60
CA SER F 393 -4.90 -24.95 37.01
C SER F 393 -4.91 -25.05 35.49
N THR F 394 -5.54 -26.09 34.94
CA THR F 394 -5.55 -26.23 33.49
C THR F 394 -6.38 -25.13 32.84
N PHE F 395 -7.51 -24.75 33.44
CA PHE F 395 -8.32 -23.69 32.81
C PHE F 395 -7.71 -22.31 33.01
N LEU F 396 -6.93 -22.09 34.08
CA LEU F 396 -6.23 -20.81 34.18
C LEU F 396 -5.27 -20.57 33.00
N GLN F 397 -4.87 -21.63 32.28
CA GLN F 397 -4.09 -21.41 31.07
C GLN F 397 -4.80 -20.49 30.10
N ARG F 398 -6.13 -20.53 30.07
CA ARG F 398 -6.87 -19.74 29.10
C ARG F 398 -7.01 -18.27 29.52
N ALA F 399 -6.76 -17.93 30.79
CA ALA F 399 -6.90 -16.56 31.27
C ALA F 399 -5.53 -15.94 31.54
N TYR F 400 -4.48 -16.59 31.03
CA TYR F 400 -3.12 -16.20 31.36
C TYR F 400 -2.88 -14.71 31.09
N ASP F 401 -3.31 -14.21 29.93
CA ASP F 401 -3.03 -12.83 29.55
C ASP F 401 -3.75 -11.85 30.46
N GLN F 402 -4.94 -12.22 30.91
CA GLN F 402 -5.67 -11.37 31.83
C GLN F 402 -5.00 -11.36 33.20
N LEU F 403 -4.46 -12.51 33.64
CA LEU F 403 -3.74 -12.53 34.89
C LEU F 403 -2.52 -11.63 34.80
N ILE F 404 -1.77 -11.71 33.69
CA ILE F 404 -0.54 -10.94 33.56
C ILE F 404 -0.85 -9.46 33.37
N HIS F 405 -1.63 -9.15 32.34
CA HIS F 405 -1.76 -7.77 31.87
C HIS F 405 -2.74 -6.98 32.74
N ASP F 406 -3.88 -7.57 33.09
CA ASP F 406 -4.90 -6.82 33.82
C ASP F 406 -4.73 -6.90 35.33
N VAL F 407 -4.09 -7.93 35.86
CA VAL F 407 -3.94 -8.05 37.30
C VAL F 407 -2.49 -7.76 37.69
N ALA F 408 -1.54 -8.59 37.28
CA ALA F 408 -0.19 -8.49 37.86
C ALA F 408 0.52 -7.19 37.45
N VAL F 409 0.43 -6.78 36.18
CA VAL F 409 1.06 -5.54 35.73
C VAL F 409 0.55 -4.36 36.56
N GLN F 410 -0.70 -4.43 36.98
CA GLN F 410 -1.29 -3.37 37.78
C GLN F 410 -1.16 -3.66 39.25
N HIS F 411 -0.59 -4.79 39.61
CA HIS F 411 -0.48 -5.20 40.98
C HIS F 411 -1.82 -5.07 41.68
N LEU F 412 -2.88 -5.51 41.01
CA LEU F 412 -4.19 -5.47 41.64
C LEU F 412 -4.33 -6.58 42.68
N ASP F 413 -5.23 -6.36 43.63
CA ASP F 413 -5.41 -7.24 44.78
C ASP F 413 -6.47 -8.28 44.43
N VAL F 414 -6.00 -9.39 43.88
CA VAL F 414 -6.85 -10.48 43.42
C VAL F 414 -6.22 -11.78 43.91
N LEU F 415 -7.04 -12.68 44.44
CA LEU F 415 -6.58 -13.99 44.90
C LEU F 415 -7.13 -15.06 43.97
N PHE F 416 -6.24 -15.94 43.49
CA PHE F 416 -6.61 -17.06 42.62
C PHE F 416 -6.53 -18.35 43.46
N ALA F 417 -7.64 -19.06 43.54
CA ALA F 417 -7.72 -20.30 44.29
C ALA F 417 -7.64 -21.42 43.26
N ILE F 418 -6.44 -21.97 43.09
CA ILE F 418 -6.10 -22.80 41.94
C ILE F 418 -6.27 -24.27 42.34
N ASP F 419 -7.43 -24.83 42.00
CA ASP F 419 -7.79 -26.22 42.26
C ASP F 419 -7.21 -27.13 41.18
N ARG F 420 -7.39 -28.45 41.37
CA ARG F 420 -6.87 -29.50 40.48
C ARG F 420 -5.44 -29.22 40.07
N ALA F 421 -4.60 -28.73 40.98
CA ALA F 421 -3.18 -28.62 40.67
C ALA F 421 -2.54 -30.00 40.71
N GLY F 422 -1.65 -30.27 39.76
CA GLY F 422 -1.00 -31.56 39.68
C GLY F 422 -1.74 -32.53 38.77
N LEU F 423 -1.58 -33.83 39.03
CA LEU F 423 -2.23 -34.86 38.23
C LEU F 423 -3.66 -35.08 38.69
N VAL F 424 -4.59 -35.22 37.74
CA VAL F 424 -6.00 -35.29 38.10
C VAL F 424 -6.60 -36.66 37.83
N GLY F 425 -5.87 -37.59 37.26
CA GLY F 425 -6.33 -38.97 37.13
C GLY F 425 -7.03 -39.26 35.79
N GLU F 426 -8.24 -39.83 35.89
CA GLU F 426 -8.94 -40.39 34.75
C GLU F 426 -9.20 -39.37 33.65
N ASP F 427 -9.36 -38.10 34.00
CA ASP F 427 -9.60 -37.14 32.94
C ASP F 427 -8.38 -36.96 32.05
N GLY F 428 -7.19 -37.39 32.49
CA GLY F 428 -6.05 -37.48 31.61
C GLY F 428 -5.34 -36.16 31.37
N PRO F 429 -4.47 -36.13 30.37
CA PRO F 429 -3.55 -34.99 30.23
C PRO F 429 -4.20 -33.68 29.77
N THR F 430 -5.39 -33.70 29.15
CA THR F 430 -5.98 -32.42 28.77
C THR F 430 -6.37 -31.59 29.98
N HIS F 431 -6.50 -32.21 31.15
CA HIS F 431 -6.94 -31.54 32.36
C HIS F 431 -5.86 -31.44 33.43
N ALA F 432 -4.67 -32.02 33.21
CA ALA F 432 -3.63 -31.98 34.23
C ALA F 432 -3.28 -30.55 34.65
N GLY F 433 -3.14 -30.33 35.94
CA GLY F 433 -2.67 -29.05 36.39
C GLY F 433 -1.16 -29.04 36.56
N SER F 434 -0.44 -29.12 35.45
CA SER F 434 0.99 -29.41 35.52
C SER F 434 1.87 -28.18 35.50
N PHE F 435 1.34 -27.00 35.12
CA PHE F 435 2.20 -25.91 34.73
C PHE F 435 2.08 -24.62 35.53
N ASP F 436 1.10 -24.50 36.45
CA ASP F 436 0.83 -23.17 37.01
C ASP F 436 1.99 -22.58 37.80
N ILE F 437 2.81 -23.40 38.46
CA ILE F 437 3.95 -22.83 39.17
C ILE F 437 4.98 -22.26 38.19
N SER F 438 5.19 -22.95 37.06
CA SER F 438 6.08 -22.44 36.02
C SER F 438 5.49 -21.17 35.40
N TYR F 439 4.23 -21.20 34.97
CA TYR F 439 3.74 -20.04 34.24
C TYR F 439 3.44 -18.84 35.14
N LEU F 440 3.14 -19.08 36.44
CA LEU F 440 2.85 -18.01 37.39
C LEU F 440 4.12 -17.37 37.93
N ARG F 441 5.15 -18.14 38.25
CA ARG F 441 6.23 -17.57 39.06
C ARG F 441 7.17 -16.69 38.24
N CYS F 442 7.19 -16.84 36.92
CA CYS F 442 7.94 -15.88 36.12
C CYS F 442 7.24 -14.50 36.04
N ILE F 443 6.10 -14.30 36.67
CA ILE F 443 5.33 -13.07 36.50
C ILE F 443 5.62 -12.16 37.69
N PRO F 444 6.16 -10.96 37.48
CA PRO F 444 6.49 -10.09 38.60
C PRO F 444 5.24 -9.66 39.35
N GLY F 445 5.36 -9.57 40.67
CA GLY F 445 4.26 -9.23 41.57
C GLY F 445 3.51 -10.42 42.13
N MET F 446 3.59 -11.60 41.48
CA MET F 446 2.79 -12.77 41.87
C MET F 446 3.29 -13.36 43.19
N LEU F 447 2.40 -13.51 44.16
CA LEU F 447 2.66 -14.30 45.35
C LEU F 447 2.11 -15.69 45.09
N VAL F 448 2.97 -16.71 45.14
CA VAL F 448 2.68 -18.07 44.65
C VAL F 448 2.91 -19.05 45.80
N MET F 449 1.86 -19.76 46.20
CA MET F 449 1.89 -20.56 47.42
C MET F 449 1.46 -21.99 47.15
N THR F 450 1.99 -22.92 47.94
CA THR F 450 1.78 -24.36 47.72
C THR F 450 1.53 -25.06 49.04
N PRO F 451 0.28 -25.07 49.51
CA PRO F 451 -0.02 -25.68 50.81
C PRO F 451 0.23 -27.18 50.81
N SER F 452 0.56 -27.71 51.99
CA SER F 452 0.86 -29.13 52.13
C SER F 452 -0.28 -29.94 52.72
N ASP F 453 -1.31 -29.31 53.27
CA ASP F 453 -2.44 -30.06 53.83
C ASP F 453 -3.63 -29.13 54.02
N GLU F 454 -4.73 -29.68 54.56
CA GLU F 454 -5.96 -28.91 54.73
C GLU F 454 -5.71 -27.65 55.53
N ASP F 455 -4.93 -27.75 56.61
CA ASP F 455 -4.70 -26.62 57.50
C ASP F 455 -3.89 -25.54 56.81
N GLU F 456 -2.86 -25.95 56.06
CA GLU F 456 -2.07 -25.00 55.30
C GLU F 456 -2.87 -24.36 54.17
N LEU F 457 -3.79 -25.11 53.56
CA LEU F 457 -4.64 -24.53 52.52
C LEU F 457 -5.44 -23.37 53.11
N ARG F 458 -6.04 -23.58 54.29
CA ARG F 458 -6.78 -22.51 54.93
C ARG F 458 -5.88 -21.32 55.23
N LYS F 459 -4.69 -21.59 55.76
CA LYS F 459 -3.82 -20.50 56.17
C LYS F 459 -3.28 -19.73 54.98
N LEU F 460 -2.97 -20.43 53.90
CA LEU F 460 -2.38 -19.74 52.75
C LEU F 460 -3.43 -19.02 51.92
N LEU F 461 -4.65 -19.57 51.81
CA LEU F 461 -5.78 -18.76 51.36
C LEU F 461 -5.84 -17.45 52.13
N THR F 462 -5.85 -17.53 53.47
CA THR F 462 -5.91 -16.31 54.28
C THR F 462 -4.76 -15.39 53.93
N THR F 463 -3.57 -15.94 53.74
CA THR F 463 -2.39 -15.11 53.54
C THR F 463 -2.42 -14.41 52.18
N GLY F 464 -2.81 -15.11 51.12
CA GLY F 464 -2.91 -14.47 49.82
C GLY F 464 -4.06 -13.47 49.78
N TYR F 465 -5.20 -13.84 50.36
CA TYR F 465 -6.33 -12.93 50.45
C TYR F 465 -5.91 -11.58 51.03
N LEU F 466 -5.38 -11.59 52.27
CA LEU F 466 -5.02 -10.34 52.92
C LEU F 466 -3.85 -9.63 52.24
N PHE F 467 -3.04 -10.36 51.48
CA PHE F 467 -1.91 -9.71 50.83
C PHE F 467 -2.42 -8.69 49.82
N ASP F 468 -1.87 -7.48 49.89
CA ASP F 468 -2.20 -6.35 49.02
C ASP F 468 -1.52 -6.53 47.66
N GLY F 469 -2.06 -7.43 46.86
CA GLY F 469 -1.49 -7.73 45.57
C GLY F 469 -2.03 -9.05 45.03
N PRO F 470 -1.59 -9.44 43.85
CA PRO F 470 -2.07 -10.70 43.26
C PRO F 470 -1.42 -11.91 43.92
N ALA F 471 -2.23 -12.93 44.20
CA ALA F 471 -1.74 -14.09 44.93
C ALA F 471 -2.34 -15.39 44.37
N ALA F 472 -1.55 -16.45 44.39
CA ALA F 472 -2.02 -17.75 43.91
C ALA F 472 -1.80 -18.84 44.95
N VAL F 473 -2.87 -19.59 45.24
CA VAL F 473 -2.77 -20.77 46.07
C VAL F 473 -3.24 -21.95 45.26
N ARG F 474 -2.37 -22.92 45.04
CA ARG F 474 -2.70 -24.12 44.28
C ARG F 474 -2.81 -25.34 45.20
N TYR F 475 -3.70 -26.26 44.84
CA TYR F 475 -3.96 -27.44 45.64
C TYR F 475 -4.63 -28.46 44.74
N PRO F 476 -4.56 -29.74 45.10
CA PRO F 476 -5.02 -30.81 44.20
C PRO F 476 -6.48 -31.22 44.42
N ARG F 477 -6.99 -31.93 43.41
CA ARG F 477 -8.25 -32.67 43.51
C ARG F 477 -8.13 -33.71 44.62
N GLY F 478 -9.28 -34.08 45.19
CA GLY F 478 -9.32 -35.12 46.20
C GLY F 478 -9.05 -34.62 47.62
N SER F 479 -8.76 -35.57 48.52
CA SER F 479 -8.58 -35.34 49.95
C SER F 479 -7.09 -35.25 50.31
N GLY F 480 -6.81 -34.93 51.58
CA GLY F 480 -5.46 -34.82 52.07
C GLY F 480 -5.15 -35.82 53.17
N PRO F 481 -4.03 -35.62 53.89
CA PRO F 481 -3.72 -36.52 55.01
C PRO F 481 -4.64 -36.36 56.19
N ASN F 482 -5.67 -35.51 56.10
CA ASN F 482 -6.66 -35.38 57.16
C ASN F 482 -6.06 -34.90 58.49
N HIS F 483 -5.24 -33.87 58.41
CA HIS F 483 -4.74 -33.29 59.65
C HIS F 483 -5.75 -32.30 60.22
N PRO F 484 -5.60 -31.90 61.48
CA PRO F 484 -6.57 -30.98 62.09
C PRO F 484 -6.48 -29.59 61.49
N ILE F 485 -7.62 -28.93 61.39
CA ILE F 485 -7.72 -27.61 60.78
C ILE F 485 -8.03 -26.58 61.86
N ASP F 486 -7.12 -25.64 62.05
CA ASP F 486 -7.29 -24.51 62.95
C ASP F 486 -8.43 -23.61 62.49
N PRO F 487 -9.48 -23.42 63.29
CA PRO F 487 -10.62 -22.61 62.83
C PRO F 487 -10.33 -21.11 62.73
N ASP F 488 -9.22 -20.62 63.28
CA ASP F 488 -8.94 -19.20 63.18
C ASP F 488 -8.80 -18.80 61.70
N LEU F 489 -8.76 -17.48 61.47
CA LEU F 489 -8.55 -16.92 60.15
C LEU F 489 -7.37 -15.95 60.26
N GLN F 490 -6.18 -16.50 60.41
CA GLN F 490 -5.01 -15.65 60.57
C GLN F 490 -3.98 -16.04 59.53
N PRO F 491 -3.17 -15.09 59.08
CA PRO F 491 -2.17 -15.38 58.04
C PRO F 491 -0.85 -15.87 58.66
N VAL F 492 0.03 -16.31 57.78
CA VAL F 492 1.38 -16.69 58.16
C VAL F 492 2.33 -15.70 57.49
N GLU F 493 3.57 -15.69 57.97
CA GLU F 493 4.53 -14.73 57.43
C GLU F 493 4.89 -15.10 55.99
N ILE F 494 4.86 -14.10 55.10
CA ILE F 494 5.09 -14.33 53.69
C ILE F 494 6.57 -14.57 53.45
N GLY F 495 6.86 -15.55 52.61
CA GLY F 495 8.24 -15.90 52.30
C GLY F 495 8.95 -16.76 53.31
N LYS F 496 8.23 -17.40 54.23
CA LYS F 496 8.83 -18.20 55.31
C LYS F 496 8.43 -19.66 55.18
N GLY F 497 9.41 -20.51 55.02
CA GLY F 497 9.15 -21.93 55.14
C GLY F 497 9.07 -22.38 56.60
N VAL F 498 8.64 -23.62 56.77
CA VAL F 498 8.55 -24.27 58.07
C VAL F 498 9.35 -25.57 58.03
N VAL F 499 10.26 -25.71 59.00
CA VAL F 499 11.02 -26.94 59.18
C VAL F 499 10.12 -27.94 59.90
N ARG F 500 9.79 -29.05 59.22
CA ARG F 500 8.96 -30.11 59.79
C ARG F 500 9.79 -31.24 60.40
N ARG F 501 11.08 -31.30 60.12
CA ARG F 501 11.91 -32.40 60.58
C ARG F 501 13.35 -31.92 60.52
N ARG F 502 14.03 -31.96 61.66
CA ARG F 502 15.43 -31.56 61.76
C ARG F 502 16.27 -32.82 61.66
N GLY F 503 17.05 -32.93 60.57
CA GLY F 503 17.83 -34.11 60.28
C GLY F 503 19.23 -33.72 59.83
N GLY F 504 19.74 -34.49 58.87
CA GLY F 504 21.07 -34.18 58.38
C GLY F 504 21.34 -34.80 57.03
N ARG F 505 22.48 -34.41 56.47
CA ARG F 505 22.98 -34.97 55.22
C ARG F 505 22.21 -34.50 53.98
N VAL F 506 20.92 -34.81 53.91
CA VAL F 506 20.07 -34.45 52.79
C VAL F 506 18.86 -33.69 53.32
N ALA F 507 18.46 -32.65 52.60
CA ALA F 507 17.30 -31.84 52.96
C ALA F 507 16.27 -31.88 51.85
N LEU F 508 15.00 -32.05 52.23
CA LEU F 508 13.91 -32.17 51.26
C LEU F 508 13.09 -30.90 51.33
N LEU F 509 13.18 -30.06 50.28
CA LEU F 509 12.38 -28.83 50.23
C LEU F 509 11.11 -29.17 49.47
N VAL F 510 10.02 -29.33 50.20
CA VAL F 510 8.75 -29.74 49.62
C VAL F 510 7.89 -28.51 49.39
N PHE F 511 7.42 -28.34 48.15
CA PHE F 511 6.40 -27.38 47.79
C PHE F 511 5.10 -28.14 47.53
N GLY F 512 4.33 -28.38 48.57
CA GLY F 512 3.01 -28.94 48.32
C GLY F 512 2.72 -30.24 49.04
N VAL F 513 1.77 -31.02 48.50
CA VAL F 513 1.16 -32.16 49.18
C VAL F 513 1.97 -33.44 49.12
N GLN F 514 3.19 -33.41 48.56
CA GLN F 514 4.05 -34.57 48.72
C GLN F 514 4.77 -34.57 50.06
N LEU F 515 4.44 -33.64 50.96
CA LEU F 515 5.15 -33.55 52.24
C LEU F 515 5.00 -34.84 53.04
N ALA F 516 3.80 -35.41 53.09
CA ALA F 516 3.59 -36.64 53.84
C ALA F 516 4.46 -37.78 53.30
N GLU F 517 4.51 -37.93 51.99
CA GLU F 517 5.41 -38.90 51.37
C GLU F 517 6.87 -38.59 51.68
N ALA F 518 7.24 -37.31 51.75
CA ALA F 518 8.64 -36.99 52.02
C ALA F 518 9.01 -37.26 53.47
N MET F 519 8.04 -37.12 54.38
CA MET F 519 8.27 -37.44 55.80
C MET F 519 8.54 -38.93 55.97
N LYS F 520 7.77 -39.78 55.28
CA LYS F 520 8.06 -41.22 55.27
C LYS F 520 9.49 -41.47 54.78
N VAL F 521 9.84 -40.97 53.60
CA VAL F 521 11.23 -41.06 53.16
C VAL F 521 12.18 -40.62 54.27
N ALA F 522 11.84 -39.52 54.97
CA ALA F 522 12.79 -38.91 55.89
C ALA F 522 13.01 -39.74 57.15
N GLU F 523 12.06 -40.60 57.53
CA GLU F 523 12.27 -41.41 58.73
C GLU F 523 13.33 -42.46 58.48
N SER F 524 13.36 -43.04 57.29
CA SER F 524 14.37 -44.04 57.03
C SER F 524 15.74 -43.44 56.69
N LEU F 525 15.79 -42.20 56.20
CA LEU F 525 17.06 -41.56 55.86
C LEU F 525 17.51 -40.52 56.88
N ASP F 526 16.66 -40.24 57.89
CA ASP F 526 16.89 -39.15 58.85
C ASP F 526 17.13 -37.82 58.16
N ALA F 527 16.33 -37.55 57.11
CA ALA F 527 16.48 -36.30 56.36
C ALA F 527 15.87 -35.11 57.07
N THR F 528 16.38 -33.92 56.76
CA THR F 528 15.67 -32.69 57.10
C THR F 528 14.49 -32.51 56.14
N VAL F 529 13.36 -32.07 56.67
CA VAL F 529 12.19 -31.86 55.82
C VAL F 529 11.67 -30.45 56.04
N VAL F 530 11.62 -29.65 54.96
CA VAL F 530 11.11 -28.28 54.99
C VAL F 530 9.77 -28.24 54.24
N ASP F 531 8.75 -27.74 54.91
CA ASP F 531 7.47 -27.44 54.28
C ASP F 531 7.59 -26.04 53.71
N MET F 532 8.14 -25.95 52.49
CA MET F 532 8.16 -24.67 51.83
C MET F 532 6.70 -24.28 51.63
N ARG F 533 6.40 -23.02 51.88
CA ARG F 533 5.03 -22.62 51.63
C ARG F 533 4.92 -21.74 50.42
N PHE F 534 5.99 -21.04 50.11
CA PHE F 534 6.05 -20.05 49.06
C PHE F 534 7.03 -20.49 48.00
N VAL F 535 6.62 -20.35 46.76
CA VAL F 535 7.54 -20.40 45.64
C VAL F 535 8.15 -19.04 45.39
N LYS F 536 7.31 -18.02 45.20
CA LYS F 536 7.87 -16.86 44.51
C LYS F 536 8.58 -15.97 45.50
N PRO F 537 7.93 -15.52 46.55
CA PRO F 537 8.73 -14.96 47.64
C PRO F 537 9.44 -16.16 48.24
N LEU F 538 10.54 -16.59 47.63
CA LEU F 538 11.28 -17.74 48.14
C LEU F 538 11.90 -17.41 49.50
N ASP F 539 11.90 -18.40 50.41
CA ASP F 539 12.56 -18.27 51.71
C ASP F 539 14.08 -18.46 51.54
N GLU F 540 14.72 -17.43 51.00
CA GLU F 540 16.15 -17.52 50.66
C GLU F 540 17.02 -17.78 51.89
N ALA F 541 16.69 -17.15 53.02
CA ALA F 541 17.50 -17.36 54.22
C ALA F 541 17.53 -18.84 54.59
N LEU F 542 16.37 -19.49 54.63
CA LEU F 542 16.33 -20.92 54.93
C LEU F 542 17.14 -21.73 53.91
N VAL F 543 16.93 -21.46 52.62
CA VAL F 543 17.65 -22.24 51.61
C VAL F 543 19.15 -22.03 51.78
N ARG F 544 19.57 -20.80 52.08
CA ARG F 544 20.99 -20.50 52.21
C ARG F 544 21.62 -21.29 53.36
N GLU F 545 20.92 -21.37 54.51
CA GLU F 545 21.47 -22.13 55.63
C GLU F 545 21.42 -23.63 55.35
N LEU F 546 20.33 -24.13 54.77
CA LEU F 546 20.29 -25.54 54.39
C LEU F 546 21.42 -25.88 53.45
N ALA F 547 21.69 -25.01 52.46
CA ALA F 547 22.75 -25.32 51.50
C ALA F 547 24.12 -25.32 52.15
N GLY F 548 24.29 -24.61 53.26
CA GLY F 548 25.53 -24.64 54.00
C GLY F 548 25.65 -25.75 55.02
N SER F 549 24.56 -26.42 55.37
CA SER F 549 24.64 -27.46 56.39
C SER F 549 24.36 -28.89 55.87
N HIS F 550 24.02 -29.05 54.59
CA HIS F 550 23.68 -30.36 54.04
C HIS F 550 24.50 -30.64 52.76
N GLU F 551 24.59 -31.92 52.40
CA GLU F 551 25.28 -32.36 51.19
C GLU F 551 24.37 -32.51 49.98
N LEU F 552 23.06 -32.47 50.18
CA LEU F 552 22.13 -32.64 49.07
C LEU F 552 20.87 -31.86 49.42
N LEU F 553 20.47 -30.95 48.54
CA LEU F 553 19.13 -30.36 48.57
C LEU F 553 18.26 -31.07 47.55
N VAL F 554 17.03 -31.44 47.95
CA VAL F 554 16.09 -32.13 47.10
C VAL F 554 14.78 -31.35 47.13
N THR F 555 14.34 -30.88 45.97
CA THR F 555 13.07 -30.16 45.85
C THR F 555 12.02 -31.12 45.31
N ILE F 556 10.79 -30.99 45.80
CA ILE F 556 9.69 -31.87 45.39
C ILE F 556 8.46 -31.01 45.15
N GLU F 557 7.76 -31.24 44.04
CA GLU F 557 6.64 -30.41 43.64
C GLU F 557 5.76 -31.18 42.67
N GLU F 558 4.44 -30.99 42.76
CA GLU F 558 3.52 -31.61 41.81
C GLU F 558 3.27 -30.66 40.62
N ASN F 559 4.35 -30.42 39.89
CA ASN F 559 4.38 -29.47 38.80
C ASN F 559 5.57 -29.82 37.92
N ALA F 560 5.51 -29.41 36.67
CA ALA F 560 6.62 -29.62 35.75
C ALA F 560 7.96 -29.27 36.40
N VAL F 561 8.95 -30.11 36.16
CA VAL F 561 10.29 -29.78 36.67
C VAL F 561 10.83 -28.58 35.91
N MET F 562 10.60 -28.52 34.60
CA MET F 562 11.09 -27.36 33.85
C MET F 562 10.36 -26.11 34.31
N GLY F 563 11.13 -25.13 34.78
CA GLY F 563 10.56 -23.86 35.18
C GLY F 563 9.85 -23.86 36.51
N GLY F 564 9.83 -24.98 37.24
CA GLY F 564 9.02 -25.12 38.44
C GLY F 564 9.66 -24.58 39.71
N ALA F 565 9.08 -24.96 40.85
CA ALA F 565 9.54 -24.46 42.15
C ALA F 565 10.99 -24.84 42.42
N GLY F 566 11.38 -26.06 42.06
CA GLY F 566 12.78 -26.44 42.22
C GLY F 566 13.72 -25.51 41.48
N SER F 567 13.34 -25.10 40.26
CA SER F 567 14.18 -24.19 39.49
C SER F 567 14.31 -22.82 40.14
N ALA F 568 13.26 -22.37 40.85
CA ALA F 568 13.41 -21.14 41.64
C ALA F 568 14.51 -21.30 42.69
N VAL F 569 14.50 -22.41 43.42
CA VAL F 569 15.61 -22.71 44.33
C VAL F 569 16.93 -22.73 43.56
N GLY F 570 16.95 -23.42 42.42
CA GLY F 570 18.15 -23.50 41.62
C GLY F 570 18.66 -22.13 41.21
N GLU F 571 17.76 -21.24 40.78
CA GLU F 571 18.17 -19.89 40.39
C GLU F 571 18.83 -19.18 41.56
N PHE F 572 18.19 -19.23 42.73
CA PHE F 572 18.77 -18.61 43.91
C PHE F 572 20.13 -19.21 44.25
N LEU F 573 20.23 -20.55 44.24
CA LEU F 573 21.54 -21.17 44.44
C LEU F 573 22.57 -20.58 43.47
N ALA F 574 22.21 -20.51 42.17
CA ALA F 574 23.16 -20.04 41.17
C ALA F 574 23.55 -18.59 41.41
N SER F 575 22.60 -17.75 41.80
CA SER F 575 22.91 -16.33 41.92
C SER F 575 23.83 -16.04 43.09
N GLU F 576 23.74 -16.83 44.16
CA GLU F 576 24.56 -16.60 45.33
C GLU F 576 25.83 -17.45 45.33
N GLY F 577 26.16 -18.12 44.24
CA GLY F 577 27.36 -18.92 44.19
C GLY F 577 27.39 -20.13 45.10
N LEU F 578 26.24 -20.55 45.64
CA LEU F 578 26.17 -21.71 46.51
C LEU F 578 26.23 -22.99 45.68
N GLU F 579 27.14 -23.89 46.05
CA GLU F 579 27.54 -25.00 45.20
C GLU F 579 26.96 -26.35 45.63
N VAL F 580 25.93 -26.34 46.47
CA VAL F 580 25.40 -27.61 47.00
C VAL F 580 24.78 -28.41 45.86
N PRO F 581 24.92 -29.73 45.84
CA PRO F 581 24.16 -30.53 44.88
C PRO F 581 22.65 -30.34 45.02
N LEU F 582 21.95 -30.47 43.90
CA LEU F 582 20.52 -30.20 43.82
C LEU F 582 19.84 -31.26 42.95
N LEU F 583 18.75 -31.82 43.47
CA LEU F 583 18.01 -32.87 42.82
C LEU F 583 16.56 -32.42 42.76
N GLN F 584 16.04 -32.24 41.55
CA GLN F 584 14.71 -31.67 41.38
C GLN F 584 13.72 -32.78 41.05
N LEU F 585 12.73 -32.98 41.91
CA LEU F 585 11.73 -34.02 41.69
C LEU F 585 10.40 -33.36 41.38
N GLY F 586 9.71 -33.87 40.37
CA GLY F 586 8.48 -33.24 39.95
C GLY F 586 7.91 -33.91 38.72
N LEU F 587 7.15 -33.17 37.90
CA LEU F 587 6.52 -33.89 36.81
C LEU F 587 7.42 -33.87 35.60
N PRO F 588 7.55 -34.99 34.88
CA PRO F 588 8.45 -35.05 33.73
C PRO F 588 7.90 -34.29 32.52
N ASP F 589 8.77 -34.13 31.53
CA ASP F 589 8.45 -33.38 30.32
C ASP F 589 7.72 -34.25 29.30
N TYR F 590 6.56 -34.78 29.70
CA TYR F 590 5.67 -35.41 28.74
C TYR F 590 4.30 -35.49 29.39
N TYR F 591 3.28 -35.84 28.59
CA TYR F 591 1.90 -35.82 29.04
C TYR F 591 1.53 -37.18 29.60
N VAL F 592 1.19 -37.23 30.90
CA VAL F 592 1.00 -38.49 31.60
C VAL F 592 -0.35 -39.10 31.22
N GLU F 593 -0.32 -40.38 30.86
CA GLU F 593 -1.53 -41.06 30.40
C GLU F 593 -2.51 -41.27 31.55
N HIS F 594 -3.80 -41.20 31.23
CA HIS F 594 -4.80 -41.31 32.27
C HIS F 594 -4.68 -42.63 33.03
N ALA F 595 -5.00 -42.56 34.32
CA ALA F 595 -5.02 -43.69 35.27
C ALA F 595 -5.52 -43.13 36.59
N LYS F 596 -5.64 -43.95 37.62
CA LYS F 596 -6.03 -43.35 38.87
C LYS F 596 -4.87 -42.52 39.40
N PRO F 597 -5.16 -41.49 40.20
CA PRO F 597 -4.10 -40.56 40.64
C PRO F 597 -2.88 -41.26 41.24
N SER F 598 -3.08 -42.29 42.06
CA SER F 598 -1.92 -42.94 42.65
C SER F 598 -1.05 -43.62 41.57
N GLU F 599 -1.67 -44.19 40.55
CA GLU F 599 -0.88 -44.79 39.48
C GLU F 599 -0.06 -43.74 38.76
N MET F 600 -0.66 -42.57 38.54
CA MET F 600 0.06 -41.50 37.86
C MET F 600 1.20 -40.98 38.71
N LEU F 601 0.96 -40.81 40.01
CA LEU F 601 2.00 -40.32 40.91
C LEU F 601 3.17 -41.29 40.93
N ALA F 602 2.87 -42.58 41.05
CA ALA F 602 3.93 -43.59 41.04
C ALA F 602 4.73 -43.52 39.75
N GLU F 603 4.05 -43.53 38.59
CA GLU F 603 4.76 -43.36 37.33
C GLU F 603 5.76 -42.21 37.38
N CYS F 604 5.37 -41.09 38.02
CA CYS F 604 6.20 -39.89 38.04
C CYS F 604 7.18 -39.86 39.19
N GLY F 605 7.23 -40.92 40.01
CA GLY F 605 8.20 -40.96 41.08
C GLY F 605 7.84 -40.06 42.25
N LEU F 606 6.58 -39.64 42.35
CA LEU F 606 6.15 -38.73 43.40
C LEU F 606 5.45 -39.45 44.55
N ASP F 607 5.62 -40.76 44.67
CA ASP F 607 5.28 -41.44 45.91
C ASP F 607 6.55 -41.72 46.71
N ALA F 608 6.36 -42.18 47.94
CA ALA F 608 7.49 -42.37 48.85
C ALA F 608 8.56 -43.23 48.20
N ALA F 609 8.16 -44.39 47.66
CA ALA F 609 9.11 -45.27 46.98
C ALA F 609 9.88 -44.53 45.88
N GLY F 610 9.17 -43.78 45.02
CA GLY F 610 9.85 -43.04 43.96
C GLY F 610 10.81 -41.99 44.50
N ILE F 611 10.37 -41.20 45.48
CA ILE F 611 11.23 -40.17 46.07
C ILE F 611 12.45 -40.82 46.71
N GLU F 612 12.23 -41.85 47.52
CA GLU F 612 13.32 -42.51 48.24
C GLU F 612 14.36 -43.09 47.28
N LYS F 613 13.90 -43.81 46.26
CA LYS F 613 14.81 -44.35 45.23
C LYS F 613 15.67 -43.26 44.60
N ALA F 614 15.06 -42.15 44.16
CA ALA F 614 15.86 -41.13 43.50
C ALA F 614 16.85 -40.48 44.47
N VAL F 615 16.43 -40.23 45.71
CA VAL F 615 17.35 -39.66 46.70
C VAL F 615 18.54 -40.59 46.94
N ARG F 616 18.27 -41.88 47.18
CA ARG F 616 19.35 -42.83 47.44
C ARG F 616 20.36 -42.85 46.30
N GLN F 617 19.86 -42.92 45.06
CA GLN F 617 20.74 -43.00 43.91
C GLN F 617 21.57 -41.74 43.75
N ARG F 618 21.00 -40.59 44.09
CA ARG F 618 21.80 -39.39 44.05
C ARG F 618 22.92 -39.42 45.10
N LEU F 619 22.64 -39.91 46.30
CA LEU F 619 23.68 -39.89 47.36
C LEU F 619 24.84 -40.83 47.06
N1' TPP G . -4.13 -7.99 20.27
C2' TPP G . -4.48 -7.59 21.48
CM2 TPP G . -5.08 -8.60 22.49
N3' TPP G . -4.35 -6.32 21.85
C4' TPP G . -3.86 -5.42 21.00
N4' TPP G . -3.72 -4.08 21.48
C5' TPP G . -3.46 -5.81 19.70
C6' TPP G . -3.61 -7.14 19.37
C7' TPP G . -2.83 -4.85 18.64
N3 TPP G . -3.54 -3.55 18.47
C2 TPP G . -3.18 -2.42 19.11
S1 TPP G . -4.26 -1.20 18.59
C5 TPP G . -5.15 -2.17 17.52
C4 TPP G . -4.59 -3.46 17.61
CM4 TPP G . -5.08 -4.66 16.79
C6 TPP G . -6.35 -1.79 16.66
C7 TPP G . -7.58 -1.68 17.57
O7 TPP G . -8.59 -1.17 16.75
PA TPP G . -9.89 -0.45 17.47
O1A TPP G . -11.07 -0.70 16.64
O2A TPP G . -10.29 -1.09 18.73
O3A TPP G . -9.63 1.15 17.73
PB TPP G . -9.27 2.23 16.54
O1B TPP G . -9.75 3.54 17.01
O2B TPP G . -10.02 1.96 15.28
O3B TPP G . -7.64 2.22 16.33
HM21 TPP G . -4.31 -9.32 22.77
HM22 TPP G . -5.42 -8.07 23.38
HM23 TPP G . -5.91 -9.12 22.04
HN41 TPP G . -4.50 -3.45 21.46
HN42 TPP G . -2.85 -3.76 21.86
H6' TPP G . -3.33 -7.50 18.40
H7'1 TPP G . -2.83 -5.35 17.68
H7'2 TPP G . -1.81 -4.64 18.94
H2 TPP G . -2.37 -2.30 19.82
HM41 TPP G . -4.39 -4.87 15.99
HM42 TPP G . -6.06 -4.43 16.37
HM43 TPP G . -5.17 -5.52 17.44
H61 TPP G . -6.52 -2.54 15.89
H62 TPP G . -6.16 -0.83 16.18
H71 TPP G . -7.85 -2.66 17.94
H72 TPP G . -7.38 -1.00 18.39
MG MG H . -11.73 0.88 14.95
CA CA I . 17.52 -30.14 29.18
N1' TPP J . -20.89 29.57 -17.64
C2' TPP J . -20.94 30.27 -18.79
CM2 TPP J . -19.88 30.04 -19.87
N3' TPP J . -21.89 31.17 -19.00
C4' TPP J . -22.82 31.39 -18.06
N4' TPP J . -23.83 32.37 -18.35
C5' TPP J . -22.81 30.67 -16.83
C6' TPP J . -21.80 29.74 -16.68
C7' TPP J . -23.86 30.83 -15.69
N3 TPP J . -24.14 32.23 -15.31
C2 TPP J . -25.20 32.95 -15.73
S1 TPP J . -25.06 34.50 -14.98
C5 TPP J . -23.62 34.17 -14.14
C4 TPP J . -23.28 32.85 -14.46
CM4 TPP J . -22.05 32.16 -13.88
C6 TPP J . -22.81 35.04 -13.20
C7 TPP J . -23.01 36.52 -13.46
O7 TPP J . -21.82 37.10 -13.06
PA TPP J . -21.63 38.62 -13.66
O1A TPP J . -20.66 39.31 -12.82
O2A TPP J . -20.97 38.64 -14.97
O3A TPP J . -23.14 39.27 -13.75
PB TPP J . -23.94 39.97 -12.47
O1B TPP J . -24.14 41.55 -12.85
O2B TPP J . -25.21 39.26 -12.28
O3B TPP J . -23.22 39.78 -11.18
HM21 TPP J . -20.06 30.70 -20.70
HM22 TPP J . -18.89 30.23 -19.46
HM23 TPP J . -19.93 29.00 -20.21
HN41 TPP J . -23.61 33.35 -18.29
HN42 TPP J . -24.73 32.08 -18.64
H6' TPP J . -21.74 29.15 -15.78
H7'1 TPP J . -23.48 30.31 -14.80
H7'2 TPP J . -24.79 30.37 -16.01
H2 TPP J . -25.99 32.61 -16.39
HM41 TPP J . -22.33 31.20 -13.47
HM42 TPP J . -21.63 32.78 -13.09
HM43 TPP J . -21.31 32.02 -14.66
H61 TPP J . -21.75 34.81 -13.33
H62 TPP J . -23.09 34.82 -12.18
H71 TPP J . -23.21 36.70 -14.51
H72 TPP J . -23.85 36.90 -12.87
MG MG K . -21.14 40.35 -10.70
CA CA L . -34.54 32.73 -6.67
N1' TPP M . 6.74 -42.52 -22.70
C2' TPP M . 6.75 -41.84 -23.85
CM2 TPP M . 7.79 -42.18 -24.92
N3' TPP M . 5.86 -40.89 -24.11
C4' TPP M . 4.95 -40.58 -23.18
N4' TPP M . 4.02 -39.55 -23.51
C5' TPP M . 4.92 -41.24 -21.94
C6' TPP M . 5.87 -42.23 -21.72
C7' TPP M . 3.88 -40.93 -20.84
N3 TPP M . 3.77 -39.51 -20.43
C2 TPP M . 2.80 -38.69 -20.91
S1 TPP M . 3.03 -37.16 -20.14
C5 TPP M . 4.36 -37.62 -19.20
C4 TPP M . 4.62 -38.97 -19.51
CM4 TPP M . 5.73 -39.75 -18.83
C6 TPP M . 5.16 -36.75 -18.21
C7 TPP M . 5.92 -35.71 -19.01
O7 TPP M . 6.62 -34.90 -18.13
PA TPP M . 6.94 -33.40 -18.76
O1A TPP M . 7.95 -32.72 -17.94
O2A TPP M . 7.58 -33.49 -20.07
O3A TPP M . 5.49 -32.66 -18.90
PB TPP M . 4.79 -31.87 -17.64
O1B TPP M . 4.61 -30.50 -18.11
O2B TPP M . 3.43 -32.40 -17.44
O3B TPP M . 5.72 -31.93 -16.27
HM21 TPP M . 7.62 -41.55 -25.79
HM22 TPP M . 8.78 -42.01 -24.53
HM23 TPP M . 7.68 -43.22 -25.21
HN41 TPP M . 4.29 -38.59 -23.38
HN42 TPP M . 3.12 -39.78 -23.89
H6' TPP M . 5.89 -42.77 -20.79
H7'1 TPP M . 4.14 -41.50 -19.96
H7'2 TPP M . 2.90 -41.25 -21.20
H2 TPP M . 2.05 -38.95 -21.64
HM41 TPP M . 6.34 -40.24 -19.59
HM42 TPP M . 5.31 -40.50 -18.17
HM43 TPP M . 6.35 -39.07 -18.26
H61 TPP M . 5.84 -37.37 -17.64
H62 TPP M . 4.47 -36.25 -17.52
H71 TPP M . 6.61 -36.20 -19.68
H72 TPP M . 5.23 -35.10 -19.58
MG MG N . 7.70 -31.71 -15.82
CA CA O . -3.09 -47.81 -34.14
N1' TPP P . 37.96 24.98 24.28
C2' TPP P . 38.26 25.68 25.36
CM2 TPP P . 39.63 25.49 26.03
N3' TPP P . 37.38 26.52 25.89
C4' TPP P . 36.17 26.70 25.32
N4' TPP P . 35.25 27.64 25.92
C5' TPP P . 35.82 25.97 24.19
C6' TPP P . 36.78 25.10 23.67
C7' TPP P . 34.42 26.12 23.47
N3 TPP P . 33.26 25.86 24.36
C2 TPP P . 32.58 26.84 24.99
S1 TPP P . 31.31 26.10 25.88
C5 TPP P . 31.66 24.50 25.39
C4 TPP P . 32.78 24.60 24.55
CM4 TPP P . 33.41 23.38 23.88
C6 TPP P . 30.93 23.20 25.78
C7 TPP P . 31.17 22.79 27.22
O7 TPP P . 29.96 23.00 27.87
PA TPP P . 29.78 22.66 29.48
O1A TPP P . 30.96 22.89 30.30
O2A TPP P . 29.44 21.23 29.71
O3A TPP P . 28.61 23.70 29.97
PB TPP P . 27.12 23.77 29.29
O1B TPP P . 26.30 24.33 30.38
O2B TPP P . 27.10 24.79 28.22
O3B TPP P . 26.60 22.30 28.80
HM21 TPP P . 39.77 24.44 26.27
HM22 TPP P . 40.41 25.82 25.36
HM23 TPP P . 39.67 26.08 26.95
HN41 TPP P . 34.79 27.42 26.79
HN42 TPP P . 35.09 28.52 25.48
H6' TPP P . 36.57 24.53 22.78
H7'1 TPP P . 34.40 25.42 22.65
H7'2 TPP P . 34.35 27.13 23.10
H2 TPP P . 32.78 27.90 24.94
HM41 TPP P . 34.49 23.44 23.97
HM42 TPP P . 33.06 22.48 24.36
HM43 TPP P . 33.14 23.37 22.83
H61 TPP P . 31.28 22.41 25.12
H62 TPP P . 29.87 23.34 25.63
H71 TPP P . 31.46 21.73 27.27
H72 TPP P . 31.95 23.40 27.67
C1 GOL Q . 47.96 51.01 -12.39
O1 GOL Q . 49.20 50.57 -11.85
C2 GOL Q . 47.43 49.93 -13.33
O2 GOL Q . 48.26 49.81 -14.41
C3 GOL Q . 47.41 48.62 -12.53
O3 GOL Q . 46.07 48.31 -12.32
H11 GOL Q . 48.05 51.84 -12.89
H12 GOL Q . 47.30 51.19 -11.71
HO1 GOL Q . 49.05 50.37 -11.04
H2 GOL Q . 46.53 50.17 -13.64
HO2 GOL Q . 49.03 49.65 -14.12
H31 GOL Q . 47.91 48.74 -11.72
H32 GOL Q . 47.89 47.94 -13.03
HO3 GOL Q . 45.90 48.53 -11.51
MG MG R . 27.28 20.47 29.77
CA CA S . 43.66 36.52 7.50
N1' TPP T . -3.09 25.58 -30.16
C2' TPP T . -3.04 24.87 -29.02
CM2 TPP T . -4.25 24.85 -28.08
N3' TPP T . -1.93 24.20 -28.69
C4' TPP T . -0.86 24.22 -29.52
N4' TPP T . 0.29 23.44 -29.16
C5' TPP T . -0.88 24.95 -30.73
C6' TPP T . -2.07 25.64 -31.02
C7' TPP T . 0.34 25.01 -31.75
N3 TPP T . 1.67 25.21 -31.13
C2 TPP T . 2.53 24.20 -30.83
S1 TPP T . 3.95 24.89 -30.12
C5 TPP T . 3.45 26.51 -30.28
C4 TPP T . 2.16 26.48 -30.86
CM4 TPP T . 1.37 27.75 -31.15
C6 TPP T . 4.21 27.78 -29.87
C7 TPP T . 4.22 27.94 -28.36
O7 TPP T . 5.10 28.98 -28.04
PA TPP T . 5.67 28.95 -26.48
O1A TPP T . 6.10 30.29 -26.06
O2A TPP T . 4.60 28.61 -25.53
O3A TPP T . 6.92 27.86 -26.43
PB TPP T . 8.31 28.18 -27.28
O1B TPP T . 8.47 29.75 -27.73
O2B TPP T . 9.44 27.80 -26.42
O3B TPP T . 8.37 27.31 -28.45
HM21 TPP T . -4.04 24.18 -27.25
HM22 TPP T . -4.44 25.85 -27.71
HM23 TPP T . -5.12 24.49 -28.63
HN41 TPP T . 0.96 23.80 -28.50
HN42 TPP T . 0.42 22.54 -29.57
H6' TPP T . -2.15 26.19 -31.94
H7'1 TPP T . 0.15 25.82 -32.43
H7'2 TPP T . 0.36 24.07 -32.29
H2 TPP T . 2.36 23.15 -31.00
HM41 TPP T . 1.81 28.58 -30.60
HM42 TPP T . 0.34 27.62 -30.83
HM43 TPP T . 1.41 27.97 -32.21
H61 TPP T . 3.73 28.64 -30.32
H62 TPP T . 5.24 27.71 -30.23
H71 TPP T . 3.23 28.19 -28.01
H72 TPP T . 4.55 27.02 -27.89
MG MG U . 7.92 31.63 -26.58
N1' TPP V . -13.64 -24.65 31.12
C2' TPP V . -13.23 -25.11 29.94
CM2 TPP V . -12.43 -24.19 28.98
N3' TPP V . -13.45 -26.35 29.57
C4' TPP V . -14.13 -27.18 30.37
N4' TPP V . -14.34 -28.53 29.92
C5' TPP V . -14.61 -26.75 31.63
C6' TPP V . -14.33 -25.43 31.98
C7' TPP V . -15.40 -27.70 32.61
N3 TPP V . -16.55 -28.35 31.97
C2 TPP V . -16.55 -29.64 31.56
S1 TPP V . -18.09 -29.98 30.86
C5 TPP V . -18.74 -28.43 31.13
C4 TPP V . -17.72 -27.66 31.75
CM4 TPP V . -17.93 -26.20 32.16
C6 TPP V . -20.14 -27.88 30.80
C7 TPP V . -20.75 -28.51 29.54
O7 TPP V . -21.81 -27.67 29.15
PA TPP V . -22.33 -27.91 27.61
O1A TPP V . -23.64 -27.29 27.37
O2A TPP V . -21.46 -27.28 26.63
O3A TPP V . -22.36 -29.53 27.43
PB TPP V . -23.65 -30.35 27.99
O1B TPP V . -24.81 -29.30 28.47
O2B TPP V . -24.17 -31.19 26.90
O3B TPP V . -23.25 -31.27 29.07
HM21 TPP V . -12.24 -24.72 28.05
HM22 TPP V . -13.01 -23.29 28.77
HM23 TPP V . -11.50 -23.91 29.45
HN41 TPP V . -14.99 -28.71 29.17
HN42 TPP V . -13.82 -29.27 30.34
H6' TPP V . -14.65 -25.04 32.94
H7'1 TPP V . -15.75 -27.10 33.44
H7'2 TPP V . -14.72 -28.45 32.96
H2 TPP V . -15.73 -30.34 31.66
HM41 TPP V . -18.99 -25.95 32.07
HM42 TPP V . -17.35 -25.56 31.51
HM43 TPP V . -17.63 -26.06 33.19
H61 TPP V . -20.07 -26.81 30.65
H62 TPP V . -20.80 -28.08 31.63
H71 TPP V . -20.01 -28.57 28.75
H72 TPP V . -21.13 -29.51 29.76
MG MG W . -25.74 -27.57 27.79
CA CA X . 15.92 -36.26 65.40
CA CA Y . -5.15 -20.65 66.42
CA CA Z . 14.45 -15.96 44.58
CA CA AA . -22.06 -37.02 40.10
#